data_2D9V
#
_entry.id   2D9V
#
_entity_poly.entity_id   1
_entity_poly.type   'polypeptide(L)'
_entity_poly.pdbx_seq_one_letter_code
;GSSGSSGLVRGGWLWRQSSILRRWKRNWFALWLDGTLGYYHDETAQDEEDRVVIHFNVRDIKVGQECQDVQPPEGRSRDG
LLTVNLREGSRLHLCAETRDDAIAWKTALMEANSTPAPAGATVPSGPSSG
;
_entity_poly.pdbx_strand_id   A
#
# COMPACT_ATOMS: atom_id res chain seq x y z
N GLY A 1 -10.41 -8.22 11.91
CA GLY A 1 -10.73 -8.97 13.11
C GLY A 1 -9.65 -8.87 14.16
N SER A 2 -9.55 -9.89 15.01
CA SER A 2 -8.55 -9.90 16.08
C SER A 2 -8.54 -8.59 16.83
N SER A 3 -9.72 -8.04 17.08
CA SER A 3 -9.86 -6.77 17.79
C SER A 3 -9.16 -5.64 17.03
N GLY A 4 -9.25 -5.68 15.70
CA GLY A 4 -8.63 -4.66 14.88
C GLY A 4 -7.22 -5.05 14.47
N SER A 5 -6.27 -4.15 14.74
CA SER A 5 -4.88 -4.39 14.40
C SER A 5 -3.94 -3.65 15.35
N SER A 6 -2.80 -4.27 15.64
CA SER A 6 -1.83 -3.67 16.55
C SER A 6 -0.41 -3.81 15.99
N GLY A 7 0.15 -2.69 15.55
CA GLY A 7 1.49 -2.71 14.99
C GLY A 7 1.54 -2.24 13.55
N LEU A 8 2.44 -1.32 13.26
CA LEU A 8 2.59 -0.79 11.91
C LEU A 8 3.89 -1.26 11.27
N VAL A 9 3.84 -1.51 9.97
CA VAL A 9 5.02 -1.97 9.23
C VAL A 9 5.78 -0.79 8.63
N ARG A 10 5.10 -0.02 7.79
CA ARG A 10 5.71 1.15 7.16
C ARG A 10 4.71 2.28 7.00
N GLY A 11 5.22 3.50 6.85
CA GLY A 11 4.35 4.65 6.70
C GLY A 11 5.02 5.79 5.97
N GLY A 12 4.79 5.87 4.66
CA GLY A 12 5.38 6.93 3.86
C GLY A 12 4.39 7.59 2.93
N TRP A 13 4.85 8.57 2.18
CA TRP A 13 3.99 9.29 1.25
C TRP A 13 4.16 8.76 -0.18
N LEU A 14 3.05 8.45 -0.82
CA LEU A 14 3.08 7.93 -2.19
C LEU A 14 2.08 8.68 -3.08
N TRP A 15 2.36 8.70 -4.38
CA TRP A 15 1.49 9.39 -5.33
C TRP A 15 0.45 8.43 -5.89
N ARG A 16 -0.82 8.76 -5.68
CA ARG A 16 -1.92 7.93 -6.17
C ARG A 16 -2.68 8.63 -7.29
N GLN A 17 -3.01 7.88 -8.33
CA GLN A 17 -3.73 8.43 -9.47
C GLN A 17 -5.25 8.31 -9.27
N SER A 18 -5.95 9.42 -9.45
CA SER A 18 -7.40 9.45 -9.28
C SER A 18 -8.09 8.97 -10.55
N SER A 19 -9.40 8.75 -10.44
CA SER A 19 -10.19 8.29 -11.58
C SER A 19 -10.98 9.44 -12.19
N ILE A 20 -11.84 10.06 -11.39
CA ILE A 20 -12.66 11.18 -11.85
C ILE A 20 -11.78 12.36 -12.26
N LEU A 21 -10.71 12.59 -11.50
CA LEU A 21 -9.79 13.69 -11.79
C LEU A 21 -8.64 13.22 -12.66
N ARG A 22 -8.46 11.90 -12.73
CA ARG A 22 -7.39 11.32 -13.54
C ARG A 22 -6.08 12.08 -13.33
N ARG A 23 -5.69 12.24 -12.07
CA ARG A 23 -4.45 12.95 -11.73
C ARG A 23 -3.83 12.37 -10.47
N TRP A 24 -2.51 12.49 -10.36
CA TRP A 24 -1.79 11.99 -9.20
C TRP A 24 -1.97 12.91 -8.00
N LYS A 25 -1.99 12.32 -6.80
CA LYS A 25 -2.15 13.09 -5.57
C LYS A 25 -1.35 12.47 -4.44
N ARG A 26 -1.02 13.30 -3.44
CA ARG A 26 -0.25 12.83 -2.30
C ARG A 26 -1.14 12.08 -1.31
N ASN A 27 -0.68 10.90 -0.89
CA ASN A 27 -1.44 10.07 0.04
C ASN A 27 -0.50 9.31 0.98
N TRP A 28 -0.90 9.20 2.24
CA TRP A 28 -0.09 8.48 3.22
C TRP A 28 -0.61 7.06 3.42
N PHE A 29 0.15 6.09 2.93
CA PHE A 29 -0.23 4.69 3.05
C PHE A 29 0.46 4.05 4.26
N ALA A 30 -0.33 3.32 5.05
CA ALA A 30 0.19 2.65 6.24
C ALA A 30 -0.28 1.20 6.31
N LEU A 31 0.66 0.28 6.40
CA LEU A 31 0.34 -1.14 6.48
C LEU A 31 0.24 -1.60 7.93
N TRP A 32 -0.76 -2.42 8.22
CA TRP A 32 -0.97 -2.93 9.58
C TRP A 32 -0.55 -4.40 9.67
N LEU A 33 -0.08 -4.79 10.85
CA LEU A 33 0.36 -6.16 11.06
C LEU A 33 -0.78 -7.15 10.80
N ASP A 34 -2.01 -6.75 11.16
CA ASP A 34 -3.18 -7.58 10.95
C ASP A 34 -3.28 -8.04 9.50
N GLY A 35 -2.57 -7.33 8.62
CA GLY A 35 -2.60 -7.67 7.21
C GLY A 35 -3.57 -6.80 6.42
N THR A 36 -3.63 -5.52 6.77
CA THR A 36 -4.52 -4.59 6.09
C THR A 36 -3.77 -3.37 5.60
N LEU A 37 -4.34 -2.67 4.62
CA LEU A 37 -3.72 -1.48 4.06
C LEU A 37 -4.71 -0.31 4.04
N GLY A 38 -4.43 0.71 4.84
CA GLY A 38 -5.30 1.87 4.89
C GLY A 38 -4.54 3.17 4.66
N TYR A 39 -5.11 4.03 3.81
CA TYR A 39 -4.49 5.30 3.50
C TYR A 39 -5.38 6.47 3.93
N TYR A 40 -4.80 7.39 4.70
CA TYR A 40 -5.54 8.55 5.17
C TYR A 40 -5.03 9.84 4.52
N HIS A 41 -5.79 10.91 4.70
CA HIS A 41 -5.41 12.20 4.12
C HIS A 41 -3.95 12.52 4.42
N ASP A 42 -3.61 12.52 5.71
CA ASP A 42 -2.24 12.82 6.13
C ASP A 42 -1.77 11.82 7.19
N GLU A 43 -0.49 11.89 7.53
CA GLU A 43 0.07 11.00 8.54
C GLU A 43 -0.93 10.73 9.66
N THR A 44 -1.61 11.78 10.09
CA THR A 44 -2.61 11.68 11.15
C THR A 44 -3.86 10.97 10.66
N ALA A 45 -4.06 9.72 11.09
CA ALA A 45 -5.22 8.95 10.70
C ALA A 45 -6.49 9.49 11.34
N GLN A 46 -7.08 10.51 10.72
CA GLN A 46 -8.30 11.12 11.24
C GLN A 46 -9.47 10.89 10.29
N ASP A 47 -9.21 11.02 8.99
CA ASP A 47 -10.25 10.83 7.98
C ASP A 47 -9.88 9.67 7.06
N GLU A 48 -10.12 8.45 7.53
CA GLU A 48 -9.82 7.25 6.75
C GLU A 48 -10.51 7.30 5.39
N GLU A 49 -9.73 7.14 4.33
CA GLU A 49 -10.26 7.18 2.97
C GLU A 49 -10.79 5.81 2.56
N ASP A 50 -10.03 4.76 2.88
CA ASP A 50 -10.42 3.40 2.55
C ASP A 50 -9.49 2.39 3.22
N ARG A 51 -9.82 1.10 3.07
CA ARG A 51 -9.02 0.04 3.67
C ARG A 51 -9.12 -1.24 2.85
N VAL A 52 -7.98 -1.75 2.39
CA VAL A 52 -7.95 -2.97 1.60
C VAL A 52 -7.22 -4.08 2.35
N VAL A 53 -7.52 -5.33 1.98
CA VAL A 53 -6.89 -6.48 2.62
C VAL A 53 -5.53 -6.79 1.99
N ILE A 54 -4.56 -7.09 2.83
CA ILE A 54 -3.22 -7.40 2.36
C ILE A 54 -2.91 -8.89 2.51
N HIS A 55 -3.30 -9.46 3.64
CA HIS A 55 -3.08 -10.88 3.90
C HIS A 55 -3.70 -11.74 2.82
N PHE A 56 -2.87 -12.55 2.16
CA PHE A 56 -3.34 -13.42 1.09
C PHE A 56 -4.43 -12.75 0.27
N ASN A 57 -4.19 -11.50 -0.12
CA ASN A 57 -5.14 -10.73 -0.90
C ASN A 57 -4.48 -10.15 -2.16
N VAL A 58 -3.24 -9.71 -2.00
CA VAL A 58 -2.49 -9.13 -3.11
C VAL A 58 -2.21 -10.18 -4.19
N ARG A 59 -2.87 -10.02 -5.35
CA ARG A 59 -2.69 -10.95 -6.45
C ARG A 59 -1.33 -10.75 -7.12
N ASP A 60 -0.95 -9.49 -7.29
CA ASP A 60 0.33 -9.17 -7.92
C ASP A 60 0.69 -7.71 -7.69
N ILE A 61 1.93 -7.34 -8.03
CA ILE A 61 2.39 -5.98 -7.86
C ILE A 61 3.46 -5.63 -8.88
N LYS A 62 3.25 -4.54 -9.62
CA LYS A 62 4.19 -4.10 -10.64
C LYS A 62 4.97 -2.87 -10.16
N VAL A 63 6.16 -2.68 -10.71
CA VAL A 63 7.00 -1.55 -10.34
C VAL A 63 7.88 -1.11 -11.51
N GLY A 64 7.92 0.19 -11.76
CA GLY A 64 8.73 0.72 -12.85
C GLY A 64 8.22 0.26 -14.20
N GLN A 65 9.16 0.01 -15.12
CA GLN A 65 8.81 -0.42 -16.46
C GLN A 65 7.61 -1.37 -16.43
N GLU A 66 7.62 -2.29 -15.48
CA GLU A 66 6.54 -3.26 -15.33
C GLU A 66 5.20 -2.65 -15.72
N CYS A 67 4.97 -1.41 -15.28
CA CYS A 67 3.73 -0.71 -15.58
C CYS A 67 3.32 -0.93 -17.03
N GLN A 68 2.01 -0.89 -17.29
CA GLN A 68 1.49 -1.08 -18.64
C GLN A 68 0.51 0.02 -19.01
N ASP A 69 -0.34 0.38 -18.05
CA ASP A 69 -1.34 1.42 -18.27
C ASP A 69 -1.22 2.52 -17.22
N VAL A 70 0.02 2.89 -16.90
CA VAL A 70 0.27 3.93 -15.90
C VAL A 70 1.38 4.86 -16.37
N GLN A 71 1.25 6.14 -16.04
CA GLN A 71 2.25 7.14 -16.42
C GLN A 71 2.67 7.98 -15.22
N PRO A 72 3.97 8.27 -15.12
CA PRO A 72 4.53 9.06 -14.03
C PRO A 72 4.10 10.53 -14.09
N PRO A 73 3.83 11.12 -12.93
CA PRO A 73 3.41 12.52 -12.83
C PRO A 73 4.53 13.49 -13.18
N GLU A 74 4.34 14.76 -12.83
CA GLU A 74 5.34 15.79 -13.10
C GLU A 74 6.56 15.61 -12.19
N GLY A 75 7.74 15.66 -12.80
CA GLY A 75 8.96 15.51 -12.03
C GLY A 75 9.39 14.05 -11.90
N ARG A 76 8.54 13.26 -11.27
CA ARG A 76 8.84 11.83 -11.08
C ARG A 76 9.29 11.19 -12.38
N SER A 77 9.65 9.91 -12.31
CA SER A 77 10.10 9.18 -13.48
C SER A 77 9.51 7.78 -13.51
N ARG A 78 9.54 7.16 -14.70
CA ARG A 78 9.00 5.81 -14.86
C ARG A 78 9.71 4.83 -13.93
N ASP A 79 10.81 5.27 -13.33
CA ASP A 79 11.58 4.44 -12.42
C ASP A 79 11.01 4.50 -11.00
N GLY A 80 9.72 4.83 -10.91
CA GLY A 80 9.07 4.92 -9.61
C GLY A 80 7.68 4.31 -9.61
N LEU A 81 7.02 4.37 -10.75
CA LEU A 81 5.68 3.82 -10.89
C LEU A 81 5.52 2.54 -10.07
N LEU A 82 4.31 2.26 -9.62
CA LEU A 82 4.03 1.06 -8.83
C LEU A 82 2.53 0.84 -8.69
N THR A 83 2.08 -0.36 -9.06
CA THR A 83 0.67 -0.70 -8.96
C THR A 83 0.46 -2.02 -8.24
N VAL A 84 -0.57 -2.09 -7.41
CA VAL A 84 -0.87 -3.31 -6.66
C VAL A 84 -2.21 -3.88 -7.07
N ASN A 85 -2.27 -5.22 -7.17
CA ASN A 85 -3.50 -5.90 -7.56
C ASN A 85 -4.12 -6.63 -6.37
N LEU A 86 -5.43 -6.57 -6.27
CA LEU A 86 -6.15 -7.23 -5.18
C LEU A 86 -6.93 -8.43 -5.69
N ARG A 87 -7.02 -9.48 -4.87
CA ARG A 87 -7.74 -10.68 -5.23
C ARG A 87 -9.18 -10.37 -5.62
N GLU A 88 -9.73 -9.35 -4.97
CA GLU A 88 -11.12 -8.94 -5.23
C GLU A 88 -11.28 -8.50 -6.68
N GLY A 89 -10.16 -8.15 -7.32
CA GLY A 89 -10.21 -7.71 -8.71
C GLY A 89 -9.67 -6.30 -8.88
N SER A 90 -10.16 -5.38 -8.06
CA SER A 90 -9.72 -3.99 -8.14
C SER A 90 -8.23 -3.87 -7.85
N ARG A 91 -7.61 -2.84 -8.42
CA ARG A 91 -6.18 -2.62 -8.23
C ARG A 91 -5.92 -1.27 -7.55
N LEU A 92 -4.66 -0.94 -7.35
CA LEU A 92 -4.28 0.32 -6.70
C LEU A 92 -3.17 1.02 -7.48
N HIS A 93 -3.50 2.16 -8.07
CA HIS A 93 -2.53 2.93 -8.84
C HIS A 93 -1.69 3.82 -7.94
N LEU A 94 -0.40 3.55 -7.87
CA LEU A 94 0.51 4.33 -7.05
C LEU A 94 1.80 4.66 -7.80
N CYS A 95 2.64 5.49 -7.20
CA CYS A 95 3.91 5.87 -7.81
C CYS A 95 4.87 6.41 -6.76
N ALA A 96 6.03 5.77 -6.64
CA ALA A 96 7.03 6.18 -5.68
C ALA A 96 8.00 7.18 -6.29
N GLU A 97 8.41 8.17 -5.50
CA GLU A 97 9.34 9.20 -5.96
C GLU A 97 10.55 8.56 -6.65
N THR A 98 11.03 7.47 -6.08
CA THR A 98 12.18 6.76 -6.62
C THR A 98 11.94 5.26 -6.68
N ARG A 99 12.77 4.56 -7.46
CA ARG A 99 12.64 3.11 -7.60
C ARG A 99 12.78 2.42 -6.24
N ASP A 100 13.72 2.89 -5.43
CA ASP A 100 13.95 2.32 -4.11
C ASP A 100 12.64 2.22 -3.34
N ASP A 101 11.94 3.34 -3.21
CA ASP A 101 10.68 3.38 -2.49
C ASP A 101 9.70 2.35 -3.04
N ALA A 102 9.54 2.35 -4.36
CA ALA A 102 8.64 1.42 -5.03
C ALA A 102 8.92 -0.01 -4.60
N ILE A 103 10.17 -0.44 -4.76
CA ILE A 103 10.57 -1.79 -4.40
C ILE A 103 10.24 -2.08 -2.95
N ALA A 104 10.58 -1.16 -2.06
CA ALA A 104 10.31 -1.32 -0.64
C ALA A 104 8.86 -1.69 -0.39
N TRP A 105 7.95 -1.01 -1.08
CA TRP A 105 6.52 -1.26 -0.94
C TRP A 105 6.15 -2.60 -1.55
N LYS A 106 6.73 -2.90 -2.71
CA LYS A 106 6.46 -4.16 -3.40
C LYS A 106 6.84 -5.35 -2.53
N THR A 107 8.02 -5.28 -1.91
CA THR A 107 8.50 -6.35 -1.05
C THR A 107 7.75 -6.38 0.26
N ALA A 108 7.53 -5.21 0.84
CA ALA A 108 6.81 -5.11 2.11
C ALA A 108 5.38 -5.63 1.98
N LEU A 109 4.82 -5.49 0.78
CA LEU A 109 3.46 -5.95 0.52
C LEU A 109 3.44 -7.44 0.16
N MET A 110 4.15 -7.79 -0.90
CA MET A 110 4.23 -9.17 -1.35
C MET A 110 4.42 -10.11 -0.16
N GLU A 111 5.27 -9.73 0.78
CA GLU A 111 5.55 -10.53 1.95
C GLU A 111 4.29 -10.67 2.82
N ALA A 112 3.81 -9.54 3.32
CA ALA A 112 2.62 -9.53 4.17
C ALA A 112 1.48 -10.33 3.52
N ASN A 113 1.45 -10.33 2.20
CA ASN A 113 0.42 -11.07 1.47
C ASN A 113 0.61 -12.57 1.62
N SER A 114 1.87 -13.01 1.59
CA SER A 114 2.19 -14.42 1.71
C SER A 114 3.11 -14.68 2.90
N THR A 115 2.83 -14.01 4.02
CA THR A 115 3.63 -14.16 5.22
C THR A 115 2.85 -13.74 6.47
N PRO A 116 2.42 -14.73 7.25
CA PRO A 116 1.66 -14.49 8.48
C PRO A 116 2.51 -13.86 9.58
N ALA A 117 1.87 -13.52 10.69
CA ALA A 117 2.57 -12.91 11.82
C ALA A 117 2.23 -13.62 13.13
N PRO A 118 3.22 -13.74 14.01
CA PRO A 118 3.05 -14.39 15.32
C PRO A 118 2.17 -13.57 16.27
N ALA A 119 1.67 -12.45 15.77
CA ALA A 119 0.82 -11.57 16.57
C ALA A 119 -0.04 -12.38 17.54
N GLY A 120 0.25 -12.27 18.82
CA GLY A 120 -0.50 -12.99 19.83
C GLY A 120 0.05 -12.79 21.22
N ALA A 121 1.33 -13.10 21.40
CA ALA A 121 1.98 -12.96 22.70
C ALA A 121 3.43 -12.52 22.54
N THR A 122 3.69 -11.25 22.85
CA THR A 122 5.04 -10.70 22.73
C THR A 122 5.30 -9.67 23.83
N VAL A 123 6.58 -9.43 24.11
CA VAL A 123 6.97 -8.47 25.13
C VAL A 123 8.03 -7.51 24.61
N PRO A 124 7.94 -6.24 25.02
CA PRO A 124 8.88 -5.20 24.60
C PRO A 124 10.26 -5.39 25.23
N SER A 125 10.42 -6.48 25.98
CA SER A 125 11.69 -6.77 26.64
C SER A 125 12.86 -6.33 25.77
N GLY A 126 13.81 -5.63 26.38
CA GLY A 126 14.97 -5.16 25.65
C GLY A 126 16.14 -4.82 26.56
N PRO A 127 17.06 -3.98 26.08
CA PRO A 127 18.24 -3.56 26.84
C PRO A 127 17.88 -2.65 28.01
N SER A 128 18.80 -2.53 28.96
CA SER A 128 18.58 -1.69 30.13
C SER A 128 19.76 -0.74 30.35
N SER A 129 20.95 -1.32 30.45
CA SER A 129 22.17 -0.53 30.67
C SER A 129 22.61 0.15 29.37
N GLY A 130 22.11 1.36 29.15
CA GLY A 130 22.47 2.09 27.95
C GLY A 130 21.26 2.49 27.12
N GLY A 1 16.05 -12.37 14.79
CA GLY A 1 14.69 -12.69 14.40
C GLY A 1 13.82 -11.47 14.24
N SER A 2 12.64 -11.49 14.86
CA SER A 2 11.71 -10.38 14.79
C SER A 2 11.53 -9.73 16.16
N SER A 3 11.40 -8.40 16.16
CA SER A 3 11.23 -7.66 17.40
C SER A 3 10.57 -6.31 17.14
N GLY A 4 10.11 -5.67 18.21
CA GLY A 4 9.46 -4.37 18.07
C GLY A 4 8.19 -4.45 17.25
N SER A 5 7.37 -5.45 17.53
CA SER A 5 6.11 -5.64 16.80
C SER A 5 5.10 -4.56 17.19
N SER A 6 4.50 -3.93 16.19
CA SER A 6 3.51 -2.88 16.44
C SER A 6 2.47 -2.86 15.32
N GLY A 7 1.21 -2.65 15.70
CA GLY A 7 0.14 -2.60 14.72
C GLY A 7 0.59 -1.99 13.40
N LEU A 8 1.51 -1.04 13.48
CA LEU A 8 2.02 -0.37 12.28
C LEU A 8 3.30 -1.03 11.78
N VAL A 9 3.47 -1.06 10.47
CA VAL A 9 4.66 -1.66 9.87
C VAL A 9 5.58 -0.60 9.28
N ARG A 10 5.07 0.18 8.35
CA ARG A 10 5.84 1.24 7.72
C ARG A 10 4.93 2.29 7.08
N GLY A 11 5.43 3.50 6.95
CA GLY A 11 4.65 4.58 6.36
C GLY A 11 5.31 5.16 5.12
N GLY A 12 5.08 6.45 4.89
CA GLY A 12 5.66 7.10 3.74
C GLY A 12 4.63 7.85 2.91
N TRP A 13 5.08 8.51 1.86
CA TRP A 13 4.18 9.26 0.98
C TRP A 13 4.31 8.79 -0.46
N LEU A 14 3.17 8.63 -1.12
CA LEU A 14 3.15 8.19 -2.52
C LEU A 14 2.05 8.88 -3.30
N TRP A 15 2.22 8.97 -4.62
CA TRP A 15 1.24 9.61 -5.48
C TRP A 15 0.22 8.59 -5.99
N ARG A 16 -1.05 8.80 -5.65
CA ARG A 16 -2.12 7.90 -6.08
C ARG A 16 -3.00 8.57 -7.13
N GLN A 17 -3.45 7.77 -8.10
CA GLN A 17 -4.30 8.29 -9.16
C GLN A 17 -5.75 8.38 -8.71
N SER A 18 -6.53 9.23 -9.37
CA SER A 18 -7.94 9.41 -9.03
C SER A 18 -8.82 8.48 -9.86
N SER A 19 -10.12 8.55 -9.63
CA SER A 19 -11.07 7.72 -10.36
C SER A 19 -11.44 8.35 -11.69
N ILE A 20 -12.10 9.50 -11.64
CA ILE A 20 -12.50 10.21 -12.85
C ILE A 20 -11.52 11.32 -13.19
N LEU A 21 -10.85 11.84 -12.17
CA LEU A 21 -9.88 12.91 -12.36
C LEU A 21 -8.55 12.37 -12.88
N ARG A 22 -8.39 11.05 -12.81
CA ARG A 22 -7.17 10.40 -13.28
C ARG A 22 -5.95 11.28 -13.01
N ARG A 23 -5.96 11.96 -11.87
CA ARG A 23 -4.86 12.84 -11.49
C ARG A 23 -4.11 12.27 -10.29
N TRP A 24 -2.79 12.48 -10.28
CA TRP A 24 -1.96 11.99 -9.18
C TRP A 24 -2.03 12.94 -7.98
N LYS A 25 -2.12 12.36 -6.79
CA LYS A 25 -2.18 13.15 -5.57
C LYS A 25 -1.42 12.47 -4.44
N ARG A 26 -0.81 13.27 -3.58
CA ARG A 26 -0.04 12.75 -2.45
C ARG A 26 -0.95 12.01 -1.47
N ASN A 27 -0.46 10.90 -0.93
CA ASN A 27 -1.24 10.11 0.02
C ASN A 27 -0.31 9.29 0.92
N TRP A 28 -0.56 9.36 2.22
CA TRP A 28 0.25 8.62 3.19
C TRP A 28 -0.30 7.20 3.39
N PHE A 29 0.48 6.22 2.94
CA PHE A 29 0.08 4.82 3.07
C PHE A 29 0.73 4.17 4.29
N ALA A 30 0.04 3.22 4.88
CA ALA A 30 0.54 2.52 6.07
C ALA A 30 -0.03 1.11 6.16
N LEU A 31 0.85 0.13 6.38
CA LEU A 31 0.42 -1.26 6.49
C LEU A 31 0.20 -1.65 7.95
N TRP A 32 -0.86 -2.41 8.20
CA TRP A 32 -1.18 -2.85 9.55
C TRP A 32 -0.84 -4.32 9.74
N LEU A 33 -0.57 -4.70 10.98
CA LEU A 33 -0.23 -6.09 11.29
C LEU A 33 -1.42 -7.01 11.07
N ASP A 34 -2.62 -6.44 11.18
CA ASP A 34 -3.85 -7.21 10.98
C ASP A 34 -3.93 -7.76 9.56
N GLY A 35 -3.05 -7.27 8.70
CA GLY A 35 -3.04 -7.72 7.32
C GLY A 35 -3.93 -6.87 6.42
N THR A 36 -3.88 -5.56 6.61
CA THR A 36 -4.68 -4.64 5.83
C THR A 36 -3.87 -3.41 5.43
N LEU A 37 -4.33 -2.72 4.39
CA LEU A 37 -3.65 -1.52 3.90
C LEU A 37 -4.62 -0.34 3.82
N GLY A 38 -4.31 0.71 4.55
CA GLY A 38 -5.16 1.89 4.55
C GLY A 38 -4.40 3.16 4.19
N TYR A 39 -5.02 4.01 3.39
CA TYR A 39 -4.40 5.25 2.97
C TYR A 39 -5.14 6.46 3.55
N TYR A 40 -4.41 7.30 4.28
CA TYR A 40 -5.01 8.48 4.89
C TYR A 40 -4.42 9.75 4.26
N HIS A 41 -5.02 10.89 4.61
CA HIS A 41 -4.56 12.18 4.10
C HIS A 41 -3.18 12.52 4.64
N ASP A 42 -3.06 12.51 5.97
CA ASP A 42 -1.79 12.82 6.61
C ASP A 42 -1.53 11.87 7.78
N GLU A 43 -0.43 12.10 8.49
CA GLU A 43 -0.06 11.27 9.62
C GLU A 43 -1.29 10.97 10.49
N THR A 44 -2.23 11.89 10.51
CA THR A 44 -3.45 11.73 11.29
C THR A 44 -4.47 10.88 10.55
N ALA A 45 -4.73 9.69 11.07
CA ALA A 45 -5.71 8.79 10.46
C ALA A 45 -7.13 9.15 10.86
N GLN A 46 -7.42 10.44 10.91
CA GLN A 46 -8.74 10.91 11.29
C GLN A 46 -9.68 10.91 10.09
N ASP A 47 -9.15 11.27 8.93
CA ASP A 47 -9.95 11.30 7.70
C ASP A 47 -9.88 9.97 6.98
N GLU A 48 -9.97 8.88 7.74
CA GLU A 48 -9.93 7.54 7.17
C GLU A 48 -10.66 7.49 5.84
N GLU A 49 -9.91 7.23 4.77
CA GLU A 49 -10.49 7.16 3.43
C GLU A 49 -11.02 5.76 3.14
N ASP A 50 -10.17 4.76 3.35
CA ASP A 50 -10.54 3.37 3.11
C ASP A 50 -9.44 2.42 3.55
N ARG A 51 -9.72 1.13 3.50
CA ARG A 51 -8.75 0.11 3.90
C ARG A 51 -9.01 -1.21 3.18
N VAL A 52 -8.00 -1.71 2.48
CA VAL A 52 -8.12 -2.97 1.76
C VAL A 52 -7.39 -4.10 2.48
N VAL A 53 -7.58 -5.32 2.00
CA VAL A 53 -6.95 -6.49 2.60
C VAL A 53 -5.58 -6.75 1.96
N ILE A 54 -4.61 -7.12 2.79
CA ILE A 54 -3.27 -7.41 2.30
C ILE A 54 -2.96 -8.90 2.38
N HIS A 55 -3.39 -9.53 3.47
CA HIS A 55 -3.17 -10.96 3.67
C HIS A 55 -3.70 -11.76 2.48
N PHE A 56 -2.80 -12.50 1.82
CA PHE A 56 -3.18 -13.30 0.66
C PHE A 56 -4.23 -12.59 -0.18
N ASN A 57 -4.04 -11.29 -0.38
CA ASN A 57 -4.98 -10.49 -1.16
C ASN A 57 -4.26 -9.84 -2.34
N VAL A 58 -2.94 -9.87 -2.32
CA VAL A 58 -2.14 -9.29 -3.40
C VAL A 58 -1.86 -10.30 -4.50
N ARG A 59 -2.62 -10.21 -5.59
CA ARG A 59 -2.45 -11.13 -6.71
C ARG A 59 -1.12 -10.89 -7.42
N ASP A 60 -0.79 -9.62 -7.64
CA ASP A 60 0.46 -9.26 -8.30
C ASP A 60 0.81 -7.80 -8.04
N ILE A 61 2.08 -7.46 -8.21
CA ILE A 61 2.55 -6.10 -7.99
C ILE A 61 3.53 -5.67 -9.08
N LYS A 62 3.19 -4.60 -9.79
CA LYS A 62 4.03 -4.08 -10.86
C LYS A 62 4.72 -2.79 -10.43
N VAL A 63 5.98 -2.63 -10.81
CA VAL A 63 6.75 -1.45 -10.47
C VAL A 63 7.58 -0.97 -11.66
N GLY A 64 7.66 0.34 -11.84
CA GLY A 64 8.43 0.90 -12.93
C GLY A 64 8.10 0.26 -14.26
N GLN A 65 9.12 -0.23 -14.96
CA GLN A 65 8.93 -0.87 -16.25
C GLN A 65 7.61 -1.64 -16.29
N GLU A 66 7.47 -2.57 -15.34
CA GLU A 66 6.25 -3.38 -15.27
C GLU A 66 5.02 -2.58 -15.65
N CYS A 67 4.88 -1.41 -15.03
CA CYS A 67 3.75 -0.53 -15.31
C CYS A 67 3.90 0.15 -16.67
N GLN A 68 2.96 -0.10 -17.57
CA GLN A 68 3.00 0.50 -18.90
C GLN A 68 1.76 1.35 -19.16
N ASP A 69 0.60 0.70 -19.16
CA ASP A 69 -0.66 1.41 -19.39
C ASP A 69 -0.68 2.75 -18.66
N VAL A 70 -0.31 2.72 -17.38
CA VAL A 70 -0.29 3.93 -16.57
C VAL A 70 0.96 4.77 -16.86
N GLN A 71 0.80 6.09 -16.79
CA GLN A 71 1.92 6.99 -17.05
C GLN A 71 2.15 7.92 -15.86
N PRO A 72 3.42 8.18 -15.55
CA PRO A 72 3.80 9.05 -14.43
C PRO A 72 3.47 10.51 -14.70
N PRO A 73 3.16 11.25 -13.63
CA PRO A 73 2.82 12.68 -13.72
C PRO A 73 4.02 13.54 -14.09
N GLU A 74 3.83 14.86 -14.06
CA GLU A 74 4.90 15.79 -14.39
C GLU A 74 5.89 15.91 -13.23
N GLY A 75 7.17 15.63 -13.51
CA GLY A 75 8.18 15.70 -12.49
C GLY A 75 8.55 14.34 -11.93
N ARG A 76 7.57 13.46 -11.83
CA ARG A 76 7.78 12.12 -11.30
C ARG A 76 8.61 11.28 -12.28
N SER A 77 8.83 10.02 -11.92
CA SER A 77 9.61 9.12 -12.76
C SER A 77 8.85 7.81 -13.00
N ARG A 78 9.15 7.16 -14.12
CA ARG A 78 8.49 5.91 -14.48
C ARG A 78 8.78 4.83 -13.43
N ASP A 79 10.06 4.61 -13.16
CA ASP A 79 10.47 3.61 -12.18
C ASP A 79 9.64 3.74 -10.90
N GLY A 80 9.05 4.91 -10.70
CA GLY A 80 8.24 5.13 -9.52
C GLY A 80 6.90 4.43 -9.59
N LEU A 81 6.30 4.42 -10.77
CA LEU A 81 5.01 3.78 -10.96
C LEU A 81 4.91 2.49 -10.15
N LEU A 82 3.73 2.22 -9.60
CA LEU A 82 3.50 1.03 -8.80
C LEU A 82 2.02 0.66 -8.77
N THR A 83 1.69 -0.50 -9.34
CA THR A 83 0.32 -0.97 -9.39
C THR A 83 0.15 -2.26 -8.59
N VAL A 84 -0.61 -2.19 -7.50
CA VAL A 84 -0.84 -3.36 -6.66
C VAL A 84 -2.19 -4.00 -6.97
N ASN A 85 -2.16 -5.28 -7.31
CA ASN A 85 -3.38 -6.01 -7.64
C ASN A 85 -4.04 -6.57 -6.38
N LEU A 86 -5.36 -6.49 -6.32
CA LEU A 86 -6.10 -6.99 -5.16
C LEU A 86 -7.07 -8.10 -5.59
N ARG A 87 -7.23 -9.10 -4.72
CA ARG A 87 -8.12 -10.21 -4.99
C ARG A 87 -9.52 -9.71 -5.34
N GLU A 88 -10.02 -8.76 -4.57
CA GLU A 88 -11.34 -8.20 -4.80
C GLU A 88 -11.57 -7.93 -6.27
N GLY A 89 -10.50 -7.64 -6.99
CA GLY A 89 -10.61 -7.37 -8.42
C GLY A 89 -10.41 -5.90 -8.74
N SER A 90 -9.56 -5.24 -7.99
CA SER A 90 -9.29 -3.82 -8.19
C SER A 90 -7.86 -3.47 -7.78
N ARG A 91 -7.01 -3.21 -8.77
CA ARG A 91 -5.61 -2.87 -8.52
C ARG A 91 -5.50 -1.51 -7.86
N LEU A 92 -4.29 -1.12 -7.49
CA LEU A 92 -4.04 0.17 -6.85
C LEU A 92 -2.96 0.94 -7.58
N HIS A 93 -3.37 2.00 -8.28
CA HIS A 93 -2.43 2.84 -9.03
C HIS A 93 -1.69 3.78 -8.08
N LEU A 94 -0.35 3.71 -8.11
CA LEU A 94 0.48 4.56 -7.27
C LEU A 94 1.78 4.92 -7.97
N CYS A 95 2.57 5.78 -7.33
CA CYS A 95 3.84 6.21 -7.89
C CYS A 95 4.79 6.69 -6.79
N ALA A 96 5.89 5.96 -6.61
CA ALA A 96 6.87 6.31 -5.59
C ALA A 96 7.90 7.30 -6.14
N GLU A 97 8.44 8.13 -5.25
CA GLU A 97 9.43 9.12 -5.65
C GLU A 97 10.58 8.48 -6.41
N THR A 98 11.27 7.55 -5.75
CA THR A 98 12.39 6.85 -6.37
C THR A 98 12.07 5.38 -6.57
N ARG A 99 13.01 4.65 -7.17
CA ARG A 99 12.84 3.22 -7.41
C ARG A 99 12.92 2.43 -6.12
N ASP A 100 13.73 2.92 -5.18
CA ASP A 100 13.89 2.25 -3.89
C ASP A 100 12.57 2.19 -3.14
N ASP A 101 12.03 3.35 -2.79
CA ASP A 101 10.76 3.42 -2.07
C ASP A 101 9.73 2.51 -2.71
N ALA A 102 9.64 2.54 -4.03
CA ALA A 102 8.68 1.70 -4.76
C ALA A 102 8.89 0.22 -4.43
N ILE A 103 10.13 -0.24 -4.57
CA ILE A 103 10.46 -1.63 -4.29
C ILE A 103 10.12 -2.00 -2.85
N ALA A 104 10.43 -1.09 -1.93
CA ALA A 104 10.16 -1.31 -0.50
C ALA A 104 8.73 -1.83 -0.30
N TRP A 105 7.76 -1.10 -0.83
CA TRP A 105 6.36 -1.49 -0.70
C TRP A 105 6.10 -2.84 -1.35
N LYS A 106 6.65 -3.02 -2.55
CA LYS A 106 6.49 -4.28 -3.29
C LYS A 106 6.89 -5.46 -2.42
N THR A 107 8.04 -5.36 -1.77
CA THR A 107 8.55 -6.43 -0.93
C THR A 107 7.74 -6.53 0.37
N ALA A 108 7.45 -5.38 0.97
CA ALA A 108 6.68 -5.33 2.20
C ALA A 108 5.29 -5.92 2.01
N LEU A 109 4.75 -5.76 0.80
CA LEU A 109 3.42 -6.27 0.48
C LEU A 109 3.49 -7.73 0.07
N MET A 110 4.33 -8.03 -0.92
CA MET A 110 4.47 -9.40 -1.40
C MET A 110 4.64 -10.37 -0.24
N GLU A 111 5.35 -9.93 0.79
CA GLU A 111 5.59 -10.76 1.97
C GLU A 111 4.28 -10.99 2.75
N ALA A 112 3.76 -9.92 3.34
CA ALA A 112 2.53 -10.01 4.10
C ALA A 112 1.46 -10.78 3.35
N ASN A 113 1.40 -10.57 2.03
CA ASN A 113 0.42 -11.25 1.19
C ASN A 113 0.57 -12.76 1.30
N SER A 114 1.81 -13.23 1.36
CA SER A 114 2.08 -14.66 1.47
C SER A 114 2.80 -14.98 2.78
N THR A 115 2.34 -14.38 3.87
CA THR A 115 2.93 -14.60 5.18
C THR A 115 1.92 -14.36 6.29
N PRO A 116 1.42 -15.45 6.89
CA PRO A 116 0.44 -15.38 7.98
C PRO A 116 1.04 -14.83 9.26
N ALA A 117 0.19 -14.62 10.26
CA ALA A 117 0.63 -14.10 11.55
C ALA A 117 0.75 -15.20 12.59
N PRO A 118 1.98 -15.73 12.77
CA PRO A 118 2.24 -16.80 13.73
C PRO A 118 2.12 -16.33 15.18
N ALA A 119 1.73 -15.07 15.35
CA ALA A 119 1.58 -14.49 16.68
C ALA A 119 0.83 -13.17 16.63
N GLY A 120 -0.18 -13.03 17.48
CA GLY A 120 -0.96 -11.80 17.51
C GLY A 120 -2.44 -12.06 17.81
N ALA A 121 -3.25 -11.03 17.68
CA ALA A 121 -4.68 -11.15 17.94
C ALA A 121 -5.41 -11.71 16.73
N THR A 122 -6.30 -12.67 16.97
CA THR A 122 -7.07 -13.29 15.90
C THR A 122 -8.40 -12.57 15.68
N VAL A 123 -8.40 -11.63 14.74
CA VAL A 123 -9.60 -10.87 14.43
C VAL A 123 -10.01 -11.05 12.96
N PRO A 124 -10.78 -12.11 12.69
CA PRO A 124 -11.25 -12.41 11.34
C PRO A 124 -12.28 -11.40 10.84
N SER A 125 -12.70 -11.56 9.58
CA SER A 125 -13.68 -10.66 8.99
C SER A 125 -15.05 -10.87 9.61
N GLY A 126 -15.54 -9.85 10.31
CA GLY A 126 -16.85 -9.93 10.94
C GLY A 126 -17.59 -8.61 10.94
N PRO A 127 -18.92 -8.67 10.84
CA PRO A 127 -19.78 -7.48 10.82
C PRO A 127 -19.81 -6.78 12.17
N SER A 128 -19.62 -7.54 13.24
CA SER A 128 -19.64 -6.98 14.58
C SER A 128 -18.23 -6.56 15.02
N SER A 129 -17.56 -5.82 14.15
CA SER A 129 -16.21 -5.35 14.43
C SER A 129 -16.24 -4.08 15.28
N GLY A 130 -16.31 -4.26 16.59
CA GLY A 130 -16.35 -3.13 17.50
C GLY A 130 -15.52 -1.96 17.00
N GLY A 1 10.51 2.26 15.09
CA GLY A 1 10.43 2.12 16.53
C GLY A 1 9.02 1.77 17.00
N SER A 2 8.92 1.27 18.23
CA SER A 2 7.63 0.90 18.79
C SER A 2 7.25 1.82 19.94
N SER A 3 5.97 1.81 20.30
CA SER A 3 5.47 2.65 21.38
C SER A 3 4.80 1.81 22.47
N GLY A 4 3.85 0.98 22.07
CA GLY A 4 3.16 0.14 23.02
C GLY A 4 2.09 -0.73 22.36
N SER A 5 1.11 -0.09 21.74
CA SER A 5 0.02 -0.79 21.08
C SER A 5 -0.23 -0.21 19.69
N SER A 6 0.53 -0.69 18.71
CA SER A 6 0.38 -0.22 17.34
C SER A 6 1.21 -1.07 16.38
N GLY A 7 0.54 -1.91 15.61
CA GLY A 7 1.23 -2.77 14.66
C GLY A 7 1.46 -2.09 13.32
N LEU A 8 2.40 -1.15 13.29
CA LEU A 8 2.70 -0.42 12.07
C LEU A 8 3.96 -0.98 11.41
N VAL A 9 3.92 -1.09 10.08
CA VAL A 9 5.06 -1.61 9.32
C VAL A 9 5.85 -0.48 8.68
N ARG A 10 5.16 0.32 7.86
CA ARG A 10 5.81 1.44 7.18
C ARG A 10 4.80 2.54 6.86
N GLY A 11 5.29 3.75 6.63
CA GLY A 11 4.42 4.86 6.32
C GLY A 11 4.87 5.63 5.09
N GLY A 12 5.18 6.91 5.27
CA GLY A 12 5.62 7.74 4.17
C GLY A 12 4.48 8.18 3.28
N TRP A 13 4.80 8.93 2.23
CA TRP A 13 3.79 9.41 1.30
C TRP A 13 3.96 8.77 -0.07
N LEU A 14 2.87 8.70 -0.82
CA LEU A 14 2.89 8.11 -2.15
C LEU A 14 1.84 8.74 -3.06
N TRP A 15 2.17 8.88 -4.34
CA TRP A 15 1.25 9.47 -5.30
C TRP A 15 0.23 8.45 -5.77
N ARG A 16 -1.04 8.78 -5.61
CA ARG A 16 -2.13 7.90 -6.03
C ARG A 16 -2.86 8.46 -7.24
N GLN A 17 -3.24 7.57 -8.17
CA GLN A 17 -3.94 7.98 -9.37
C GLN A 17 -5.35 7.40 -9.40
N SER A 18 -6.23 8.04 -10.16
CA SER A 18 -7.61 7.59 -10.27
C SER A 18 -7.86 6.90 -11.62
N SER A 19 -9.11 6.53 -11.87
CA SER A 19 -9.47 5.88 -13.12
C SER A 19 -10.05 6.87 -14.12
N ILE A 20 -10.97 7.70 -13.64
CA ILE A 20 -11.61 8.71 -14.49
C ILE A 20 -10.85 10.03 -14.43
N LEU A 21 -10.37 10.37 -13.25
CA LEU A 21 -9.62 11.62 -13.05
C LEU A 21 -8.18 11.46 -13.52
N ARG A 22 -7.71 10.22 -13.58
CA ARG A 22 -6.35 9.93 -14.01
C ARG A 22 -5.39 11.02 -13.53
N ARG A 23 -5.59 11.47 -12.29
CA ARG A 23 -4.75 12.51 -11.72
C ARG A 23 -4.04 12.00 -10.47
N TRP A 24 -2.78 12.39 -10.31
CA TRP A 24 -1.98 11.97 -9.16
C TRP A 24 -2.32 12.82 -7.94
N LYS A 25 -2.28 12.21 -6.77
CA LYS A 25 -2.58 12.91 -5.53
C LYS A 25 -1.74 12.34 -4.37
N ARG A 26 -1.22 13.24 -3.54
CA ARG A 26 -0.40 12.83 -2.40
C ARG A 26 -1.26 12.16 -1.33
N ASN A 27 -0.82 10.98 -0.88
CA ASN A 27 -1.55 10.23 0.13
C ASN A 27 -0.58 9.54 1.09
N TRP A 28 -1.02 9.36 2.33
CA TRP A 28 -0.20 8.70 3.33
C TRP A 28 -0.64 7.25 3.54
N PHE A 29 0.10 6.32 2.96
CA PHE A 29 -0.21 4.91 3.08
C PHE A 29 0.52 4.28 4.27
N ALA A 30 -0.17 3.38 4.97
CA ALA A 30 0.41 2.72 6.13
C ALA A 30 -0.12 1.29 6.27
N LEU A 31 0.81 0.33 6.32
CA LEU A 31 0.43 -1.07 6.44
C LEU A 31 0.37 -1.49 7.90
N TRP A 32 -0.67 -2.24 8.26
CA TRP A 32 -0.83 -2.70 9.63
C TRP A 32 -0.53 -4.20 9.74
N LEU A 33 0.01 -4.60 10.88
CA LEU A 33 0.35 -6.00 11.11
C LEU A 33 -0.86 -6.90 10.89
N ASP A 34 -2.03 -6.39 11.25
CA ASP A 34 -3.27 -7.14 11.10
C ASP A 34 -3.40 -7.70 9.70
N GLY A 35 -2.63 -7.14 8.77
CA GLY A 35 -2.67 -7.58 7.39
C GLY A 35 -3.58 -6.74 6.53
N THR A 36 -3.70 -5.46 6.87
CA THR A 36 -4.55 -4.54 6.13
C THR A 36 -3.76 -3.33 5.65
N LEU A 37 -4.32 -2.60 4.68
CA LEU A 37 -3.67 -1.42 4.14
C LEU A 37 -4.63 -0.23 4.11
N GLY A 38 -4.28 0.81 4.84
CA GLY A 38 -5.13 2.00 4.88
C GLY A 38 -4.39 3.25 4.46
N TYR A 39 -5.07 4.10 3.69
CA TYR A 39 -4.47 5.34 3.21
C TYR A 39 -5.32 6.55 3.62
N TYR A 40 -4.74 7.41 4.44
CA TYR A 40 -5.45 8.60 4.90
C TYR A 40 -4.95 9.85 4.17
N HIS A 41 -5.57 10.99 4.45
CA HIS A 41 -5.20 12.24 3.82
C HIS A 41 -3.81 12.67 4.25
N ASP A 42 -3.55 12.64 5.56
CA ASP A 42 -2.27 13.02 6.10
C ASP A 42 -1.98 12.28 7.40
N GLU A 43 -0.86 12.62 8.03
CA GLU A 43 -0.46 11.99 9.29
C GLU A 43 -1.69 11.66 10.14
N THR A 44 -2.63 12.59 10.18
CA THR A 44 -3.85 12.41 10.95
C THR A 44 -4.72 11.30 10.36
N ALA A 45 -4.63 10.12 10.95
CA ALA A 45 -5.40 8.97 10.49
C ALA A 45 -6.81 8.99 11.06
N GLN A 46 -7.44 10.16 11.03
CA GLN A 46 -8.79 10.32 11.55
C GLN A 46 -9.81 10.30 10.40
N ASP A 47 -9.40 10.78 9.24
CA ASP A 47 -10.27 10.82 8.07
C ASP A 47 -10.21 9.51 7.30
N GLU A 48 -10.22 8.39 8.03
CA GLU A 48 -10.15 7.08 7.40
C GLU A 48 -10.91 7.07 6.08
N GLU A 49 -10.17 7.12 4.97
CA GLU A 49 -10.78 7.12 3.64
C GLU A 49 -11.26 5.72 3.27
N ASP A 50 -10.35 4.75 3.32
CA ASP A 50 -10.69 3.37 3.00
C ASP A 50 -9.68 2.40 3.62
N ARG A 51 -9.94 1.11 3.45
CA ARG A 51 -9.05 0.08 3.98
C ARG A 51 -9.17 -1.22 3.19
N VAL A 52 -8.06 -1.64 2.59
CA VAL A 52 -8.04 -2.86 1.80
C VAL A 52 -7.30 -3.98 2.53
N VAL A 53 -7.55 -5.22 2.12
CA VAL A 53 -6.91 -6.37 2.73
C VAL A 53 -5.57 -6.67 2.08
N ILE A 54 -4.58 -7.01 2.89
CA ILE A 54 -3.24 -7.32 2.39
C ILE A 54 -2.95 -8.81 2.49
N HIS A 55 -3.38 -9.42 3.58
CA HIS A 55 -3.17 -10.85 3.80
C HIS A 55 -3.82 -11.68 2.69
N PHE A 56 -3.02 -12.45 1.98
CA PHE A 56 -3.52 -13.29 0.90
C PHE A 56 -4.61 -12.56 0.11
N ASN A 57 -4.33 -11.31 -0.24
CA ASN A 57 -5.29 -10.50 -1.00
C ASN A 57 -4.64 -9.93 -2.25
N VAL A 58 -3.34 -9.65 -2.17
CA VAL A 58 -2.61 -9.10 -3.31
C VAL A 58 -2.41 -10.16 -4.39
N ARG A 59 -2.93 -9.86 -5.58
CA ARG A 59 -2.82 -10.79 -6.70
C ARG A 59 -1.47 -10.63 -7.40
N ASP A 60 -1.04 -9.38 -7.58
CA ASP A 60 0.23 -9.10 -8.23
C ASP A 60 0.68 -7.66 -7.96
N ILE A 61 1.92 -7.36 -8.29
CA ILE A 61 2.47 -6.02 -8.08
C ILE A 61 3.46 -5.65 -9.18
N LYS A 62 3.17 -4.57 -9.88
CA LYS A 62 4.03 -4.10 -10.96
C LYS A 62 4.83 -2.88 -10.53
N VAL A 63 6.07 -2.78 -11.00
CA VAL A 63 6.93 -1.66 -10.66
C VAL A 63 7.79 -1.24 -11.86
N GLY A 64 7.92 0.06 -12.07
CA GLY A 64 8.71 0.55 -13.17
C GLY A 64 8.12 0.21 -14.53
N GLN A 65 8.96 -0.29 -15.42
CA GLN A 65 8.51 -0.68 -16.76
C GLN A 65 7.27 -1.56 -16.68
N GLU A 66 7.26 -2.47 -15.72
CA GLU A 66 6.14 -3.39 -15.54
C GLU A 66 4.82 -2.69 -15.89
N CYS A 67 4.74 -1.40 -15.61
CA CYS A 67 3.54 -0.62 -15.89
C CYS A 67 3.01 -0.93 -17.28
N GLN A 68 1.78 -0.49 -17.56
CA GLN A 68 1.15 -0.73 -18.85
C GLN A 68 0.53 0.55 -19.39
N ASP A 69 -0.32 1.17 -18.59
CA ASP A 69 -0.99 2.41 -18.99
C ASP A 69 -0.78 3.49 -17.95
N VAL A 70 0.08 3.23 -16.97
CA VAL A 70 0.37 4.18 -15.91
C VAL A 70 1.52 5.10 -16.30
N GLN A 71 1.38 6.39 -15.98
CA GLN A 71 2.41 7.37 -16.29
C GLN A 71 2.79 8.18 -15.06
N PRO A 72 4.10 8.43 -14.90
CA PRO A 72 4.63 9.19 -13.76
C PRO A 72 4.25 10.67 -13.83
N PRO A 73 4.05 11.28 -12.66
CA PRO A 73 3.69 12.70 -12.56
C PRO A 73 4.83 13.62 -12.96
N GLU A 74 4.49 14.80 -13.45
CA GLU A 74 5.48 15.78 -13.88
C GLU A 74 6.69 15.76 -12.94
N GLY A 75 7.87 15.48 -13.49
CA GLY A 75 9.07 15.44 -12.69
C GLY A 75 9.50 14.02 -12.37
N ARG A 76 8.62 13.27 -11.70
CA ARG A 76 8.91 11.90 -11.33
C ARG A 76 9.38 11.09 -12.55
N SER A 77 9.80 9.86 -12.29
CA SER A 77 10.27 8.98 -13.36
C SER A 77 9.36 7.76 -13.50
N ARG A 78 9.51 7.06 -14.63
CA ARG A 78 8.70 5.87 -14.89
C ARG A 78 9.18 4.70 -14.06
N ASP A 79 10.27 4.89 -13.32
CA ASP A 79 10.83 3.86 -12.47
C ASP A 79 10.14 3.84 -11.11
N GLY A 80 9.55 4.96 -10.73
CA GLY A 80 8.86 5.05 -9.45
C GLY A 80 7.45 4.50 -9.50
N LEU A 81 6.96 4.25 -10.71
CA LEU A 81 5.63 3.71 -10.89
C LEU A 81 5.43 2.43 -10.09
N LEU A 82 4.22 2.21 -9.61
CA LEU A 82 3.90 1.02 -8.82
C LEU A 82 2.41 0.73 -8.84
N THR A 83 2.03 -0.38 -9.48
CA THR A 83 0.63 -0.77 -9.58
C THR A 83 0.37 -2.07 -8.82
N VAL A 84 -0.44 -1.99 -7.77
CA VAL A 84 -0.76 -3.17 -6.97
C VAL A 84 -2.06 -3.81 -7.45
N ASN A 85 -2.14 -5.13 -7.35
CA ASN A 85 -3.33 -5.87 -7.77
C ASN A 85 -3.98 -6.57 -6.58
N LEU A 86 -5.30 -6.45 -6.48
CA LEU A 86 -6.04 -7.08 -5.39
C LEU A 86 -6.83 -8.29 -5.90
N ARG A 87 -7.15 -9.20 -4.99
CA ARG A 87 -7.90 -10.40 -5.34
C ARG A 87 -9.39 -10.09 -5.47
N GLU A 88 -9.83 -9.02 -4.81
CA GLU A 88 -11.23 -8.61 -4.85
C GLU A 88 -11.65 -8.25 -6.27
N GLY A 89 -10.88 -7.37 -6.90
CA GLY A 89 -11.20 -6.95 -8.26
C GLY A 89 -10.91 -5.49 -8.50
N SER A 90 -9.69 -5.06 -8.18
CA SER A 90 -9.30 -3.66 -8.36
C SER A 90 -7.81 -3.48 -8.04
N ARG A 91 -7.14 -2.67 -8.85
CA ARG A 91 -5.72 -2.41 -8.65
C ARG A 91 -5.50 -1.03 -8.04
N LEU A 92 -4.26 -0.75 -7.65
CA LEU A 92 -3.92 0.53 -7.05
C LEU A 92 -2.76 1.20 -7.78
N HIS A 93 -3.09 2.19 -8.62
CA HIS A 93 -2.08 2.91 -9.39
C HIS A 93 -1.38 3.94 -8.53
N LEU A 94 -0.21 3.59 -8.01
CA LEU A 94 0.57 4.49 -7.16
C LEU A 94 1.91 4.81 -7.80
N CYS A 95 2.68 5.68 -7.14
CA CYS A 95 4.00 6.07 -7.65
C CYS A 95 4.89 6.56 -6.51
N ALA A 96 6.08 5.98 -6.40
CA ALA A 96 7.02 6.36 -5.36
C ALA A 96 8.00 7.42 -5.86
N GLU A 97 8.82 7.94 -4.95
CA GLU A 97 9.79 8.96 -5.30
C GLU A 97 10.96 8.36 -6.06
N THR A 98 11.49 7.25 -5.55
CA THR A 98 12.61 6.57 -6.16
C THR A 98 12.36 5.07 -6.28
N ARG A 99 12.83 4.49 -7.38
CA ARG A 99 12.64 3.06 -7.61
C ARG A 99 12.86 2.26 -6.33
N ASP A 100 13.68 2.80 -5.44
CA ASP A 100 13.98 2.14 -4.17
C ASP A 100 12.70 1.93 -3.36
N ASP A 101 12.09 3.03 -2.94
CA ASP A 101 10.86 2.95 -2.15
C ASP A 101 9.83 2.05 -2.83
N ALA A 102 9.62 2.28 -4.12
CA ALA A 102 8.65 1.48 -4.88
C ALA A 102 8.88 -0.02 -4.65
N ILE A 103 10.13 -0.43 -4.71
CA ILE A 103 10.48 -1.84 -4.50
C ILE A 103 10.28 -2.25 -3.05
N ALA A 104 10.59 -1.34 -2.14
CA ALA A 104 10.44 -1.61 -0.71
C ALA A 104 9.03 -2.06 -0.39
N TRP A 105 8.04 -1.40 -0.99
CA TRP A 105 6.64 -1.74 -0.76
C TRP A 105 6.31 -3.11 -1.34
N LYS A 106 6.79 -3.36 -2.56
CA LYS A 106 6.55 -4.62 -3.24
C LYS A 106 6.92 -5.80 -2.34
N THR A 107 8.05 -5.69 -1.65
CA THR A 107 8.51 -6.74 -0.75
C THR A 107 7.67 -6.78 0.51
N ALA A 108 7.39 -5.61 1.08
CA ALA A 108 6.60 -5.51 2.30
C ALA A 108 5.18 -6.02 2.06
N LEU A 109 4.70 -5.87 0.84
CA LEU A 109 3.35 -6.31 0.49
C LEU A 109 3.34 -7.79 0.11
N MET A 110 4.26 -8.18 -0.76
CA MET A 110 4.36 -9.56 -1.21
C MET A 110 4.52 -10.51 -0.02
N GLU A 111 5.34 -10.10 0.94
CA GLU A 111 5.58 -10.91 2.14
C GLU A 111 4.30 -11.02 2.97
N ALA A 112 3.84 -9.89 3.50
CA ALA A 112 2.63 -9.87 4.32
C ALA A 112 1.49 -10.61 3.63
N ASN A 113 1.40 -10.47 2.31
CA ASN A 113 0.35 -11.13 1.54
C ASN A 113 0.50 -12.65 1.63
N SER A 114 1.74 -13.13 1.55
CA SER A 114 2.01 -14.56 1.60
C SER A 114 2.82 -14.91 2.85
N THR A 115 2.41 -14.36 4.00
CA THR A 115 3.10 -14.61 5.25
C THR A 115 2.25 -14.15 6.43
N PRO A 116 1.67 -15.13 7.15
CA PRO A 116 0.82 -14.86 8.31
C PRO A 116 1.63 -14.34 9.50
N ALA A 117 0.94 -14.11 10.62
CA ALA A 117 1.60 -13.61 11.83
C ALA A 117 1.41 -14.59 12.99
N PRO A 118 2.49 -14.85 13.73
CA PRO A 118 2.46 -15.75 14.88
C PRO A 118 1.68 -15.18 16.06
N ALA A 119 1.41 -13.88 16.00
CA ALA A 119 0.66 -13.21 17.05
C ALA A 119 -0.82 -13.12 16.72
N GLY A 120 -1.65 -12.84 17.72
CA GLY A 120 -3.08 -12.74 17.50
C GLY A 120 -3.86 -13.82 18.23
N ALA A 121 -5.04 -13.46 18.73
CA ALA A 121 -5.88 -14.41 19.46
C ALA A 121 -6.30 -15.57 18.55
N THR A 122 -5.71 -16.73 18.79
CA THR A 122 -6.02 -17.92 18.00
C THR A 122 -7.07 -18.78 18.68
N VAL A 123 -8.33 -18.65 18.24
CA VAL A 123 -9.42 -19.41 18.83
C VAL A 123 -9.65 -20.71 18.05
N PRO A 124 -10.09 -21.75 18.76
CA PRO A 124 -10.36 -23.06 18.17
C PRO A 124 -11.59 -23.06 17.26
N SER A 125 -12.63 -22.36 17.71
CA SER A 125 -13.87 -22.27 16.94
C SER A 125 -14.86 -21.32 17.62
N GLY A 126 -15.96 -21.04 16.93
CA GLY A 126 -16.96 -20.15 17.47
C GLY A 126 -17.84 -19.54 16.40
N PRO A 127 -19.13 -19.37 16.71
CA PRO A 127 -20.10 -18.79 15.77
C PRO A 127 -19.87 -17.30 15.53
N SER A 128 -19.10 -16.68 16.43
CA SER A 128 -18.79 -15.26 16.31
C SER A 128 -17.75 -15.01 15.23
N SER A 129 -17.88 -13.90 14.52
CA SER A 129 -16.96 -13.54 13.46
C SER A 129 -15.78 -12.74 14.01
N GLY A 130 -14.73 -12.61 13.20
CA GLY A 130 -13.56 -11.86 13.63
C GLY A 130 -13.62 -10.40 13.21
N GLY A 1 13.15 8.03 23.66
CA GLY A 1 14.10 7.13 23.03
C GLY A 1 13.58 5.70 22.95
N SER A 2 13.23 5.14 24.10
CA SER A 2 12.72 3.78 24.15
C SER A 2 11.31 3.70 23.58
N SER A 3 11.22 3.39 22.28
CA SER A 3 9.94 3.29 21.61
C SER A 3 9.75 1.91 21.00
N GLY A 4 8.55 1.35 21.16
CA GLY A 4 8.27 0.03 20.61
C GLY A 4 6.79 -0.29 20.63
N SER A 5 6.04 0.32 19.71
CA SER A 5 4.60 0.09 19.62
C SER A 5 4.24 -0.63 18.33
N SER A 6 4.11 -1.95 18.41
CA SER A 6 3.76 -2.75 17.24
C SER A 6 2.50 -2.23 16.58
N GLY A 7 2.06 -2.93 15.53
CA GLY A 7 0.85 -2.53 14.82
C GLY A 7 1.16 -1.96 13.45
N LEU A 8 1.97 -0.92 13.41
CA LEU A 8 2.34 -0.28 12.16
C LEU A 8 3.64 -0.85 11.61
N VAL A 9 3.67 -1.10 10.31
CA VAL A 9 4.85 -1.65 9.66
C VAL A 9 5.77 -0.54 9.14
N ARG A 10 5.25 0.27 8.22
CA ARG A 10 6.01 1.37 7.65
C ARG A 10 5.08 2.49 7.21
N GLY A 11 5.63 3.71 7.15
CA GLY A 11 4.83 4.86 6.74
C GLY A 11 5.57 5.75 5.76
N GLY A 12 4.86 6.18 4.72
CA GLY A 12 5.48 7.04 3.72
C GLY A 12 4.47 7.56 2.71
N TRP A 13 4.65 8.81 2.30
CA TRP A 13 3.74 9.43 1.33
C TRP A 13 3.90 8.79 -0.04
N LEU A 14 2.77 8.47 -0.68
CA LEU A 14 2.79 7.85 -1.99
C LEU A 14 1.83 8.57 -2.94
N TRP A 15 2.22 8.68 -4.21
CA TRP A 15 1.40 9.34 -5.21
C TRP A 15 0.36 8.39 -5.78
N ARG A 16 -0.91 8.75 -5.65
CA ARG A 16 -1.99 7.92 -6.15
C ARG A 16 -2.81 8.66 -7.20
N GLN A 17 -3.28 7.93 -8.21
CA GLN A 17 -4.05 8.52 -9.29
C GLN A 17 -5.52 8.11 -9.19
N SER A 18 -6.42 9.08 -9.33
CA SER A 18 -7.85 8.81 -9.24
C SER A 18 -8.34 8.12 -10.51
N SER A 19 -9.65 7.88 -10.58
CA SER A 19 -10.24 7.21 -11.73
C SER A 19 -10.90 8.23 -12.66
N ILE A 20 -11.71 9.11 -12.09
CA ILE A 20 -12.40 10.14 -12.86
C ILE A 20 -11.49 11.35 -13.10
N LEU A 21 -10.90 11.85 -12.03
CA LEU A 21 -10.01 13.01 -12.12
C LEU A 21 -8.71 12.64 -12.82
N ARG A 22 -8.44 11.34 -12.91
CA ARG A 22 -7.22 10.86 -13.56
C ARG A 22 -6.02 11.73 -13.18
N ARG A 23 -6.06 12.29 -11.98
CA ARG A 23 -4.98 13.14 -11.49
C ARG A 23 -4.25 12.48 -10.33
N TRP A 24 -3.01 12.89 -10.12
CA TRP A 24 -2.20 12.35 -9.02
C TRP A 24 -2.40 13.15 -7.75
N LYS A 25 -2.42 12.46 -6.61
CA LYS A 25 -2.60 13.11 -5.31
C LYS A 25 -1.77 12.42 -4.24
N ARG A 26 -1.20 13.21 -3.34
CA ARG A 26 -0.38 12.67 -2.26
C ARG A 26 -1.26 12.01 -1.19
N ASN A 27 -0.82 10.86 -0.71
CA ASN A 27 -1.57 10.13 0.32
C ASN A 27 -0.62 9.30 1.19
N TRP A 28 -0.89 9.29 2.49
CA TRP A 28 -0.07 8.54 3.43
C TRP A 28 -0.56 7.10 3.56
N PHE A 29 0.15 6.17 2.94
CA PHE A 29 -0.22 4.76 2.98
C PHE A 29 0.46 4.05 4.15
N ALA A 30 -0.35 3.47 5.02
CA ALA A 30 0.18 2.76 6.19
C ALA A 30 -0.29 1.31 6.21
N LEU A 31 0.61 0.41 6.57
CA LEU A 31 0.30 -1.02 6.63
C LEU A 31 0.18 -1.49 8.07
N TRP A 32 -0.88 -2.24 8.36
CA TRP A 32 -1.10 -2.76 9.70
C TRP A 32 -0.76 -4.24 9.78
N LEU A 33 -0.30 -4.67 10.95
CA LEU A 33 0.07 -6.07 11.16
C LEU A 33 -1.11 -6.99 10.90
N ASP A 34 -2.31 -6.47 11.10
CA ASP A 34 -3.53 -7.26 10.88
C ASP A 34 -3.61 -7.74 9.43
N GLY A 35 -2.80 -7.15 8.57
CA GLY A 35 -2.79 -7.53 7.17
C GLY A 35 -3.75 -6.70 6.34
N THR A 36 -3.87 -5.42 6.68
CA THR A 36 -4.75 -4.51 5.95
C THR A 36 -4.02 -3.26 5.51
N LEU A 37 -4.38 -2.73 4.35
CA LEU A 37 -3.76 -1.53 3.82
C LEU A 37 -4.74 -0.36 3.84
N GLY A 38 -4.39 0.69 4.60
CA GLY A 38 -5.25 1.85 4.69
C GLY A 38 -4.48 3.15 4.47
N TYR A 39 -4.96 3.97 3.55
CA TYR A 39 -4.32 5.24 3.24
C TYR A 39 -5.18 6.41 3.70
N TYR A 40 -4.53 7.51 4.05
CA TYR A 40 -5.23 8.71 4.51
C TYR A 40 -4.65 9.96 3.86
N HIS A 41 -5.28 11.10 4.13
CA HIS A 41 -4.83 12.37 3.57
C HIS A 41 -3.62 12.89 4.34
N ASP A 42 -3.55 12.58 5.63
CA ASP A 42 -2.44 13.02 6.46
C ASP A 42 -2.37 12.19 7.74
N GLU A 43 -1.39 12.51 8.58
CA GLU A 43 -1.21 11.79 9.84
C GLU A 43 -2.56 11.50 10.50
N THR A 44 -3.54 12.35 10.21
CA THR A 44 -4.88 12.19 10.77
C THR A 44 -5.56 10.94 10.23
N ALA A 45 -5.49 9.86 11.00
CA ALA A 45 -6.11 8.60 10.60
C ALA A 45 -7.63 8.68 10.65
N GLN A 46 -8.14 9.68 11.37
CA GLN A 46 -9.58 9.87 11.50
C GLN A 46 -10.23 10.09 10.13
N ASP A 47 -9.39 10.38 9.13
CA ASP A 47 -9.88 10.61 7.78
C ASP A 47 -9.63 9.40 6.88
N GLU A 48 -9.93 8.22 7.40
CA GLU A 48 -9.74 6.98 6.66
C GLU A 48 -10.35 7.08 5.27
N GLU A 49 -9.50 7.20 4.26
CA GLU A 49 -9.96 7.31 2.87
C GLU A 49 -10.49 5.97 2.37
N ASP A 50 -9.84 4.88 2.81
CA ASP A 50 -10.23 3.54 2.39
C ASP A 50 -9.41 2.49 3.14
N ARG A 51 -9.78 1.22 2.94
CA ARG A 51 -9.08 0.12 3.59
C ARG A 51 -9.23 -1.17 2.78
N VAL A 52 -8.11 -1.72 2.34
CA VAL A 52 -8.12 -2.96 1.56
C VAL A 52 -7.43 -4.09 2.31
N VAL A 53 -7.65 -5.31 1.85
CA VAL A 53 -7.04 -6.49 2.48
C VAL A 53 -5.68 -6.80 1.85
N ILE A 54 -4.71 -7.11 2.71
CA ILE A 54 -3.36 -7.43 2.24
C ILE A 54 -3.07 -8.92 2.40
N HIS A 55 -3.47 -9.48 3.55
CA HIS A 55 -3.24 -10.89 3.82
C HIS A 55 -3.72 -11.74 2.66
N PHE A 56 -2.79 -12.47 2.05
CA PHE A 56 -3.11 -13.34 0.92
C PHE A 56 -4.22 -12.72 0.05
N ASN A 57 -4.05 -11.44 -0.28
CA ASN A 57 -5.03 -10.73 -1.09
C ASN A 57 -4.37 -10.14 -2.34
N VAL A 58 -3.06 -9.91 -2.24
CA VAL A 58 -2.31 -9.34 -3.37
C VAL A 58 -2.08 -10.39 -4.45
N ARG A 59 -2.79 -10.28 -5.56
CA ARG A 59 -2.65 -11.21 -6.66
C ARG A 59 -1.34 -10.98 -7.42
N ASP A 60 -0.97 -9.71 -7.57
CA ASP A 60 0.25 -9.34 -8.27
C ASP A 60 0.66 -7.92 -7.94
N ILE A 61 1.86 -7.53 -8.38
CA ILE A 61 2.37 -6.19 -8.13
C ILE A 61 3.35 -5.77 -9.22
N LYS A 62 3.00 -4.70 -9.94
CA LYS A 62 3.86 -4.19 -11.00
C LYS A 62 4.57 -2.92 -10.57
N VAL A 63 5.82 -2.76 -11.00
CA VAL A 63 6.61 -1.59 -10.65
C VAL A 63 7.44 -1.11 -11.83
N GLY A 64 7.44 0.19 -12.08
CA GLY A 64 8.20 0.74 -13.19
C GLY A 64 7.74 0.21 -14.53
N GLN A 65 8.71 -0.19 -15.36
CA GLN A 65 8.40 -0.72 -16.68
C GLN A 65 7.14 -1.59 -16.65
N GLU A 66 7.10 -2.52 -15.70
CA GLU A 66 5.95 -3.41 -15.56
C GLU A 66 4.65 -2.66 -15.84
N CYS A 67 4.46 -1.52 -15.18
CA CYS A 67 3.27 -0.71 -15.36
C CYS A 67 3.31 0.05 -16.68
N GLN A 68 2.37 -0.27 -17.56
CA GLN A 68 2.31 0.38 -18.87
C GLN A 68 0.94 0.98 -19.11
N ASP A 69 0.05 0.86 -18.12
CA ASP A 69 -1.29 1.40 -18.22
C ASP A 69 -1.48 2.58 -17.26
N VAL A 70 -0.42 3.35 -17.09
CA VAL A 70 -0.47 4.51 -16.20
C VAL A 70 0.59 5.54 -16.58
N GLN A 71 0.22 6.82 -16.52
CA GLN A 71 1.14 7.90 -16.86
C GLN A 71 1.80 8.47 -15.60
N PRO A 72 3.13 8.54 -15.61
CA PRO A 72 3.91 9.07 -14.48
C PRO A 72 3.73 10.57 -14.31
N PRO A 73 3.68 11.03 -13.05
CA PRO A 73 3.52 12.45 -12.72
C PRO A 73 4.75 13.27 -13.08
N GLU A 74 4.58 14.58 -13.15
CA GLU A 74 5.67 15.49 -13.49
C GLU A 74 6.72 15.49 -12.38
N GLY A 75 7.99 15.34 -12.77
CA GLY A 75 9.07 15.32 -11.80
C GLY A 75 9.59 13.92 -11.53
N ARG A 76 8.71 13.05 -11.07
CA ARG A 76 9.09 11.67 -10.76
C ARG A 76 9.49 10.93 -12.03
N SER A 77 9.83 9.66 -11.88
CA SER A 77 10.25 8.83 -13.01
C SER A 77 9.38 7.59 -13.14
N ARG A 78 9.44 6.94 -14.29
CA ARG A 78 8.66 5.73 -14.52
C ARG A 78 8.94 4.67 -13.46
N ASP A 79 10.22 4.50 -13.13
CA ASP A 79 10.63 3.52 -12.14
C ASP A 79 9.88 3.74 -10.82
N GLY A 80 9.30 4.93 -10.68
CA GLY A 80 8.56 5.25 -9.47
C GLY A 80 7.19 4.59 -9.43
N LEU A 81 6.58 4.43 -10.60
CA LEU A 81 5.26 3.83 -10.70
C LEU A 81 5.19 2.55 -9.86
N LEU A 82 3.98 2.23 -9.39
CA LEU A 82 3.77 1.04 -8.58
C LEU A 82 2.29 0.71 -8.45
N THR A 83 1.87 -0.38 -9.09
CA THR A 83 0.49 -0.80 -9.04
C THR A 83 0.32 -2.09 -8.26
N VAL A 84 -0.67 -2.12 -7.37
CA VAL A 84 -0.93 -3.31 -6.55
C VAL A 84 -2.27 -3.93 -6.91
N ASN A 85 -2.26 -5.24 -7.16
CA ASN A 85 -3.48 -5.96 -7.51
C ASN A 85 -4.12 -6.59 -6.28
N LEU A 86 -5.44 -6.53 -6.21
CA LEU A 86 -6.17 -7.09 -5.09
C LEU A 86 -7.11 -8.21 -5.55
N ARG A 87 -7.27 -9.22 -4.70
CA ARG A 87 -8.13 -10.36 -5.01
C ARG A 87 -9.58 -9.91 -5.20
N GLU A 88 -10.04 -9.06 -4.29
CA GLU A 88 -11.41 -8.55 -4.35
C GLU A 88 -11.84 -8.32 -5.80
N GLY A 89 -10.97 -7.66 -6.57
CA GLY A 89 -11.28 -7.38 -7.96
C GLY A 89 -11.00 -5.95 -8.34
N SER A 90 -9.84 -5.43 -7.92
CA SER A 90 -9.46 -4.06 -8.22
C SER A 90 -7.95 -3.87 -8.03
N ARG A 91 -7.42 -2.81 -8.64
CA ARG A 91 -5.99 -2.51 -8.55
C ARG A 91 -5.77 -1.17 -7.86
N LEU A 92 -4.54 -0.94 -7.43
CA LEU A 92 -4.18 0.30 -6.75
C LEU A 92 -3.06 1.02 -7.49
N HIS A 93 -3.40 2.12 -8.15
CA HIS A 93 -2.43 2.90 -8.90
C HIS A 93 -1.68 3.86 -7.98
N LEU A 94 -0.40 3.58 -7.76
CA LEU A 94 0.43 4.42 -6.90
C LEU A 94 1.74 4.78 -7.59
N CYS A 95 2.47 5.74 -7.01
CA CYS A 95 3.74 6.18 -7.57
C CYS A 95 4.67 6.68 -6.48
N ALA A 96 5.85 6.08 -6.39
CA ALA A 96 6.83 6.45 -5.38
C ALA A 96 7.70 7.61 -5.87
N GLU A 97 8.68 8.00 -5.06
CA GLU A 97 9.57 9.09 -5.40
C GLU A 97 10.88 8.56 -6.00
N THR A 98 11.29 7.39 -5.53
CA THR A 98 12.52 6.77 -6.02
C THR A 98 12.32 5.29 -6.29
N ARG A 99 13.09 4.76 -7.24
CA ARG A 99 12.99 3.34 -7.60
C ARG A 99 13.18 2.45 -6.37
N ASP A 100 14.14 2.82 -5.53
CA ASP A 100 14.43 2.05 -4.32
C ASP A 100 13.18 1.91 -3.46
N ASP A 101 12.53 3.04 -3.18
CA ASP A 101 11.32 3.04 -2.36
C ASP A 101 10.26 2.13 -2.97
N ALA A 102 9.98 2.32 -4.26
CA ALA A 102 8.99 1.53 -4.96
C ALA A 102 9.19 0.04 -4.70
N ILE A 103 10.42 -0.43 -4.93
CA ILE A 103 10.75 -1.83 -4.71
C ILE A 103 10.50 -2.25 -3.27
N ALA A 104 10.85 -1.37 -2.33
CA ALA A 104 10.67 -1.64 -0.91
C ALA A 104 9.22 -2.05 -0.63
N TRP A 105 8.28 -1.29 -1.16
CA TRP A 105 6.86 -1.56 -0.95
C TRP A 105 6.50 -2.94 -1.50
N LYS A 106 6.94 -3.23 -2.72
CA LYS A 106 6.66 -4.50 -3.36
C LYS A 106 7.01 -5.66 -2.43
N THR A 107 8.13 -5.53 -1.73
CA THR A 107 8.57 -6.58 -0.81
C THR A 107 7.72 -6.59 0.46
N ALA A 108 7.45 -5.41 1.00
CA ALA A 108 6.65 -5.28 2.21
C ALA A 108 5.23 -5.76 1.97
N LEU A 109 4.76 -5.64 0.74
CA LEU A 109 3.41 -6.08 0.38
C LEU A 109 3.39 -7.56 0.03
N MET A 110 4.28 -7.97 -0.87
CA MET A 110 4.36 -9.36 -1.29
C MET A 110 4.61 -10.27 -0.08
N GLU A 111 5.34 -9.75 0.90
CA GLU A 111 5.65 -10.52 2.10
C GLU A 111 4.40 -10.75 2.93
N ALA A 112 3.87 -9.67 3.50
CA ALA A 112 2.66 -9.75 4.32
C ALA A 112 1.56 -10.53 3.61
N ASN A 113 1.57 -10.48 2.28
CA ASN A 113 0.57 -11.17 1.48
C ASN A 113 0.69 -12.68 1.65
N SER A 114 1.92 -13.18 1.63
CA SER A 114 2.17 -14.61 1.78
C SER A 114 2.92 -14.89 3.08
N THR A 115 2.50 -14.23 4.16
CA THR A 115 3.13 -14.42 5.46
C THR A 115 2.18 -14.02 6.58
N PRO A 116 1.63 -15.03 7.27
CA PRO A 116 0.70 -14.81 8.39
C PRO A 116 1.39 -14.22 9.61
N ALA A 117 0.60 -13.91 10.63
CA ALA A 117 1.14 -13.34 11.86
C ALA A 117 1.24 -14.40 12.96
N PRO A 118 2.30 -14.30 13.78
CA PRO A 118 2.53 -15.25 14.88
C PRO A 118 1.52 -15.09 16.01
N ALA A 119 0.86 -13.93 16.05
CA ALA A 119 -0.14 -13.65 17.08
C ALA A 119 -1.31 -14.62 16.97
N GLY A 120 -1.98 -14.61 15.83
CA GLY A 120 -3.12 -15.49 15.63
C GLY A 120 -4.43 -14.73 15.53
N ALA A 121 -4.80 -14.36 14.33
CA ALA A 121 -6.05 -13.63 14.10
C ALA A 121 -6.96 -14.37 13.13
N THR A 122 -8.15 -13.83 12.91
CA THR A 122 -9.11 -14.45 12.00
C THR A 122 -9.59 -13.45 10.95
N VAL A 123 -10.28 -13.96 9.93
CA VAL A 123 -10.80 -13.12 8.86
C VAL A 123 -12.30 -12.89 9.01
N PRO A 124 -12.75 -11.70 8.62
CA PRO A 124 -14.17 -11.32 8.70
C PRO A 124 -15.03 -12.09 7.70
N SER A 125 -16.33 -11.83 7.72
CA SER A 125 -17.26 -12.50 6.82
C SER A 125 -16.81 -12.35 5.37
N GLY A 126 -17.06 -13.38 4.57
CA GLY A 126 -16.69 -13.35 3.17
C GLY A 126 -17.88 -13.24 2.25
N PRO A 127 -18.36 -11.99 2.06
CA PRO A 127 -19.51 -11.71 1.20
C PRO A 127 -19.18 -11.91 -0.28
N SER A 128 -17.91 -11.79 -0.62
CA SER A 128 -17.46 -11.95 -1.99
C SER A 128 -17.35 -13.43 -2.37
N SER A 129 -17.83 -13.79 -3.55
CA SER A 129 -17.77 -15.17 -4.02
C SER A 129 -16.59 -15.38 -4.95
N GLY A 130 -15.62 -16.18 -4.51
CA GLY A 130 -14.45 -16.46 -5.32
C GLY A 130 -14.03 -15.26 -6.15
N GLY A 1 -11.27 -0.05 22.01
CA GLY A 1 -12.16 -0.39 23.10
C GLY A 1 -11.67 -1.59 23.89
N SER A 2 -12.44 -2.67 23.84
CA SER A 2 -12.08 -3.90 24.57
C SER A 2 -11.50 -4.94 23.61
N SER A 3 -10.41 -5.56 24.02
CA SER A 3 -9.76 -6.57 23.21
C SER A 3 -9.22 -5.97 21.91
N GLY A 4 -8.55 -4.83 22.02
CA GLY A 4 -8.01 -4.17 20.85
C GLY A 4 -6.50 -4.22 20.80
N SER A 5 -5.95 -4.47 19.62
CA SER A 5 -4.51 -4.56 19.45
C SER A 5 -4.06 -3.85 18.17
N SER A 6 -3.35 -2.74 18.32
CA SER A 6 -2.88 -1.98 17.17
C SER A 6 -1.38 -2.18 16.97
N GLY A 7 -0.92 -1.91 15.75
CA GLY A 7 0.50 -2.07 15.45
C GLY A 7 0.83 -1.66 14.03
N LEU A 8 1.65 -0.62 13.89
CA LEU A 8 2.05 -0.13 12.58
C LEU A 8 3.39 -0.71 12.16
N VAL A 9 3.54 -1.00 10.87
CA VAL A 9 4.78 -1.55 10.34
C VAL A 9 5.64 -0.47 9.70
N ARG A 10 5.10 0.17 8.67
CA ARG A 10 5.82 1.22 7.97
C ARG A 10 4.85 2.25 7.38
N GLY A 11 5.41 3.32 6.83
CA GLY A 11 4.57 4.36 6.26
C GLY A 11 5.20 4.99 5.02
N GLY A 12 4.94 6.28 4.81
CA GLY A 12 5.49 6.97 3.66
C GLY A 12 4.41 7.53 2.76
N TRP A 13 4.79 8.52 1.93
CA TRP A 13 3.84 9.14 1.02
C TRP A 13 4.01 8.59 -0.39
N LEU A 14 2.90 8.40 -1.09
CA LEU A 14 2.92 7.88 -2.44
C LEU A 14 1.90 8.61 -3.33
N TRP A 15 2.27 8.83 -4.59
CA TRP A 15 1.38 9.52 -5.52
C TRP A 15 0.40 8.55 -6.16
N ARG A 16 -0.88 8.74 -5.89
CA ARG A 16 -1.93 7.88 -6.43
C ARG A 16 -2.73 8.61 -7.50
N GLN A 17 -3.07 7.89 -8.57
CA GLN A 17 -3.83 8.47 -9.66
C GLN A 17 -5.32 8.20 -9.48
N SER A 18 -6.09 9.28 -9.36
CA SER A 18 -7.54 9.17 -9.18
C SER A 18 -8.17 8.38 -10.33
N SER A 19 -9.48 8.17 -10.23
CA SER A 19 -10.20 7.43 -11.26
C SER A 19 -10.82 8.38 -12.28
N ILE A 20 -11.65 9.29 -11.80
CA ILE A 20 -12.31 10.26 -12.67
C ILE A 20 -11.38 11.42 -13.01
N LEU A 21 -10.58 11.83 -12.04
CA LEU A 21 -9.64 12.93 -12.23
C LEU A 21 -8.36 12.43 -12.91
N ARG A 22 -8.17 11.12 -12.91
CA ARG A 22 -6.99 10.51 -13.52
C ARG A 22 -5.75 11.35 -13.24
N ARG A 23 -5.77 12.10 -12.13
CA ARG A 23 -4.65 12.94 -11.75
C ARG A 23 -3.97 12.39 -10.50
N TRP A 24 -2.65 12.56 -10.43
CA TRP A 24 -1.88 12.09 -9.29
C TRP A 24 -2.21 12.88 -8.03
N LYS A 25 -2.22 12.21 -6.89
CA LYS A 25 -2.52 12.87 -5.62
C LYS A 25 -1.67 12.28 -4.50
N ARG A 26 -1.31 13.12 -3.54
CA ARG A 26 -0.50 12.69 -2.41
C ARG A 26 -1.34 11.91 -1.40
N ASN A 27 -0.90 10.69 -1.10
CA ASN A 27 -1.61 9.84 -0.15
C ASN A 27 -0.64 9.07 0.74
N TRP A 28 -0.89 9.10 2.04
CA TRP A 28 -0.03 8.42 3.00
C TRP A 28 -0.54 7.01 3.27
N PHE A 29 0.15 6.02 2.69
CA PHE A 29 -0.23 4.63 2.87
C PHE A 29 0.56 3.98 4.01
N ALA A 30 -0.13 3.19 4.82
CA ALA A 30 0.51 2.52 5.95
C ALA A 30 0.00 1.08 6.09
N LEU A 31 0.89 0.18 6.48
CA LEU A 31 0.54 -1.22 6.66
C LEU A 31 0.22 -1.52 8.11
N TRP A 32 -0.68 -2.47 8.33
CA TRP A 32 -1.08 -2.86 9.68
C TRP A 32 -0.71 -4.31 9.95
N LEU A 33 -0.56 -4.64 11.23
CA LEU A 33 -0.21 -6.00 11.63
C LEU A 33 -1.33 -6.98 11.30
N ASP A 34 -2.54 -6.44 11.13
CA ASP A 34 -3.70 -7.26 10.80
C ASP A 34 -3.77 -7.53 9.30
N GLY A 35 -2.64 -7.37 8.63
CA GLY A 35 -2.60 -7.60 7.19
C GLY A 35 -3.59 -6.74 6.44
N THR A 36 -3.46 -5.43 6.58
CA THR A 36 -4.36 -4.49 5.91
C THR A 36 -3.62 -3.22 5.51
N LEU A 37 -4.11 -2.56 4.47
CA LEU A 37 -3.50 -1.32 3.98
C LEU A 37 -4.50 -0.18 3.99
N GLY A 38 -4.33 0.75 4.93
CA GLY A 38 -5.22 1.89 5.03
C GLY A 38 -4.51 3.20 4.79
N TYR A 39 -5.07 4.02 3.91
CA TYR A 39 -4.48 5.32 3.59
C TYR A 39 -5.40 6.45 4.01
N TYR A 40 -4.81 7.56 4.44
CA TYR A 40 -5.57 8.72 4.88
C TYR A 40 -5.15 9.97 4.12
N HIS A 41 -5.87 11.07 4.32
CA HIS A 41 -5.56 12.33 3.67
C HIS A 41 -4.20 12.85 4.09
N ASP A 42 -3.93 12.81 5.39
CA ASP A 42 -2.65 13.27 5.92
C ASP A 42 -2.10 12.28 6.94
N GLU A 43 -0.84 12.48 7.32
CA GLU A 43 -0.20 11.59 8.29
C GLU A 43 -1.12 11.31 9.46
N THR A 44 -1.85 12.33 9.90
CA THR A 44 -2.77 12.19 11.02
C THR A 44 -3.91 11.23 10.67
N ALA A 45 -3.70 9.94 10.93
CA ALA A 45 -4.71 8.94 10.65
C ALA A 45 -6.01 9.24 11.39
N GLN A 46 -6.83 10.11 10.79
CA GLN A 46 -8.10 10.49 11.40
C GLN A 46 -9.24 10.24 10.43
N ASP A 47 -9.08 10.68 9.19
CA ASP A 47 -10.11 10.50 8.17
C ASP A 47 -9.74 9.36 7.23
N GLU A 48 -9.85 8.14 7.72
CA GLU A 48 -9.53 6.96 6.92
C GLU A 48 -10.33 6.95 5.62
N GLU A 49 -9.61 7.07 4.50
CA GLU A 49 -10.26 7.08 3.18
C GLU A 49 -10.84 5.70 2.85
N ASP A 50 -10.04 4.67 3.06
CA ASP A 50 -10.47 3.31 2.77
C ASP A 50 -9.51 2.29 3.39
N ARG A 51 -9.85 1.01 3.27
CA ARG A 51 -9.02 -0.05 3.82
C ARG A 51 -9.06 -1.29 2.92
N VAL A 52 -7.89 -1.72 2.47
CA VAL A 52 -7.79 -2.88 1.61
C VAL A 52 -6.94 -3.97 2.25
N VAL A 53 -7.49 -5.18 2.35
CA VAL A 53 -6.77 -6.30 2.94
C VAL A 53 -5.47 -6.57 2.21
N ILE A 54 -4.43 -6.91 2.97
CA ILE A 54 -3.12 -7.18 2.39
C ILE A 54 -2.78 -8.67 2.50
N HIS A 55 -3.13 -9.27 3.62
CA HIS A 55 -2.87 -10.70 3.84
C HIS A 55 -3.53 -11.55 2.77
N PHE A 56 -2.73 -12.33 2.07
CA PHE A 56 -3.23 -13.19 1.00
C PHE A 56 -4.34 -12.51 0.22
N ASN A 57 -4.15 -11.22 -0.05
CA ASN A 57 -5.15 -10.43 -0.78
C ASN A 57 -4.56 -9.92 -2.09
N VAL A 58 -3.28 -9.53 -2.06
CA VAL A 58 -2.62 -9.02 -3.25
C VAL A 58 -2.44 -10.12 -4.30
N ARG A 59 -2.98 -9.87 -5.49
CA ARG A 59 -2.88 -10.83 -6.58
C ARG A 59 -1.58 -10.68 -7.34
N ASP A 60 -1.12 -9.43 -7.46
CA ASP A 60 0.13 -9.14 -8.17
C ASP A 60 0.52 -7.68 -8.00
N ILE A 61 1.79 -7.38 -8.24
CA ILE A 61 2.30 -6.02 -8.11
C ILE A 61 3.30 -5.70 -9.21
N LYS A 62 3.07 -4.59 -9.91
CA LYS A 62 3.95 -4.18 -10.99
C LYS A 62 4.71 -2.91 -10.61
N VAL A 63 5.79 -2.63 -11.33
CA VAL A 63 6.61 -1.45 -11.07
C VAL A 63 7.23 -0.92 -12.35
N GLY A 64 7.45 0.39 -12.40
CA GLY A 64 8.06 1.00 -13.58
C GLY A 64 7.26 0.72 -14.84
N GLN A 65 7.96 0.35 -15.90
CA GLN A 65 7.32 0.06 -17.18
C GLN A 65 6.11 -0.86 -16.98
N GLU A 66 6.32 -1.96 -16.26
CA GLU A 66 5.25 -2.91 -16.00
C GLU A 66 3.93 -2.20 -15.72
N CYS A 67 4.02 -0.96 -15.25
CA CYS A 67 2.84 -0.17 -14.95
C CYS A 67 1.80 -0.29 -16.06
N GLN A 68 0.58 0.16 -15.78
CA GLN A 68 -0.50 0.10 -16.75
C GLN A 68 -0.48 1.30 -17.68
N ASP A 69 0.52 1.34 -18.56
CA ASP A 69 0.66 2.44 -19.51
C ASP A 69 0.30 3.78 -18.85
N VAL A 70 0.67 3.92 -17.58
CA VAL A 70 0.38 5.14 -16.84
C VAL A 70 1.64 6.01 -16.71
N GLN A 71 1.48 7.31 -16.95
CA GLN A 71 2.60 8.24 -16.86
C GLN A 71 2.73 8.79 -15.45
N PRO A 72 3.99 8.93 -14.98
CA PRO A 72 4.28 9.44 -13.64
C PRO A 72 3.97 10.93 -13.52
N PRO A 73 3.75 11.38 -12.27
CA PRO A 73 3.43 12.78 -11.98
C PRO A 73 4.64 13.70 -12.21
N GLU A 74 4.35 14.93 -12.65
CA GLU A 74 5.40 15.90 -12.92
C GLU A 74 6.48 15.84 -11.83
N GLY A 75 7.74 15.70 -12.26
CA GLY A 75 8.84 15.64 -11.32
C GLY A 75 9.32 14.22 -11.09
N ARG A 76 8.45 13.37 -10.55
CA ARG A 76 8.80 11.98 -10.29
C ARG A 76 9.28 11.29 -11.55
N SER A 77 9.74 10.05 -11.41
CA SER A 77 10.24 9.28 -12.54
C SER A 77 9.29 8.13 -12.87
N ARG A 78 9.58 7.43 -13.96
CA ARG A 78 8.76 6.30 -14.38
C ARG A 78 9.04 5.07 -13.53
N ASP A 79 10.28 4.93 -13.10
CA ASP A 79 10.69 3.79 -12.28
C ASP A 79 10.02 3.85 -10.91
N GLY A 80 9.36 4.97 -10.62
CA GLY A 80 8.70 5.14 -9.34
C GLY A 80 7.32 4.51 -9.33
N LEU A 81 6.75 4.32 -10.52
CA LEU A 81 5.41 3.73 -10.64
C LEU A 81 5.31 2.44 -9.83
N LEU A 82 4.14 2.19 -9.27
CA LEU A 82 3.90 0.98 -8.48
C LEU A 82 2.42 0.69 -8.34
N THR A 83 1.96 -0.36 -8.99
CA THR A 83 0.55 -0.74 -8.95
C THR A 83 0.36 -2.05 -8.19
N VAL A 84 -0.73 -2.16 -7.46
CA VAL A 84 -1.04 -3.36 -6.68
C VAL A 84 -2.40 -3.93 -7.05
N ASN A 85 -2.47 -5.24 -7.21
CA ASN A 85 -3.73 -5.90 -7.57
C ASN A 85 -4.35 -6.57 -6.35
N LEU A 86 -5.66 -6.40 -6.20
CA LEU A 86 -6.38 -6.99 -5.07
C LEU A 86 -7.19 -8.20 -5.52
N ARG A 87 -7.23 -9.22 -4.67
CA ARG A 87 -7.97 -10.44 -4.98
C ARG A 87 -9.47 -10.15 -5.12
N GLU A 88 -9.94 -9.14 -4.39
CA GLU A 88 -11.35 -8.77 -4.45
C GLU A 88 -11.77 -8.45 -5.89
N GLY A 89 -10.95 -7.67 -6.57
CA GLY A 89 -11.26 -7.30 -7.95
C GLY A 89 -11.04 -5.82 -8.22
N SER A 90 -9.84 -5.35 -7.92
CA SER A 90 -9.51 -3.95 -8.13
C SER A 90 -7.99 -3.74 -8.13
N ARG A 91 -7.56 -2.57 -8.62
CA ARG A 91 -6.13 -2.26 -8.68
C ARG A 91 -5.83 -0.97 -7.93
N LEU A 92 -4.57 -0.79 -7.54
CA LEU A 92 -4.16 0.41 -6.81
C LEU A 92 -2.98 1.08 -7.51
N HIS A 93 -3.27 2.15 -8.24
CA HIS A 93 -2.24 2.88 -8.96
C HIS A 93 -1.51 3.84 -8.03
N LEU A 94 -0.21 3.62 -7.85
CA LEU A 94 0.61 4.47 -6.99
C LEU A 94 1.95 4.79 -7.64
N CYS A 95 2.63 5.80 -7.12
CA CYS A 95 3.93 6.21 -7.65
C CYS A 95 4.82 6.75 -6.54
N ALA A 96 6.02 6.19 -6.43
CA ALA A 96 6.97 6.62 -5.41
C ALA A 96 7.92 7.68 -5.96
N GLU A 97 8.74 8.25 -5.08
CA GLU A 97 9.70 9.27 -5.48
C GLU A 97 10.89 8.64 -6.20
N THR A 98 11.44 7.57 -5.61
CA THR A 98 12.58 6.89 -6.19
C THR A 98 12.28 5.41 -6.40
N ARG A 99 13.12 4.74 -7.19
CA ARG A 99 12.95 3.32 -7.47
C ARG A 99 13.23 2.49 -6.22
N ASP A 100 13.81 3.12 -5.21
CA ASP A 100 14.13 2.43 -3.96
C ASP A 100 12.88 2.21 -3.12
N ASP A 101 12.15 3.29 -2.86
CA ASP A 101 10.93 3.23 -2.07
C ASP A 101 9.92 2.28 -2.71
N ALA A 102 9.86 2.30 -4.04
CA ALA A 102 8.93 1.45 -4.78
C ALA A 102 9.17 -0.02 -4.46
N ILE A 103 10.42 -0.45 -4.56
CA ILE A 103 10.78 -1.84 -4.29
C ILE A 103 10.42 -2.22 -2.85
N ALA A 104 10.77 -1.35 -1.91
CA ALA A 104 10.48 -1.59 -0.50
C ALA A 104 9.01 -1.97 -0.31
N TRP A 105 8.13 -1.25 -0.96
CA TRP A 105 6.69 -1.50 -0.85
C TRP A 105 6.34 -2.83 -1.50
N LYS A 106 6.89 -3.08 -2.68
CA LYS A 106 6.62 -4.31 -3.41
C LYS A 106 6.99 -5.54 -2.57
N THR A 107 8.12 -5.45 -1.88
CA THR A 107 8.59 -6.54 -1.04
C THR A 107 7.77 -6.63 0.25
N ALA A 108 7.57 -5.48 0.89
CA ALA A 108 6.80 -5.42 2.13
C ALA A 108 5.37 -5.88 1.91
N LEU A 109 4.85 -5.67 0.70
CA LEU A 109 3.49 -6.08 0.37
C LEU A 109 3.45 -7.54 -0.07
N MET A 110 4.24 -7.87 -1.08
CA MET A 110 4.29 -9.24 -1.60
C MET A 110 4.52 -10.23 -0.46
N GLU A 111 5.27 -9.81 0.55
CA GLU A 111 5.56 -10.67 1.69
C GLU A 111 4.34 -10.83 2.58
N ALA A 112 3.89 -9.72 3.18
CA ALA A 112 2.72 -9.74 4.04
C ALA A 112 1.55 -10.47 3.39
N ASN A 113 1.46 -10.36 2.06
CA ASN A 113 0.39 -11.00 1.31
C ASN A 113 0.54 -12.52 1.35
N SER A 114 1.79 -12.99 1.32
CA SER A 114 2.07 -14.42 1.35
C SER A 114 2.87 -14.79 2.59
N THR A 115 2.54 -14.14 3.71
CA THR A 115 3.22 -14.42 4.98
C THR A 115 2.31 -14.12 6.16
N PRO A 116 1.80 -15.19 6.79
CA PRO A 116 0.91 -15.07 7.95
C PRO A 116 1.64 -14.56 9.19
N ALA A 117 0.88 -14.31 10.25
CA ALA A 117 1.45 -13.81 11.50
C ALA A 117 1.38 -14.87 12.60
N PRO A 118 2.38 -15.77 12.62
CA PRO A 118 2.45 -16.85 13.62
C PRO A 118 2.75 -16.33 15.01
N ALA A 119 1.69 -15.96 15.74
CA ALA A 119 1.83 -15.45 17.10
C ALA A 119 0.52 -15.52 17.86
N GLY A 120 0.55 -16.17 19.02
CA GLY A 120 -0.65 -16.30 19.83
C GLY A 120 -0.35 -16.72 21.26
N ALA A 121 0.41 -15.89 21.96
CA ALA A 121 0.77 -16.18 23.35
C ALA A 121 -0.47 -16.51 24.17
N THR A 122 -0.26 -17.24 25.27
CA THR A 122 -1.36 -17.63 26.15
C THR A 122 -1.71 -16.50 27.11
N VAL A 123 -0.68 -15.82 27.63
CA VAL A 123 -0.88 -14.72 28.56
C VAL A 123 -1.28 -13.44 27.83
N PRO A 124 -2.36 -12.82 28.30
CA PRO A 124 -2.88 -11.58 27.71
C PRO A 124 -1.96 -10.39 27.96
N SER A 125 -1.53 -9.74 26.88
CA SER A 125 -0.64 -8.58 26.98
C SER A 125 -1.22 -7.39 26.23
N GLY A 126 -0.89 -6.19 26.69
CA GLY A 126 -1.38 -4.99 26.06
C GLY A 126 -0.41 -3.82 26.20
N PRO A 127 -0.32 -2.99 25.15
CA PRO A 127 0.56 -1.83 25.14
C PRO A 127 0.09 -0.73 26.09
N SER A 128 0.57 -0.78 27.32
CA SER A 128 0.19 0.21 28.33
C SER A 128 1.28 1.27 28.48
N SER A 129 1.10 2.39 27.78
CA SER A 129 2.07 3.47 27.84
C SER A 129 1.54 4.63 28.68
N GLY A 130 2.36 5.08 29.63
CA GLY A 130 1.95 6.17 30.49
C GLY A 130 2.31 5.93 31.95
N GLY A 1 13.17 -3.05 9.04
CA GLY A 1 13.05 -1.69 9.53
C GLY A 1 13.95 -1.42 10.72
N SER A 2 13.35 -1.23 11.89
CA SER A 2 14.11 -0.97 13.11
C SER A 2 13.24 -1.16 14.35
N SER A 3 13.89 -1.47 15.47
CA SER A 3 13.17 -1.69 16.72
C SER A 3 11.87 -2.44 16.47
N GLY A 4 11.93 -3.47 15.65
CA GLY A 4 10.75 -4.26 15.34
C GLY A 4 9.57 -3.40 14.94
N SER A 5 8.47 -4.05 14.59
CA SER A 5 7.26 -3.34 14.18
C SER A 5 6.15 -3.48 15.22
N SER A 6 5.67 -2.35 15.73
CA SER A 6 4.62 -2.36 16.73
C SER A 6 3.30 -1.86 16.14
N GLY A 7 2.51 -2.79 15.62
CA GLY A 7 1.23 -2.42 15.02
C GLY A 7 1.36 -1.96 13.59
N LEU A 8 2.24 -0.99 13.37
CA LEU A 8 2.46 -0.46 12.02
C LEU A 8 3.77 -0.99 11.43
N VAL A 9 3.71 -1.43 10.18
CA VAL A 9 4.88 -1.96 9.50
C VAL A 9 5.70 -0.84 8.87
N ARG A 10 5.07 -0.06 8.01
CA ARG A 10 5.74 1.04 7.33
C ARG A 10 4.72 1.98 6.69
N GLY A 11 5.07 3.27 6.64
CA GLY A 11 4.18 4.25 6.05
C GLY A 11 4.92 5.33 5.28
N GLY A 12 4.41 5.69 4.11
CA GLY A 12 5.05 6.71 3.31
C GLY A 12 4.12 7.30 2.27
N TRP A 13 4.32 8.57 1.94
CA TRP A 13 3.49 9.24 0.94
C TRP A 13 3.74 8.68 -0.45
N LEU A 14 2.67 8.58 -1.24
CA LEU A 14 2.78 8.06 -2.60
C LEU A 14 1.70 8.66 -3.49
N TRP A 15 2.08 8.99 -4.72
CA TRP A 15 1.14 9.57 -5.68
C TRP A 15 0.19 8.51 -6.22
N ARG A 16 -1.11 8.75 -6.05
CA ARG A 16 -2.13 7.81 -6.53
C ARG A 16 -3.03 8.47 -7.57
N GLN A 17 -3.37 7.72 -8.60
CA GLN A 17 -4.23 8.23 -9.67
C GLN A 17 -5.70 8.08 -9.29
N SER A 18 -6.52 9.05 -9.72
CA SER A 18 -7.94 9.02 -9.42
C SER A 18 -8.61 7.84 -10.11
N SER A 19 -9.93 7.74 -9.97
CA SER A 19 -10.70 6.66 -10.57
C SER A 19 -10.82 6.86 -12.08
N ILE A 20 -11.57 7.88 -12.48
CA ILE A 20 -11.77 8.18 -13.89
C ILE A 20 -11.37 9.62 -14.21
N LEU A 21 -10.36 10.12 -13.51
CA LEU A 21 -9.87 11.47 -13.72
C LEU A 21 -8.40 11.48 -14.14
N ARG A 22 -7.73 10.33 -13.94
CA ARG A 22 -6.33 10.21 -14.30
C ARG A 22 -5.51 11.36 -13.72
N ARG A 23 -5.70 11.61 -12.43
CA ARG A 23 -4.98 12.69 -11.75
C ARG A 23 -4.24 12.17 -10.53
N TRP A 24 -2.94 12.47 -10.46
CA TRP A 24 -2.12 12.02 -9.34
C TRP A 24 -2.42 12.83 -8.08
N LYS A 25 -2.62 12.15 -6.96
CA LYS A 25 -2.91 12.80 -5.70
C LYS A 25 -1.93 12.36 -4.62
N ARG A 26 -1.67 13.25 -3.67
CA ARG A 26 -0.75 12.96 -2.57
C ARG A 26 -1.50 12.39 -1.37
N ASN A 27 -1.15 11.16 -0.99
CA ASN A 27 -1.79 10.50 0.15
C ASN A 27 -0.76 9.75 0.98
N TRP A 28 -1.18 9.28 2.15
CA TRP A 28 -0.30 8.55 3.05
C TRP A 28 -0.76 7.10 3.19
N PHE A 29 0.09 6.18 2.76
CA PHE A 29 -0.22 4.75 2.84
C PHE A 29 0.59 4.07 3.94
N ALA A 30 -0.09 3.31 4.79
CA ALA A 30 0.58 2.61 5.88
C ALA A 30 0.02 1.19 6.04
N LEU A 31 0.91 0.23 6.24
CA LEU A 31 0.51 -1.16 6.39
C LEU A 31 0.39 -1.52 7.88
N TRP A 32 -0.55 -2.41 8.18
CA TRP A 32 -0.77 -2.84 9.56
C TRP A 32 -0.39 -4.30 9.74
N LEU A 33 -0.23 -4.71 10.99
CA LEU A 33 0.13 -6.09 11.31
C LEU A 33 -1.02 -7.04 11.04
N ASP A 34 -2.23 -6.50 11.01
CA ASP A 34 -3.43 -7.30 10.76
C ASP A 34 -3.60 -7.57 9.27
N GLY A 35 -2.57 -7.26 8.50
CA GLY A 35 -2.62 -7.48 7.06
C GLY A 35 -3.68 -6.62 6.39
N THR A 36 -3.58 -5.30 6.58
CA THR A 36 -4.53 -4.36 6.00
C THR A 36 -3.83 -3.09 5.52
N LEU A 37 -4.20 -2.63 4.33
CA LEU A 37 -3.61 -1.42 3.77
C LEU A 37 -4.59 -0.27 3.81
N GLY A 38 -4.34 0.69 4.70
CA GLY A 38 -5.22 1.84 4.81
C GLY A 38 -4.51 3.14 4.53
N TYR A 39 -5.19 4.06 3.86
CA TYR A 39 -4.62 5.35 3.50
C TYR A 39 -5.47 6.50 4.05
N TYR A 40 -4.81 7.54 4.53
CA TYR A 40 -5.50 8.70 5.09
C TYR A 40 -5.08 9.98 4.38
N HIS A 41 -5.91 11.01 4.49
CA HIS A 41 -5.63 12.29 3.85
C HIS A 41 -4.28 12.84 4.33
N ASP A 42 -4.07 12.78 5.64
CA ASP A 42 -2.81 13.27 6.22
C ASP A 42 -1.91 12.12 6.61
N GLU A 43 -0.63 12.43 6.82
CA GLU A 43 0.35 11.41 7.19
C GLU A 43 -0.16 10.56 8.36
N THR A 44 -0.83 11.22 9.30
CA THR A 44 -1.37 10.53 10.47
C THR A 44 -2.75 9.95 10.18
N ALA A 45 -3.35 9.32 11.18
CA ALA A 45 -4.67 8.74 11.04
C ALA A 45 -5.72 9.56 11.78
N GLN A 46 -6.39 10.45 11.04
CA GLN A 46 -7.43 11.30 11.62
C GLN A 46 -8.74 11.16 10.87
N ASP A 47 -8.66 11.20 9.54
CA ASP A 47 -9.84 11.08 8.70
C ASP A 47 -9.76 9.83 7.81
N GLU A 48 -9.95 8.67 8.43
CA GLU A 48 -9.90 7.41 7.70
C GLU A 48 -10.57 7.53 6.33
N GLU A 49 -9.89 7.06 5.29
CA GLU A 49 -10.41 7.13 3.93
C GLU A 49 -10.95 5.77 3.49
N ASP A 50 -10.09 4.75 3.58
CA ASP A 50 -10.47 3.40 3.18
C ASP A 50 -9.47 2.38 3.71
N ARG A 51 -9.77 1.10 3.51
CA ARG A 51 -8.90 0.02 3.96
C ARG A 51 -9.08 -1.23 3.13
N VAL A 52 -8.00 -1.69 2.51
CA VAL A 52 -8.05 -2.88 1.67
C VAL A 52 -7.22 -4.02 2.27
N VAL A 53 -7.85 -5.18 2.40
CA VAL A 53 -7.17 -6.35 2.96
C VAL A 53 -5.90 -6.67 2.19
N ILE A 54 -4.84 -6.99 2.92
CA ILE A 54 -3.56 -7.33 2.30
C ILE A 54 -3.27 -8.83 2.41
N HIS A 55 -3.61 -9.40 3.55
CA HIS A 55 -3.40 -10.83 3.79
C HIS A 55 -3.87 -11.65 2.59
N PHE A 56 -2.93 -12.34 1.94
CA PHE A 56 -3.26 -13.16 0.79
C PHE A 56 -4.34 -12.51 -0.07
N ASN A 57 -4.23 -11.20 -0.25
CA ASN A 57 -5.20 -10.45 -1.03
C ASN A 57 -4.50 -9.63 -2.11
N VAL A 58 -3.24 -9.97 -2.39
CA VAL A 58 -2.47 -9.27 -3.41
C VAL A 58 -2.20 -10.16 -4.61
N ARG A 59 -2.95 -9.92 -5.68
CA ARG A 59 -2.80 -10.71 -6.91
C ARG A 59 -1.39 -10.58 -7.46
N ASP A 60 -0.99 -9.36 -7.79
CA ASP A 60 0.35 -9.11 -8.33
C ASP A 60 0.71 -7.62 -8.20
N ILE A 61 1.99 -7.36 -7.94
CA ILE A 61 2.47 -6.00 -7.80
C ILE A 61 3.48 -5.65 -8.89
N LYS A 62 3.17 -4.61 -9.66
CA LYS A 62 4.06 -4.17 -10.73
C LYS A 62 4.83 -2.92 -10.33
N VAL A 63 5.99 -2.72 -10.96
CA VAL A 63 6.83 -1.57 -10.67
C VAL A 63 7.60 -1.12 -11.89
N GLY A 64 7.58 0.18 -12.16
CA GLY A 64 8.30 0.72 -13.31
C GLY A 64 7.60 0.40 -14.62
N GLN A 65 8.33 -0.22 -15.54
CA GLN A 65 7.77 -0.59 -16.84
C GLN A 65 6.56 -1.50 -16.68
N GLU A 66 6.71 -2.52 -15.85
CA GLU A 66 5.64 -3.48 -15.61
C GLU A 66 4.28 -2.78 -15.64
N CYS A 67 4.19 -1.64 -14.98
CA CYS A 67 2.96 -0.87 -14.92
C CYS A 67 2.27 -0.83 -16.28
N GLN A 68 0.96 -0.67 -16.28
CA GLN A 68 0.20 -0.61 -17.53
C GLN A 68 0.44 0.69 -18.27
N ASP A 69 1.56 0.75 -19.00
CA ASP A 69 1.91 1.95 -19.75
C ASP A 69 1.48 3.21 -19.01
N VAL A 70 1.61 3.19 -17.69
CA VAL A 70 1.23 4.32 -16.86
C VAL A 70 2.25 5.46 -16.98
N GLN A 71 1.76 6.68 -17.08
CA GLN A 71 2.63 7.85 -17.21
C GLN A 71 2.90 8.47 -15.85
N PRO A 72 4.19 8.70 -15.55
CA PRO A 72 4.62 9.29 -14.28
C PRO A 72 4.22 10.76 -14.16
N PRO A 73 3.96 11.20 -12.93
CA PRO A 73 3.57 12.60 -12.66
C PRO A 73 4.72 13.57 -12.86
N GLU A 74 4.56 14.78 -12.32
CA GLU A 74 5.60 15.80 -12.43
C GLU A 74 6.75 15.53 -11.48
N GLY A 75 7.97 15.57 -11.99
CA GLY A 75 9.14 15.33 -11.17
C GLY A 75 9.54 13.86 -11.15
N ARG A 76 8.60 12.99 -10.80
CA ARG A 76 8.88 11.56 -10.75
C ARG A 76 9.28 11.03 -12.11
N SER A 77 9.64 9.75 -12.17
CA SER A 77 10.06 9.12 -13.42
C SER A 77 9.40 7.75 -13.59
N ARG A 78 9.74 7.07 -14.67
CA ARG A 78 9.19 5.76 -14.96
C ARG A 78 9.84 4.70 -14.06
N ASP A 79 10.77 5.13 -13.22
CA ASP A 79 11.46 4.22 -12.32
C ASP A 79 10.91 4.34 -10.90
N GLY A 80 9.74 4.95 -10.78
CA GLY A 80 9.11 5.11 -9.48
C GLY A 80 7.70 4.55 -9.43
N LEU A 81 7.08 4.43 -10.60
CA LEU A 81 5.72 3.90 -10.68
C LEU A 81 5.57 2.64 -9.85
N LEU A 82 4.36 2.37 -9.39
CA LEU A 82 4.07 1.19 -8.59
C LEU A 82 2.58 0.90 -8.53
N THR A 83 2.16 -0.20 -9.14
CA THR A 83 0.77 -0.59 -9.16
C THR A 83 0.55 -1.92 -8.44
N VAL A 84 -0.51 -1.99 -7.65
CA VAL A 84 -0.82 -3.21 -6.90
C VAL A 84 -2.17 -3.79 -7.35
N ASN A 85 -2.30 -5.11 -7.26
CA ASN A 85 -3.53 -5.78 -7.65
C ASN A 85 -4.13 -6.55 -6.47
N LEU A 86 -5.42 -6.33 -6.23
CA LEU A 86 -6.11 -7.00 -5.13
C LEU A 86 -7.01 -8.11 -5.65
N ARG A 87 -7.20 -9.15 -4.84
CA ARG A 87 -8.03 -10.28 -5.22
C ARG A 87 -9.51 -9.88 -5.21
N GLU A 88 -9.85 -8.90 -4.38
CA GLU A 88 -11.22 -8.44 -4.27
C GLU A 88 -11.72 -7.89 -5.61
N GLY A 89 -10.80 -7.64 -6.52
CA GLY A 89 -11.16 -7.12 -7.83
C GLY A 89 -10.92 -5.63 -7.96
N SER A 90 -9.69 -5.21 -7.65
CA SER A 90 -9.33 -3.80 -7.73
C SER A 90 -7.82 -3.62 -7.62
N ARG A 91 -7.31 -2.60 -8.32
CA ARG A 91 -5.88 -2.32 -8.30
C ARG A 91 -5.60 -0.96 -7.66
N LEU A 92 -4.32 -0.68 -7.42
CA LEU A 92 -3.92 0.58 -6.81
C LEU A 92 -2.77 1.22 -7.57
N HIS A 93 -3.08 2.23 -8.36
CA HIS A 93 -2.08 2.93 -9.15
C HIS A 93 -1.29 3.92 -8.28
N LEU A 94 -0.13 3.49 -7.82
CA LEU A 94 0.71 4.33 -6.97
C LEU A 94 2.03 4.67 -7.68
N CYS A 95 2.72 5.67 -7.16
CA CYS A 95 4.00 6.09 -7.74
C CYS A 95 4.95 6.60 -6.66
N ALA A 96 6.11 5.97 -6.55
CA ALA A 96 7.11 6.37 -5.56
C ALA A 96 8.02 7.47 -6.10
N GLU A 97 8.91 7.96 -5.25
CA GLU A 97 9.85 9.01 -5.65
C GLU A 97 11.14 8.41 -6.20
N THR A 98 11.51 7.25 -5.69
CA THR A 98 12.72 6.57 -6.13
C THR A 98 12.48 5.07 -6.29
N ARG A 99 13.36 4.42 -7.06
CA ARG A 99 13.25 2.98 -7.30
C ARG A 99 13.38 2.21 -5.99
N ASP A 100 14.31 2.63 -5.15
CA ASP A 100 14.54 1.97 -3.87
C ASP A 100 13.26 1.91 -3.06
N ASP A 101 12.63 3.07 -2.86
CA ASP A 101 11.39 3.14 -2.10
C ASP A 101 10.32 2.22 -2.69
N ALA A 102 10.18 2.27 -4.01
CA ALA A 102 9.19 1.44 -4.70
C ALA A 102 9.37 -0.03 -4.33
N ILE A 103 10.56 -0.55 -4.59
CA ILE A 103 10.86 -1.95 -4.29
C ILE A 103 10.44 -2.31 -2.87
N ALA A 104 10.78 -1.45 -1.92
CA ALA A 104 10.43 -1.67 -0.52
C ALA A 104 8.97 -2.07 -0.38
N TRP A 105 8.08 -1.24 -0.92
CA TRP A 105 6.64 -1.50 -0.86
C TRP A 105 6.31 -2.86 -1.44
N LYS A 106 6.88 -3.15 -2.61
CA LYS A 106 6.65 -4.42 -3.29
C LYS A 106 6.93 -5.60 -2.35
N THR A 107 8.06 -5.54 -1.66
CA THR A 107 8.45 -6.60 -0.73
C THR A 107 7.58 -6.57 0.52
N ALA A 108 7.28 -5.37 1.00
CA ALA A 108 6.46 -5.20 2.19
C ALA A 108 5.05 -5.75 1.97
N LEU A 109 4.58 -5.66 0.73
CA LEU A 109 3.25 -6.15 0.39
C LEU A 109 3.29 -7.62 0.00
N MET A 110 4.24 -7.97 -0.87
CA MET A 110 4.38 -9.35 -1.33
C MET A 110 4.57 -10.29 -0.14
N GLU A 111 5.33 -9.84 0.86
CA GLU A 111 5.59 -10.64 2.05
C GLU A 111 4.31 -10.87 2.85
N ALA A 112 3.71 -9.78 3.33
CA ALA A 112 2.48 -9.86 4.10
C ALA A 112 1.42 -10.66 3.36
N ASN A 113 1.30 -10.41 2.06
CA ASN A 113 0.33 -11.10 1.23
C ASN A 113 0.55 -12.62 1.28
N SER A 114 1.80 -13.02 1.40
CA SER A 114 2.15 -14.44 1.46
C SER A 114 2.89 -14.77 2.75
N THR A 115 2.39 -14.25 3.86
CA THR A 115 3.00 -14.48 5.16
C THR A 115 2.07 -14.07 6.29
N PRO A 116 1.57 -15.06 7.05
CA PRO A 116 0.66 -14.82 8.18
C PRO A 116 1.36 -14.15 9.34
N ALA A 117 0.57 -13.67 10.30
CA ALA A 117 1.10 -13.01 11.48
C ALA A 117 1.46 -14.02 12.57
N PRO A 118 2.58 -13.77 13.27
CA PRO A 118 3.05 -14.64 14.34
C PRO A 118 2.16 -14.59 15.58
N ALA A 119 1.20 -13.67 15.57
CA ALA A 119 0.27 -13.51 16.67
C ALA A 119 -1.13 -13.96 16.29
N GLY A 120 -1.94 -14.28 17.29
CA GLY A 120 -3.31 -14.71 17.03
C GLY A 120 -4.27 -14.24 18.09
N ALA A 121 -4.53 -12.94 18.12
CA ALA A 121 -5.45 -12.37 19.09
C ALA A 121 -6.78 -13.10 19.10
N THR A 122 -7.48 -13.06 17.97
CA THR A 122 -8.76 -13.73 17.83
C THR A 122 -8.60 -15.24 17.75
N VAL A 123 -9.52 -15.96 18.38
CA VAL A 123 -9.48 -17.42 18.38
C VAL A 123 -9.28 -17.96 16.97
N PRO A 124 -8.43 -18.99 16.84
CA PRO A 124 -8.14 -19.62 15.56
C PRO A 124 -9.32 -20.41 15.01
N SER A 125 -9.45 -20.42 13.68
CA SER A 125 -10.55 -21.13 13.03
C SER A 125 -10.52 -22.62 13.39
N GLY A 126 -11.57 -23.33 13.01
CA GLY A 126 -11.65 -24.75 13.30
C GLY A 126 -10.46 -25.51 12.76
N PRO A 127 -10.28 -26.75 13.23
CA PRO A 127 -9.17 -27.62 12.80
C PRO A 127 -9.32 -28.07 11.36
N SER A 128 -10.45 -27.73 10.74
CA SER A 128 -10.70 -28.10 9.36
C SER A 128 -9.42 -28.05 8.53
N SER A 129 -8.79 -26.88 8.51
CA SER A 129 -7.55 -26.70 7.75
C SER A 129 -6.40 -27.46 8.40
N GLY A 130 -5.81 -28.38 7.64
CA GLY A 130 -4.71 -29.16 8.15
C GLY A 130 -4.91 -29.58 9.59
N GLY A 1 14.68 -0.44 25.07
CA GLY A 1 13.66 -0.59 24.04
C GLY A 1 12.41 0.19 24.34
N SER A 2 11.27 -0.29 23.82
CA SER A 2 10.00 0.38 24.04
C SER A 2 8.84 -0.47 23.52
N SER A 3 7.86 -0.72 24.38
CA SER A 3 6.71 -1.52 24.00
C SER A 3 5.41 -0.73 24.19
N GLY A 4 4.30 -1.29 23.70
CA GLY A 4 3.02 -0.62 23.82
C GLY A 4 2.81 0.43 22.75
N SER A 5 2.57 -0.01 21.53
CA SER A 5 2.35 0.91 20.41
C SER A 5 1.68 0.20 19.25
N SER A 6 1.03 0.99 18.38
CA SER A 6 0.34 0.43 17.23
C SER A 6 1.28 -0.45 16.41
N GLY A 7 0.71 -1.45 15.72
CA GLY A 7 1.50 -2.35 14.92
C GLY A 7 1.60 -1.90 13.47
N LEU A 8 2.55 -1.01 13.18
CA LEU A 8 2.73 -0.50 11.83
C LEU A 8 4.02 -1.03 11.22
N VAL A 9 3.98 -1.38 9.93
CA VAL A 9 5.15 -1.89 9.24
C VAL A 9 5.85 -0.79 8.45
N ARG A 10 5.13 -0.21 7.50
CA ARG A 10 5.69 0.86 6.67
C ARG A 10 4.69 2.00 6.51
N GLY A 11 5.20 3.22 6.46
CA GLY A 11 4.33 4.38 6.30
C GLY A 11 5.02 5.53 5.58
N GLY A 12 4.62 5.76 4.33
CA GLY A 12 5.22 6.83 3.55
C GLY A 12 4.24 7.45 2.58
N TRP A 13 4.56 8.65 2.10
CA TRP A 13 3.69 9.34 1.15
C TRP A 13 3.90 8.82 -0.26
N LEU A 14 2.81 8.56 -0.96
CA LEU A 14 2.86 8.04 -2.33
C LEU A 14 1.78 8.68 -3.19
N TRP A 15 2.14 9.01 -4.42
CA TRP A 15 1.18 9.62 -5.35
C TRP A 15 0.22 8.58 -5.91
N ARG A 16 -1.07 8.78 -5.64
CA ARG A 16 -2.10 7.85 -6.11
C ARG A 16 -2.95 8.49 -7.20
N GLN A 17 -3.44 7.67 -8.12
CA GLN A 17 -4.27 8.16 -9.21
C GLN A 17 -5.71 7.67 -9.08
N SER A 18 -6.59 8.55 -8.66
CA SER A 18 -8.00 8.21 -8.47
C SER A 18 -8.55 7.53 -9.73
N SER A 19 -9.80 7.09 -9.65
CA SER A 19 -10.45 6.41 -10.77
C SER A 19 -11.57 7.27 -11.35
N ILE A 20 -12.05 8.22 -10.54
CA ILE A 20 -13.12 9.11 -10.98
C ILE A 20 -12.56 10.41 -11.55
N LEU A 21 -11.51 10.92 -10.91
CA LEU A 21 -10.88 12.15 -11.35
C LEU A 21 -9.69 11.86 -12.26
N ARG A 22 -9.17 10.65 -12.16
CA ARG A 22 -8.02 10.24 -12.99
C ARG A 22 -6.87 11.24 -12.85
N ARG A 23 -6.52 11.58 -11.61
CA ARG A 23 -5.44 12.52 -11.36
C ARG A 23 -4.58 12.06 -10.18
N TRP A 24 -3.32 12.45 -10.20
CA TRP A 24 -2.39 12.07 -9.14
C TRP A 24 -2.59 12.95 -7.91
N LYS A 25 -2.36 12.37 -6.73
CA LYS A 25 -2.52 13.10 -5.48
C LYS A 25 -1.64 12.50 -4.39
N ARG A 26 -1.08 13.35 -3.54
CA ARG A 26 -0.22 12.91 -2.45
C ARG A 26 -1.05 12.29 -1.32
N ASN A 27 -0.75 11.04 -0.99
CA ASN A 27 -1.46 10.33 0.07
C ASN A 27 -0.48 9.61 1.00
N TRP A 28 -0.91 9.37 2.22
CA TRP A 28 -0.08 8.69 3.21
C TRP A 28 -0.58 7.26 3.45
N PHE A 29 0.16 6.29 2.92
CA PHE A 29 -0.21 4.89 3.07
C PHE A 29 0.55 4.25 4.23
N ALA A 30 -0.14 3.40 4.98
CA ALA A 30 0.46 2.72 6.12
C ALA A 30 -0.05 1.29 6.25
N LEU A 31 0.87 0.34 6.34
CA LEU A 31 0.51 -1.07 6.46
C LEU A 31 0.41 -1.48 7.93
N TRP A 32 -0.60 -2.27 8.24
CA TRP A 32 -0.81 -2.74 9.62
C TRP A 32 -0.41 -4.20 9.76
N LEU A 33 -0.24 -4.64 11.00
CA LEU A 33 0.13 -6.03 11.27
C LEU A 33 -1.05 -6.96 11.11
N ASP A 34 -2.24 -6.46 11.43
CA ASP A 34 -3.46 -7.25 11.32
C ASP A 34 -3.64 -7.79 9.90
N GLY A 35 -2.99 -7.12 8.94
CA GLY A 35 -3.10 -7.55 7.56
C GLY A 35 -4.04 -6.67 6.75
N THR A 36 -3.98 -5.37 6.98
CA THR A 36 -4.84 -4.42 6.27
C THR A 36 -4.04 -3.23 5.77
N LEU A 37 -4.55 -2.58 4.73
CA LEU A 37 -3.88 -1.42 4.15
C LEU A 37 -4.84 -0.22 4.09
N GLY A 38 -4.49 0.84 4.82
CA GLY A 38 -5.32 2.03 4.82
C GLY A 38 -4.56 3.28 4.44
N TYR A 39 -5.18 4.14 3.64
CA TYR A 39 -4.54 5.37 3.20
C TYR A 39 -5.38 6.58 3.60
N TYR A 40 -4.80 7.45 4.43
CA TYR A 40 -5.49 8.65 4.88
C TYR A 40 -4.87 9.90 4.27
N HIS A 41 -5.56 11.02 4.42
CA HIS A 41 -5.09 12.29 3.87
C HIS A 41 -3.69 12.62 4.39
N ASP A 42 -3.53 12.63 5.70
CA ASP A 42 -2.25 12.91 6.33
C ASP A 42 -1.84 11.79 7.27
N GLU A 43 -0.65 11.93 7.86
CA GLU A 43 -0.13 10.92 8.78
C GLU A 43 -1.04 10.79 10.00
N THR A 44 -1.83 11.83 10.26
CA THR A 44 -2.74 11.83 11.40
C THR A 44 -3.74 10.67 11.31
N ALA A 45 -3.97 10.20 10.09
CA ALA A 45 -4.91 9.10 9.86
C ALA A 45 -6.26 9.38 10.51
N GLN A 46 -6.74 10.61 10.33
CA GLN A 46 -8.03 11.01 10.90
C GLN A 46 -9.17 10.62 9.97
N ASP A 47 -9.08 11.04 8.71
CA ASP A 47 -10.11 10.74 7.73
C ASP A 47 -9.79 9.42 7.00
N GLU A 48 -10.51 8.37 7.36
CA GLU A 48 -10.32 7.06 6.73
C GLU A 48 -10.96 7.01 5.35
N GLU A 49 -10.15 7.16 4.32
CA GLU A 49 -10.65 7.13 2.95
C GLU A 49 -11.14 5.73 2.58
N ASP A 50 -10.31 4.74 2.84
CA ASP A 50 -10.66 3.35 2.54
C ASP A 50 -9.66 2.38 3.17
N ARG A 51 -9.97 1.10 3.10
CA ARG A 51 -9.09 0.07 3.67
C ARG A 51 -9.16 -1.21 2.84
N VAL A 52 -7.99 -1.67 2.38
CA VAL A 52 -7.91 -2.89 1.59
C VAL A 52 -7.10 -3.96 2.31
N VAL A 53 -7.70 -5.15 2.45
CA VAL A 53 -7.04 -6.25 3.12
C VAL A 53 -5.75 -6.64 2.39
N ILE A 54 -4.72 -6.95 3.17
CA ILE A 54 -3.43 -7.34 2.61
C ILE A 54 -3.18 -8.83 2.77
N HIS A 55 -3.53 -9.35 3.95
CA HIS A 55 -3.34 -10.77 4.24
C HIS A 55 -3.76 -11.63 3.05
N PHE A 56 -2.78 -12.22 2.38
CA PHE A 56 -3.04 -13.07 1.22
C PHE A 56 -4.19 -12.50 0.40
N ASN A 57 -4.14 -11.22 0.12
CA ASN A 57 -5.19 -10.56 -0.67
C ASN A 57 -4.59 -9.84 -1.88
N VAL A 58 -3.32 -10.12 -2.16
CA VAL A 58 -2.63 -9.50 -3.29
C VAL A 58 -2.54 -10.46 -4.47
N ARG A 59 -2.85 -9.95 -5.66
CA ARG A 59 -2.81 -10.77 -6.86
C ARG A 59 -1.50 -10.54 -7.62
N ASP A 60 -1.01 -9.32 -7.60
CA ASP A 60 0.24 -8.98 -8.28
C ASP A 60 0.65 -7.55 -7.98
N ILE A 61 1.93 -7.25 -8.16
CA ILE A 61 2.46 -5.90 -7.92
C ILE A 61 3.50 -5.52 -8.96
N LYS A 62 3.21 -4.47 -9.72
CA LYS A 62 4.13 -4.00 -10.75
C LYS A 62 4.79 -2.69 -10.32
N VAL A 63 6.08 -2.57 -10.62
CA VAL A 63 6.85 -1.37 -10.27
C VAL A 63 7.63 -0.85 -11.47
N GLY A 64 7.58 0.46 -11.67
CA GLY A 64 8.30 1.06 -12.78
C GLY A 64 7.78 0.58 -14.13
N GLN A 65 8.72 0.23 -15.02
CA GLN A 65 8.35 -0.24 -16.35
C GLN A 65 7.18 -1.21 -16.27
N GLU A 66 7.26 -2.17 -15.36
CA GLU A 66 6.21 -3.17 -15.18
C GLU A 66 4.83 -2.53 -15.33
N CYS A 67 4.61 -1.44 -14.61
CA CYS A 67 3.34 -0.74 -14.65
C CYS A 67 2.94 -0.41 -16.09
N GLN A 68 1.66 -0.56 -16.39
CA GLN A 68 1.15 -0.29 -17.73
C GLN A 68 -0.12 0.55 -17.68
N ASP A 69 -0.39 1.27 -18.75
CA ASP A 69 -1.57 2.11 -18.82
C ASP A 69 -1.58 3.16 -17.71
N VAL A 70 -0.38 3.58 -17.30
CA VAL A 70 -0.25 4.57 -16.24
C VAL A 70 0.88 5.55 -16.54
N GLN A 71 0.57 6.84 -16.47
CA GLN A 71 1.56 7.88 -16.73
C GLN A 71 2.06 8.50 -15.43
N PRO A 72 3.39 8.69 -15.34
CA PRO A 72 4.03 9.27 -14.16
C PRO A 72 3.70 10.75 -14.00
N PRO A 73 3.42 11.18 -12.76
CA PRO A 73 3.09 12.57 -12.46
C PRO A 73 4.30 13.49 -12.59
N GLU A 74 4.05 14.79 -12.62
CA GLU A 74 5.13 15.78 -12.74
C GLU A 74 6.15 15.61 -11.62
N GLY A 75 7.43 15.62 -11.99
CA GLY A 75 8.47 15.47 -11.00
C GLY A 75 8.94 14.04 -10.85
N ARG A 76 8.02 13.17 -10.42
CA ARG A 76 8.36 11.75 -10.23
C ARG A 76 9.00 11.18 -11.49
N SER A 77 9.24 9.87 -11.47
CA SER A 77 9.86 9.20 -12.61
C SER A 77 9.08 7.95 -12.99
N ARG A 78 9.38 7.41 -14.16
CA ARG A 78 8.70 6.21 -14.65
C ARG A 78 8.92 5.04 -13.70
N ASP A 79 10.18 4.83 -13.30
CA ASP A 79 10.52 3.75 -12.39
C ASP A 79 9.74 3.86 -11.08
N GLY A 80 9.44 5.09 -10.69
CA GLY A 80 8.70 5.31 -9.46
C GLY A 80 7.34 4.64 -9.48
N LEU A 81 6.71 4.59 -10.65
CA LEU A 81 5.40 3.98 -10.79
C LEU A 81 5.30 2.72 -9.94
N LEU A 82 4.09 2.46 -9.43
CA LEU A 82 3.86 1.29 -8.59
C LEU A 82 2.36 0.99 -8.49
N THR A 83 1.95 -0.12 -9.10
CA THR A 83 0.54 -0.52 -9.07
C THR A 83 0.36 -1.84 -8.34
N VAL A 84 -0.61 -1.88 -7.44
CA VAL A 84 -0.89 -3.09 -6.67
C VAL A 84 -2.21 -3.73 -7.11
N ASN A 85 -2.23 -5.05 -7.18
CA ASN A 85 -3.42 -5.78 -7.58
C ASN A 85 -3.99 -6.59 -6.42
N LEU A 86 -5.30 -6.57 -6.27
CA LEU A 86 -5.97 -7.30 -5.20
C LEU A 86 -6.61 -8.59 -5.73
N ARG A 87 -6.50 -9.66 -4.94
CA ARG A 87 -7.06 -10.94 -5.34
C ARG A 87 -8.53 -10.78 -5.76
N GLU A 88 -9.20 -9.79 -5.19
CA GLU A 88 -10.60 -9.54 -5.51
C GLU A 88 -10.74 -9.09 -6.96
N GLY A 89 -9.89 -8.16 -7.38
CA GLY A 89 -9.95 -7.65 -8.74
C GLY A 89 -9.47 -6.22 -8.85
N SER A 90 -10.04 -5.34 -8.03
CA SER A 90 -9.68 -3.93 -8.03
C SER A 90 -8.17 -3.76 -7.80
N ARG A 91 -7.58 -2.78 -8.47
CA ARG A 91 -6.15 -2.51 -8.33
C ARG A 91 -5.93 -1.14 -7.70
N LEU A 92 -4.66 -0.81 -7.47
CA LEU A 92 -4.30 0.47 -6.87
C LEU A 92 -3.16 1.14 -7.64
N HIS A 93 -3.39 2.37 -8.07
CA HIS A 93 -2.38 3.11 -8.82
C HIS A 93 -1.60 4.05 -7.89
N LEU A 94 -0.33 3.72 -7.67
CA LEU A 94 0.52 4.52 -6.81
C LEU A 94 1.88 4.76 -7.46
N CYS A 95 2.58 5.77 -6.98
CA CYS A 95 3.90 6.12 -7.51
C CYS A 95 4.87 6.46 -6.38
N ALA A 96 6.15 6.17 -6.60
CA ALA A 96 7.18 6.44 -5.61
C ALA A 96 8.23 7.41 -6.16
N GLU A 97 9.04 7.95 -5.26
CA GLU A 97 10.08 8.90 -5.66
C GLU A 97 11.16 8.20 -6.49
N THR A 98 11.66 7.09 -5.99
CA THR A 98 12.70 6.33 -6.68
C THR A 98 12.37 4.84 -6.69
N ARG A 99 13.09 4.09 -7.53
CA ARG A 99 12.88 2.65 -7.64
C ARG A 99 13.16 1.95 -6.31
N ASP A 100 14.21 2.41 -5.63
CA ASP A 100 14.59 1.83 -4.34
C ASP A 100 13.41 1.79 -3.39
N ASP A 101 12.83 2.96 -3.12
CA ASP A 101 11.69 3.07 -2.22
C ASP A 101 10.53 2.23 -2.73
N ALA A 102 10.31 2.26 -4.04
CA ALA A 102 9.23 1.50 -4.65
C ALA A 102 9.36 0.01 -4.36
N ILE A 103 10.55 -0.53 -4.62
CA ILE A 103 10.82 -1.94 -4.39
C ILE A 103 10.48 -2.34 -2.96
N ALA A 104 10.85 -1.47 -2.01
CA ALA A 104 10.58 -1.73 -0.59
C ALA A 104 9.12 -2.10 -0.38
N TRP A 105 8.23 -1.35 -1.01
CA TRP A 105 6.79 -1.60 -0.88
C TRP A 105 6.42 -2.96 -1.46
N LYS A 106 6.93 -3.26 -2.64
CA LYS A 106 6.66 -4.53 -3.30
C LYS A 106 6.98 -5.70 -2.37
N THR A 107 8.12 -5.62 -1.70
CA THR A 107 8.53 -6.68 -0.78
C THR A 107 7.70 -6.65 0.51
N ALA A 108 7.48 -5.45 1.04
CA ALA A 108 6.70 -5.29 2.26
C ALA A 108 5.28 -5.81 2.07
N LEU A 109 4.76 -5.67 0.86
CA LEU A 109 3.41 -6.13 0.55
C LEU A 109 3.40 -7.62 0.20
N MET A 110 4.28 -8.01 -0.72
CA MET A 110 4.37 -9.41 -1.14
C MET A 110 4.59 -10.32 0.07
N GLU A 111 5.49 -9.90 0.96
CA GLU A 111 5.79 -10.69 2.15
C GLU A 111 4.53 -10.96 2.96
N ALA A 112 3.93 -9.89 3.48
CA ALA A 112 2.71 -10.02 4.28
C ALA A 112 1.65 -10.83 3.54
N ASN A 113 1.53 -10.59 2.23
CA ASN A 113 0.55 -11.31 1.42
C ASN A 113 0.83 -12.80 1.42
N SER A 114 2.10 -13.16 1.47
CA SER A 114 2.51 -14.56 1.48
C SER A 114 3.24 -14.92 2.76
N THR A 115 2.81 -14.31 3.87
CA THR A 115 3.42 -14.54 5.17
C THR A 115 2.41 -14.34 6.29
N PRO A 116 1.94 -15.45 6.87
CA PRO A 116 0.97 -15.43 7.97
C PRO A 116 1.57 -14.90 9.27
N ALA A 117 0.73 -14.74 10.29
CA ALA A 117 1.18 -14.25 11.58
C ALA A 117 0.82 -15.22 12.70
N PRO A 118 1.50 -15.08 13.85
CA PRO A 118 1.26 -15.93 15.02
C PRO A 118 -0.09 -15.65 15.66
N ALA A 119 -0.85 -14.73 15.09
CA ALA A 119 -2.17 -14.37 15.61
C ALA A 119 -3.21 -14.39 14.51
N GLY A 120 -4.46 -14.63 14.89
CA GLY A 120 -5.55 -14.67 13.93
C GLY A 120 -6.73 -13.82 14.34
N ALA A 121 -7.12 -12.89 13.48
CA ALA A 121 -8.24 -12.01 13.76
C ALA A 121 -9.17 -11.91 12.55
N THR A 122 -10.31 -11.25 12.74
CA THR A 122 -11.29 -11.08 11.68
C THR A 122 -12.15 -9.84 11.91
N VAL A 123 -12.42 -9.10 10.83
CA VAL A 123 -13.23 -7.89 10.92
C VAL A 123 -14.24 -7.83 9.77
N PRO A 124 -15.39 -7.19 10.03
CA PRO A 124 -16.46 -7.04 9.04
C PRO A 124 -16.06 -6.09 7.91
N SER A 125 -16.98 -5.89 6.97
CA SER A 125 -16.73 -5.01 5.83
C SER A 125 -18.02 -4.34 5.36
N GLY A 126 -17.89 -3.39 4.45
CA GLY A 126 -19.05 -2.69 3.93
C GLY A 126 -19.76 -3.47 2.85
N PRO A 127 -19.47 -3.13 1.58
CA PRO A 127 -20.07 -3.79 0.42
C PRO A 127 -19.59 -5.22 0.24
N SER A 128 -18.27 -5.39 0.26
CA SER A 128 -17.67 -6.71 0.11
C SER A 128 -18.17 -7.67 1.18
N SER A 129 -17.84 -8.95 1.04
CA SER A 129 -18.26 -9.96 1.99
C SER A 129 -17.76 -9.62 3.39
N GLY A 130 -18.45 -10.15 4.40
CA GLY A 130 -18.06 -9.89 5.78
C GLY A 130 -19.25 -9.91 6.72
N GLY A 1 9.01 1.85 10.35
CA GLY A 1 8.94 1.05 11.57
C GLY A 1 10.00 -0.05 11.60
N SER A 2 11.15 0.27 12.18
CA SER A 2 12.25 -0.69 12.26
C SER A 2 12.22 -1.42 13.61
N SER A 3 11.39 -2.44 13.71
CA SER A 3 11.27 -3.22 14.93
C SER A 3 11.26 -2.30 16.15
N GLY A 4 10.50 -1.20 16.06
CA GLY A 4 10.41 -0.27 17.16
C GLY A 4 8.99 -0.02 17.59
N SER A 5 8.08 0.10 16.63
CA SER A 5 6.68 0.34 16.92
C SER A 5 5.81 -0.82 16.44
N SER A 6 4.95 -1.31 17.32
CA SER A 6 4.06 -2.42 16.99
C SER A 6 2.77 -1.92 16.36
N GLY A 7 2.26 -2.67 15.40
CA GLY A 7 1.02 -2.28 14.73
C GLY A 7 1.26 -1.81 13.31
N LEU A 8 2.18 -0.86 13.14
CA LEU A 8 2.50 -0.33 11.82
C LEU A 8 3.71 -1.03 11.22
N VAL A 9 3.68 -1.25 9.92
CA VAL A 9 4.78 -1.90 9.22
C VAL A 9 5.70 -0.88 8.56
N ARG A 10 5.13 -0.06 7.68
CA ARG A 10 5.91 0.96 6.98
C ARG A 10 4.99 1.96 6.29
N GLY A 11 5.45 3.21 6.20
CA GLY A 11 4.65 4.24 5.56
C GLY A 11 5.40 4.93 4.45
N GLY A 12 4.94 6.13 4.09
CA GLY A 12 5.58 6.89 3.03
C GLY A 12 4.59 7.46 2.04
N TRP A 13 4.67 8.77 1.81
CA TRP A 13 3.77 9.43 0.88
C TRP A 13 3.98 8.92 -0.54
N LEU A 14 2.88 8.61 -1.23
CA LEU A 14 2.94 8.11 -2.59
C LEU A 14 1.88 8.76 -3.46
N TRP A 15 2.22 9.05 -4.71
CA TRP A 15 1.30 9.69 -5.64
C TRP A 15 0.28 8.67 -6.16
N ARG A 16 -0.99 8.90 -5.85
CA ARG A 16 -2.06 8.01 -6.29
C ARG A 16 -2.92 8.68 -7.35
N GLN A 17 -3.22 7.94 -8.42
CA GLN A 17 -4.04 8.47 -9.51
C GLN A 17 -5.52 8.31 -9.20
N SER A 18 -6.35 9.05 -9.93
CA SER A 18 -7.79 9.00 -9.73
C SER A 18 -8.49 8.41 -10.96
N SER A 19 -9.80 8.21 -10.84
CA SER A 19 -10.59 7.65 -11.93
C SER A 19 -11.39 8.74 -12.63
N ILE A 20 -11.96 9.64 -11.85
CA ILE A 20 -12.75 10.74 -12.39
C ILE A 20 -11.90 11.98 -12.61
N LEU A 21 -10.97 12.23 -11.70
CA LEU A 21 -10.08 13.38 -11.81
C LEU A 21 -8.86 13.06 -12.66
N ARG A 22 -8.57 11.77 -12.80
CA ARG A 22 -7.43 11.33 -13.60
C ARG A 22 -6.19 12.17 -13.28
N ARG A 23 -5.95 12.39 -11.99
CA ARG A 23 -4.80 13.18 -11.56
C ARG A 23 -4.14 12.54 -10.34
N TRP A 24 -2.84 12.77 -10.20
CA TRP A 24 -2.08 12.21 -9.08
C TRP A 24 -2.34 13.01 -7.81
N LYS A 25 -2.47 12.31 -6.69
CA LYS A 25 -2.72 12.95 -5.40
C LYS A 25 -1.85 12.34 -4.31
N ARG A 26 -1.38 13.17 -3.39
CA ARG A 26 -0.53 12.71 -2.30
C ARG A 26 -1.36 11.96 -1.25
N ASN A 27 -0.93 10.75 -0.92
CA ASN A 27 -1.64 9.93 0.06
C ASN A 27 -0.65 9.13 0.90
N TRP A 28 -0.83 9.18 2.22
CA TRP A 28 0.05 8.46 3.13
C TRP A 28 -0.49 7.06 3.41
N PHE A 29 0.12 6.06 2.81
CA PHE A 29 -0.30 4.68 3.00
C PHE A 29 0.44 4.03 4.17
N ALA A 30 -0.29 3.25 4.96
CA ALA A 30 0.30 2.58 6.12
C ALA A 30 -0.26 1.16 6.26
N LEU A 31 0.64 0.19 6.32
CA LEU A 31 0.25 -1.21 6.47
C LEU A 31 0.19 -1.61 7.94
N TRP A 32 -0.88 -2.30 8.32
CA TRP A 32 -1.04 -2.75 9.70
C TRP A 32 -0.72 -4.24 9.83
N LEU A 33 -0.30 -4.64 11.02
CA LEU A 33 0.04 -6.03 11.29
C LEU A 33 -1.17 -6.94 11.09
N ASP A 34 -2.35 -6.41 11.42
CA ASP A 34 -3.59 -7.17 11.27
C ASP A 34 -3.72 -7.74 9.86
N GLY A 35 -3.02 -7.11 8.91
CA GLY A 35 -3.08 -7.56 7.53
C GLY A 35 -3.99 -6.70 6.68
N THR A 36 -3.97 -5.39 6.92
CA THR A 36 -4.81 -4.46 6.18
C THR A 36 -4.01 -3.27 5.69
N LEU A 37 -4.51 -2.59 4.67
CA LEU A 37 -3.84 -1.43 4.11
C LEU A 37 -4.78 -0.23 4.05
N GLY A 38 -4.43 0.84 4.77
CA GLY A 38 -5.25 2.03 4.78
C GLY A 38 -4.45 3.29 4.48
N TYR A 39 -5.02 4.16 3.65
CA TYR A 39 -4.36 5.40 3.28
C TYR A 39 -5.20 6.61 3.68
N TYR A 40 -4.66 7.43 4.58
CA TYR A 40 -5.37 8.62 5.04
C TYR A 40 -4.88 9.87 4.30
N HIS A 41 -5.55 10.99 4.56
CA HIS A 41 -5.18 12.25 3.92
C HIS A 41 -3.73 12.61 4.21
N ASP A 42 -3.31 12.38 5.46
CA ASP A 42 -1.94 12.68 5.87
C ASP A 42 -1.44 11.64 6.87
N GLU A 43 -0.18 11.80 7.30
CA GLU A 43 0.41 10.87 8.25
C GLU A 43 -0.55 10.55 9.39
N THR A 44 -1.07 11.60 10.02
CA THR A 44 -2.00 11.44 11.13
C THR A 44 -3.31 10.82 10.65
N ALA A 45 -3.39 9.49 10.76
CA ALA A 45 -4.59 8.78 10.36
C ALA A 45 -5.83 9.29 11.09
N GLN A 46 -6.56 10.19 10.45
CA GLN A 46 -7.75 10.77 11.04
C GLN A 46 -8.96 10.57 10.13
N ASP A 47 -8.77 10.80 8.84
CA ASP A 47 -9.84 10.65 7.86
C ASP A 47 -9.70 9.32 7.12
N GLU A 48 -10.23 8.25 7.71
CA GLU A 48 -10.16 6.93 7.10
C GLU A 48 -10.82 6.93 5.73
N GLU A 49 -10.03 7.15 4.69
CA GLU A 49 -10.54 7.17 3.32
C GLU A 49 -11.05 5.80 2.90
N ASP A 50 -10.24 4.77 3.17
CA ASP A 50 -10.60 3.40 2.82
C ASP A 50 -9.64 2.41 3.46
N ARG A 51 -9.93 1.12 3.29
CA ARG A 51 -9.09 0.07 3.86
C ARG A 51 -9.18 -1.20 3.02
N VAL A 52 -8.03 -1.62 2.48
CA VAL A 52 -7.98 -2.82 1.66
C VAL A 52 -7.17 -3.92 2.36
N VAL A 53 -7.76 -5.12 2.42
CA VAL A 53 -7.09 -6.26 3.06
C VAL A 53 -5.81 -6.62 2.32
N ILE A 54 -4.77 -6.96 3.07
CA ILE A 54 -3.49 -7.33 2.49
C ILE A 54 -3.24 -8.83 2.62
N HIS A 55 -3.58 -9.38 3.79
CA HIS A 55 -3.40 -10.81 4.04
C HIS A 55 -3.80 -11.63 2.82
N PHE A 56 -2.82 -12.29 2.22
CA PHE A 56 -3.07 -13.11 1.04
C PHE A 56 -4.15 -12.50 0.16
N ASN A 57 -4.07 -11.18 -0.03
CA ASN A 57 -5.03 -10.46 -0.86
C ASN A 57 -4.34 -9.75 -2.01
N VAL A 58 -3.10 -10.13 -2.28
CA VAL A 58 -2.32 -9.52 -3.35
C VAL A 58 -2.19 -10.47 -4.54
N ARG A 59 -2.69 -10.06 -5.69
CA ARG A 59 -2.62 -10.88 -6.90
C ARG A 59 -1.30 -10.67 -7.62
N ASP A 60 -0.92 -9.41 -7.82
CA ASP A 60 0.32 -9.08 -8.49
C ASP A 60 0.79 -7.68 -8.12
N ILE A 61 2.03 -7.36 -8.47
CA ILE A 61 2.60 -6.04 -8.17
C ILE A 61 3.62 -5.63 -9.23
N LYS A 62 3.28 -4.62 -10.01
CA LYS A 62 4.16 -4.13 -11.05
C LYS A 62 4.84 -2.83 -10.63
N VAL A 63 6.09 -2.65 -11.03
CA VAL A 63 6.85 -1.46 -10.69
C VAL A 63 7.63 -0.94 -11.90
N GLY A 64 7.52 0.36 -12.16
CA GLY A 64 8.23 0.94 -13.28
C GLY A 64 7.67 0.51 -14.62
N GLN A 65 8.52 -0.09 -15.45
CA GLN A 65 8.11 -0.56 -16.77
C GLN A 65 6.95 -1.55 -16.65
N GLU A 66 7.12 -2.55 -15.78
CA GLU A 66 6.09 -3.56 -15.58
C GLU A 66 4.70 -2.96 -15.73
N CYS A 67 4.49 -1.81 -15.11
CA CYS A 67 3.20 -1.13 -15.17
C CYS A 67 2.99 -0.48 -16.54
N GLN A 68 1.84 -0.76 -17.15
CA GLN A 68 1.52 -0.21 -18.46
C GLN A 68 0.28 0.69 -18.39
N ASP A 69 0.05 1.46 -19.45
CA ASP A 69 -1.09 2.36 -19.51
C ASP A 69 -1.07 3.33 -18.33
N VAL A 70 0.12 3.80 -17.96
CA VAL A 70 0.27 4.73 -16.86
C VAL A 70 1.44 5.68 -17.09
N GLN A 71 1.17 6.97 -17.07
CA GLN A 71 2.20 7.98 -17.27
C GLN A 71 2.60 8.63 -15.97
N PRO A 72 3.92 8.73 -15.72
CA PRO A 72 4.46 9.33 -14.51
C PRO A 72 4.24 10.84 -14.46
N PRO A 73 4.05 11.37 -13.24
CA PRO A 73 3.82 12.81 -13.03
C PRO A 73 5.07 13.63 -13.29
N GLU A 74 4.95 14.94 -13.13
CA GLU A 74 6.08 15.85 -13.36
C GLU A 74 7.14 15.68 -12.28
N GLY A 75 8.39 15.61 -12.70
CA GLY A 75 9.48 15.45 -11.75
C GLY A 75 9.86 13.99 -11.54
N ARG A 76 8.93 13.22 -10.99
CA ARG A 76 9.17 11.81 -10.72
C ARG A 76 9.52 11.06 -12.01
N SER A 77 9.92 9.80 -11.88
CA SER A 77 10.29 8.99 -13.03
C SER A 77 9.39 7.77 -13.14
N ARG A 78 9.42 7.12 -14.31
CA ARG A 78 8.60 5.93 -14.54
C ARG A 78 8.91 4.85 -13.51
N ASP A 79 10.19 4.59 -13.30
CA ASP A 79 10.62 3.57 -12.34
C ASP A 79 9.87 3.72 -11.03
N GLY A 80 9.51 4.96 -10.69
CA GLY A 80 8.80 5.22 -9.45
C GLY A 80 7.44 4.56 -9.42
N LEU A 81 6.77 4.51 -10.57
CA LEU A 81 5.45 3.89 -10.67
C LEU A 81 5.38 2.64 -9.81
N LEU A 82 4.20 2.37 -9.26
CA LEU A 82 3.99 1.20 -8.41
C LEU A 82 2.51 0.91 -8.25
N THR A 83 2.05 -0.18 -8.85
CA THR A 83 0.65 -0.58 -8.77
C THR A 83 0.50 -1.93 -8.08
N VAL A 84 -0.50 -2.04 -7.21
CA VAL A 84 -0.75 -3.29 -6.49
C VAL A 84 -2.12 -3.86 -6.85
N ASN A 85 -2.15 -5.15 -7.14
CA ASN A 85 -3.40 -5.82 -7.49
C ASN A 85 -3.98 -6.56 -6.30
N LEU A 86 -5.30 -6.45 -6.12
CA LEU A 86 -5.98 -7.11 -5.01
C LEU A 86 -6.85 -8.26 -5.51
N ARG A 87 -6.94 -9.32 -4.71
CA ARG A 87 -7.74 -10.48 -5.07
C ARG A 87 -9.20 -10.08 -5.33
N GLU A 88 -9.78 -9.35 -4.38
CA GLU A 88 -11.16 -8.91 -4.51
C GLU A 88 -11.50 -8.56 -5.95
N GLY A 89 -10.61 -7.81 -6.60
CA GLY A 89 -10.82 -7.41 -7.97
C GLY A 89 -10.64 -5.92 -8.19
N SER A 90 -9.50 -5.40 -7.73
CA SER A 90 -9.22 -3.98 -7.88
C SER A 90 -7.71 -3.71 -7.76
N ARG A 91 -7.24 -2.71 -8.50
CA ARG A 91 -5.82 -2.37 -8.48
C ARG A 91 -5.61 -1.03 -7.77
N LEU A 92 -4.39 -0.83 -7.28
CA LEU A 92 -4.05 0.41 -6.57
C LEU A 92 -2.95 1.17 -7.31
N HIS A 93 -3.34 2.26 -7.96
CA HIS A 93 -2.39 3.08 -8.71
C HIS A 93 -1.59 3.98 -7.76
N LEU A 94 -0.27 3.82 -7.79
CA LEU A 94 0.61 4.61 -6.94
C LEU A 94 1.94 4.88 -7.63
N CYS A 95 2.65 5.90 -7.15
CA CYS A 95 3.94 6.27 -7.74
C CYS A 95 4.87 6.83 -6.66
N ALA A 96 6.05 6.25 -6.53
CA ALA A 96 7.03 6.70 -5.55
C ALA A 96 8.01 7.69 -6.17
N GLU A 97 8.93 8.20 -5.36
CA GLU A 97 9.92 9.15 -5.83
C GLU A 97 11.01 8.44 -6.64
N THR A 98 11.35 7.23 -6.23
CA THR A 98 12.38 6.45 -6.91
C THR A 98 12.06 4.96 -6.87
N ARG A 99 12.88 4.16 -7.54
CA ARG A 99 12.68 2.72 -7.59
C ARG A 99 12.93 2.09 -6.21
N ASP A 100 13.98 2.56 -5.54
CA ASP A 100 14.32 2.05 -4.21
C ASP A 100 13.09 2.01 -3.31
N ASP A 101 12.48 3.18 -3.11
CA ASP A 101 11.29 3.29 -2.26
C ASP A 101 10.19 2.35 -2.75
N ALA A 102 10.01 2.29 -4.07
CA ALA A 102 8.99 1.44 -4.67
C ALA A 102 9.21 -0.02 -4.29
N ILE A 103 10.44 -0.49 -4.48
CA ILE A 103 10.78 -1.88 -4.16
C ILE A 103 10.37 -2.23 -2.74
N ALA A 104 10.70 -1.35 -1.80
CA ALA A 104 10.37 -1.56 -0.39
C ALA A 104 8.91 -1.99 -0.23
N TRP A 105 8.01 -1.25 -0.87
CA TRP A 105 6.59 -1.55 -0.79
C TRP A 105 6.29 -2.92 -1.38
N LYS A 106 6.87 -3.20 -2.55
CA LYS A 106 6.66 -4.48 -3.22
C LYS A 106 6.95 -5.64 -2.27
N THR A 107 8.04 -5.52 -1.52
CA THR A 107 8.43 -6.56 -0.57
C THR A 107 7.50 -6.56 0.64
N ALA A 108 7.15 -5.38 1.12
CA ALA A 108 6.27 -5.25 2.28
C ALA A 108 4.90 -5.85 1.99
N LEU A 109 4.48 -5.77 0.74
CA LEU A 109 3.17 -6.30 0.34
C LEU A 109 3.28 -7.78 -0.01
N MET A 110 4.33 -8.14 -0.75
CA MET A 110 4.54 -9.53 -1.14
C MET A 110 4.76 -10.41 0.08
N GLU A 111 5.47 -9.87 1.08
CA GLU A 111 5.77 -10.61 2.30
C GLU A 111 4.47 -10.91 3.06
N ALA A 112 3.80 -9.87 3.53
CA ALA A 112 2.57 -10.02 4.28
C ALA A 112 1.59 -10.93 3.54
N ASN A 113 1.58 -10.83 2.21
CA ASN A 113 0.69 -11.64 1.39
C ASN A 113 1.11 -13.10 1.42
N SER A 114 2.43 -13.34 1.43
CA SER A 114 2.96 -14.70 1.45
C SER A 114 3.65 -14.98 2.79
N THR A 115 3.12 -14.39 3.85
CA THR A 115 3.68 -14.58 5.18
C THR A 115 2.61 -14.42 6.26
N PRO A 116 2.16 -15.55 6.83
CA PRO A 116 1.14 -15.57 7.87
C PRO A 116 1.64 -14.99 9.19
N ALA A 117 0.76 -14.93 10.18
CA ALA A 117 1.12 -14.40 11.49
C ALA A 117 0.06 -14.72 12.53
N PRO A 118 0.49 -15.01 13.77
CA PRO A 118 -0.41 -15.34 14.87
C PRO A 118 -1.23 -14.14 15.34
N ALA A 119 -1.01 -13.00 14.69
CA ALA A 119 -1.72 -11.77 15.04
C ALA A 119 -3.19 -11.87 14.65
N GLY A 120 -4.00 -11.00 15.25
CA GLY A 120 -5.43 -11.00 14.96
C GLY A 120 -6.13 -9.79 15.52
N ALA A 121 -7.40 -9.96 15.88
CA ALA A 121 -8.20 -8.87 16.44
C ALA A 121 -9.24 -9.39 17.43
N THR A 122 -9.67 -8.52 18.34
CA THR A 122 -10.67 -8.90 19.33
C THR A 122 -12.02 -8.30 19.00
N VAL A 123 -12.02 -7.24 18.19
CA VAL A 123 -13.25 -6.58 17.80
C VAL A 123 -13.65 -6.95 16.38
N PRO A 124 -14.94 -7.28 16.20
CA PRO A 124 -15.48 -7.66 14.89
C PRO A 124 -15.55 -6.49 13.93
N SER A 125 -16.10 -6.73 12.74
CA SER A 125 -16.24 -5.69 11.73
C SER A 125 -17.32 -6.05 10.71
N GLY A 126 -18.18 -5.09 10.41
CA GLY A 126 -19.25 -5.32 9.46
C GLY A 126 -19.07 -4.52 8.19
N PRO A 127 -19.84 -4.87 7.15
CA PRO A 127 -19.80 -4.19 5.86
C PRO A 127 -20.35 -2.77 5.92
N SER A 128 -19.60 -1.82 5.38
CA SER A 128 -20.02 -0.42 5.37
C SER A 128 -20.74 -0.07 4.08
N SER A 129 -22.06 0.04 4.16
CA SER A 129 -22.88 0.36 2.98
C SER A 129 -22.36 -0.37 1.75
N GLY A 130 -22.03 -1.65 1.92
CA GLY A 130 -21.53 -2.44 0.82
C GLY A 130 -22.55 -3.44 0.32
N GLY A 1 9.15 5.75 10.73
CA GLY A 1 9.77 4.44 10.83
C GLY A 1 10.79 4.36 11.95
N SER A 2 10.48 3.56 12.96
CA SER A 2 11.36 3.40 14.11
C SER A 2 11.96 1.99 14.15
N SER A 3 12.95 1.79 15.01
CA SER A 3 13.59 0.50 15.15
C SER A 3 12.58 -0.59 15.47
N GLY A 4 11.75 -0.33 16.48
CA GLY A 4 10.74 -1.30 16.87
C GLY A 4 9.41 -1.06 16.19
N SER A 5 9.04 -1.95 15.27
CA SER A 5 7.79 -1.82 14.54
C SER A 5 6.63 -2.37 15.36
N SER A 6 5.83 -1.47 15.93
CA SER A 6 4.69 -1.86 16.74
C SER A 6 3.38 -1.49 16.05
N GLY A 7 2.74 -2.49 15.43
CA GLY A 7 1.50 -2.25 14.73
C GLY A 7 1.70 -1.75 13.32
N LEU A 8 2.62 -0.81 13.15
CA LEU A 8 2.91 -0.26 11.83
C LEU A 8 4.11 -0.95 11.20
N VAL A 9 4.07 -1.11 9.88
CA VAL A 9 5.16 -1.76 9.16
C VAL A 9 6.06 -0.73 8.48
N ARG A 10 5.48 0.08 7.61
CA ARG A 10 6.23 1.11 6.91
C ARG A 10 5.34 2.29 6.56
N GLY A 11 5.96 3.44 6.28
CA GLY A 11 5.20 4.63 5.92
C GLY A 11 5.95 5.53 4.97
N GLY A 12 5.21 6.27 4.15
CA GLY A 12 5.83 7.16 3.19
C GLY A 12 4.84 7.72 2.19
N TRP A 13 4.79 9.05 2.07
CA TRP A 13 3.88 9.69 1.14
C TRP A 13 4.05 9.14 -0.27
N LEU A 14 2.93 8.83 -0.91
CA LEU A 14 2.95 8.29 -2.27
C LEU A 14 1.93 8.99 -3.16
N TRP A 15 2.20 9.00 -4.46
CA TRP A 15 1.31 9.64 -5.41
C TRP A 15 0.30 8.64 -5.98
N ARG A 16 -0.98 8.88 -5.71
CA ARG A 16 -2.04 8.00 -6.19
C ARG A 16 -2.89 8.71 -7.24
N GLN A 17 -3.16 7.99 -8.34
CA GLN A 17 -3.96 8.54 -9.42
C GLN A 17 -5.45 8.39 -9.14
N SER A 18 -6.17 9.51 -9.13
CA SER A 18 -7.61 9.49 -8.87
C SER A 18 -8.34 8.65 -9.90
N SER A 19 -9.64 8.48 -9.70
CA SER A 19 -10.46 7.70 -10.62
C SER A 19 -11.38 8.60 -11.44
N ILE A 20 -11.93 9.62 -10.79
CA ILE A 20 -12.81 10.56 -11.46
C ILE A 20 -12.05 11.78 -11.98
N LEU A 21 -10.89 12.02 -11.40
CA LEU A 21 -10.06 13.15 -11.81
C LEU A 21 -8.83 12.68 -12.58
N ARG A 22 -8.53 11.39 -12.47
CA ARG A 22 -7.38 10.81 -13.16
C ARG A 22 -6.13 11.65 -12.94
N ARG A 23 -5.98 12.17 -11.72
CA ARG A 23 -4.83 12.99 -11.38
C ARG A 23 -4.13 12.47 -10.12
N TRP A 24 -2.81 12.47 -10.14
CA TRP A 24 -2.03 11.99 -9.01
C TRP A 24 -2.26 12.87 -7.78
N LYS A 25 -2.28 12.24 -6.61
CA LYS A 25 -2.50 12.97 -5.36
C LYS A 25 -1.60 12.42 -4.25
N ARG A 26 -1.27 13.27 -3.28
CA ARG A 26 -0.43 12.87 -2.17
C ARG A 26 -1.24 12.12 -1.11
N ASN A 27 -0.71 11.01 -0.64
CA ASN A 27 -1.38 10.21 0.37
C ASN A 27 -0.38 9.40 1.19
N TRP A 28 -0.63 9.29 2.49
CA TRP A 28 0.25 8.55 3.39
C TRP A 28 -0.26 7.14 3.61
N PHE A 29 0.35 6.18 2.92
CA PHE A 29 -0.04 4.78 3.03
C PHE A 29 0.63 4.12 4.24
N ALA A 30 -0.18 3.52 5.10
CA ALA A 30 0.34 2.85 6.29
C ALA A 30 -0.18 1.42 6.38
N LEU A 31 0.74 0.46 6.50
CA LEU A 31 0.37 -0.94 6.60
C LEU A 31 0.28 -1.38 8.05
N TRP A 32 -0.77 -2.12 8.37
CA TRP A 32 -0.99 -2.61 9.73
C TRP A 32 -0.66 -4.10 9.84
N LEU A 33 0.01 -4.48 10.92
CA LEU A 33 0.38 -5.87 11.15
C LEU A 33 -0.83 -6.78 11.01
N ASP A 34 -2.01 -6.22 11.24
CA ASP A 34 -3.26 -6.99 11.13
C ASP A 34 -3.45 -7.53 9.73
N GLY A 35 -2.60 -7.08 8.80
CA GLY A 35 -2.69 -7.53 7.42
C GLY A 35 -3.66 -6.70 6.61
N THR A 36 -3.72 -5.40 6.91
CA THR A 36 -4.61 -4.50 6.19
C THR A 36 -3.87 -3.25 5.73
N LEU A 37 -4.34 -2.66 4.63
CA LEU A 37 -3.72 -1.46 4.09
C LEU A 37 -4.71 -0.30 4.05
N GLY A 38 -4.41 0.75 4.81
CA GLY A 38 -5.28 1.90 4.86
C GLY A 38 -4.55 3.20 4.54
N TYR A 39 -5.15 4.02 3.67
CA TYR A 39 -4.55 5.28 3.28
C TYR A 39 -5.44 6.45 3.68
N TYR A 40 -4.90 7.35 4.49
CA TYR A 40 -5.65 8.52 4.95
C TYR A 40 -5.10 9.80 4.32
N HIS A 41 -5.82 10.90 4.50
CA HIS A 41 -5.42 12.19 3.96
C HIS A 41 -4.01 12.54 4.41
N ASP A 42 -3.78 12.50 5.72
CA ASP A 42 -2.47 12.82 6.28
C ASP A 42 -2.01 11.72 7.24
N GLU A 43 -0.77 11.84 7.70
CA GLU A 43 -0.20 10.85 8.62
C GLU A 43 -1.12 10.64 9.82
N THR A 44 -1.65 11.73 10.35
CA THR A 44 -2.54 11.66 11.51
C THR A 44 -3.56 10.54 11.35
N ALA A 45 -4.04 10.37 10.13
CA ALA A 45 -5.03 9.32 9.84
C ALA A 45 -6.32 9.57 10.60
N GLN A 46 -6.83 10.80 10.51
CA GLN A 46 -8.06 11.17 11.20
C GLN A 46 -9.27 10.81 10.34
N ASP A 47 -9.14 10.98 9.04
CA ASP A 47 -10.24 10.68 8.11
C ASP A 47 -9.95 9.38 7.36
N GLU A 48 -10.69 8.33 7.72
CA GLU A 48 -10.52 7.02 7.07
C GLU A 48 -11.16 7.02 5.68
N GLU A 49 -10.32 6.87 4.66
CA GLU A 49 -10.79 6.85 3.29
C GLU A 49 -11.29 5.45 2.90
N ASP A 50 -10.41 4.47 2.99
CA ASP A 50 -10.76 3.09 2.65
C ASP A 50 -9.78 2.11 3.29
N ARG A 51 -10.12 0.83 3.24
CA ARG A 51 -9.28 -0.22 3.81
C ARG A 51 -9.28 -1.46 2.93
N VAL A 52 -8.10 -1.83 2.44
CA VAL A 52 -7.96 -3.01 1.59
C VAL A 52 -7.17 -4.10 2.29
N VAL A 53 -7.69 -5.32 2.26
CA VAL A 53 -7.03 -6.46 2.88
C VAL A 53 -5.71 -6.78 2.19
N ILE A 54 -4.69 -7.07 2.99
CA ILE A 54 -3.37 -7.38 2.46
C ILE A 54 -3.08 -8.88 2.57
N HIS A 55 -3.44 -9.46 3.71
CA HIS A 55 -3.22 -10.88 3.95
C HIS A 55 -3.85 -11.72 2.84
N PHE A 56 -3.02 -12.50 2.15
CA PHE A 56 -3.49 -13.35 1.07
C PHE A 56 -4.57 -12.64 0.25
N ASN A 57 -4.31 -11.39 -0.12
CA ASN A 57 -5.26 -10.60 -0.89
C ASN A 57 -4.61 -10.07 -2.17
N VAL A 58 -3.33 -9.71 -2.07
CA VAL A 58 -2.59 -9.19 -3.21
C VAL A 58 -2.33 -10.28 -4.25
N ARG A 59 -2.91 -10.13 -5.43
CA ARG A 59 -2.73 -11.10 -6.50
C ARG A 59 -1.40 -10.89 -7.20
N ASP A 60 -1.10 -9.65 -7.54
CA ASP A 60 0.14 -9.31 -8.22
C ASP A 60 0.55 -7.86 -7.95
N ILE A 61 1.81 -7.54 -8.23
CA ILE A 61 2.31 -6.19 -8.02
C ILE A 61 3.37 -5.84 -9.05
N LYS A 62 3.29 -4.62 -9.59
CA LYS A 62 4.24 -4.15 -10.58
C LYS A 62 4.88 -2.84 -10.15
N VAL A 63 6.19 -2.71 -10.41
CA VAL A 63 6.92 -1.51 -10.04
C VAL A 63 7.82 -1.04 -11.19
N GLY A 64 7.70 0.24 -11.53
CA GLY A 64 8.52 0.78 -12.61
C GLY A 64 8.09 0.28 -13.97
N GLN A 65 9.06 -0.19 -14.75
CA GLN A 65 8.77 -0.71 -16.09
C GLN A 65 7.55 -1.62 -16.07
N GLU A 66 7.52 -2.55 -15.11
CA GLU A 66 6.41 -3.48 -14.99
C GLU A 66 5.08 -2.78 -15.26
N CYS A 67 4.86 -1.66 -14.57
CA CYS A 67 3.64 -0.90 -14.73
C CYS A 67 3.36 -0.60 -16.20
N GLN A 68 2.09 -0.72 -16.59
CA GLN A 68 1.69 -0.47 -17.97
C GLN A 68 0.44 0.39 -18.03
N ASP A 69 0.30 1.16 -19.10
CA ASP A 69 -0.85 2.03 -19.28
C ASP A 69 -0.91 3.09 -18.19
N VAL A 70 0.26 3.54 -17.74
CA VAL A 70 0.35 4.55 -16.70
C VAL A 70 1.50 5.51 -16.95
N GLN A 71 1.27 6.79 -16.69
CA GLN A 71 2.30 7.81 -16.89
C GLN A 71 2.63 8.52 -15.58
N PRO A 72 3.93 8.63 -15.28
CA PRO A 72 4.40 9.29 -14.05
C PRO A 72 4.17 10.80 -14.08
N PRO A 73 3.88 11.38 -12.92
CA PRO A 73 3.64 12.82 -12.78
C PRO A 73 4.91 13.64 -12.98
N GLU A 74 4.75 14.95 -13.08
CA GLU A 74 5.89 15.84 -13.27
C GLU A 74 6.87 15.73 -12.10
N GLY A 75 8.14 15.56 -12.43
CA GLY A 75 9.17 15.44 -11.40
C GLY A 75 9.50 13.99 -11.08
N ARG A 76 8.48 13.23 -10.69
CA ARG A 76 8.68 11.82 -10.35
C ARG A 76 9.43 11.09 -11.46
N SER A 77 9.58 9.78 -11.30
CA SER A 77 10.28 8.97 -12.29
C SER A 77 9.40 7.81 -12.75
N ARG A 78 9.85 7.13 -13.81
CA ARG A 78 9.10 6.00 -14.35
C ARG A 78 9.20 4.78 -13.42
N ASP A 79 10.39 4.54 -12.90
CA ASP A 79 10.62 3.42 -12.00
C ASP A 79 9.76 3.54 -10.74
N GLY A 80 9.53 4.79 -10.31
CA GLY A 80 8.72 5.02 -9.13
C GLY A 80 7.35 4.39 -9.23
N LEU A 81 6.77 4.40 -10.44
CA LEU A 81 5.46 3.82 -10.66
C LEU A 81 5.27 2.54 -9.85
N LEU A 82 4.07 2.34 -9.34
CA LEU A 82 3.76 1.14 -8.55
C LEU A 82 2.29 0.79 -8.65
N THR A 83 2.00 -0.38 -9.22
CA THR A 83 0.62 -0.84 -9.38
C THR A 83 0.39 -2.14 -8.61
N VAL A 84 -0.60 -2.12 -7.72
CA VAL A 84 -0.92 -3.29 -6.92
C VAL A 84 -2.22 -3.93 -7.39
N ASN A 85 -2.26 -5.26 -7.37
CA ASN A 85 -3.45 -6.00 -7.80
C ASN A 85 -4.10 -6.71 -6.62
N LEU A 86 -5.42 -6.52 -6.48
CA LEU A 86 -6.16 -7.15 -5.39
C LEU A 86 -6.86 -8.42 -5.88
N ARG A 87 -7.22 -9.28 -4.93
CA ARG A 87 -7.90 -10.53 -5.26
C ARG A 87 -9.41 -10.33 -5.34
N GLU A 88 -9.88 -9.23 -4.74
CA GLU A 88 -11.31 -8.92 -4.75
C GLU A 88 -11.79 -8.56 -6.15
N GLY A 89 -11.02 -7.72 -6.83
CA GLY A 89 -11.37 -7.31 -8.18
C GLY A 89 -11.11 -5.84 -8.43
N SER A 90 -9.86 -5.43 -8.24
CA SER A 90 -9.48 -4.03 -8.44
C SER A 90 -7.97 -3.86 -8.34
N ARG A 91 -7.47 -2.72 -8.83
CA ARG A 91 -6.04 -2.44 -8.78
C ARG A 91 -5.79 -1.07 -8.17
N LEU A 92 -4.54 -0.86 -7.72
CA LEU A 92 -4.16 0.40 -7.10
C LEU A 92 -3.02 1.06 -7.88
N HIS A 93 -3.24 2.30 -8.31
CA HIS A 93 -2.23 3.04 -9.05
C HIS A 93 -1.50 4.01 -8.14
N LEU A 94 -0.22 3.71 -7.87
CA LEU A 94 0.59 4.56 -7.01
C LEU A 94 1.95 4.83 -7.65
N CYS A 95 2.72 5.73 -7.04
CA CYS A 95 4.04 6.07 -7.55
C CYS A 95 4.97 6.49 -6.41
N ALA A 96 6.13 5.83 -6.34
CA ALA A 96 7.11 6.14 -5.30
C ALA A 96 8.16 7.12 -5.80
N GLU A 97 8.75 7.87 -4.88
CA GLU A 97 9.77 8.85 -5.23
C GLU A 97 10.81 8.24 -6.17
N THR A 98 11.42 7.14 -5.73
CA THR A 98 12.43 6.46 -6.54
C THR A 98 12.17 4.96 -6.60
N ARG A 99 12.96 4.26 -7.40
CA ARG A 99 12.82 2.81 -7.55
C ARG A 99 13.04 2.11 -6.21
N ASP A 100 14.02 2.58 -5.46
CA ASP A 100 14.34 2.00 -4.16
C ASP A 100 13.10 1.96 -3.26
N ASP A 101 12.48 3.12 -3.06
CA ASP A 101 11.29 3.21 -2.23
C ASP A 101 10.17 2.33 -2.77
N ALA A 102 9.95 2.42 -4.08
CA ALA A 102 8.91 1.63 -4.73
C ALA A 102 9.08 0.14 -4.42
N ILE A 103 10.28 -0.38 -4.69
CA ILE A 103 10.57 -1.79 -4.44
C ILE A 103 10.20 -2.18 -3.01
N ALA A 104 10.59 -1.35 -2.05
CA ALA A 104 10.30 -1.62 -0.65
C ALA A 104 8.85 -2.03 -0.46
N TRP A 105 7.93 -1.13 -0.80
CA TRP A 105 6.51 -1.41 -0.67
C TRP A 105 6.14 -2.73 -1.33
N LYS A 106 6.69 -2.96 -2.53
CA LYS A 106 6.42 -4.18 -3.26
C LYS A 106 6.73 -5.41 -2.42
N THR A 107 7.89 -5.39 -1.77
CA THR A 107 8.31 -6.51 -0.92
C THR A 107 7.48 -6.56 0.37
N ALA A 108 7.24 -5.39 0.96
CA ALA A 108 6.47 -5.30 2.20
C ALA A 108 5.06 -5.83 1.99
N LEU A 109 4.52 -5.65 0.79
CA LEU A 109 3.18 -6.11 0.47
C LEU A 109 3.18 -7.59 0.13
N MET A 110 4.06 -7.98 -0.79
CA MET A 110 4.17 -9.37 -1.20
C MET A 110 4.37 -10.29 0.01
N GLU A 111 5.25 -9.86 0.92
CA GLU A 111 5.54 -10.64 2.11
C GLU A 111 4.28 -10.82 2.97
N ALA A 112 3.80 -9.71 3.52
CA ALA A 112 2.60 -9.75 4.35
C ALA A 112 1.47 -10.50 3.68
N ASN A 113 1.37 -10.35 2.36
CA ASN A 113 0.34 -11.02 1.58
C ASN A 113 0.48 -12.54 1.68
N SER A 114 1.72 -13.01 1.63
CA SER A 114 2.00 -14.44 1.70
C SER A 114 2.78 -14.78 2.97
N THR A 115 2.30 -14.28 4.10
CA THR A 115 2.96 -14.53 5.38
C THR A 115 2.06 -14.14 6.54
N PRO A 116 1.61 -15.15 7.31
CA PRO A 116 0.73 -14.94 8.47
C PRO A 116 1.46 -14.25 9.62
N ALA A 117 0.79 -14.19 10.78
CA ALA A 117 1.38 -13.57 11.96
C ALA A 117 0.56 -13.89 13.20
N PRO A 118 1.15 -13.63 14.38
CA PRO A 118 0.50 -13.88 15.67
C PRO A 118 -0.66 -12.92 15.93
N ALA A 119 -0.91 -12.03 14.98
CA ALA A 119 -1.99 -11.05 15.10
C ALA A 119 -3.24 -11.69 15.68
N GLY A 120 -3.83 -12.61 14.92
CA GLY A 120 -5.04 -13.28 15.37
C GLY A 120 -6.14 -12.31 15.75
N ALA A 121 -6.97 -11.95 14.78
CA ALA A 121 -8.06 -11.02 15.03
C ALA A 121 -9.13 -11.14 13.95
N THR A 122 -10.22 -10.41 14.12
CA THR A 122 -11.33 -10.44 13.16
C THR A 122 -12.04 -9.10 13.09
N VAL A 123 -12.29 -8.63 11.87
CA VAL A 123 -12.96 -7.35 11.67
C VAL A 123 -13.33 -7.15 10.20
N PRO A 124 -14.55 -6.67 9.95
CA PRO A 124 -15.04 -6.41 8.60
C PRO A 124 -14.33 -5.24 7.92
N SER A 125 -13.97 -5.43 6.66
CA SER A 125 -13.28 -4.38 5.90
C SER A 125 -14.20 -3.75 4.88
N GLY A 126 -14.92 -2.70 5.29
CA GLY A 126 -15.83 -2.03 4.39
C GLY A 126 -16.68 -3.00 3.60
N PRO A 127 -17.78 -3.48 4.20
CA PRO A 127 -18.70 -4.41 3.55
C PRO A 127 -19.49 -3.77 2.43
N SER A 128 -19.26 -2.48 2.21
CA SER A 128 -19.95 -1.74 1.15
C SER A 128 -19.94 -2.53 -0.15
N SER A 129 -18.75 -2.78 -0.69
CA SER A 129 -18.60 -3.51 -1.94
C SER A 129 -18.53 -5.01 -1.67
N GLY A 130 -19.67 -5.69 -1.75
CA GLY A 130 -19.71 -7.12 -1.52
C GLY A 130 -19.95 -7.91 -2.80
N GLY A 1 10.64 -6.06 9.04
CA GLY A 1 11.24 -6.20 10.36
C GLY A 1 12.06 -5.01 10.76
N SER A 2 11.47 -3.82 10.71
CA SER A 2 12.16 -2.59 11.06
C SER A 2 12.42 -2.53 12.57
N SER A 3 13.46 -1.78 12.95
CA SER A 3 13.82 -1.65 14.36
C SER A 3 12.73 -0.91 15.13
N GLY A 4 12.11 -1.60 16.07
CA GLY A 4 11.06 -0.99 16.87
C GLY A 4 9.82 -0.67 16.04
N SER A 5 8.83 -1.55 16.12
CA SER A 5 7.59 -1.36 15.37
C SER A 5 6.47 -2.21 15.96
N SER A 6 5.38 -1.55 16.37
CA SER A 6 4.24 -2.23 16.96
C SER A 6 2.95 -1.84 16.25
N GLY A 7 2.38 -2.77 15.50
CA GLY A 7 1.15 -2.51 14.77
C GLY A 7 1.40 -1.97 13.39
N LEU A 8 2.27 -0.97 13.28
CA LEU A 8 2.60 -0.36 12.00
C LEU A 8 3.86 -0.96 11.41
N VAL A 9 3.84 -1.21 10.10
CA VAL A 9 5.00 -1.77 9.42
C VAL A 9 5.89 -0.68 8.83
N ARG A 10 5.31 0.11 7.94
CA ARG A 10 6.04 1.20 7.29
C ARG A 10 5.09 2.25 6.74
N GLY A 11 5.52 3.51 6.75
CA GLY A 11 4.69 4.59 6.25
C GLY A 11 5.34 5.32 5.10
N GLY A 12 4.90 6.55 4.87
CA GLY A 12 5.45 7.34 3.77
C GLY A 12 4.37 7.88 2.85
N TRP A 13 4.72 8.91 2.08
CA TRP A 13 3.77 9.52 1.14
C TRP A 13 3.97 8.97 -0.26
N LEU A 14 2.86 8.75 -0.97
CA LEU A 14 2.92 8.23 -2.33
C LEU A 14 1.84 8.87 -3.21
N TRP A 15 2.17 9.10 -4.46
CA TRP A 15 1.22 9.70 -5.40
C TRP A 15 0.16 8.70 -5.82
N ARG A 16 -1.10 9.01 -5.50
CA ARG A 16 -2.21 8.14 -5.84
C ARG A 16 -3.06 8.75 -6.96
N GLN A 17 -3.40 7.94 -7.95
CA GLN A 17 -4.22 8.39 -9.07
C GLN A 17 -5.70 8.26 -8.76
N SER A 18 -6.45 9.34 -8.99
CA SER A 18 -7.88 9.34 -8.73
C SER A 18 -8.62 8.39 -9.68
N SER A 19 -9.94 8.39 -9.60
CA SER A 19 -10.76 7.53 -10.45
C SER A 19 -11.63 8.36 -11.39
N ILE A 20 -11.79 9.64 -11.06
CA ILE A 20 -12.60 10.54 -11.86
C ILE A 20 -11.79 11.75 -12.32
N LEU A 21 -10.87 12.18 -11.48
CA LEU A 21 -10.02 13.33 -11.79
C LEU A 21 -8.80 12.90 -12.59
N ARG A 22 -8.65 11.59 -12.79
CA ARG A 22 -7.53 11.05 -13.55
C ARG A 22 -6.25 11.84 -13.27
N ARG A 23 -6.09 12.25 -12.02
CA ARG A 23 -4.91 13.02 -11.62
C ARG A 23 -4.30 12.45 -10.34
N TRP A 24 -2.98 12.58 -10.22
CA TRP A 24 -2.26 12.08 -9.05
C TRP A 24 -2.50 12.97 -7.84
N LYS A 25 -2.52 12.37 -6.66
CA LYS A 25 -2.74 13.11 -5.43
C LYS A 25 -1.88 12.56 -4.29
N ARG A 26 -1.30 13.46 -3.50
CA ARG A 26 -0.45 13.06 -2.39
C ARG A 26 -1.28 12.44 -1.27
N ASN A 27 -0.78 11.36 -0.69
CA ASN A 27 -1.49 10.67 0.39
C ASN A 27 -0.50 10.00 1.34
N TRP A 28 -1.02 9.42 2.41
CA TRP A 28 -0.18 8.74 3.40
C TRP A 28 -0.67 7.32 3.64
N PHE A 29 0.07 6.34 3.12
CA PHE A 29 -0.29 4.94 3.28
C PHE A 29 0.43 4.33 4.47
N ALA A 30 -0.21 3.35 5.12
CA ALA A 30 0.36 2.69 6.27
C ALA A 30 -0.12 1.24 6.37
N LEU A 31 0.82 0.31 6.49
CA LEU A 31 0.49 -1.10 6.60
C LEU A 31 0.37 -1.52 8.06
N TRP A 32 -0.66 -2.32 8.35
CA TRP A 32 -0.89 -2.80 9.71
C TRP A 32 -0.59 -4.29 9.82
N LEU A 33 -0.13 -4.71 10.99
CA LEU A 33 0.19 -6.11 11.22
C LEU A 33 -1.02 -7.00 10.99
N ASP A 34 -2.21 -6.41 11.13
CA ASP A 34 -3.45 -7.15 10.94
C ASP A 34 -3.63 -7.55 9.47
N GLY A 35 -2.71 -7.08 8.63
CA GLY A 35 -2.78 -7.41 7.21
C GLY A 35 -3.81 -6.59 6.47
N THR A 36 -3.79 -5.27 6.70
CA THR A 36 -4.74 -4.38 6.06
C THR A 36 -4.06 -3.08 5.63
N LEU A 37 -4.28 -2.68 4.38
CA LEU A 37 -3.69 -1.46 3.85
C LEU A 37 -4.70 -0.31 3.88
N GLY A 38 -4.49 0.62 4.79
CA GLY A 38 -5.38 1.77 4.90
C GLY A 38 -4.67 3.08 4.69
N TYR A 39 -5.21 3.92 3.80
CA TYR A 39 -4.62 5.21 3.51
C TYR A 39 -5.56 6.35 3.94
N TYR A 40 -4.96 7.42 4.46
CA TYR A 40 -5.75 8.56 4.91
C TYR A 40 -5.27 9.85 4.23
N HIS A 41 -6.15 10.84 4.14
CA HIS A 41 -5.82 12.10 3.52
C HIS A 41 -4.45 12.60 3.99
N ASP A 42 -4.32 12.80 5.29
CA ASP A 42 -3.07 13.27 5.87
C ASP A 42 -2.28 12.13 6.49
N GLU A 43 -1.15 12.45 7.11
CA GLU A 43 -0.31 11.44 7.74
C GLU A 43 -0.80 11.13 9.15
N THR A 44 -2.03 11.54 9.44
CA THR A 44 -2.61 11.31 10.76
C THR A 44 -3.94 10.57 10.64
N ALA A 45 -4.05 9.44 11.35
CA ALA A 45 -5.27 8.65 11.33
C ALA A 45 -6.44 9.41 11.95
N GLN A 46 -7.13 10.19 11.14
CA GLN A 46 -8.26 10.97 11.61
C GLN A 46 -9.45 10.83 10.66
N ASP A 47 -9.19 10.96 9.37
CA ASP A 47 -10.24 10.86 8.36
C ASP A 47 -10.02 9.62 7.49
N GLU A 48 -10.53 8.48 7.95
CA GLU A 48 -10.40 7.23 7.22
C GLU A 48 -10.97 7.36 5.81
N GLU A 49 -10.15 7.09 4.80
CA GLU A 49 -10.58 7.18 3.42
C GLU A 49 -11.04 5.82 2.89
N ASP A 50 -10.18 4.81 3.06
CA ASP A 50 -10.49 3.46 2.61
C ASP A 50 -9.52 2.45 3.21
N ARG A 51 -9.82 1.17 3.02
CA ARG A 51 -8.98 0.10 3.55
C ARG A 51 -9.15 -1.18 2.74
N VAL A 52 -8.03 -1.75 2.30
CA VAL A 52 -8.05 -2.97 1.50
C VAL A 52 -7.27 -4.08 2.19
N VAL A 53 -7.78 -5.30 2.11
CA VAL A 53 -7.13 -6.45 2.71
C VAL A 53 -5.79 -6.75 2.04
N ILE A 54 -4.78 -7.05 2.85
CA ILE A 54 -3.45 -7.35 2.33
C ILE A 54 -3.13 -8.84 2.47
N HIS A 55 -3.49 -9.41 3.62
CA HIS A 55 -3.24 -10.82 3.87
C HIS A 55 -3.78 -11.68 2.73
N PHE A 56 -2.90 -12.46 2.11
CA PHE A 56 -3.29 -13.33 1.00
C PHE A 56 -4.36 -12.66 0.14
N ASN A 57 -4.12 -11.40 -0.22
CA ASN A 57 -5.06 -10.66 -1.04
C ASN A 57 -4.38 -10.10 -2.28
N VAL A 58 -3.08 -9.81 -2.17
CA VAL A 58 -2.31 -9.27 -3.28
C VAL A 58 -2.11 -10.32 -4.37
N ARG A 59 -2.72 -10.09 -5.53
CA ARG A 59 -2.61 -11.01 -6.65
C ARG A 59 -1.30 -10.82 -7.39
N ASP A 60 -0.89 -9.56 -7.53
CA ASP A 60 0.34 -9.23 -8.23
C ASP A 60 0.76 -7.79 -7.94
N ILE A 61 2.00 -7.47 -8.29
CA ILE A 61 2.53 -6.12 -8.07
C ILE A 61 3.54 -5.74 -9.15
N LYS A 62 3.24 -4.67 -9.88
CA LYS A 62 4.11 -4.20 -10.94
C LYS A 62 4.89 -2.97 -10.50
N VAL A 63 6.07 -2.77 -11.08
CA VAL A 63 6.91 -1.63 -10.75
C VAL A 63 7.75 -1.19 -11.95
N GLY A 64 7.81 0.12 -12.17
CA GLY A 64 8.57 0.65 -13.28
C GLY A 64 7.94 0.34 -14.62
N GLN A 65 8.76 0.09 -15.63
CA GLN A 65 8.28 -0.22 -16.96
C GLN A 65 7.09 -1.17 -16.90
N GLU A 66 7.17 -2.14 -15.99
CA GLU A 66 6.11 -3.12 -15.83
C GLU A 66 4.74 -2.50 -16.10
N CYS A 67 4.57 -1.25 -15.70
CA CYS A 67 3.32 -0.53 -15.90
C CYS A 67 2.74 -0.83 -17.28
N GLN A 68 1.44 -0.62 -17.42
CA GLN A 68 0.76 -0.87 -18.69
C GLN A 68 0.23 0.42 -19.29
N ASP A 69 -0.80 0.99 -18.67
CA ASP A 69 -1.39 2.23 -19.13
C ASP A 69 -1.27 3.33 -18.08
N VAL A 70 -0.51 3.04 -17.03
CA VAL A 70 -0.31 4.01 -15.95
C VAL A 70 0.65 5.12 -16.38
N GLN A 71 0.16 6.35 -16.32
CA GLN A 71 0.98 7.50 -16.70
C GLN A 71 1.63 8.14 -15.48
N PRO A 72 2.96 8.32 -15.54
CA PRO A 72 3.73 8.91 -14.45
C PRO A 72 3.44 10.40 -14.26
N PRO A 73 3.45 10.86 -13.01
CA PRO A 73 3.19 12.27 -12.68
C PRO A 73 4.31 13.19 -13.14
N GLU A 74 3.98 14.45 -13.38
CA GLU A 74 4.96 15.43 -13.83
C GLU A 74 6.05 15.63 -12.78
N GLY A 75 7.31 15.50 -13.21
CA GLY A 75 8.42 15.67 -12.29
C GLY A 75 9.04 14.34 -11.89
N ARG A 76 8.20 13.39 -11.50
CA ARG A 76 8.67 12.07 -11.08
C ARG A 76 9.23 11.30 -12.28
N SER A 77 9.56 10.03 -12.05
CA SER A 77 10.12 9.18 -13.10
C SER A 77 9.21 7.99 -13.37
N ARG A 78 9.55 7.21 -14.38
CA ARG A 78 8.77 6.04 -14.75
C ARG A 78 9.18 4.83 -13.92
N ASP A 79 10.27 4.97 -13.17
CA ASP A 79 10.77 3.89 -12.33
C ASP A 79 10.04 3.86 -10.99
N GLY A 80 9.32 4.94 -10.69
CA GLY A 80 8.59 5.03 -9.44
C GLY A 80 7.20 4.43 -9.55
N LEU A 81 6.75 4.18 -10.77
CA LEU A 81 5.43 3.61 -11.01
C LEU A 81 5.28 2.28 -10.27
N LEU A 82 4.24 2.19 -9.44
CA LEU A 82 3.97 0.97 -8.68
C LEU A 82 2.49 0.64 -8.69
N THR A 83 2.17 -0.56 -9.17
CA THR A 83 0.78 -1.01 -9.23
C THR A 83 0.57 -2.28 -8.42
N VAL A 84 -0.49 -2.31 -7.62
CA VAL A 84 -0.80 -3.47 -6.80
C VAL A 84 -2.15 -4.07 -7.19
N ASN A 85 -2.21 -5.40 -7.23
CA ASN A 85 -3.44 -6.10 -7.58
C ASN A 85 -4.05 -6.77 -6.35
N LEU A 86 -5.36 -6.62 -6.20
CA LEU A 86 -6.07 -7.21 -5.07
C LEU A 86 -7.00 -8.32 -5.53
N ARG A 87 -7.23 -9.29 -4.67
CA ARG A 87 -8.12 -10.41 -4.98
C ARG A 87 -9.56 -9.95 -5.15
N GLU A 88 -9.93 -8.92 -4.39
CA GLU A 88 -11.28 -8.38 -4.46
C GLU A 88 -11.61 -7.92 -5.88
N GLY A 89 -10.58 -7.76 -6.69
CA GLY A 89 -10.78 -7.31 -8.06
C GLY A 89 -10.66 -5.81 -8.21
N SER A 90 -9.45 -5.30 -8.02
CA SER A 90 -9.19 -3.87 -8.13
C SER A 90 -7.70 -3.57 -7.99
N ARG A 91 -7.17 -2.83 -8.97
CA ARG A 91 -5.75 -2.47 -8.95
C ARG A 91 -5.54 -1.11 -8.30
N LEU A 92 -4.36 -0.91 -7.73
CA LEU A 92 -4.03 0.36 -7.07
C LEU A 92 -2.98 1.12 -7.86
N HIS A 93 -3.28 2.38 -8.17
CA HIS A 93 -2.35 3.23 -8.91
C HIS A 93 -1.53 4.11 -7.97
N LEU A 94 -0.30 3.70 -7.69
CA LEU A 94 0.59 4.44 -6.81
C LEU A 94 1.94 4.69 -7.47
N CYS A 95 2.67 5.66 -6.95
CA CYS A 95 3.99 6.00 -7.49
C CYS A 95 4.94 6.42 -6.37
N ALA A 96 6.21 6.08 -6.53
CA ALA A 96 7.22 6.42 -5.54
C ALA A 96 8.23 7.42 -6.10
N GLU A 97 9.09 7.93 -5.24
CA GLU A 97 10.10 8.90 -5.65
C GLU A 97 11.19 8.22 -6.48
N THR A 98 11.72 7.12 -5.98
CA THR A 98 12.77 6.38 -6.67
C THR A 98 12.44 4.90 -6.74
N ARG A 99 13.20 4.17 -7.57
CA ARG A 99 12.98 2.74 -7.73
C ARG A 99 13.05 2.02 -6.39
N ASP A 100 14.05 2.39 -5.58
CA ASP A 100 14.23 1.79 -4.27
C ASP A 100 12.91 1.74 -3.50
N ASP A 101 12.37 2.91 -3.19
CA ASP A 101 11.12 3.01 -2.46
C ASP A 101 10.06 2.09 -3.06
N ALA A 102 9.90 2.17 -4.38
CA ALA A 102 8.93 1.35 -5.08
C ALA A 102 9.13 -0.13 -4.76
N ILE A 103 10.37 -0.60 -4.88
CA ILE A 103 10.68 -2.00 -4.61
C ILE A 103 10.42 -2.35 -3.14
N ALA A 104 10.88 -1.48 -2.25
CA ALA A 104 10.69 -1.69 -0.82
C ALA A 104 9.24 -2.07 -0.51
N TRP A 105 8.31 -1.29 -1.04
CA TRP A 105 6.89 -1.54 -0.82
C TRP A 105 6.49 -2.90 -1.36
N LYS A 106 6.95 -3.21 -2.57
CA LYS A 106 6.63 -4.49 -3.21
C LYS A 106 6.97 -5.65 -2.28
N THR A 107 8.10 -5.53 -1.58
CA THR A 107 8.53 -6.57 -0.66
C THR A 107 7.67 -6.60 0.60
N ALA A 108 7.28 -5.42 1.06
CA ALA A 108 6.44 -5.31 2.25
C ALA A 108 5.02 -5.79 1.98
N LEU A 109 4.60 -5.70 0.72
CA LEU A 109 3.26 -6.13 0.32
C LEU A 109 3.25 -7.60 -0.07
N MET A 110 4.24 -8.00 -0.85
CA MET A 110 4.36 -9.39 -1.30
C MET A 110 4.57 -10.32 -0.11
N GLU A 111 5.23 -9.81 0.93
CA GLU A 111 5.50 -10.59 2.13
C GLU A 111 4.24 -10.75 2.97
N ALA A 112 3.73 -9.63 3.49
CA ALA A 112 2.52 -9.65 4.31
C ALA A 112 1.39 -10.40 3.62
N ASN A 113 1.37 -10.33 2.29
CA ASN A 113 0.34 -11.00 1.50
C ASN A 113 0.50 -12.52 1.57
N SER A 114 1.74 -12.98 1.52
CA SER A 114 2.02 -14.41 1.59
C SER A 114 2.80 -14.76 2.86
N THR A 115 2.35 -14.20 3.99
CA THR A 115 3.01 -14.45 5.26
C THR A 115 2.10 -14.05 6.42
N PRO A 116 1.55 -15.06 7.12
CA PRO A 116 0.65 -14.84 8.26
C PRO A 116 1.39 -14.27 9.47
N ALA A 117 0.65 -13.99 10.53
CA ALA A 117 1.23 -13.46 11.76
C ALA A 117 1.02 -14.41 12.94
N PRO A 118 1.89 -14.30 13.95
CA PRO A 118 1.82 -15.14 15.15
C PRO A 118 0.61 -14.81 16.02
N ALA A 119 0.08 -13.60 15.85
CA ALA A 119 -1.08 -13.16 16.62
C ALA A 119 -2.37 -13.52 15.90
N GLY A 120 -3.38 -13.93 16.67
CA GLY A 120 -4.65 -14.31 16.09
C GLY A 120 -5.82 -13.96 16.99
N ALA A 121 -6.31 -12.72 16.89
CA ALA A 121 -7.43 -12.26 17.71
C ALA A 121 -8.44 -11.51 16.86
N THR A 122 -9.55 -11.12 17.47
CA THR A 122 -10.61 -10.39 16.78
C THR A 122 -10.46 -8.89 16.99
N VAL A 123 -10.47 -8.14 15.88
CA VAL A 123 -10.35 -6.69 15.95
C VAL A 123 -11.57 -6.06 16.60
N PRO A 124 -11.34 -5.01 17.40
CA PRO A 124 -12.41 -4.30 18.10
C PRO A 124 -13.28 -3.49 17.15
N SER A 125 -12.97 -3.57 15.85
CA SER A 125 -13.72 -2.84 14.84
C SER A 125 -15.20 -2.75 15.22
N GLY A 126 -15.74 -3.86 15.71
CA GLY A 126 -17.14 -3.89 16.11
C GLY A 126 -18.07 -3.56 14.96
N PRO A 127 -19.28 -3.10 15.29
CA PRO A 127 -20.29 -2.74 14.28
C PRO A 127 -19.91 -1.49 13.50
N SER A 128 -19.21 -1.68 12.38
CA SER A 128 -18.78 -0.57 11.54
C SER A 128 -18.47 -1.04 10.13
N SER A 129 -18.44 -0.10 9.19
CA SER A 129 -18.15 -0.42 7.80
C SER A 129 -17.51 0.77 7.09
N GLY A 130 -16.58 0.48 6.18
CA GLY A 130 -15.91 1.52 5.44
C GLY A 130 -16.88 2.50 4.79
N GLY A 1 12.52 -7.44 6.78
CA GLY A 1 13.17 -6.41 7.54
C GLY A 1 12.59 -6.25 8.93
N SER A 2 13.19 -5.37 9.73
CA SER A 2 12.72 -5.14 11.10
C SER A 2 11.30 -4.58 11.10
N SER A 3 10.66 -4.64 12.26
CA SER A 3 9.29 -4.14 12.40
C SER A 3 9.25 -2.91 13.29
N GLY A 4 9.83 -3.03 14.49
CA GLY A 4 9.85 -1.93 15.43
C GLY A 4 8.62 -1.88 16.30
N SER A 5 7.74 -0.92 16.04
CA SER A 5 6.52 -0.77 16.82
C SER A 5 5.54 -1.89 16.51
N SER A 6 4.66 -2.19 17.46
CA SER A 6 3.67 -3.24 17.28
C SER A 6 2.39 -2.69 16.67
N GLY A 7 2.05 -3.17 15.48
CA GLY A 7 0.85 -2.71 14.80
C GLY A 7 1.13 -2.17 13.42
N LEU A 8 2.08 -1.23 13.34
CA LEU A 8 2.44 -0.63 12.06
C LEU A 8 3.73 -1.24 11.51
N VAL A 9 3.84 -1.28 10.19
CA VAL A 9 5.02 -1.85 9.54
C VAL A 9 5.84 -0.75 8.87
N ARG A 10 5.22 -0.02 7.95
CA ARG A 10 5.90 1.05 7.23
C ARG A 10 4.90 2.10 6.77
N GLY A 11 5.41 3.29 6.44
CA GLY A 11 4.55 4.37 6.00
C GLY A 11 5.26 5.31 5.04
N GLY A 12 4.57 6.39 4.65
CA GLY A 12 5.16 7.35 3.75
C GLY A 12 4.14 7.92 2.78
N TRP A 13 4.57 8.87 1.96
CA TRP A 13 3.69 9.50 0.98
C TRP A 13 3.92 8.93 -0.41
N LEU A 14 2.83 8.64 -1.11
CA LEU A 14 2.91 8.08 -2.46
C LEU A 14 1.86 8.71 -3.37
N TRP A 15 2.19 8.83 -4.65
CA TRP A 15 1.27 9.41 -5.63
C TRP A 15 0.26 8.38 -6.11
N ARG A 16 -1.02 8.66 -5.89
CA ARG A 16 -2.08 7.76 -6.30
C ARG A 16 -2.85 8.33 -7.48
N GLN A 17 -3.21 7.45 -8.43
CA GLN A 17 -3.95 7.88 -9.61
C GLN A 17 -5.41 7.46 -9.52
N SER A 18 -6.28 8.21 -10.19
CA SER A 18 -7.71 7.93 -10.18
C SER A 18 -8.15 7.29 -11.50
N SER A 19 -9.41 6.87 -11.55
CA SER A 19 -9.96 6.25 -12.75
C SER A 19 -10.59 7.29 -13.67
N ILE A 20 -11.23 8.29 -13.05
CA ILE A 20 -11.88 9.35 -13.82
C ILE A 20 -11.01 10.60 -13.88
N LEU A 21 -10.42 10.96 -12.75
CA LEU A 21 -9.56 12.13 -12.67
C LEU A 21 -8.19 11.84 -13.29
N ARG A 22 -7.85 10.57 -13.40
CA ARG A 22 -6.58 10.16 -13.97
C ARG A 22 -5.46 11.10 -13.54
N ARG A 23 -5.65 11.73 -12.39
CA ARG A 23 -4.66 12.66 -11.87
C ARG A 23 -4.01 12.11 -10.59
N TRP A 24 -2.72 12.38 -10.42
CA TRP A 24 -1.98 11.92 -9.26
C TRP A 24 -2.30 12.77 -8.03
N LYS A 25 -2.33 12.15 -6.87
CA LYS A 25 -2.62 12.84 -5.62
C LYS A 25 -1.78 12.28 -4.47
N ARG A 26 -1.29 13.18 -3.62
CA ARG A 26 -0.48 12.77 -2.47
C ARG A 26 -1.35 12.13 -1.39
N ASN A 27 -0.90 10.99 -0.89
CA ASN A 27 -1.63 10.27 0.15
C ASN A 27 -0.68 9.50 1.06
N TRP A 28 -1.07 9.33 2.31
CA TRP A 28 -0.25 8.60 3.28
C TRP A 28 -0.76 7.17 3.46
N PHE A 29 0.10 6.21 3.16
CA PHE A 29 -0.26 4.80 3.28
C PHE A 29 0.42 4.17 4.50
N ALA A 30 -0.25 3.19 5.11
CA ALA A 30 0.28 2.52 6.27
C ALA A 30 -0.23 1.08 6.37
N LEU A 31 0.68 0.13 6.48
CA LEU A 31 0.32 -1.28 6.57
C LEU A 31 0.19 -1.71 8.03
N TRP A 32 -0.90 -2.42 8.34
CA TRP A 32 -1.13 -2.90 9.69
C TRP A 32 -0.79 -4.38 9.82
N LEU A 33 -0.30 -4.77 10.99
CA LEU A 33 0.07 -6.16 11.24
C LEU A 33 -1.10 -7.10 10.94
N ASP A 34 -2.31 -6.59 11.12
CA ASP A 34 -3.52 -7.38 10.88
C ASP A 34 -3.55 -7.87 9.44
N GLY A 35 -2.71 -7.28 8.59
CA GLY A 35 -2.67 -7.68 7.19
C GLY A 35 -3.60 -6.86 6.32
N THR A 36 -3.70 -5.57 6.62
CA THR A 36 -4.56 -4.67 5.86
C THR A 36 -3.82 -3.40 5.46
N LEU A 37 -4.35 -2.69 4.47
CA LEU A 37 -3.74 -1.45 3.99
C LEU A 37 -4.73 -0.30 4.08
N GLY A 38 -4.45 0.64 4.97
CA GLY A 38 -5.32 1.79 5.13
C GLY A 38 -4.58 3.10 4.97
N TYR A 39 -4.95 3.87 3.96
CA TYR A 39 -4.31 5.15 3.69
C TYR A 39 -5.22 6.31 4.10
N TYR A 40 -4.64 7.31 4.75
CA TYR A 40 -5.39 8.47 5.21
C TYR A 40 -4.91 9.74 4.51
N HIS A 41 -5.58 10.85 4.78
CA HIS A 41 -5.22 12.13 4.19
C HIS A 41 -3.85 12.58 4.67
N ASP A 42 -3.64 12.55 5.98
CA ASP A 42 -2.37 12.97 6.57
C ASP A 42 -2.06 12.14 7.82
N GLU A 43 -0.97 12.49 8.48
CA GLU A 43 -0.57 11.78 9.70
C GLU A 43 -1.77 11.46 10.57
N THR A 44 -2.71 12.40 10.65
CA THR A 44 -3.91 12.22 11.46
C THR A 44 -4.82 11.15 10.86
N ALA A 45 -4.80 9.96 11.43
CA ALA A 45 -5.63 8.86 10.96
C ALA A 45 -7.06 9.01 11.43
N GLN A 46 -7.63 10.20 11.22
CA GLN A 46 -9.01 10.47 11.62
C GLN A 46 -9.92 10.54 10.41
N ASP A 47 -9.36 10.86 9.25
CA ASP A 47 -10.13 10.95 8.02
C ASP A 47 -9.93 9.71 7.16
N GLU A 48 -10.00 8.53 7.79
CA GLU A 48 -9.81 7.28 7.08
C GLU A 48 -10.38 7.37 5.66
N GLU A 49 -9.49 7.29 4.68
CA GLU A 49 -9.90 7.36 3.28
C GLU A 49 -10.48 6.03 2.82
N ASP A 50 -9.72 4.95 3.01
CA ASP A 50 -10.16 3.63 2.61
C ASP A 50 -9.29 2.55 3.25
N ARG A 51 -9.59 1.29 2.95
CA ARG A 51 -8.84 0.17 3.48
C ARG A 51 -8.96 -1.06 2.59
N VAL A 52 -7.82 -1.64 2.22
CA VAL A 52 -7.80 -2.82 1.36
C VAL A 52 -7.02 -3.96 2.00
N VAL A 53 -7.61 -5.14 2.04
CA VAL A 53 -6.96 -6.31 2.62
C VAL A 53 -5.63 -6.60 1.93
N ILE A 54 -4.62 -6.92 2.72
CA ILE A 54 -3.30 -7.23 2.18
C ILE A 54 -2.99 -8.72 2.29
N HIS A 55 -3.33 -9.31 3.43
CA HIS A 55 -3.10 -10.73 3.66
C HIS A 55 -3.65 -11.56 2.51
N PHE A 56 -2.78 -12.35 1.88
CA PHE A 56 -3.19 -13.20 0.76
C PHE A 56 -4.22 -12.49 -0.11
N ASN A 57 -4.06 -11.18 -0.24
CA ASN A 57 -4.98 -10.38 -1.05
C ASN A 57 -4.28 -9.84 -2.29
N VAL A 58 -2.99 -9.58 -2.17
CA VAL A 58 -2.19 -9.07 -3.29
C VAL A 58 -2.04 -10.12 -4.38
N ARG A 59 -2.74 -9.91 -5.50
CA ARG A 59 -2.69 -10.83 -6.62
C ARG A 59 -1.42 -10.61 -7.45
N ASP A 60 -1.07 -9.33 -7.63
CA ASP A 60 0.13 -8.99 -8.40
C ASP A 60 0.62 -7.59 -8.04
N ILE A 61 1.83 -7.27 -8.48
CA ILE A 61 2.42 -5.96 -8.19
C ILE A 61 3.38 -5.54 -9.30
N LYS A 62 3.04 -4.46 -10.00
CA LYS A 62 3.88 -3.95 -11.07
C LYS A 62 4.65 -2.72 -10.63
N VAL A 63 5.91 -2.63 -11.05
CA VAL A 63 6.76 -1.51 -10.69
C VAL A 63 7.62 -1.07 -11.87
N GLY A 64 7.61 0.24 -12.15
CA GLY A 64 8.40 0.76 -13.26
C GLY A 64 7.89 0.29 -14.61
N GLN A 65 8.81 -0.10 -15.49
CA GLN A 65 8.44 -0.57 -16.81
C GLN A 65 7.20 -1.46 -16.76
N GLU A 66 7.14 -2.30 -15.75
CA GLU A 66 6.00 -3.21 -15.58
C GLU A 66 4.69 -2.52 -15.94
N CYS A 67 4.45 -1.36 -15.32
CA CYS A 67 3.23 -0.60 -15.57
C CYS A 67 2.99 -0.43 -17.07
N GLN A 68 1.73 -0.30 -17.46
CA GLN A 68 1.38 -0.14 -18.86
C GLN A 68 0.17 0.79 -19.02
N ASP A 69 0.24 1.67 -20.00
CA ASP A 69 -0.85 2.61 -20.25
C ASP A 69 -1.05 3.54 -19.06
N VAL A 70 0.05 4.08 -18.55
CA VAL A 70 0.00 4.99 -17.41
C VAL A 70 0.99 6.12 -17.55
N GLN A 71 0.54 7.35 -17.27
CA GLN A 71 1.40 8.52 -17.38
C GLN A 71 1.89 8.96 -16.01
N PRO A 72 3.22 9.02 -15.83
CA PRO A 72 3.84 9.43 -14.57
C PRO A 72 3.64 10.92 -14.28
N PRO A 73 3.64 11.28 -12.99
CA PRO A 73 3.47 12.67 -12.55
C PRO A 73 4.66 13.54 -12.91
N GLU A 74 4.39 14.80 -13.24
CA GLU A 74 5.45 15.74 -13.61
C GLU A 74 6.50 15.81 -12.51
N GLY A 75 7.77 15.80 -12.92
CA GLY A 75 8.86 15.88 -11.96
C GLY A 75 9.39 14.51 -11.58
N ARG A 76 8.51 13.66 -11.06
CA ARG A 76 8.90 12.31 -10.65
C ARG A 76 9.54 11.56 -11.81
N SER A 77 9.81 10.28 -11.60
CA SER A 77 10.43 9.45 -12.63
C SER A 77 9.58 8.21 -12.93
N ARG A 78 9.91 7.52 -14.01
CA ARG A 78 9.17 6.33 -14.41
C ARG A 78 9.56 5.14 -13.52
N ASP A 79 10.66 5.28 -12.80
CA ASP A 79 11.14 4.23 -11.92
C ASP A 79 10.37 4.24 -10.59
N GLY A 80 9.31 5.03 -10.53
CA GLY A 80 8.51 5.12 -9.32
C GLY A 80 7.17 4.43 -9.45
N LEU A 81 6.69 4.31 -10.68
CA LEU A 81 5.41 3.66 -10.94
C LEU A 81 5.26 2.39 -10.11
N LEU A 82 4.12 2.26 -9.44
CA LEU A 82 3.86 1.08 -8.61
C LEU A 82 2.36 0.82 -8.51
N THR A 83 1.95 -0.38 -8.93
CA THR A 83 0.54 -0.77 -8.88
C THR A 83 0.36 -2.07 -8.12
N VAL A 84 -0.65 -2.11 -7.25
CA VAL A 84 -0.93 -3.30 -6.47
C VAL A 84 -2.28 -3.89 -6.84
N ASN A 85 -2.30 -5.19 -7.15
CA ASN A 85 -3.52 -5.88 -7.52
C ASN A 85 -4.17 -6.54 -6.31
N LEU A 86 -5.45 -6.28 -6.10
CA LEU A 86 -6.18 -6.85 -4.97
C LEU A 86 -7.10 -7.98 -5.44
N ARG A 87 -7.32 -8.95 -4.58
CA ARG A 87 -8.18 -10.08 -4.90
C ARG A 87 -9.62 -9.63 -5.11
N GLU A 88 -10.12 -8.82 -4.17
CA GLU A 88 -11.49 -8.32 -4.25
C GLU A 88 -11.86 -7.99 -5.68
N GLY A 89 -10.94 -7.36 -6.40
CA GLY A 89 -11.20 -7.00 -7.79
C GLY A 89 -11.02 -5.52 -8.04
N SER A 90 -9.85 -4.99 -7.66
CA SER A 90 -9.56 -3.58 -7.85
C SER A 90 -8.06 -3.32 -7.74
N ARG A 91 -7.50 -2.65 -8.75
CA ARG A 91 -6.08 -2.34 -8.77
C ARG A 91 -5.81 -0.99 -8.11
N LEU A 92 -4.61 -0.83 -7.56
CA LEU A 92 -4.23 0.40 -6.89
C LEU A 92 -3.08 1.09 -7.63
N HIS A 93 -3.40 2.11 -8.41
CA HIS A 93 -2.39 2.85 -9.16
C HIS A 93 -1.63 3.81 -8.26
N LEU A 94 -0.40 3.46 -7.92
CA LEU A 94 0.43 4.29 -7.06
C LEU A 94 1.79 4.57 -7.70
N CYS A 95 2.53 5.51 -7.14
CA CYS A 95 3.85 5.85 -7.66
C CYS A 95 4.74 6.39 -6.54
N ALA A 96 6.01 5.98 -6.55
CA ALA A 96 6.97 6.42 -5.55
C ALA A 96 7.91 7.47 -6.11
N GLU A 97 8.76 8.01 -5.25
CA GLU A 97 9.72 9.03 -5.66
C GLU A 97 10.92 8.41 -6.36
N THR A 98 11.45 7.34 -5.77
CA THR A 98 12.61 6.65 -6.33
C THR A 98 12.37 5.14 -6.38
N ARG A 99 13.22 4.44 -7.12
CA ARG A 99 13.11 3.00 -7.25
C ARG A 99 13.14 2.32 -5.88
N ASP A 100 14.06 2.77 -5.03
CA ASP A 100 14.21 2.22 -3.69
C ASP A 100 12.85 2.12 -2.99
N ASP A 101 12.24 3.26 -2.74
CA ASP A 101 10.94 3.31 -2.08
C ASP A 101 9.96 2.34 -2.75
N ALA A 102 9.85 2.43 -4.06
CA ALA A 102 8.95 1.57 -4.82
C ALA A 102 9.18 0.10 -4.46
N ILE A 103 10.41 -0.36 -4.65
CA ILE A 103 10.76 -1.74 -4.35
C ILE A 103 10.40 -2.10 -2.92
N ALA A 104 10.76 -1.23 -1.98
CA ALA A 104 10.46 -1.45 -0.56
C ALA A 104 9.02 -1.90 -0.38
N TRP A 105 8.09 -1.11 -0.90
CA TRP A 105 6.67 -1.43 -0.78
C TRP A 105 6.35 -2.79 -1.40
N LYS A 106 6.91 -3.05 -2.58
CA LYS A 106 6.70 -4.31 -3.27
C LYS A 106 7.04 -5.49 -2.36
N THR A 107 8.22 -5.44 -1.75
CA THR A 107 8.67 -6.50 -0.86
C THR A 107 7.80 -6.57 0.41
N ALA A 108 7.52 -5.40 0.97
CA ALA A 108 6.70 -5.32 2.17
C ALA A 108 5.30 -5.87 1.92
N LEU A 109 4.84 -5.77 0.68
CA LEU A 109 3.52 -6.25 0.31
C LEU A 109 3.56 -7.74 -0.02
N MET A 110 4.47 -8.13 -0.91
CA MET A 110 4.61 -9.52 -1.30
C MET A 110 4.77 -10.42 -0.08
N GLU A 111 5.39 -9.88 0.97
CA GLU A 111 5.61 -10.63 2.19
C GLU A 111 4.31 -10.77 2.99
N ALA A 112 3.85 -9.67 3.55
CA ALA A 112 2.62 -9.66 4.33
C ALA A 112 1.48 -10.37 3.58
N ASN A 113 1.57 -10.36 2.26
CA ASN A 113 0.55 -10.99 1.41
C ASN A 113 0.65 -12.51 1.50
N SER A 114 1.88 -13.02 1.51
CA SER A 114 2.10 -14.46 1.59
C SER A 114 2.92 -14.81 2.83
N THR A 115 2.55 -14.22 3.96
CA THR A 115 3.24 -14.47 5.22
C THR A 115 2.31 -14.29 6.41
N PRO A 116 1.88 -15.40 7.00
CA PRO A 116 0.97 -15.39 8.16
C PRO A 116 1.66 -14.86 9.42
N ALA A 117 0.86 -14.54 10.43
CA ALA A 117 1.38 -14.03 11.69
C ALA A 117 0.63 -14.62 12.88
N PRO A 118 1.23 -14.49 14.07
CA PRO A 118 0.64 -15.02 15.30
C PRO A 118 -0.59 -14.23 15.74
N ALA A 119 -0.67 -12.98 15.30
CA ALA A 119 -1.79 -12.12 15.64
C ALA A 119 -3.09 -12.66 15.05
N GLY A 120 -4.20 -12.32 15.70
CA GLY A 120 -5.50 -12.79 15.23
C GLY A 120 -6.64 -12.27 16.07
N ALA A 121 -6.97 -11.00 15.91
CA ALA A 121 -8.05 -10.38 16.67
C ALA A 121 -9.38 -10.53 15.95
N THR A 122 -10.47 -10.14 16.61
CA THR A 122 -11.79 -10.23 16.03
C THR A 122 -12.07 -9.06 15.09
N VAL A 123 -12.14 -9.36 13.79
CA VAL A 123 -12.39 -8.33 12.78
C VAL A 123 -13.07 -8.93 11.56
N PRO A 124 -13.99 -8.15 10.96
CA PRO A 124 -14.74 -8.57 9.77
C PRO A 124 -13.85 -8.66 8.53
N SER A 125 -13.36 -9.86 8.24
CA SER A 125 -12.49 -10.07 7.08
C SER A 125 -13.30 -9.98 5.79
N GLY A 126 -12.64 -10.25 4.66
CA GLY A 126 -13.30 -10.19 3.38
C GLY A 126 -12.71 -11.18 2.39
N PRO A 127 -12.97 -12.48 2.62
CA PRO A 127 -12.47 -13.54 1.76
C PRO A 127 -13.17 -13.56 0.40
N SER A 128 -12.58 -14.26 -0.56
CA SER A 128 -13.14 -14.35 -1.90
C SER A 128 -12.71 -15.65 -2.59
N SER A 129 -13.56 -16.15 -3.48
CA SER A 129 -13.27 -17.38 -4.19
C SER A 129 -11.89 -17.33 -4.85
N GLY A 130 -11.08 -18.36 -4.58
CA GLY A 130 -9.75 -18.40 -5.14
C GLY A 130 -9.40 -19.75 -5.74
N GLY A 1 -14.93 -11.62 16.86
CA GLY A 1 -14.66 -10.66 15.81
C GLY A 1 -13.29 -10.84 15.19
N SER A 2 -12.28 -10.25 15.83
CA SER A 2 -10.91 -10.34 15.32
C SER A 2 -9.93 -10.54 16.47
N SER A 3 -8.71 -10.95 16.14
CA SER A 3 -7.68 -11.19 17.14
C SER A 3 -7.36 -9.91 17.90
N GLY A 4 -7.62 -8.77 17.27
CA GLY A 4 -7.36 -7.49 17.90
C GLY A 4 -5.91 -7.32 18.28
N SER A 5 -5.16 -6.58 17.47
CA SER A 5 -3.75 -6.35 17.73
C SER A 5 -3.29 -5.03 17.10
N SER A 6 -2.45 -4.30 17.82
CA SER A 6 -1.94 -3.02 17.34
C SER A 6 -0.46 -3.15 16.93
N GLY A 7 -0.12 -2.54 15.80
CA GLY A 7 1.25 -2.59 15.32
C GLY A 7 1.39 -2.05 13.91
N LEU A 8 2.34 -1.14 13.71
CA LEU A 8 2.57 -0.55 12.41
C LEU A 8 3.83 -1.12 11.77
N VAL A 9 3.89 -1.06 10.43
CA VAL A 9 5.04 -1.57 9.71
C VAL A 9 5.78 -0.44 8.98
N ARG A 10 5.06 0.28 8.13
CA ARG A 10 5.65 1.38 7.38
C ARG A 10 4.61 2.46 7.09
N GLY A 11 5.07 3.70 6.95
CA GLY A 11 4.17 4.79 6.67
C GLY A 11 4.81 5.87 5.81
N GLY A 12 4.70 5.71 4.49
CA GLY A 12 5.27 6.68 3.58
C GLY A 12 4.27 7.20 2.57
N TRP A 13 4.44 8.44 2.15
CA TRP A 13 3.53 9.06 1.18
C TRP A 13 3.73 8.45 -0.20
N LEU A 14 2.67 8.45 -1.01
CA LEU A 14 2.71 7.90 -2.35
C LEU A 14 1.69 8.56 -3.26
N TRP A 15 2.10 8.88 -4.49
CA TRP A 15 1.21 9.52 -5.44
C TRP A 15 0.25 8.51 -6.05
N ARG A 16 -1.04 8.76 -5.89
CA ARG A 16 -2.07 7.87 -6.42
C ARG A 16 -2.83 8.54 -7.56
N GLN A 17 -3.11 7.77 -8.61
CA GLN A 17 -3.83 8.30 -9.77
C GLN A 17 -5.33 8.03 -9.64
N SER A 18 -6.13 9.07 -9.88
CA SER A 18 -7.58 8.94 -9.79
C SER A 18 -8.18 8.57 -11.14
N SER A 19 -9.51 8.51 -11.19
CA SER A 19 -10.20 8.15 -12.42
C SER A 19 -10.75 9.41 -13.12
N ILE A 20 -11.66 10.11 -12.43
CA ILE A 20 -12.25 11.32 -12.97
C ILE A 20 -11.24 12.46 -13.02
N LEU A 21 -10.50 12.63 -11.93
CA LEU A 21 -9.49 13.68 -11.84
C LEU A 21 -8.26 13.32 -12.67
N ARG A 22 -8.14 12.05 -13.02
CA ARG A 22 -7.00 11.57 -13.81
C ARG A 22 -5.74 12.35 -13.44
N ARG A 23 -5.56 12.63 -12.15
CA ARG A 23 -4.39 13.35 -11.68
C ARG A 23 -3.78 12.66 -10.46
N TRP A 24 -2.48 12.83 -10.29
CA TRP A 24 -1.77 12.22 -9.17
C TRP A 24 -1.99 13.03 -7.90
N LYS A 25 -2.32 12.33 -6.81
CA LYS A 25 -2.56 12.97 -5.53
C LYS A 25 -1.73 12.30 -4.42
N ARG A 26 -1.29 13.10 -3.46
CA ARG A 26 -0.50 12.59 -2.35
C ARG A 26 -1.38 11.83 -1.36
N ASN A 27 -0.86 10.72 -0.86
CA ASN A 27 -1.61 9.90 0.10
C ASN A 27 -0.65 9.16 1.04
N TRP A 28 -1.01 9.13 2.32
CA TRP A 28 -0.18 8.45 3.32
C TRP A 28 -0.67 7.02 3.55
N PHE A 29 0.01 6.07 2.93
CA PHE A 29 -0.34 4.66 3.05
C PHE A 29 0.40 4.02 4.23
N ALA A 30 -0.33 3.26 5.03
CA ALA A 30 0.25 2.59 6.18
C ALA A 30 -0.24 1.15 6.29
N LEU A 31 0.70 0.22 6.45
CA LEU A 31 0.36 -1.20 6.56
C LEU A 31 0.29 -1.62 8.02
N TRP A 32 -0.75 -2.36 8.37
CA TRP A 32 -0.93 -2.84 9.73
C TRP A 32 -0.59 -4.32 9.85
N LEU A 33 -0.17 -4.74 11.03
CA LEU A 33 0.19 -6.14 11.28
C LEU A 33 -0.99 -7.06 10.99
N ASP A 34 -2.20 -6.56 11.24
CA ASP A 34 -3.40 -7.34 11.01
C ASP A 34 -3.48 -7.80 9.56
N GLY A 35 -2.77 -7.10 8.68
CA GLY A 35 -2.77 -7.46 7.28
C GLY A 35 -3.72 -6.60 6.47
N THR A 36 -3.77 -5.30 6.79
CA THR A 36 -4.64 -4.38 6.09
C THR A 36 -3.87 -3.15 5.61
N LEU A 37 -4.39 -2.50 4.57
CA LEU A 37 -3.74 -1.32 4.01
C LEU A 37 -4.68 -0.12 4.05
N GLY A 38 -4.37 0.85 4.90
CA GLY A 38 -5.20 2.03 5.01
C GLY A 38 -4.43 3.31 4.67
N TYR A 39 -5.04 4.15 3.84
CA TYR A 39 -4.42 5.41 3.44
C TYR A 39 -5.24 6.60 3.90
N TYR A 40 -4.58 7.56 4.55
CA TYR A 40 -5.25 8.75 5.05
C TYR A 40 -4.73 10.00 4.34
N HIS A 41 -5.31 11.14 4.67
CA HIS A 41 -4.92 12.41 4.08
C HIS A 41 -3.53 12.84 4.55
N ASP A 42 -3.42 13.08 5.86
CA ASP A 42 -2.16 13.49 6.45
C ASP A 42 -1.77 12.58 7.62
N GLU A 43 -0.61 12.82 8.19
CA GLU A 43 -0.14 12.02 9.32
C GLU A 43 -1.28 11.69 10.27
N THR A 44 -2.28 12.57 10.31
CA THR A 44 -3.43 12.37 11.18
C THR A 44 -4.35 11.28 10.64
N ALA A 45 -4.34 10.12 11.30
CA ALA A 45 -5.17 9.00 10.88
C ALA A 45 -6.57 9.10 11.49
N GLN A 46 -7.17 10.29 11.39
CA GLN A 46 -8.50 10.51 11.92
C GLN A 46 -9.54 10.53 10.80
N ASP A 47 -9.07 10.66 9.57
CA ASP A 47 -9.95 10.69 8.42
C ASP A 47 -9.74 9.47 7.52
N GLU A 48 -10.08 8.29 8.05
CA GLU A 48 -9.92 7.05 7.30
C GLU A 48 -10.63 7.13 5.96
N GLU A 49 -9.84 7.24 4.89
CA GLU A 49 -10.40 7.32 3.54
C GLU A 49 -10.89 5.96 3.06
N ASP A 50 -10.09 4.93 3.33
CA ASP A 50 -10.45 3.56 2.93
C ASP A 50 -9.51 2.55 3.58
N ARG A 51 -9.84 1.28 3.41
CA ARG A 51 -9.03 0.20 3.98
C ARG A 51 -9.20 -1.09 3.19
N VAL A 52 -8.10 -1.57 2.60
CA VAL A 52 -8.14 -2.80 1.82
C VAL A 52 -7.40 -3.93 2.54
N VAL A 53 -7.62 -5.16 2.06
CA VAL A 53 -6.98 -6.32 2.67
C VAL A 53 -5.64 -6.63 2.01
N ILE A 54 -4.64 -6.94 2.82
CA ILE A 54 -3.31 -7.25 2.32
C ILE A 54 -3.00 -8.73 2.45
N HIS A 55 -3.43 -9.32 3.56
CA HIS A 55 -3.20 -10.74 3.81
C HIS A 55 -3.80 -11.59 2.69
N PHE A 56 -2.95 -12.35 2.02
CA PHE A 56 -3.40 -13.21 0.92
C PHE A 56 -4.48 -12.53 0.11
N ASN A 57 -4.26 -11.26 -0.22
CA ASN A 57 -5.22 -10.49 -0.99
C ASN A 57 -4.58 -9.97 -2.28
N VAL A 58 -3.30 -9.67 -2.21
CA VAL A 58 -2.57 -9.16 -3.37
C VAL A 58 -2.35 -10.26 -4.41
N ARG A 59 -2.82 -10.01 -5.63
CA ARG A 59 -2.67 -10.97 -6.71
C ARG A 59 -1.33 -10.81 -7.41
N ASP A 60 -0.93 -9.57 -7.64
CA ASP A 60 0.34 -9.29 -8.31
C ASP A 60 0.71 -7.82 -8.14
N ILE A 61 2.01 -7.53 -8.23
CA ILE A 61 2.50 -6.17 -8.08
C ILE A 61 3.57 -5.86 -9.13
N LYS A 62 3.46 -4.69 -9.76
CA LYS A 62 4.42 -4.27 -10.77
C LYS A 62 5.09 -2.96 -10.37
N VAL A 63 6.23 -2.67 -11.00
CA VAL A 63 6.98 -1.45 -10.71
C VAL A 63 7.64 -0.91 -11.97
N GLY A 64 7.52 0.40 -12.18
CA GLY A 64 8.12 1.03 -13.35
C GLY A 64 7.74 0.33 -14.63
N GLN A 65 8.72 0.04 -15.47
CA GLN A 65 8.48 -0.62 -16.75
C GLN A 65 7.46 -1.74 -16.59
N GLU A 66 7.72 -2.65 -15.65
CA GLU A 66 6.83 -3.77 -15.41
C GLU A 66 5.36 -3.34 -15.51
N CYS A 67 5.03 -2.25 -14.82
CA CYS A 67 3.67 -1.73 -14.83
C CYS A 67 3.27 -1.27 -16.23
N GLN A 68 1.97 -1.09 -16.45
CA GLN A 68 1.47 -0.65 -17.74
C GLN A 68 2.15 0.64 -18.18
N ASP A 69 1.70 1.19 -19.30
CA ASP A 69 2.26 2.43 -19.83
C ASP A 69 1.67 3.64 -19.10
N VAL A 70 1.61 3.55 -17.78
CA VAL A 70 1.08 4.64 -16.97
C VAL A 70 1.97 5.88 -17.06
N GLN A 71 1.34 7.05 -17.13
CA GLN A 71 2.07 8.30 -17.23
C GLN A 71 2.46 8.81 -15.84
N PRO A 72 3.77 8.82 -15.55
CA PRO A 72 4.29 9.28 -14.27
C PRO A 72 4.13 10.79 -14.07
N PRO A 73 3.98 11.21 -12.81
CA PRO A 73 3.82 12.63 -12.47
C PRO A 73 5.09 13.42 -12.68
N GLU A 74 4.95 14.72 -12.89
CA GLU A 74 6.10 15.60 -13.11
C GLU A 74 7.11 15.45 -11.98
N GLY A 75 8.39 15.59 -12.33
CA GLY A 75 9.45 15.48 -11.33
C GLY A 75 9.85 14.03 -11.11
N ARG A 76 8.87 13.17 -10.90
CA ARG A 76 9.13 11.75 -10.66
C ARG A 76 9.62 11.06 -11.93
N SER A 77 9.80 9.75 -11.86
CA SER A 77 10.27 8.97 -13.00
C SER A 77 9.44 7.71 -13.17
N ARG A 78 9.44 7.16 -14.38
CA ARG A 78 8.68 5.96 -14.67
C ARG A 78 8.97 4.87 -13.64
N ASP A 79 10.24 4.61 -13.41
CA ASP A 79 10.64 3.59 -12.44
C ASP A 79 9.83 3.71 -11.15
N GLY A 80 9.48 4.94 -10.79
CA GLY A 80 8.71 5.18 -9.59
C GLY A 80 7.37 4.45 -9.61
N LEU A 81 6.75 4.40 -10.78
CA LEU A 81 5.46 3.74 -10.92
C LEU A 81 5.37 2.50 -10.02
N LEU A 82 4.19 2.26 -9.48
CA LEU A 82 3.97 1.11 -8.60
C LEU A 82 2.49 0.82 -8.45
N THR A 83 2.06 -0.31 -9.01
CA THR A 83 0.66 -0.72 -8.93
C THR A 83 0.50 -2.04 -8.20
N VAL A 84 -0.59 -2.18 -7.46
CA VAL A 84 -0.86 -3.39 -6.70
C VAL A 84 -2.22 -3.99 -7.07
N ASN A 85 -2.23 -5.27 -7.40
CA ASN A 85 -3.46 -5.95 -7.76
C ASN A 85 -4.10 -6.63 -6.55
N LEU A 86 -5.42 -6.60 -6.50
CA LEU A 86 -6.16 -7.21 -5.39
C LEU A 86 -6.94 -8.43 -5.85
N ARG A 87 -7.15 -9.37 -4.94
CA ARG A 87 -7.90 -10.59 -5.26
C ARG A 87 -9.38 -10.30 -5.40
N GLU A 88 -9.86 -9.27 -4.71
CA GLU A 88 -11.26 -8.88 -4.75
C GLU A 88 -11.65 -8.43 -6.16
N GLY A 89 -10.70 -7.82 -6.86
CA GLY A 89 -10.97 -7.35 -8.21
C GLY A 89 -10.77 -5.86 -8.35
N SER A 90 -9.54 -5.40 -8.11
CA SER A 90 -9.22 -3.98 -8.20
C SER A 90 -7.71 -3.76 -8.09
N ARG A 91 -7.24 -2.69 -8.72
CA ARG A 91 -5.82 -2.36 -8.70
C ARG A 91 -5.57 -1.03 -7.99
N LEU A 92 -4.38 -0.89 -7.43
CA LEU A 92 -4.02 0.34 -6.73
C LEU A 92 -2.93 1.11 -7.47
N HIS A 93 -3.32 2.20 -8.11
CA HIS A 93 -2.39 3.03 -8.87
C HIS A 93 -1.59 3.93 -7.94
N LEU A 94 -0.29 3.66 -7.83
CA LEU A 94 0.59 4.45 -6.97
C LEU A 94 1.92 4.73 -7.66
N CYS A 95 2.69 5.65 -7.09
CA CYS A 95 3.98 6.02 -7.66
C CYS A 95 4.94 6.46 -6.56
N ALA A 96 6.18 5.98 -6.64
CA ALA A 96 7.20 6.34 -5.65
C ALA A 96 8.20 7.33 -6.23
N GLU A 97 8.84 8.10 -5.35
CA GLU A 97 9.82 9.09 -5.76
C GLU A 97 10.92 8.44 -6.60
N THR A 98 11.45 7.32 -6.11
CA THR A 98 12.52 6.61 -6.81
C THR A 98 12.17 5.13 -6.97
N ARG A 99 13.06 4.40 -7.63
CA ARG A 99 12.85 2.96 -7.84
C ARG A 99 13.09 2.18 -6.55
N ASP A 100 13.91 2.74 -5.67
CA ASP A 100 14.23 2.10 -4.40
C ASP A 100 13.00 2.05 -3.50
N ASP A 101 12.43 3.22 -3.21
CA ASP A 101 11.24 3.31 -2.37
C ASP A 101 10.11 2.44 -2.91
N ALA A 102 10.02 2.36 -4.23
CA ALA A 102 8.99 1.56 -4.88
C ALA A 102 9.11 0.09 -4.50
N ILE A 103 10.29 -0.48 -4.70
CA ILE A 103 10.53 -1.87 -4.38
C ILE A 103 10.16 -2.18 -2.93
N ALA A 104 10.57 -1.30 -2.02
CA ALA A 104 10.27 -1.46 -0.61
C ALA A 104 8.81 -1.87 -0.40
N TRP A 105 7.90 -1.13 -1.01
CA TRP A 105 6.47 -1.42 -0.89
C TRP A 105 6.14 -2.76 -1.52
N LYS A 106 6.74 -3.04 -2.67
CA LYS A 106 6.50 -4.29 -3.38
C LYS A 106 6.86 -5.49 -2.50
N THR A 107 8.03 -5.42 -1.86
CA THR A 107 8.48 -6.50 -0.99
C THR A 107 7.69 -6.53 0.30
N ALA A 108 7.46 -5.36 0.89
CA ALA A 108 6.71 -5.27 2.14
C ALA A 108 5.28 -5.76 1.95
N LEU A 109 4.77 -5.63 0.73
CA LEU A 109 3.40 -6.06 0.42
C LEU A 109 3.38 -7.54 0.04
N MET A 110 4.17 -7.91 -0.96
CA MET A 110 4.24 -9.29 -1.41
C MET A 110 4.42 -10.24 -0.23
N GLU A 111 5.27 -9.86 0.71
CA GLU A 111 5.53 -10.68 1.89
C GLU A 111 4.27 -10.82 2.74
N ALA A 112 3.82 -9.70 3.31
CA ALA A 112 2.63 -9.70 4.15
C ALA A 112 1.48 -10.46 3.47
N ASN A 113 1.41 -10.35 2.15
CA ASN A 113 0.36 -11.02 1.40
C ASN A 113 0.49 -12.54 1.51
N SER A 114 1.72 -13.02 1.52
CA SER A 114 1.98 -14.45 1.62
C SER A 114 2.77 -14.77 2.89
N THR A 115 2.46 -14.06 3.97
CA THR A 115 3.14 -14.26 5.24
C THR A 115 2.24 -13.87 6.41
N PRO A 116 1.71 -14.87 7.11
CA PRO A 116 0.82 -14.65 8.27
C PRO A 116 1.58 -14.08 9.47
N ALA A 117 0.83 -13.69 10.50
CA ALA A 117 1.42 -13.13 11.70
C ALA A 117 1.20 -14.04 12.90
N PRO A 118 2.15 -14.03 13.84
CA PRO A 118 2.09 -14.86 15.05
C PRO A 118 0.99 -14.40 16.01
N ALA A 119 0.90 -13.09 16.21
CA ALA A 119 -0.11 -12.52 17.09
C ALA A 119 0.09 -13.00 18.54
N GLY A 120 1.34 -12.99 18.99
CA GLY A 120 1.65 -13.41 20.34
C GLY A 120 2.43 -12.38 21.11
N ALA A 121 1.85 -11.20 21.29
CA ALA A 121 2.50 -10.12 22.01
C ALA A 121 2.82 -10.54 23.44
N THR A 122 4.07 -10.90 23.69
CA THR A 122 4.50 -11.32 25.02
C THR A 122 4.83 -10.12 25.90
N VAL A 123 4.02 -9.07 25.79
CA VAL A 123 4.24 -7.86 26.58
C VAL A 123 2.93 -7.33 27.14
N PRO A 124 2.95 -6.88 28.40
CA PRO A 124 1.78 -6.33 29.08
C PRO A 124 1.34 -5.00 28.51
N SER A 125 0.39 -5.03 27.60
CA SER A 125 -0.12 -3.82 26.97
C SER A 125 -0.70 -2.87 28.01
N GLY A 126 -1.69 -3.36 28.76
CA GLY A 126 -2.32 -2.55 29.79
C GLY A 126 -3.82 -2.68 29.79
N PRO A 127 -4.42 -2.73 31.00
CA PRO A 127 -5.86 -2.86 31.17
C PRO A 127 -6.62 -1.60 30.74
N SER A 128 -5.91 -0.48 30.71
CA SER A 128 -6.51 0.79 30.31
C SER A 128 -7.55 0.58 29.21
N SER A 129 -8.63 1.36 29.27
CA SER A 129 -9.70 1.26 28.29
C SER A 129 -9.29 1.92 26.97
N GLY A 130 -9.34 1.15 25.89
CA GLY A 130 -8.98 1.68 24.59
C GLY A 130 -9.38 3.13 24.42
N GLY A 1 9.38 6.95 27.22
CA GLY A 1 8.08 6.73 27.84
C GLY A 1 7.60 5.30 27.67
N SER A 2 7.66 4.80 26.43
CA SER A 2 7.22 3.44 26.14
C SER A 2 7.99 2.87 24.94
N SER A 3 7.84 1.57 24.72
CA SER A 3 8.52 0.90 23.62
C SER A 3 7.71 -0.31 23.14
N GLY A 4 7.57 -0.42 21.81
CA GLY A 4 6.83 -1.52 21.25
C GLY A 4 5.54 -1.07 20.58
N SER A 5 5.32 -1.53 19.36
CA SER A 5 4.12 -1.17 18.61
C SER A 5 3.22 -2.39 18.39
N SER A 6 3.70 -3.33 17.60
CA SER A 6 2.94 -4.53 17.30
C SER A 6 1.68 -4.21 16.51
N GLY A 7 1.78 -3.21 15.63
CA GLY A 7 0.65 -2.82 14.81
C GLY A 7 1.06 -2.15 13.52
N LEU A 8 1.95 -1.16 13.62
CA LEU A 8 2.43 -0.44 12.46
C LEU A 8 3.58 -1.18 11.79
N VAL A 9 3.77 -0.94 10.50
CA VAL A 9 4.84 -1.58 9.74
C VAL A 9 5.68 -0.56 9.00
N ARG A 10 5.02 0.29 8.20
CA ARG A 10 5.71 1.31 7.44
C ARG A 10 4.73 2.39 6.98
N GLY A 11 5.27 3.57 6.66
CA GLY A 11 4.43 4.66 6.21
C GLY A 11 5.01 5.39 5.01
N GLY A 12 4.91 6.71 5.02
CA GLY A 12 5.44 7.49 3.91
C GLY A 12 4.35 8.03 3.00
N TRP A 13 4.73 8.84 2.04
CA TRP A 13 3.78 9.43 1.10
C TRP A 13 3.93 8.82 -0.29
N LEU A 14 2.82 8.64 -0.99
CA LEU A 14 2.84 8.08 -2.33
C LEU A 14 1.78 8.74 -3.21
N TRP A 15 2.16 9.00 -4.47
CA TRP A 15 1.24 9.63 -5.42
C TRP A 15 0.23 8.61 -5.95
N ARG A 16 -1.05 8.92 -5.80
CA ARG A 16 -2.12 8.04 -6.26
C ARG A 16 -2.98 8.73 -7.31
N GLN A 17 -3.37 7.99 -8.33
CA GLN A 17 -4.19 8.53 -9.40
C GLN A 17 -5.63 8.75 -8.93
N SER A 18 -6.40 9.49 -9.71
CA SER A 18 -7.78 9.79 -9.37
C SER A 18 -8.71 9.45 -10.53
N SER A 19 -10.01 9.36 -10.23
CA SER A 19 -11.00 9.04 -11.26
C SER A 19 -11.96 10.20 -11.46
N ILE A 20 -11.81 11.25 -10.65
CA ILE A 20 -12.66 12.42 -10.75
C ILE A 20 -11.84 13.67 -11.06
N LEU A 21 -10.57 13.66 -10.63
CA LEU A 21 -9.69 14.80 -10.86
C LEU A 21 -8.70 14.50 -11.98
N ARG A 22 -8.60 13.22 -12.35
CA ARG A 22 -7.70 12.80 -13.42
C ARG A 22 -6.30 13.38 -13.21
N ARG A 23 -5.78 13.22 -11.99
CA ARG A 23 -4.46 13.72 -11.66
C ARG A 23 -3.96 13.10 -10.35
N TRP A 24 -2.68 12.73 -10.35
CA TRP A 24 -2.07 12.12 -9.16
C TRP A 24 -2.31 12.99 -7.93
N LYS A 25 -2.35 12.34 -6.77
CA LYS A 25 -2.56 13.04 -5.51
C LYS A 25 -1.66 12.49 -4.41
N ARG A 26 -1.21 13.36 -3.52
CA ARG A 26 -0.34 12.95 -2.41
C ARG A 26 -1.16 12.32 -1.30
N ASN A 27 -0.83 11.07 -0.97
CA ASN A 27 -1.53 10.35 0.08
C ASN A 27 -0.54 9.68 1.03
N TRP A 28 -1.04 9.22 2.18
CA TRP A 28 -0.20 8.56 3.17
C TRP A 28 -0.68 7.14 3.43
N PHE A 29 0.06 6.17 2.90
CA PHE A 29 -0.28 4.76 3.07
C PHE A 29 0.39 4.18 4.31
N ALA A 30 -0.29 3.25 4.96
CA ALA A 30 0.25 2.61 6.16
C ALA A 30 -0.19 1.15 6.25
N LEU A 31 0.76 0.26 6.48
CA LEU A 31 0.47 -1.16 6.59
C LEU A 31 0.37 -1.59 8.05
N TRP A 32 -0.67 -2.34 8.37
CA TRP A 32 -0.88 -2.82 9.74
C TRP A 32 -0.57 -4.31 9.84
N LEU A 33 -0.20 -4.74 11.04
CA LEU A 33 0.11 -6.15 11.28
C LEU A 33 -1.08 -7.04 10.96
N ASP A 34 -2.28 -6.52 11.21
CA ASP A 34 -3.50 -7.27 10.94
C ASP A 34 -3.56 -7.72 9.49
N GLY A 35 -2.72 -7.13 8.66
CA GLY A 35 -2.69 -7.48 7.25
C GLY A 35 -3.64 -6.63 6.42
N THR A 36 -3.71 -5.34 6.74
CA THR A 36 -4.59 -4.42 6.02
C THR A 36 -3.81 -3.20 5.54
N LEU A 37 -4.25 -2.63 4.42
CA LEU A 37 -3.61 -1.46 3.85
C LEU A 37 -4.57 -0.28 3.81
N GLY A 38 -4.28 0.75 4.61
CA GLY A 38 -5.12 1.93 4.64
C GLY A 38 -4.39 3.18 4.22
N TYR A 39 -5.06 4.02 3.44
CA TYR A 39 -4.46 5.27 2.97
C TYR A 39 -5.29 6.47 3.41
N TYR A 40 -4.69 7.32 4.25
CA TYR A 40 -5.37 8.50 4.76
C TYR A 40 -4.90 9.75 4.01
N HIS A 41 -5.66 10.83 4.15
CA HIS A 41 -5.32 12.09 3.50
C HIS A 41 -3.97 12.61 3.97
N ASP A 42 -3.83 12.76 5.29
CA ASP A 42 -2.59 13.25 5.87
C ASP A 42 -2.11 12.33 7.00
N GLU A 43 -1.00 12.68 7.63
CA GLU A 43 -0.45 11.89 8.71
C GLU A 43 -1.53 11.53 9.73
N THR A 44 -2.51 12.41 9.88
CA THR A 44 -3.60 12.19 10.82
C THR A 44 -4.58 11.16 10.28
N ALA A 45 -4.59 9.98 10.90
CA ALA A 45 -5.49 8.90 10.50
C ALA A 45 -6.89 9.11 11.08
N GLN A 46 -7.42 10.33 10.93
CA GLN A 46 -8.73 10.64 11.44
C GLN A 46 -9.76 10.71 10.30
N ASP A 47 -9.25 10.93 9.08
CA ASP A 47 -10.12 11.02 7.91
C ASP A 47 -9.99 9.77 7.06
N GLU A 48 -9.97 8.61 7.71
CA GLU A 48 -9.86 7.33 7.01
C GLU A 48 -10.61 7.37 5.68
N GLU A 49 -9.90 7.10 4.59
CA GLU A 49 -10.50 7.11 3.27
C GLU A 49 -11.04 5.73 2.91
N ASP A 50 -10.24 4.70 3.19
CA ASP A 50 -10.64 3.33 2.90
C ASP A 50 -9.68 2.33 3.55
N ARG A 51 -9.96 1.04 3.37
CA ARG A 51 -9.12 0.00 3.95
C ARG A 51 -9.24 -1.30 3.14
N VAL A 52 -8.13 -1.74 2.57
CA VAL A 52 -8.10 -2.96 1.78
C VAL A 52 -7.35 -4.07 2.50
N VAL A 53 -7.59 -5.31 2.08
CA VAL A 53 -6.93 -6.46 2.69
C VAL A 53 -5.61 -6.77 1.99
N ILE A 54 -4.59 -7.09 2.79
CA ILE A 54 -3.27 -7.42 2.25
C ILE A 54 -2.98 -8.91 2.37
N HIS A 55 -3.40 -9.50 3.48
CA HIS A 55 -3.17 -10.93 3.71
C HIS A 55 -3.77 -11.76 2.58
N PHE A 56 -2.93 -12.51 1.88
CA PHE A 56 -3.39 -13.35 0.77
C PHE A 56 -4.45 -12.62 -0.05
N ASN A 57 -4.18 -11.37 -0.39
CA ASN A 57 -5.11 -10.57 -1.17
C ASN A 57 -4.41 -9.95 -2.37
N VAL A 58 -3.13 -9.64 -2.21
CA VAL A 58 -2.34 -9.05 -3.29
C VAL A 58 -2.11 -10.04 -4.42
N ARG A 59 -2.90 -9.91 -5.49
CA ARG A 59 -2.78 -10.80 -6.64
C ARG A 59 -1.43 -10.64 -7.32
N ASP A 60 -1.05 -9.38 -7.58
CA ASP A 60 0.21 -9.08 -8.23
C ASP A 60 0.69 -7.68 -7.86
N ILE A 61 1.93 -7.37 -8.22
CA ILE A 61 2.51 -6.06 -7.93
C ILE A 61 3.46 -5.62 -9.04
N LYS A 62 3.21 -4.43 -9.59
CA LYS A 62 4.04 -3.90 -10.65
C LYS A 62 4.84 -2.69 -10.17
N VAL A 63 6.13 -2.66 -10.52
CA VAL A 63 7.00 -1.55 -10.12
C VAL A 63 7.90 -1.12 -11.26
N GLY A 64 7.95 0.18 -11.52
CA GLY A 64 8.78 0.70 -12.59
C GLY A 64 8.34 0.20 -13.96
N GLN A 65 9.31 -0.25 -14.76
CA GLN A 65 9.01 -0.76 -16.09
C GLN A 65 7.74 -1.58 -16.09
N GLU A 66 7.63 -2.50 -15.15
CA GLU A 66 6.45 -3.36 -15.04
C GLU A 66 5.17 -2.58 -15.37
N CYS A 67 5.00 -1.45 -14.71
CA CYS A 67 3.82 -0.61 -14.93
C CYS A 67 3.94 0.15 -16.26
N GLN A 68 2.94 -0.03 -17.11
CA GLN A 68 2.92 0.62 -18.41
C GLN A 68 1.70 1.53 -18.56
N ASP A 69 0.52 0.92 -18.61
CA ASP A 69 -0.72 1.66 -18.74
C ASP A 69 -0.64 2.99 -17.99
N VAL A 70 -0.25 2.92 -16.71
CA VAL A 70 -0.13 4.11 -15.88
C VAL A 70 1.04 4.97 -16.33
N GLN A 71 0.84 6.28 -16.31
CA GLN A 71 1.87 7.23 -16.71
C GLN A 71 2.30 8.11 -15.53
N PRO A 72 3.61 8.39 -15.46
CA PRO A 72 4.17 9.22 -14.39
C PRO A 72 3.76 10.69 -14.50
N PRO A 73 3.48 11.31 -13.35
CA PRO A 73 3.08 12.72 -13.29
C PRO A 73 4.20 13.67 -13.66
N GLU A 74 3.99 14.96 -13.42
CA GLU A 74 5.00 15.97 -13.73
C GLU A 74 6.13 15.95 -12.70
N GLY A 75 7.27 15.40 -13.10
CA GLY A 75 8.41 15.33 -12.19
C GLY A 75 8.85 13.90 -11.94
N ARG A 76 7.91 13.06 -11.52
CA ARG A 76 8.22 11.66 -11.24
C ARG A 76 8.94 11.01 -12.41
N SER A 77 9.20 9.71 -12.30
CA SER A 77 9.90 8.98 -13.35
C SER A 77 9.32 7.58 -13.51
N ARG A 78 9.53 6.98 -14.68
CA ARG A 78 9.03 5.64 -14.96
C ARG A 78 9.67 4.61 -14.04
N ASP A 79 10.74 5.01 -13.36
CA ASP A 79 11.45 4.13 -12.45
C ASP A 79 10.89 4.26 -11.03
N GLY A 80 9.68 4.78 -10.92
CA GLY A 80 9.06 4.95 -9.62
C GLY A 80 7.66 4.33 -9.56
N LEU A 81 6.96 4.35 -10.68
CA LEU A 81 5.62 3.79 -10.75
C LEU A 81 5.48 2.57 -9.83
N LEU A 82 4.28 2.36 -9.31
CA LEU A 82 4.02 1.23 -8.42
C LEU A 82 2.53 0.95 -8.32
N THR A 83 2.12 -0.19 -8.86
CA THR A 83 0.70 -0.58 -8.82
C THR A 83 0.51 -1.90 -8.08
N VAL A 84 -0.49 -1.95 -7.23
CA VAL A 84 -0.79 -3.15 -6.45
C VAL A 84 -2.13 -3.75 -6.85
N ASN A 85 -2.13 -5.04 -7.11
CA ASN A 85 -3.35 -5.75 -7.51
C ASN A 85 -4.00 -6.44 -6.31
N LEU A 86 -5.33 -6.50 -6.32
CA LEU A 86 -6.06 -7.14 -5.23
C LEU A 86 -6.89 -8.31 -5.74
N ARG A 87 -7.17 -9.27 -4.86
CA ARG A 87 -7.94 -10.45 -5.23
C ARG A 87 -9.43 -10.11 -5.29
N GLU A 88 -9.87 -9.23 -4.40
CA GLU A 88 -11.28 -8.83 -4.36
C GLU A 88 -11.75 -8.38 -5.74
N GLY A 89 -10.81 -7.95 -6.57
CA GLY A 89 -11.15 -7.50 -7.91
C GLY A 89 -10.93 -6.02 -8.09
N SER A 90 -9.70 -5.57 -7.84
CA SER A 90 -9.35 -4.16 -7.98
C SER A 90 -7.85 -3.95 -7.81
N ARG A 91 -7.36 -2.86 -8.39
CA ARG A 91 -5.93 -2.54 -8.31
C ARG A 91 -5.71 -1.18 -7.66
N LEU A 92 -4.45 -0.86 -7.40
CA LEU A 92 -4.11 0.42 -6.78
C LEU A 92 -2.95 1.10 -7.53
N HIS A 93 -3.28 2.14 -8.27
CA HIS A 93 -2.27 2.88 -9.04
C HIS A 93 -1.53 3.87 -8.14
N LEU A 94 -0.26 3.57 -7.88
CA LEU A 94 0.56 4.43 -7.04
C LEU A 94 1.90 4.74 -7.71
N CYS A 95 2.65 5.67 -7.13
CA CYS A 95 3.94 6.06 -7.68
C CYS A 95 4.89 6.50 -6.57
N ALA A 96 6.14 6.08 -6.66
CA ALA A 96 7.15 6.44 -5.67
C ALA A 96 8.14 7.46 -6.23
N GLU A 97 8.83 8.15 -5.33
CA GLU A 97 9.81 9.16 -5.74
C GLU A 97 11.05 8.51 -6.34
N THR A 98 11.45 7.37 -5.77
CA THR A 98 12.62 6.64 -6.25
C THR A 98 12.32 5.16 -6.39
N ARG A 99 12.98 4.51 -7.34
CA ARG A 99 12.78 3.08 -7.58
C ARG A 99 12.87 2.30 -6.27
N ASP A 100 13.80 2.69 -5.42
CA ASP A 100 13.99 2.02 -4.14
C ASP A 100 12.68 1.95 -3.37
N ASP A 101 12.06 3.11 -3.15
CA ASP A 101 10.79 3.17 -2.41
C ASP A 101 9.78 2.20 -3.01
N ALA A 102 9.71 2.16 -4.33
CA ALA A 102 8.77 1.28 -5.01
C ALA A 102 9.10 -0.19 -4.73
N ILE A 103 10.38 -0.53 -4.80
CA ILE A 103 10.82 -1.90 -4.56
C ILE A 103 10.49 -2.33 -3.13
N ALA A 104 10.63 -1.40 -2.19
CA ALA A 104 10.34 -1.69 -0.79
C ALA A 104 8.91 -2.19 -0.62
N TRP A 105 7.98 -1.57 -1.34
CA TRP A 105 6.58 -1.95 -1.26
C TRP A 105 6.35 -3.33 -1.88
N LYS A 106 7.06 -3.61 -2.97
CA LYS A 106 6.93 -4.89 -3.64
C LYS A 106 7.21 -6.04 -2.68
N THR A 107 8.21 -5.87 -1.83
CA THR A 107 8.57 -6.89 -0.86
C THR A 107 7.69 -6.82 0.38
N ALA A 108 7.50 -5.60 0.90
CA ALA A 108 6.67 -5.40 2.08
C ALA A 108 5.25 -5.86 1.83
N LEU A 109 4.82 -5.82 0.57
CA LEU A 109 3.48 -6.24 0.20
C LEU A 109 3.43 -7.72 -0.15
N MET A 110 4.34 -8.14 -1.03
CA MET A 110 4.40 -9.53 -1.45
C MET A 110 4.61 -10.45 -0.25
N GLU A 111 5.33 -9.96 0.76
CA GLU A 111 5.59 -10.74 1.96
C GLU A 111 4.32 -10.89 2.80
N ALA A 112 3.84 -9.78 3.33
CA ALA A 112 2.63 -9.79 4.16
C ALA A 112 1.51 -10.57 3.47
N ASN A 113 1.41 -10.42 2.15
CA ASN A 113 0.39 -11.11 1.38
C ASN A 113 0.54 -12.62 1.49
N SER A 114 1.79 -13.08 1.65
CA SER A 114 2.07 -14.50 1.77
C SER A 114 2.82 -14.80 3.07
N THR A 115 2.38 -14.18 4.16
CA THR A 115 3.01 -14.38 5.45
C THR A 115 2.08 -13.96 6.58
N PRO A 116 1.51 -14.95 7.28
CA PRO A 116 0.59 -14.71 8.39
C PRO A 116 1.29 -14.14 9.62
N ALA A 117 0.52 -13.64 10.57
CA ALA A 117 1.07 -13.06 11.79
C ALA A 117 0.63 -13.86 13.02
N PRO A 118 1.36 -14.95 13.30
CA PRO A 118 1.06 -15.82 14.45
C PRO A 118 1.38 -15.14 15.78
N ALA A 119 2.48 -14.41 15.82
CA ALA A 119 2.89 -13.71 17.03
C ALA A 119 3.97 -12.67 16.74
N GLY A 120 4.08 -11.66 17.59
CA GLY A 120 5.07 -10.63 17.40
C GLY A 120 6.37 -10.93 18.11
N ALA A 121 7.45 -11.04 17.34
CA ALA A 121 8.76 -11.34 17.91
C ALA A 121 9.63 -10.08 17.97
N THR A 122 9.81 -9.55 19.18
CA THR A 122 10.62 -8.35 19.37
C THR A 122 12.04 -8.71 19.80
N VAL A 123 12.97 -7.77 19.59
CA VAL A 123 14.36 -7.99 19.95
C VAL A 123 14.94 -6.77 20.67
N PRO A 124 15.00 -6.84 22.00
CA PRO A 124 15.52 -5.74 22.82
C PRO A 124 17.03 -5.58 22.66
N SER A 125 17.76 -6.68 22.75
CA SER A 125 19.21 -6.66 22.62
C SER A 125 19.62 -6.43 21.17
N GLY A 126 20.47 -5.43 20.95
CA GLY A 126 20.93 -5.14 19.61
C GLY A 126 22.35 -4.60 19.59
N PRO A 127 22.71 -3.91 18.50
CA PRO A 127 24.05 -3.33 18.34
C PRO A 127 24.30 -2.17 19.29
N SER A 128 25.51 -2.12 19.85
CA SER A 128 25.87 -1.07 20.79
C SER A 128 25.91 0.29 20.09
N SER A 129 25.56 1.34 20.82
CA SER A 129 25.54 2.69 20.27
C SER A 129 26.69 3.53 20.85
N GLY A 130 26.88 3.43 22.15
CA GLY A 130 27.94 4.19 22.81
C GLY A 130 27.41 5.16 23.85
N GLY A 1 12.62 -15.30 11.26
CA GLY A 1 11.63 -14.80 12.20
C GLY A 1 11.95 -13.41 12.71
N SER A 2 11.16 -12.44 12.27
CA SER A 2 11.37 -11.05 12.67
C SER A 2 10.38 -10.65 13.75
N SER A 3 10.84 -9.82 14.69
CA SER A 3 10.00 -9.36 15.79
C SER A 3 9.25 -8.08 15.41
N GLY A 4 8.00 -7.98 15.84
CA GLY A 4 7.21 -6.81 15.54
C GLY A 4 6.25 -6.46 16.65
N SER A 5 5.11 -7.16 16.70
CA SER A 5 4.11 -6.92 17.72
C SER A 5 3.95 -5.42 17.99
N SER A 6 4.07 -4.62 16.94
CA SER A 6 3.95 -3.18 17.06
C SER A 6 2.62 -2.69 16.52
N GLY A 7 2.28 -3.12 15.30
CA GLY A 7 1.03 -2.72 14.70
C GLY A 7 1.22 -2.12 13.31
N LEU A 8 2.17 -1.20 13.19
CA LEU A 8 2.46 -0.57 11.91
C LEU A 8 3.73 -1.13 11.28
N VAL A 9 3.72 -1.25 9.96
CA VAL A 9 4.87 -1.77 9.24
C VAL A 9 5.66 -0.65 8.57
N ARG A 10 4.98 0.11 7.71
CA ARG A 10 5.61 1.21 7.00
C ARG A 10 4.67 2.41 6.91
N GLY A 11 5.24 3.61 6.77
CA GLY A 11 4.44 4.81 6.67
C GLY A 11 5.10 5.88 5.82
N GLY A 12 4.95 5.77 4.51
CA GLY A 12 5.55 6.74 3.61
C GLY A 12 4.52 7.39 2.70
N TRP A 13 4.88 8.55 2.15
CA TRP A 13 3.98 9.28 1.26
C TRP A 13 4.12 8.78 -0.18
N LEU A 14 2.98 8.54 -0.82
CA LEU A 14 2.98 8.07 -2.21
C LEU A 14 1.93 8.80 -3.03
N TRP A 15 2.24 9.04 -4.30
CA TRP A 15 1.32 9.73 -5.20
C TRP A 15 0.28 8.76 -5.76
N ARG A 16 -0.99 9.09 -5.55
CA ARG A 16 -2.08 8.25 -6.03
C ARG A 16 -2.83 8.93 -7.17
N GLN A 17 -3.45 8.14 -8.04
CA GLN A 17 -4.19 8.67 -9.17
C GLN A 17 -5.69 8.46 -8.98
N SER A 18 -6.49 9.45 -9.36
CA SER A 18 -7.94 9.37 -9.22
C SER A 18 -8.57 8.83 -10.50
N SER A 19 -9.90 8.79 -10.53
CA SER A 19 -10.63 8.30 -11.69
C SER A 19 -11.63 9.34 -12.19
N ILE A 20 -11.83 10.39 -11.39
CA ILE A 20 -12.76 11.45 -11.77
C ILE A 20 -12.01 12.68 -12.27
N LEU A 21 -10.88 12.98 -11.64
CA LEU A 21 -10.07 14.12 -12.02
C LEU A 21 -8.86 13.68 -12.85
N ARG A 22 -8.51 12.41 -12.74
CA ARG A 22 -7.36 11.86 -13.47
C ARG A 22 -6.08 12.61 -13.13
N ARG A 23 -6.03 13.16 -11.92
CA ARG A 23 -4.87 13.90 -11.46
C ARG A 23 -4.23 13.23 -10.26
N TRP A 24 -2.91 13.38 -10.12
CA TRP A 24 -2.19 12.79 -9.00
C TRP A 24 -2.42 13.57 -7.71
N LYS A 25 -2.14 12.95 -6.58
CA LYS A 25 -2.32 13.59 -5.28
C LYS A 25 -1.45 12.91 -4.22
N ARG A 26 -1.19 13.63 -3.13
CA ARG A 26 -0.38 13.11 -2.04
C ARG A 26 -1.24 12.40 -1.01
N ASN A 27 -0.75 11.28 -0.50
CA ASN A 27 -1.48 10.51 0.51
C ASN A 27 -0.52 9.69 1.36
N TRP A 28 -0.90 9.47 2.62
CA TRP A 28 -0.07 8.71 3.55
C TRP A 28 -0.56 7.26 3.63
N PHE A 29 0.20 6.36 3.02
CA PHE A 29 -0.14 4.93 3.03
C PHE A 29 0.56 4.21 4.17
N ALA A 30 -0.21 3.50 4.98
CA ALA A 30 0.34 2.75 6.10
C ALA A 30 -0.15 1.31 6.10
N LEU A 31 0.72 0.39 6.52
CA LEU A 31 0.37 -1.03 6.56
C LEU A 31 0.23 -1.51 8.01
N TRP A 32 -0.81 -2.29 8.25
CA TRP A 32 -1.06 -2.82 9.60
C TRP A 32 -0.74 -4.31 9.66
N LEU A 33 -0.25 -4.76 10.80
CA LEU A 33 0.09 -6.17 10.99
C LEU A 33 -1.14 -7.06 10.80
N ASP A 34 -2.30 -6.52 11.11
CA ASP A 34 -3.55 -7.26 10.96
C ASP A 34 -3.71 -7.78 9.54
N GLY A 35 -2.92 -7.22 8.62
CA GLY A 35 -3.00 -7.65 7.23
C GLY A 35 -3.94 -6.79 6.41
N THR A 36 -3.90 -5.48 6.64
CA THR A 36 -4.76 -4.55 5.92
C THR A 36 -3.97 -3.33 5.46
N LEU A 37 -4.44 -2.70 4.39
CA LEU A 37 -3.78 -1.52 3.85
C LEU A 37 -4.75 -0.34 3.77
N GLY A 38 -4.53 0.67 4.60
CA GLY A 38 -5.39 1.83 4.61
C GLY A 38 -4.62 3.12 4.37
N TYR A 39 -5.20 4.01 3.57
CA TYR A 39 -4.57 5.29 3.26
C TYR A 39 -5.41 6.45 3.77
N TYR A 40 -4.74 7.45 4.33
CA TYR A 40 -5.43 8.63 4.86
C TYR A 40 -4.78 9.91 4.36
N HIS A 41 -5.59 10.95 4.19
CA HIS A 41 -5.09 12.24 3.72
C HIS A 41 -3.67 12.50 4.25
N ASP A 42 -3.57 12.66 5.56
CA ASP A 42 -2.28 12.92 6.20
C ASP A 42 -1.97 11.87 7.26
N GLU A 43 -0.81 11.99 7.90
CA GLU A 43 -0.41 11.06 8.94
C GLU A 43 -1.56 10.77 9.90
N THR A 44 -2.45 11.74 10.05
CA THR A 44 -3.60 11.60 10.94
C THR A 44 -4.70 10.77 10.29
N ALA A 45 -4.98 9.60 10.86
CA ALA A 45 -6.01 8.72 10.34
C ALA A 45 -7.39 9.15 10.80
N GLN A 46 -7.73 10.40 10.54
CA GLN A 46 -9.02 10.94 10.94
C GLN A 46 -10.03 10.82 9.80
N ASP A 47 -9.56 11.01 8.58
CA ASP A 47 -10.42 10.92 7.40
C ASP A 47 -10.15 9.64 6.62
N GLU A 48 -10.66 8.52 7.14
CA GLU A 48 -10.46 7.23 6.49
C GLU A 48 -11.05 7.23 5.09
N GLU A 49 -10.18 7.15 4.08
CA GLU A 49 -10.62 7.15 2.69
C GLU A 49 -11.08 5.76 2.28
N ASP A 50 -10.30 4.75 2.61
CA ASP A 50 -10.63 3.36 2.28
C ASP A 50 -9.70 2.40 3.00
N ARG A 51 -9.99 1.10 2.88
CA ARG A 51 -9.19 0.07 3.51
C ARG A 51 -9.29 -1.25 2.75
N VAL A 52 -8.15 -1.71 2.23
CA VAL A 52 -8.12 -2.96 1.49
C VAL A 52 -7.43 -4.07 2.29
N VAL A 53 -7.51 -5.29 1.79
CA VAL A 53 -6.90 -6.43 2.46
C VAL A 53 -5.52 -6.73 1.88
N ILE A 54 -4.59 -7.10 2.76
CA ILE A 54 -3.23 -7.40 2.35
C ILE A 54 -2.94 -8.89 2.49
N HIS A 55 -3.43 -9.49 3.58
CA HIS A 55 -3.23 -10.90 3.84
C HIS A 55 -3.72 -11.74 2.66
N PHE A 56 -2.81 -12.51 2.07
CA PHE A 56 -3.15 -13.36 0.93
C PHE A 56 -4.19 -12.69 0.04
N ASN A 57 -3.98 -11.41 -0.25
CA ASN A 57 -4.90 -10.65 -1.09
C ASN A 57 -4.17 -10.01 -2.25
N VAL A 58 -2.84 -10.01 -2.18
CA VAL A 58 -2.01 -9.42 -3.23
C VAL A 58 -1.76 -10.42 -4.35
N ARG A 59 -2.57 -10.34 -5.41
CA ARG A 59 -2.42 -11.25 -6.54
C ARG A 59 -1.08 -11.03 -7.25
N ASP A 60 -0.73 -9.76 -7.46
CA ASP A 60 0.52 -9.42 -8.13
C ASP A 60 0.88 -7.96 -7.88
N ILE A 61 2.11 -7.59 -8.19
CA ILE A 61 2.58 -6.23 -8.01
C ILE A 61 3.56 -5.83 -9.11
N LYS A 62 3.21 -4.78 -9.85
CA LYS A 62 4.06 -4.29 -10.94
C LYS A 62 4.73 -2.99 -10.56
N VAL A 63 5.97 -2.82 -10.99
CA VAL A 63 6.73 -1.61 -10.70
C VAL A 63 7.57 -1.18 -11.90
N GLY A 64 7.52 0.10 -12.21
CA GLY A 64 8.28 0.63 -13.34
C GLY A 64 7.81 0.06 -14.66
N GLN A 65 8.77 -0.27 -15.53
CA GLN A 65 8.44 -0.82 -16.84
C GLN A 65 7.25 -1.77 -16.76
N GLU A 66 7.22 -2.57 -15.70
CA GLU A 66 6.14 -3.53 -15.49
C GLU A 66 4.80 -2.92 -15.88
N CYS A 67 4.48 -1.77 -15.30
CA CYS A 67 3.23 -1.08 -15.58
C CYS A 67 3.24 -0.47 -16.97
N GLN A 68 4.10 0.54 -17.16
CA GLN A 68 4.21 1.23 -18.44
C GLN A 68 2.83 1.49 -19.03
N ASP A 69 1.87 1.74 -18.17
CA ASP A 69 0.50 2.01 -18.61
C ASP A 69 0.00 3.35 -18.07
N VAL A 70 0.51 3.72 -16.90
CA VAL A 70 0.11 4.98 -16.27
C VAL A 70 1.08 6.10 -16.64
N GLN A 71 0.55 7.32 -16.72
CA GLN A 71 1.36 8.48 -17.06
C GLN A 71 1.98 9.11 -15.81
N PRO A 72 3.32 9.13 -15.76
CA PRO A 72 4.05 9.70 -14.63
C PRO A 72 3.92 11.21 -14.55
N PRO A 73 3.70 11.73 -13.33
CA PRO A 73 3.55 13.17 -13.10
C PRO A 73 4.86 13.92 -13.29
N GLU A 74 4.83 15.23 -13.06
CA GLU A 74 6.03 16.06 -13.20
C GLU A 74 6.97 15.85 -12.03
N GLY A 75 8.25 15.64 -12.34
CA GLY A 75 9.24 15.42 -11.30
C GLY A 75 9.53 13.95 -11.07
N ARG A 76 8.51 13.19 -10.67
CA ARG A 76 8.67 11.77 -10.43
C ARG A 76 9.33 11.07 -11.61
N SER A 77 9.43 9.75 -11.53
CA SER A 77 10.05 8.97 -12.58
C SER A 77 9.19 7.76 -12.95
N ARG A 78 9.36 7.26 -14.17
CA ARG A 78 8.60 6.10 -14.63
C ARG A 78 8.83 4.90 -13.73
N ASP A 79 10.10 4.58 -13.50
CA ASP A 79 10.46 3.44 -12.65
C ASP A 79 9.80 3.56 -11.27
N GLY A 80 9.29 4.75 -10.97
CA GLY A 80 8.65 4.97 -9.69
C GLY A 80 7.25 4.41 -9.64
N LEU A 81 6.61 4.30 -10.80
CA LEU A 81 5.26 3.78 -10.88
C LEU A 81 5.13 2.46 -10.11
N LEU A 82 4.17 2.41 -9.20
CA LEU A 82 3.94 1.22 -8.40
C LEU A 82 2.45 0.87 -8.34
N THR A 83 2.10 -0.29 -8.88
CA THR A 83 0.72 -0.74 -8.89
C THR A 83 0.56 -2.07 -8.16
N VAL A 84 -0.52 -2.20 -7.40
CA VAL A 84 -0.78 -3.43 -6.65
C VAL A 84 -2.07 -4.08 -7.12
N ASN A 85 -2.13 -5.41 -7.00
CA ASN A 85 -3.31 -6.16 -7.42
C ASN A 85 -3.96 -6.85 -6.22
N LEU A 86 -5.22 -6.52 -5.96
CA LEU A 86 -5.95 -7.11 -4.84
C LEU A 86 -6.94 -8.17 -5.34
N ARG A 87 -7.03 -9.28 -4.60
CA ARG A 87 -7.93 -10.36 -4.96
C ARG A 87 -9.38 -9.87 -5.02
N GLU A 88 -9.80 -9.16 -3.98
CA GLU A 88 -11.16 -8.63 -3.92
C GLU A 88 -11.63 -8.18 -5.30
N GLY A 89 -10.71 -7.66 -6.10
CA GLY A 89 -11.05 -7.21 -7.43
C GLY A 89 -10.88 -5.71 -7.59
N SER A 90 -9.71 -5.20 -7.22
CA SER A 90 -9.42 -3.77 -7.32
C SER A 90 -7.94 -3.51 -7.16
N ARG A 91 -7.32 -2.97 -8.21
CA ARG A 91 -5.89 -2.66 -8.19
C ARG A 91 -5.64 -1.27 -7.61
N LEU A 92 -4.43 -1.05 -7.13
CA LEU A 92 -4.06 0.23 -6.54
C LEU A 92 -3.02 0.95 -7.40
N HIS A 93 -3.35 2.16 -7.85
CA HIS A 93 -2.44 2.94 -8.68
C HIS A 93 -1.67 3.94 -7.83
N LEU A 94 -0.36 3.73 -7.71
CA LEU A 94 0.49 4.61 -6.92
C LEU A 94 1.77 4.95 -7.68
N CYS A 95 2.48 5.96 -7.21
CA CYS A 95 3.73 6.37 -7.83
C CYS A 95 4.78 6.75 -6.79
N ALA A 96 5.90 6.03 -6.80
CA ALA A 96 6.97 6.28 -5.84
C ALA A 96 7.97 7.30 -6.39
N GLU A 97 8.79 7.86 -5.51
CA GLU A 97 9.77 8.85 -5.90
C GLU A 97 10.90 8.21 -6.71
N THR A 98 11.26 6.99 -6.34
CA THR A 98 12.33 6.27 -7.03
C THR A 98 12.08 4.76 -7.00
N ARG A 99 12.81 4.03 -7.84
CA ARG A 99 12.66 2.59 -7.90
C ARG A 99 12.95 1.95 -6.55
N ASP A 100 13.89 2.52 -5.82
CA ASP A 100 14.27 2.01 -4.51
C ASP A 100 13.06 1.96 -3.58
N ASP A 101 12.38 3.09 -3.45
CA ASP A 101 11.20 3.17 -2.59
C ASP A 101 10.11 2.23 -3.07
N ALA A 102 9.90 2.20 -4.38
CA ALA A 102 8.89 1.34 -4.98
C ALA A 102 9.11 -0.12 -4.59
N ILE A 103 10.30 -0.62 -4.87
CA ILE A 103 10.64 -2.00 -4.56
C ILE A 103 10.37 -2.31 -3.09
N ALA A 104 10.75 -1.39 -2.21
CA ALA A 104 10.55 -1.56 -0.78
C ALA A 104 9.11 -1.98 -0.48
N TRP A 105 8.16 -1.35 -1.17
CA TRP A 105 6.75 -1.65 -0.98
C TRP A 105 6.41 -3.04 -1.50
N LYS A 106 6.94 -3.37 -2.67
CA LYS A 106 6.69 -4.67 -3.29
C LYS A 106 7.12 -5.80 -2.36
N THR A 107 8.24 -5.60 -1.68
CA THR A 107 8.76 -6.60 -0.75
C THR A 107 7.93 -6.66 0.52
N ALA A 108 7.64 -5.49 1.09
CA ALA A 108 6.85 -5.42 2.31
C ALA A 108 5.43 -5.94 2.08
N LEU A 109 4.95 -5.80 0.85
CA LEU A 109 3.61 -6.26 0.49
C LEU A 109 3.63 -7.74 0.11
N MET A 110 4.46 -8.09 -0.86
CA MET A 110 4.57 -9.47 -1.31
C MET A 110 4.79 -10.42 -0.14
N GLU A 111 5.27 -9.87 0.97
CA GLU A 111 5.53 -10.66 2.17
C GLU A 111 4.25 -10.84 2.98
N ALA A 112 3.73 -9.74 3.51
CA ALA A 112 2.51 -9.78 4.32
C ALA A 112 1.43 -10.60 3.63
N ASN A 113 1.47 -10.63 2.30
CA ASN A 113 0.49 -11.37 1.51
C ASN A 113 0.68 -12.88 1.69
N SER A 114 1.94 -13.30 1.73
CA SER A 114 2.26 -14.72 1.89
C SER A 114 2.99 -14.96 3.22
N THR A 115 2.52 -14.30 4.27
CA THR A 115 3.13 -14.43 5.58
C THR A 115 2.13 -14.07 6.69
N PRO A 116 1.61 -15.09 7.37
CA PRO A 116 0.63 -14.90 8.46
C PRO A 116 1.27 -14.27 9.69
N ALA A 117 0.48 -14.12 10.75
CA ALA A 117 0.97 -13.53 11.99
C ALA A 117 1.03 -14.57 13.10
N PRO A 118 2.13 -15.33 13.13
CA PRO A 118 2.35 -16.39 14.14
C PRO A 118 2.58 -15.80 15.53
N ALA A 119 3.09 -14.58 15.58
CA ALA A 119 3.37 -13.91 16.85
C ALA A 119 2.07 -13.44 17.51
N GLY A 120 1.83 -13.94 18.72
CA GLY A 120 0.63 -13.56 19.44
C GLY A 120 0.90 -13.28 20.90
N ALA A 121 1.16 -14.33 21.67
CA ALA A 121 1.43 -14.19 23.09
C ALA A 121 2.91 -13.86 23.34
N THR A 122 3.15 -12.96 24.28
CA THR A 122 4.51 -12.55 24.61
C THR A 122 4.69 -12.37 26.12
N VAL A 123 5.83 -12.79 26.63
CA VAL A 123 6.13 -12.68 28.06
C VAL A 123 5.98 -11.24 28.53
N PRO A 124 5.44 -11.07 29.74
CA PRO A 124 5.24 -9.74 30.35
C PRO A 124 6.56 -9.06 30.72
N SER A 125 6.48 -7.77 31.02
CA SER A 125 7.67 -7.01 31.38
C SER A 125 7.85 -7.00 32.90
N GLY A 126 6.94 -6.33 33.61
CA GLY A 126 7.02 -6.25 35.05
C GLY A 126 6.09 -5.20 35.63
N PRO A 127 5.81 -5.32 36.93
CA PRO A 127 4.92 -4.38 37.64
C PRO A 127 5.54 -3.00 37.79
N SER A 128 6.85 -2.97 38.06
CA SER A 128 7.56 -1.71 38.24
C SER A 128 7.09 -0.67 37.22
N SER A 129 6.14 0.18 37.65
CA SER A 129 5.61 1.21 36.78
C SER A 129 4.69 2.15 37.55
N GLY A 130 4.31 3.26 36.93
CA GLY A 130 3.44 4.21 37.57
C GLY A 130 2.12 3.60 37.98
N GLY A 1 17.57 -5.91 13.67
CA GLY A 1 17.23 -5.37 12.35
C GLY A 1 15.90 -4.66 12.33
N SER A 2 14.83 -5.41 12.09
CA SER A 2 13.49 -4.83 12.04
C SER A 2 13.06 -4.34 13.42
N SER A 3 13.01 -3.03 13.60
CA SER A 3 12.62 -2.44 14.87
C SER A 3 11.45 -1.47 14.68
N GLY A 4 10.61 -1.38 15.69
CA GLY A 4 9.46 -0.50 15.62
C GLY A 4 8.29 -0.99 16.46
N SER A 5 7.40 -0.07 16.82
CA SER A 5 6.24 -0.41 17.63
C SER A 5 5.41 -1.51 16.98
N SER A 6 4.84 -2.38 17.79
CA SER A 6 4.03 -3.48 17.29
C SER A 6 2.69 -2.98 16.79
N GLY A 7 2.47 -3.10 15.48
CA GLY A 7 1.22 -2.66 14.89
C GLY A 7 1.41 -2.14 13.48
N LEU A 8 2.36 -1.22 13.31
CA LEU A 8 2.63 -0.63 12.00
C LEU A 8 3.91 -1.20 11.41
N VAL A 9 3.92 -1.40 10.09
CA VAL A 9 5.09 -1.92 9.40
C VAL A 9 5.93 -0.80 8.81
N ARG A 10 5.29 0.06 8.02
CA ARG A 10 5.98 1.17 7.39
C ARG A 10 4.99 2.12 6.73
N GLY A 11 5.39 3.38 6.57
CA GLY A 11 4.52 4.37 5.96
C GLY A 11 5.27 5.33 5.07
N GLY A 12 4.57 6.32 4.54
CA GLY A 12 5.19 7.29 3.66
C GLY A 12 4.24 7.84 2.63
N TRP A 13 4.45 9.10 2.24
CA TRP A 13 3.58 9.74 1.26
C TRP A 13 3.80 9.14 -0.13
N LEU A 14 2.70 8.79 -0.79
CA LEU A 14 2.77 8.19 -2.13
C LEU A 14 1.75 8.84 -3.06
N TRP A 15 2.14 9.02 -4.32
CA TRP A 15 1.26 9.63 -5.32
C TRP A 15 0.26 8.61 -5.85
N ARG A 16 -1.01 8.84 -5.57
CA ARG A 16 -2.07 7.95 -6.02
C ARG A 16 -2.88 8.59 -7.15
N GLN A 17 -3.10 7.83 -8.22
CA GLN A 17 -3.86 8.31 -9.36
C GLN A 17 -5.34 8.04 -9.18
N SER A 18 -6.17 8.98 -9.65
CA SER A 18 -7.62 8.84 -9.53
C SER A 18 -8.12 7.66 -10.36
N SER A 19 -9.42 7.42 -10.30
CA SER A 19 -10.02 6.31 -11.03
C SER A 19 -10.60 6.79 -12.36
N ILE A 20 -11.25 7.95 -12.33
CA ILE A 20 -11.85 8.53 -13.53
C ILE A 20 -11.20 9.86 -13.88
N LEU A 21 -10.63 10.52 -12.88
CA LEU A 21 -9.98 11.80 -13.08
C LEU A 21 -8.57 11.62 -13.64
N ARG A 22 -8.02 10.44 -13.43
CA ARG A 22 -6.68 10.13 -13.91
C ARG A 22 -5.67 11.14 -13.38
N ARG A 23 -5.96 11.72 -12.23
CA ARG A 23 -5.08 12.72 -11.62
C ARG A 23 -4.45 12.18 -10.34
N TRP A 24 -3.18 12.49 -10.12
CA TRP A 24 -2.46 12.04 -8.95
C TRP A 24 -2.81 12.89 -7.72
N LYS A 25 -2.69 12.31 -6.54
CA LYS A 25 -2.99 13.02 -5.30
C LYS A 25 -2.11 12.52 -4.17
N ARG A 26 -1.69 13.44 -3.30
CA ARG A 26 -0.83 13.10 -2.18
C ARG A 26 -1.65 12.43 -1.07
N ASN A 27 -1.27 11.19 -0.73
CA ASN A 27 -1.95 10.44 0.31
C ASN A 27 -0.98 9.57 1.09
N TRP A 28 -1.02 9.68 2.41
CA TRP A 28 -0.14 8.89 3.27
C TRP A 28 -0.66 7.46 3.43
N PHE A 29 0.21 6.49 3.21
CA PHE A 29 -0.16 5.08 3.34
C PHE A 29 0.51 4.45 4.55
N ALA A 30 -0.19 3.52 5.19
CA ALA A 30 0.33 2.84 6.36
C ALA A 30 -0.16 1.39 6.42
N LEU A 31 0.78 0.46 6.54
CA LEU A 31 0.44 -0.96 6.61
C LEU A 31 0.25 -1.41 8.06
N TRP A 32 -0.77 -2.24 8.28
CA TRP A 32 -1.05 -2.75 9.62
C TRP A 32 -0.75 -4.23 9.72
N LEU A 33 -0.18 -4.64 10.84
CA LEU A 33 0.16 -6.05 11.06
C LEU A 33 -1.07 -6.94 10.91
N ASP A 34 -2.25 -6.34 11.10
CA ASP A 34 -3.50 -7.08 10.99
C ASP A 34 -3.64 -7.70 9.60
N GLY A 35 -2.88 -7.18 8.65
CA GLY A 35 -2.93 -7.69 7.29
C GLY A 35 -3.82 -6.84 6.39
N THR A 36 -3.85 -5.54 6.64
CA THR A 36 -4.65 -4.63 5.84
C THR A 36 -3.83 -3.44 5.36
N LEU A 37 -4.42 -2.64 4.48
CA LEU A 37 -3.73 -1.47 3.93
C LEU A 37 -4.66 -0.26 3.94
N GLY A 38 -4.32 0.73 4.77
CA GLY A 38 -5.13 1.93 4.86
C GLY A 38 -4.35 3.18 4.50
N TYR A 39 -4.96 4.04 3.69
CA TYR A 39 -4.31 5.27 3.26
C TYR A 39 -5.11 6.50 3.73
N TYR A 40 -4.42 7.42 4.39
CA TYR A 40 -5.06 8.63 4.90
C TYR A 40 -4.59 9.86 4.10
N HIS A 41 -5.43 10.89 4.09
CA HIS A 41 -5.10 12.12 3.38
C HIS A 41 -3.91 12.83 4.03
N ASP A 42 -4.03 13.08 5.34
CA ASP A 42 -2.96 13.74 6.08
C ASP A 42 -1.82 12.77 6.39
N GLU A 43 -0.74 13.29 6.97
CA GLU A 43 0.40 12.48 7.32
C GLU A 43 0.06 11.46 8.40
N THR A 44 -0.83 11.85 9.30
CA THR A 44 -1.26 10.96 10.38
C THR A 44 -2.53 10.21 10.01
N ALA A 45 -2.94 9.29 10.87
CA ALA A 45 -4.15 8.51 10.64
C ALA A 45 -5.36 9.14 11.30
N GLN A 46 -5.93 10.15 10.65
CA GLN A 46 -7.11 10.84 11.19
C GLN A 46 -8.25 10.83 10.18
N ASP A 47 -7.95 11.21 8.95
CA ASP A 47 -8.96 11.24 7.90
C ASP A 47 -8.99 9.92 7.13
N GLU A 48 -9.58 8.91 7.75
CA GLU A 48 -9.67 7.59 7.13
C GLU A 48 -10.37 7.68 5.78
N GLU A 49 -9.63 7.34 4.72
CA GLU A 49 -10.18 7.39 3.36
C GLU A 49 -10.71 6.01 2.95
N ASP A 50 -9.90 4.98 3.16
CA ASP A 50 -10.28 3.63 2.81
C ASP A 50 -9.27 2.62 3.35
N ARG A 51 -9.59 1.33 3.23
CA ARG A 51 -8.72 0.28 3.70
C ARG A 51 -8.93 -1.01 2.90
N VAL A 52 -7.87 -1.50 2.28
CA VAL A 52 -7.94 -2.72 1.49
C VAL A 52 -7.19 -3.86 2.17
N VAL A 53 -7.72 -5.08 2.02
CA VAL A 53 -7.10 -6.25 2.62
C VAL A 53 -5.75 -6.55 1.97
N ILE A 54 -4.81 -7.05 2.79
CA ILE A 54 -3.48 -7.38 2.29
C ILE A 54 -3.21 -8.87 2.41
N HIS A 55 -3.67 -9.47 3.51
CA HIS A 55 -3.47 -10.90 3.74
C HIS A 55 -3.99 -11.71 2.56
N PHE A 56 -3.11 -12.50 1.96
CA PHE A 56 -3.47 -13.33 0.82
C PHE A 56 -4.50 -12.62 -0.06
N ASN A 57 -4.28 -11.33 -0.30
CA ASN A 57 -5.19 -10.55 -1.12
C ASN A 57 -4.45 -9.93 -2.31
N VAL A 58 -3.13 -9.80 -2.17
CA VAL A 58 -2.30 -9.23 -3.24
C VAL A 58 -1.95 -10.28 -4.28
N ARG A 59 -2.68 -10.27 -5.39
CA ARG A 59 -2.45 -11.23 -6.46
C ARG A 59 -1.09 -10.99 -7.12
N ASP A 60 -0.82 -9.74 -7.49
CA ASP A 60 0.45 -9.38 -8.11
C ASP A 60 0.83 -7.95 -7.77
N ILE A 61 2.05 -7.57 -8.14
CA ILE A 61 2.55 -6.22 -7.88
C ILE A 61 3.53 -5.76 -8.95
N LYS A 62 3.15 -4.72 -9.69
CA LYS A 62 3.99 -4.19 -10.75
C LYS A 62 4.67 -2.90 -10.30
N VAL A 63 5.91 -2.70 -10.76
CA VAL A 63 6.67 -1.50 -10.41
C VAL A 63 7.48 -1.01 -11.59
N GLY A 64 7.37 0.28 -11.88
CA GLY A 64 8.10 0.86 -12.99
C GLY A 64 7.67 0.30 -14.33
N GLN A 65 8.64 -0.09 -15.15
CA GLN A 65 8.35 -0.65 -16.46
C GLN A 65 7.15 -1.58 -16.41
N GLU A 66 7.14 -2.46 -15.41
CA GLU A 66 6.05 -3.42 -15.25
C GLU A 66 4.71 -2.77 -15.58
N CYS A 67 4.48 -1.57 -15.06
CA CYS A 67 3.23 -0.86 -15.31
C CYS A 67 3.06 -0.56 -16.79
N GLN A 68 1.92 0.01 -17.16
CA GLN A 68 1.63 0.34 -18.55
C GLN A 68 0.34 1.13 -18.66
N ASP A 69 0.24 1.95 -19.70
CA ASP A 69 -0.95 2.77 -19.93
C ASP A 69 -1.22 3.67 -18.73
N VAL A 70 -0.17 4.23 -18.16
CA VAL A 70 -0.29 5.11 -17.00
C VAL A 70 0.77 6.21 -17.03
N GLN A 71 0.32 7.46 -16.91
CA GLN A 71 1.23 8.60 -16.92
C GLN A 71 1.63 8.99 -15.51
N PRO A 72 2.94 9.00 -15.24
CA PRO A 72 3.48 9.35 -13.92
C PRO A 72 3.31 10.84 -13.60
N PRO A 73 3.32 11.17 -12.31
CA PRO A 73 3.16 12.56 -11.84
C PRO A 73 4.37 13.42 -12.18
N GLU A 74 4.13 14.69 -12.46
CA GLU A 74 5.21 15.61 -12.80
C GLU A 74 6.27 15.64 -11.70
N GLY A 75 7.53 15.61 -12.11
CA GLY A 75 8.62 15.63 -11.15
C GLY A 75 9.12 14.23 -10.81
N ARG A 76 8.22 13.40 -10.28
CA ARG A 76 8.58 12.04 -9.90
C ARG A 76 9.24 11.31 -11.07
N SER A 77 9.48 10.02 -10.89
CA SER A 77 10.10 9.20 -11.93
C SER A 77 9.18 8.07 -12.35
N ARG A 78 9.44 7.52 -13.55
CA ARG A 78 8.63 6.44 -14.08
C ARG A 78 8.71 5.21 -13.17
N ASP A 79 9.93 4.81 -12.83
CA ASP A 79 10.14 3.65 -11.97
C ASP A 79 9.21 3.70 -10.76
N GLY A 80 9.13 4.86 -10.12
CA GLY A 80 8.28 5.01 -8.95
C GLY A 80 6.96 4.28 -9.11
N LEU A 81 6.42 4.28 -10.33
CA LEU A 81 5.15 3.63 -10.61
C LEU A 81 5.04 2.33 -9.83
N LEU A 82 3.85 2.07 -9.29
CA LEU A 82 3.61 0.84 -8.52
C LEU A 82 2.13 0.47 -8.56
N THR A 83 1.82 -0.63 -9.23
CA THR A 83 0.44 -1.10 -9.33
C THR A 83 0.24 -2.38 -8.54
N VAL A 84 -0.58 -2.31 -7.50
CA VAL A 84 -0.86 -3.47 -6.66
C VAL A 84 -2.20 -4.10 -7.03
N ASN A 85 -2.18 -5.41 -7.26
CA ASN A 85 -3.39 -6.14 -7.62
C ASN A 85 -4.06 -6.72 -6.38
N LEU A 86 -5.39 -6.66 -6.36
CA LEU A 86 -6.15 -7.19 -5.23
C LEU A 86 -7.05 -8.35 -5.67
N ARG A 87 -7.30 -9.28 -4.76
CA ARG A 87 -8.14 -10.43 -5.05
C ARG A 87 -9.53 -10.00 -5.49
N GLU A 88 -10.11 -9.06 -4.75
CA GLU A 88 -11.44 -8.56 -5.07
C GLU A 88 -11.57 -8.26 -6.57
N GLY A 89 -10.49 -7.76 -7.15
CA GLY A 89 -10.51 -7.44 -8.57
C GLY A 89 -10.33 -5.95 -8.82
N SER A 90 -9.14 -5.44 -8.55
CA SER A 90 -8.85 -4.02 -8.75
C SER A 90 -7.36 -3.74 -8.58
N ARG A 91 -6.85 -2.79 -9.35
CA ARG A 91 -5.45 -2.42 -9.28
C ARG A 91 -5.27 -1.06 -8.61
N LEU A 92 -4.28 -0.96 -7.72
CA LEU A 92 -4.01 0.28 -7.01
C LEU A 92 -2.91 1.08 -7.71
N HIS A 93 -3.30 2.17 -8.35
CA HIS A 93 -2.35 3.02 -9.06
C HIS A 93 -1.60 3.93 -8.08
N LEU A 94 -0.35 3.59 -7.81
CA LEU A 94 0.47 4.37 -6.89
C LEU A 94 1.85 4.65 -7.49
N CYS A 95 2.53 5.66 -6.96
CA CYS A 95 3.85 6.03 -7.45
C CYS A 95 4.76 6.45 -6.29
N ALA A 96 5.92 5.82 -6.21
CA ALA A 96 6.88 6.14 -5.15
C ALA A 96 7.91 7.17 -5.62
N GLU A 97 8.55 7.82 -4.66
CA GLU A 97 9.55 8.84 -4.98
C GLU A 97 10.59 8.29 -5.94
N THR A 98 11.28 7.23 -5.51
CA THR A 98 12.31 6.61 -6.34
C THR A 98 12.10 5.11 -6.45
N ARG A 99 12.91 4.46 -7.28
CA ARG A 99 12.80 3.02 -7.48
C ARG A 99 13.00 2.27 -6.16
N ASP A 100 14.00 2.69 -5.40
CA ASP A 100 14.30 2.06 -4.11
C ASP A 100 13.06 1.99 -3.23
N ASP A 101 12.36 3.11 -3.13
CA ASP A 101 11.14 3.18 -2.32
C ASP A 101 10.07 2.26 -2.87
N ALA A 102 9.86 2.33 -4.19
CA ALA A 102 8.86 1.50 -4.84
C ALA A 102 9.13 0.01 -4.61
N ILE A 103 10.40 -0.38 -4.75
CA ILE A 103 10.80 -1.77 -4.55
C ILE A 103 10.48 -2.23 -3.12
N ALA A 104 10.71 -1.34 -2.16
CA ALA A 104 10.46 -1.66 -0.76
C ALA A 104 9.02 -2.13 -0.56
N TRP A 105 8.08 -1.47 -1.23
CA TRP A 105 6.67 -1.81 -1.12
C TRP A 105 6.41 -3.19 -1.73
N LYS A 106 7.02 -3.45 -2.88
CA LYS A 106 6.86 -4.73 -3.56
C LYS A 106 7.09 -5.89 -2.60
N THR A 107 8.15 -5.80 -1.80
CA THR A 107 8.48 -6.85 -0.84
C THR A 107 7.62 -6.74 0.40
N ALA A 108 7.46 -5.52 0.90
CA ALA A 108 6.64 -5.28 2.10
C ALA A 108 5.20 -5.71 1.87
N LEU A 109 4.76 -5.70 0.63
CA LEU A 109 3.41 -6.09 0.28
C LEU A 109 3.33 -7.59 -0.05
N MET A 110 4.22 -8.05 -0.92
CA MET A 110 4.25 -9.45 -1.32
C MET A 110 4.36 -10.35 -0.09
N GLU A 111 5.15 -9.91 0.90
CA GLU A 111 5.34 -10.68 2.11
C GLU A 111 4.05 -10.72 2.94
N ALA A 112 3.58 -9.54 3.33
CA ALA A 112 2.36 -9.44 4.13
C ALA A 112 1.22 -10.23 3.49
N ASN A 113 1.20 -10.25 2.17
CA ASN A 113 0.16 -10.97 1.43
C ASN A 113 0.34 -12.48 1.59
N SER A 114 1.58 -12.92 1.67
CA SER A 114 1.89 -14.33 1.82
C SER A 114 2.74 -14.59 3.05
N THR A 115 2.40 -13.91 4.15
CA THR A 115 3.14 -14.05 5.40
C THR A 115 2.28 -13.62 6.59
N PRO A 116 1.78 -14.61 7.35
CA PRO A 116 0.95 -14.37 8.52
C PRO A 116 1.73 -13.74 9.67
N ALA A 117 1.06 -13.55 10.80
CA ALA A 117 1.70 -12.96 11.98
C ALA A 117 1.13 -13.57 13.26
N PRO A 118 2.00 -13.70 14.28
CA PRO A 118 1.62 -14.27 15.57
C PRO A 118 0.69 -13.35 16.36
N ALA A 119 0.54 -12.11 15.87
CA ALA A 119 -0.32 -11.14 16.53
C ALA A 119 -1.70 -11.09 15.85
N GLY A 120 -2.66 -10.45 16.53
CA GLY A 120 -4.00 -10.35 15.98
C GLY A 120 -5.02 -9.94 17.03
N ALA A 121 -5.13 -8.65 17.27
CA ALA A 121 -6.08 -8.12 18.25
C ALA A 121 -7.48 -8.02 17.66
N THR A 122 -8.45 -7.69 18.50
CA THR A 122 -9.83 -7.56 18.07
C THR A 122 -10.21 -6.10 17.88
N VAL A 123 -10.07 -5.60 16.66
CA VAL A 123 -10.41 -4.22 16.34
C VAL A 123 -11.89 -4.07 16.04
N PRO A 124 -12.46 -2.92 16.45
CA PRO A 124 -13.88 -2.63 16.23
C PRO A 124 -14.20 -2.37 14.75
N SER A 125 -15.42 -1.93 14.48
CA SER A 125 -15.85 -1.65 13.12
C SER A 125 -15.40 -0.25 12.68
N GLY A 126 -14.88 -0.17 11.46
CA GLY A 126 -14.41 1.11 10.94
C GLY A 126 -15.48 1.84 10.14
N PRO A 127 -15.47 3.17 10.22
CA PRO A 127 -16.44 4.00 9.49
C PRO A 127 -16.22 3.98 7.99
N SER A 128 -16.81 2.99 7.32
CA SER A 128 -16.68 2.86 5.88
C SER A 128 -17.83 2.05 5.30
N SER A 129 -18.52 2.62 4.32
CA SER A 129 -19.65 1.95 3.68
C SER A 129 -19.33 0.47 3.43
N GLY A 130 -20.38 -0.34 3.36
CA GLY A 130 -20.20 -1.76 3.12
C GLY A 130 -20.83 -2.22 1.83
N GLY A 1 15.57 8.07 19.93
CA GLY A 1 14.25 7.71 20.43
C GLY A 1 13.48 6.82 19.47
N SER A 2 12.60 5.99 20.00
CA SER A 2 11.79 5.10 19.18
C SER A 2 10.50 4.71 19.89
N SER A 3 9.38 4.93 19.22
CA SER A 3 8.07 4.60 19.79
C SER A 3 7.25 3.78 18.82
N GLY A 4 6.15 3.21 19.31
CA GLY A 4 5.28 2.40 18.47
C GLY A 4 6.08 1.53 17.51
N SER A 5 6.38 0.30 17.93
CA SER A 5 7.14 -0.63 17.11
C SER A 5 6.21 -1.63 16.44
N SER A 6 5.30 -2.22 17.22
CA SER A 6 4.36 -3.20 16.70
C SER A 6 3.08 -2.52 16.21
N GLY A 7 2.37 -3.19 15.32
CA GLY A 7 1.14 -2.63 14.78
C GLY A 7 1.29 -2.12 13.37
N LEU A 8 2.26 -1.21 13.18
CA LEU A 8 2.51 -0.64 11.86
C LEU A 8 3.77 -1.23 11.23
N VAL A 9 3.68 -1.58 9.95
CA VAL A 9 4.81 -2.15 9.24
C VAL A 9 5.59 -1.08 8.49
N ARG A 10 4.91 -0.41 7.57
CA ARG A 10 5.55 0.64 6.78
C ARG A 10 4.57 1.81 6.55
N GLY A 11 5.13 3.01 6.40
CA GLY A 11 4.30 4.18 6.19
C GLY A 11 5.05 5.27 5.45
N GLY A 12 4.39 5.87 4.46
CA GLY A 12 5.02 6.94 3.69
C GLY A 12 4.08 7.53 2.66
N TRP A 13 4.42 8.72 2.16
CA TRP A 13 3.59 9.38 1.16
C TRP A 13 3.78 8.74 -0.22
N LEU A 14 2.69 8.67 -0.98
CA LEU A 14 2.73 8.08 -2.31
C LEU A 14 1.63 8.66 -3.19
N TRP A 15 1.97 8.96 -4.44
CA TRP A 15 1.01 9.52 -5.38
C TRP A 15 0.05 8.46 -5.88
N ARG A 16 -1.24 8.77 -5.83
CA ARG A 16 -2.27 7.84 -6.28
C ARG A 16 -2.99 8.37 -7.51
N GLN A 17 -3.28 7.48 -8.46
CA GLN A 17 -3.97 7.86 -9.68
C GLN A 17 -5.45 7.51 -9.61
N SER A 18 -6.29 8.43 -10.06
CA SER A 18 -7.73 8.22 -10.04
C SER A 18 -8.25 7.85 -11.42
N SER A 19 -9.49 7.37 -11.48
CA SER A 19 -10.10 6.98 -12.74
C SER A 19 -11.03 8.07 -13.27
N ILE A 20 -11.40 8.98 -12.38
CA ILE A 20 -12.29 10.08 -12.74
C ILE A 20 -11.53 11.41 -12.78
N LEU A 21 -10.58 11.56 -11.86
CA LEU A 21 -9.77 12.77 -11.79
C LEU A 21 -8.57 12.69 -12.72
N ARG A 22 -8.19 11.47 -13.09
CA ARG A 22 -7.06 11.25 -13.97
C ARG A 22 -5.88 12.14 -13.58
N ARG A 23 -5.64 12.25 -12.27
CA ARG A 23 -4.55 13.06 -11.76
C ARG A 23 -3.96 12.45 -10.49
N TRP A 24 -2.65 12.59 -10.34
CA TRP A 24 -1.97 12.04 -9.16
C TRP A 24 -2.28 12.86 -7.92
N LYS A 25 -2.51 12.17 -6.80
CA LYS A 25 -2.82 12.84 -5.55
C LYS A 25 -1.95 12.29 -4.41
N ARG A 26 -1.43 13.19 -3.59
CA ARG A 26 -0.59 12.79 -2.46
C ARG A 26 -1.42 12.14 -1.37
N ASN A 27 -0.96 10.99 -0.88
CA ASN A 27 -1.66 10.27 0.17
C ASN A 27 -0.69 9.49 1.04
N TRP A 28 -1.00 9.39 2.33
CA TRP A 28 -0.14 8.67 3.27
C TRP A 28 -0.68 7.26 3.51
N PHE A 29 0.02 6.26 2.98
CA PHE A 29 -0.38 4.88 3.14
C PHE A 29 0.32 4.24 4.34
N ALA A 30 -0.39 3.34 5.02
CA ALA A 30 0.17 2.67 6.19
C ALA A 30 -0.29 1.21 6.25
N LEU A 31 0.66 0.31 6.50
CA LEU A 31 0.35 -1.12 6.58
C LEU A 31 0.23 -1.57 8.03
N TRP A 32 -0.81 -2.33 8.32
CA TRP A 32 -1.05 -2.83 9.67
C TRP A 32 -0.73 -4.32 9.75
N LEU A 33 -0.31 -4.75 10.93
CA LEU A 33 0.04 -6.16 11.16
C LEU A 33 -1.15 -7.05 10.82
N ASP A 34 -2.36 -6.56 11.07
CA ASP A 34 -3.56 -7.32 10.79
C ASP A 34 -3.59 -7.81 9.34
N GLY A 35 -2.79 -7.15 8.50
CA GLY A 35 -2.73 -7.52 7.10
C GLY A 35 -3.63 -6.66 6.22
N THR A 36 -3.79 -5.40 6.61
CA THR A 36 -4.63 -4.47 5.86
C THR A 36 -3.83 -3.26 5.41
N LEU A 37 -4.35 -2.55 4.41
CA LEU A 37 -3.68 -1.36 3.88
C LEU A 37 -4.62 -0.16 3.91
N GLY A 38 -4.36 0.76 4.84
CA GLY A 38 -5.18 1.95 4.95
C GLY A 38 -4.38 3.22 4.74
N TYR A 39 -4.94 4.14 3.94
CA TYR A 39 -4.28 5.41 3.65
C TYR A 39 -5.13 6.58 4.12
N TYR A 40 -4.50 7.51 4.83
CA TYR A 40 -5.19 8.69 5.35
C TYR A 40 -4.65 9.96 4.71
N HIS A 41 -5.41 11.04 4.82
CA HIS A 41 -5.01 12.33 4.25
C HIS A 41 -3.53 12.61 4.55
N ASP A 42 -3.15 12.42 5.81
CA ASP A 42 -1.77 12.65 6.23
C ASP A 42 -1.35 11.65 7.29
N GLU A 43 -0.05 11.59 7.56
CA GLU A 43 0.49 10.68 8.56
C GLU A 43 -0.48 10.51 9.73
N THR A 44 -1.06 11.63 10.17
CA THR A 44 -2.00 11.60 11.28
C THR A 44 -3.30 10.89 10.88
N ALA A 45 -3.33 9.58 11.09
CA ALA A 45 -4.51 8.78 10.76
C ALA A 45 -5.74 9.32 11.46
N GLN A 46 -6.43 10.26 10.81
CA GLN A 46 -7.64 10.85 11.37
C GLN A 46 -8.80 10.78 10.38
N ASP A 47 -8.54 11.20 9.15
CA ASP A 47 -9.57 11.19 8.12
C ASP A 47 -9.54 9.88 7.34
N GLU A 48 -10.11 8.84 7.92
CA GLU A 48 -10.14 7.53 7.29
C GLU A 48 -10.71 7.61 5.88
N GLU A 49 -9.85 7.48 4.88
CA GLU A 49 -10.27 7.55 3.50
C GLU A 49 -10.76 6.19 3.00
N ASP A 50 -9.95 5.16 3.23
CA ASP A 50 -10.30 3.81 2.80
C ASP A 50 -9.32 2.79 3.38
N ARG A 51 -9.65 1.51 3.23
CA ARG A 51 -8.79 0.45 3.73
C ARG A 51 -9.01 -0.85 2.95
N VAL A 52 -7.93 -1.37 2.38
CA VAL A 52 -8.01 -2.61 1.61
C VAL A 52 -7.36 -3.76 2.34
N VAL A 53 -7.51 -4.97 1.80
CA VAL A 53 -6.92 -6.16 2.40
C VAL A 53 -5.60 -6.52 1.75
N ILE A 54 -4.61 -6.86 2.57
CA ILE A 54 -3.29 -7.23 2.07
C ILE A 54 -3.04 -8.73 2.22
N HIS A 55 -3.44 -9.28 3.36
CA HIS A 55 -3.26 -10.70 3.62
C HIS A 55 -3.77 -11.54 2.46
N PHE A 56 -2.88 -12.31 1.85
CA PHE A 56 -3.24 -13.15 0.71
C PHE A 56 -4.26 -12.46 -0.18
N ASN A 57 -4.05 -11.17 -0.42
CA ASN A 57 -4.95 -10.39 -1.26
C ASN A 57 -4.20 -9.76 -2.43
N VAL A 58 -2.87 -9.75 -2.34
CA VAL A 58 -2.04 -9.18 -3.38
C VAL A 58 -1.81 -10.18 -4.52
N ARG A 59 -2.65 -10.10 -5.54
CA ARG A 59 -2.54 -11.01 -6.69
C ARG A 59 -1.24 -10.78 -7.43
N ASP A 60 -0.90 -9.52 -7.69
CA ASP A 60 0.32 -9.18 -8.40
C ASP A 60 0.73 -7.73 -8.11
N ILE A 61 1.99 -7.42 -8.38
CA ILE A 61 2.50 -6.07 -8.16
C ILE A 61 3.46 -5.66 -9.26
N LYS A 62 3.13 -4.56 -9.94
CA LYS A 62 3.97 -4.05 -11.02
C LYS A 62 4.75 -2.81 -10.58
N VAL A 63 6.05 -2.82 -10.83
CA VAL A 63 6.90 -1.70 -10.46
C VAL A 63 7.82 -1.29 -11.61
N GLY A 64 7.93 0.02 -11.84
CA GLY A 64 8.77 0.51 -12.91
C GLY A 64 8.31 0.02 -14.27
N GLN A 65 9.25 -0.49 -15.05
CA GLN A 65 8.94 -0.99 -16.40
C GLN A 65 7.62 -1.75 -16.39
N GLU A 66 7.46 -2.65 -15.44
CA GLU A 66 6.24 -3.45 -15.33
C GLU A 66 5.03 -2.64 -15.76
N CYS A 67 5.00 -1.36 -15.38
CA CYS A 67 3.90 -0.48 -15.72
C CYS A 67 3.37 -0.78 -17.12
N GLN A 68 2.08 -0.56 -17.32
CA GLN A 68 1.46 -0.80 -18.62
C GLN A 68 0.60 0.38 -19.05
N ASP A 69 -0.45 0.66 -18.28
CA ASP A 69 -1.34 1.77 -18.59
C ASP A 69 -1.31 2.81 -17.47
N VAL A 70 -0.11 3.17 -17.04
CA VAL A 70 0.07 4.16 -15.99
C VAL A 70 1.25 5.08 -16.27
N GLN A 71 1.02 6.38 -16.16
CA GLN A 71 2.06 7.36 -16.42
C GLN A 71 2.38 8.16 -15.16
N PRO A 72 3.68 8.41 -14.92
CA PRO A 72 4.13 9.16 -13.75
C PRO A 72 3.76 10.65 -13.82
N PRO A 73 3.59 11.28 -12.65
CA PRO A 73 3.23 12.69 -12.56
C PRO A 73 4.37 13.61 -13.00
N GLU A 74 4.22 14.91 -12.73
CA GLU A 74 5.23 15.88 -13.10
C GLU A 74 6.38 15.88 -12.10
N GLY A 75 7.54 15.38 -12.53
CA GLY A 75 8.69 15.33 -11.65
C GLY A 75 9.16 13.91 -11.40
N ARG A 76 8.22 13.03 -11.04
CA ARG A 76 8.55 11.64 -10.76
C ARG A 76 9.05 10.94 -12.02
N SER A 77 9.59 9.74 -11.85
CA SER A 77 10.11 8.96 -12.97
C SER A 77 9.27 7.70 -13.19
N ARG A 78 9.25 7.22 -14.42
CA ARG A 78 8.50 6.02 -14.77
C ARG A 78 9.01 4.82 -13.99
N ASP A 79 10.13 4.99 -13.31
CA ASP A 79 10.72 3.92 -12.51
C ASP A 79 10.09 3.85 -11.12
N GLY A 80 9.38 4.92 -10.75
CA GLY A 80 8.74 4.96 -9.46
C GLY A 80 7.35 4.34 -9.47
N LEU A 81 6.79 4.17 -10.67
CA LEU A 81 5.46 3.59 -10.81
C LEU A 81 5.32 2.33 -9.96
N LEU A 82 4.14 2.14 -9.39
CA LEU A 82 3.87 0.98 -8.56
C LEU A 82 2.38 0.67 -8.50
N THR A 83 2.00 -0.51 -8.99
CA THR A 83 0.61 -0.93 -8.99
C THR A 83 0.41 -2.20 -8.19
N VAL A 84 -0.65 -2.22 -7.37
CA VAL A 84 -0.94 -3.37 -6.54
C VAL A 84 -2.31 -3.97 -6.89
N ASN A 85 -2.35 -5.27 -7.12
CA ASN A 85 -3.59 -5.96 -7.46
C ASN A 85 -4.22 -6.59 -6.23
N LEU A 86 -5.54 -6.44 -6.11
CA LEU A 86 -6.27 -7.01 -4.97
C LEU A 86 -7.21 -8.12 -5.43
N ARG A 87 -7.24 -9.21 -4.67
CA ARG A 87 -8.10 -10.34 -4.99
C ARG A 87 -9.52 -9.88 -5.29
N GLU A 88 -9.98 -8.88 -4.55
CA GLU A 88 -11.33 -8.35 -4.73
C GLU A 88 -11.62 -8.13 -6.22
N GLY A 89 -10.62 -7.67 -6.95
CA GLY A 89 -10.78 -7.42 -8.37
C GLY A 89 -10.51 -5.98 -8.74
N SER A 90 -9.57 -5.35 -8.04
CA SER A 90 -9.23 -3.97 -8.30
C SER A 90 -7.73 -3.73 -8.13
N ARG A 91 -7.21 -2.72 -8.81
CA ARG A 91 -5.78 -2.40 -8.74
C ARG A 91 -5.57 -1.05 -8.04
N LEU A 92 -4.37 -0.87 -7.49
CA LEU A 92 -4.05 0.38 -6.80
C LEU A 92 -2.94 1.12 -7.52
N HIS A 93 -3.30 2.22 -8.18
CA HIS A 93 -2.33 3.03 -8.92
C HIS A 93 -1.54 3.91 -7.97
N LEU A 94 -0.30 3.51 -7.70
CA LEU A 94 0.58 4.27 -6.81
C LEU A 94 1.90 4.59 -7.49
N CYS A 95 2.64 5.55 -6.92
CA CYS A 95 3.93 5.94 -7.46
C CYS A 95 4.87 6.41 -6.36
N ALA A 96 6.09 5.88 -6.35
CA ALA A 96 7.07 6.26 -5.35
C ALA A 96 7.96 7.40 -5.85
N GLU A 97 8.87 7.84 -5.00
CA GLU A 97 9.78 8.93 -5.34
C GLU A 97 10.93 8.42 -6.21
N THR A 98 11.51 7.29 -5.80
CA THR A 98 12.62 6.69 -6.53
C THR A 98 12.41 5.20 -6.73
N ARG A 99 13.23 4.60 -7.58
CA ARG A 99 13.14 3.17 -7.86
C ARG A 99 13.44 2.35 -6.60
N ASP A 100 13.95 3.02 -5.58
CA ASP A 100 14.28 2.35 -4.33
C ASP A 100 13.06 2.24 -3.42
N ASP A 101 12.43 3.38 -3.15
CA ASP A 101 11.25 3.41 -2.30
C ASP A 101 10.17 2.47 -2.83
N ALA A 102 10.06 2.39 -4.15
CA ALA A 102 9.07 1.52 -4.78
C ALA A 102 9.28 0.07 -4.38
N ILE A 103 10.44 -0.49 -4.73
CA ILE A 103 10.75 -1.87 -4.40
C ILE A 103 10.40 -2.18 -2.95
N ALA A 104 10.76 -1.28 -2.05
CA ALA A 104 10.49 -1.45 -0.64
C ALA A 104 9.05 -1.90 -0.41
N TRP A 105 8.11 -1.13 -0.94
CA TRP A 105 6.69 -1.45 -0.79
C TRP A 105 6.37 -2.81 -1.39
N LYS A 106 6.91 -3.07 -2.58
CA LYS A 106 6.68 -4.35 -3.26
C LYS A 106 7.05 -5.52 -2.34
N THR A 107 8.15 -5.38 -1.62
CA THR A 107 8.60 -6.43 -0.72
C THR A 107 7.72 -6.50 0.53
N ALA A 108 7.40 -5.34 1.08
CA ALA A 108 6.57 -5.26 2.27
C ALA A 108 5.17 -5.79 2.00
N LEU A 109 4.76 -5.74 0.74
CA LEU A 109 3.44 -6.23 0.34
C LEU A 109 3.49 -7.72 -0.01
N MET A 110 4.44 -8.07 -0.86
CA MET A 110 4.60 -9.47 -1.28
C MET A 110 4.80 -10.38 -0.07
N GLU A 111 5.52 -9.88 0.92
CA GLU A 111 5.79 -10.65 2.14
C GLU A 111 4.52 -10.87 2.94
N ALA A 112 3.95 -9.77 3.46
CA ALA A 112 2.73 -9.85 4.25
C ALA A 112 1.65 -10.62 3.50
N ASN A 113 1.53 -10.38 2.20
CA ASN A 113 0.53 -11.05 1.38
C ASN A 113 0.66 -12.57 1.51
N SER A 114 1.89 -13.07 1.49
CA SER A 114 2.15 -14.49 1.61
C SER A 114 2.87 -14.81 2.91
N THR A 115 2.47 -14.15 3.99
CA THR A 115 3.07 -14.37 5.30
C THR A 115 2.12 -13.96 6.42
N PRO A 116 1.54 -14.96 7.09
CA PRO A 116 0.60 -14.73 8.19
C PRO A 116 1.29 -14.17 9.43
N ALA A 117 0.49 -13.63 10.34
CA ALA A 117 1.03 -13.06 11.58
C ALA A 117 0.39 -13.70 12.80
N PRO A 118 1.23 -14.12 13.76
CA PRO A 118 0.77 -14.76 15.00
C PRO A 118 0.05 -13.78 15.92
N ALA A 119 0.26 -12.49 15.68
CA ALA A 119 -0.38 -11.46 16.49
C ALA A 119 -1.84 -11.27 16.11
N GLY A 120 -2.73 -11.98 16.80
CA GLY A 120 -4.14 -11.88 16.51
C GLY A 120 -5.01 -12.37 17.66
N ALA A 121 -5.97 -11.55 18.07
CA ALA A 121 -6.86 -11.91 19.16
C ALA A 121 -8.31 -11.68 18.78
N THR A 122 -9.22 -12.20 19.60
CA THR A 122 -10.65 -12.05 19.34
C THR A 122 -11.15 -10.69 19.82
N VAL A 123 -11.96 -10.03 18.99
CA VAL A 123 -12.51 -8.72 19.33
C VAL A 123 -13.87 -8.52 18.69
N PRO A 124 -14.89 -8.29 19.53
CA PRO A 124 -16.27 -8.08 19.06
C PRO A 124 -16.44 -6.74 18.35
N SER A 125 -16.22 -6.74 17.04
CA SER A 125 -16.35 -5.54 16.24
C SER A 125 -16.81 -5.86 14.82
N GLY A 126 -17.90 -5.23 14.41
CA GLY A 126 -18.44 -5.47 13.08
C GLY A 126 -17.44 -5.17 11.98
N PRO A 127 -17.14 -6.19 11.16
CA PRO A 127 -16.18 -6.06 10.06
C PRO A 127 -16.71 -5.18 8.94
N SER A 128 -15.79 -4.63 8.14
CA SER A 128 -16.16 -3.76 7.03
C SER A 128 -16.91 -4.54 5.95
N SER A 129 -17.59 -3.82 5.07
CA SER A 129 -18.35 -4.43 4.00
C SER A 129 -18.00 -3.81 2.64
N GLY A 130 -17.42 -4.62 1.76
CA GLY A 130 -17.05 -4.13 0.45
C GLY A 130 -15.70 -3.42 0.46
N GLY A 1 13.12 -5.24 25.06
CA GLY A 1 12.51 -6.28 24.24
C GLY A 1 11.97 -5.74 22.93
N SER A 2 10.66 -5.82 22.75
CA SER A 2 10.02 -5.35 21.53
C SER A 2 10.27 -3.86 21.32
N SER A 3 10.77 -3.51 20.14
CA SER A 3 11.05 -2.11 19.82
C SER A 3 9.99 -1.18 20.39
N GLY A 4 8.73 -1.57 20.23
CA GLY A 4 7.63 -0.76 20.73
C GLY A 4 6.29 -1.18 20.17
N SER A 5 5.33 -0.26 20.19
CA SER A 5 3.99 -0.54 19.68
C SER A 5 4.06 -1.40 18.42
N SER A 6 3.23 -2.43 18.37
CA SER A 6 3.19 -3.33 17.22
C SER A 6 1.89 -3.18 16.45
N GLY A 7 1.98 -3.21 15.13
CA GLY A 7 0.79 -3.07 14.29
C GLY A 7 1.09 -2.40 12.97
N LEU A 8 1.98 -1.41 12.99
CA LEU A 8 2.35 -0.68 11.79
C LEU A 8 3.64 -1.22 11.19
N VAL A 9 3.66 -1.38 9.88
CA VAL A 9 4.84 -1.89 9.19
C VAL A 9 5.69 -0.75 8.64
N ARG A 10 5.11 0.06 7.76
CA ARG A 10 5.82 1.18 7.16
C ARG A 10 4.85 2.28 6.77
N GLY A 11 5.38 3.48 6.56
CA GLY A 11 4.54 4.61 6.17
C GLY A 11 5.32 5.67 5.42
N GLY A 12 4.68 6.26 4.40
CA GLY A 12 5.34 7.29 3.63
C GLY A 12 4.45 7.86 2.54
N TRP A 13 4.34 9.17 2.48
CA TRP A 13 3.51 9.83 1.47
C TRP A 13 3.82 9.31 0.08
N LEU A 14 2.78 9.04 -0.70
CA LEU A 14 2.95 8.54 -2.06
C LEU A 14 1.82 9.01 -2.97
N TRP A 15 2.14 9.26 -4.22
CA TRP A 15 1.15 9.72 -5.20
C TRP A 15 0.22 8.58 -5.60
N ARG A 16 -1.08 8.86 -5.60
CA ARG A 16 -2.07 7.87 -5.96
C ARG A 16 -2.89 8.33 -7.16
N GLN A 17 -3.08 7.44 -8.13
CA GLN A 17 -3.84 7.75 -9.33
C GLN A 17 -5.18 7.01 -9.34
N SER A 18 -6.14 7.55 -10.08
CA SER A 18 -7.46 6.95 -10.17
C SER A 18 -7.65 6.26 -11.52
N SER A 19 -8.87 5.75 -11.76
CA SER A 19 -9.18 5.08 -13.00
C SER A 19 -9.97 5.99 -13.95
N ILE A 20 -10.93 6.72 -13.38
CA ILE A 20 -11.75 7.63 -14.16
C ILE A 20 -11.13 9.03 -14.21
N LEU A 21 -10.73 9.53 -13.05
CA LEU A 21 -10.12 10.86 -12.96
C LEU A 21 -8.72 10.85 -13.59
N ARG A 22 -8.16 9.66 -13.76
CA ARG A 22 -6.83 9.51 -14.34
C ARG A 22 -5.92 10.66 -13.90
N ARG A 23 -5.89 10.91 -12.60
CA ARG A 23 -5.05 11.97 -12.03
C ARG A 23 -4.41 11.52 -10.74
N TRP A 24 -3.14 11.87 -10.56
CA TRP A 24 -2.40 11.50 -9.35
C TRP A 24 -2.69 12.49 -8.22
N LYS A 25 -2.65 12.00 -6.98
CA LYS A 25 -2.90 12.84 -5.82
C LYS A 25 -2.11 12.34 -4.62
N ARG A 26 -1.53 13.28 -3.86
CA ARG A 26 -0.75 12.93 -2.68
C ARG A 26 -1.65 12.37 -1.58
N ASN A 27 -1.26 11.21 -1.05
CA ASN A 27 -2.03 10.57 0.00
C ASN A 27 -1.12 9.74 0.91
N TRP A 28 -1.49 9.63 2.18
CA TRP A 28 -0.71 8.87 3.14
C TRP A 28 -1.09 7.39 3.11
N PHE A 29 -0.10 6.52 3.03
CA PHE A 29 -0.34 5.09 3.00
C PHE A 29 0.39 4.39 4.14
N ALA A 30 -0.31 3.47 4.81
CA ALA A 30 0.27 2.73 5.92
C ALA A 30 -0.20 1.28 5.92
N LEU A 31 0.71 0.36 6.21
CA LEU A 31 0.39 -1.06 6.24
C LEU A 31 0.20 -1.54 7.68
N TRP A 32 -0.62 -2.58 7.84
CA TRP A 32 -0.89 -3.13 9.16
C TRP A 32 -0.47 -4.60 9.22
N LEU A 33 -0.22 -5.08 10.43
CA LEU A 33 0.19 -6.47 10.63
C LEU A 33 -1.01 -7.41 10.51
N ASP A 34 -2.20 -6.85 10.61
CA ASP A 34 -3.43 -7.64 10.51
C ASP A 34 -3.81 -7.87 9.05
N GLY A 35 -2.84 -7.70 8.15
CA GLY A 35 -3.09 -7.89 6.74
C GLY A 35 -4.12 -6.92 6.20
N THR A 36 -3.84 -5.62 6.33
CA THR A 36 -4.76 -4.60 5.85
C THR A 36 -4.01 -3.34 5.43
N LEU A 37 -4.43 -2.74 4.32
CA LEU A 37 -3.79 -1.54 3.81
C LEU A 37 -4.78 -0.37 3.78
N GLY A 38 -4.55 0.60 4.66
CA GLY A 38 -5.43 1.76 4.71
C GLY A 38 -4.69 3.07 4.51
N TYR A 39 -5.30 3.99 3.80
CA TYR A 39 -4.69 5.29 3.53
C TYR A 39 -5.55 6.42 4.07
N TYR A 40 -4.92 7.56 4.36
CA TYR A 40 -5.63 8.72 4.87
C TYR A 40 -5.20 9.99 4.16
N HIS A 41 -6.00 11.04 4.30
CA HIS A 41 -5.70 12.33 3.67
C HIS A 41 -4.29 12.79 4.02
N ASP A 42 -3.97 12.78 5.31
CA ASP A 42 -2.66 13.19 5.79
C ASP A 42 -2.01 12.10 6.62
N GLU A 43 -0.80 12.36 7.10
CA GLU A 43 -0.06 11.40 7.90
C GLU A 43 -0.86 11.02 9.15
N THR A 44 -1.53 12.00 9.74
CA THR A 44 -2.33 11.78 10.93
C THR A 44 -3.61 11.00 10.60
N ALA A 45 -3.52 9.68 10.64
CA ALA A 45 -4.66 8.83 10.35
C ALA A 45 -5.91 9.31 11.09
N GLN A 46 -6.68 10.16 10.42
CA GLN A 46 -7.90 10.69 11.02
C GLN A 46 -9.10 10.52 10.07
N ASP A 47 -8.88 10.88 8.81
CA ASP A 47 -9.94 10.77 7.80
C ASP A 47 -9.83 9.44 7.05
N GLU A 48 -10.35 8.38 7.67
CA GLU A 48 -10.31 7.05 7.07
C GLU A 48 -10.86 7.09 5.65
N GLU A 49 -9.96 7.26 4.68
CA GLU A 49 -10.35 7.32 3.27
C GLU A 49 -10.86 5.97 2.79
N ASP A 50 -10.11 4.91 3.10
CA ASP A 50 -10.49 3.56 2.71
C ASP A 50 -9.58 2.52 3.36
N ARG A 51 -9.90 1.25 3.16
CA ARG A 51 -9.12 0.16 3.73
C ARG A 51 -9.28 -1.11 2.91
N VAL A 52 -8.16 -1.68 2.48
CA VAL A 52 -8.17 -2.91 1.70
C VAL A 52 -7.45 -4.05 2.42
N VAL A 53 -7.56 -5.26 1.88
CA VAL A 53 -6.92 -6.42 2.47
C VAL A 53 -5.61 -6.74 1.78
N ILE A 54 -4.58 -7.02 2.57
CA ILE A 54 -3.26 -7.34 2.03
C ILE A 54 -2.99 -8.84 2.09
N HIS A 55 -3.40 -9.46 3.19
CA HIS A 55 -3.20 -10.90 3.37
C HIS A 55 -3.93 -11.69 2.29
N PHE A 56 -3.17 -12.50 1.56
CA PHE A 56 -3.75 -13.31 0.48
C PHE A 56 -4.74 -12.50 -0.34
N ASN A 57 -4.34 -11.30 -0.72
CA ASN A 57 -5.21 -10.42 -1.51
C ASN A 57 -4.46 -9.86 -2.72
N VAL A 58 -3.17 -9.61 -2.54
CA VAL A 58 -2.33 -9.08 -3.62
C VAL A 58 -2.25 -10.07 -4.78
N ARG A 59 -2.94 -9.75 -5.87
CA ARG A 59 -2.93 -10.62 -7.05
C ARG A 59 -1.63 -10.48 -7.83
N ASP A 60 -1.19 -9.23 -7.99
CA ASP A 60 0.05 -8.97 -8.72
C ASP A 60 0.52 -7.53 -8.48
N ILE A 61 1.83 -7.34 -8.40
CA ILE A 61 2.40 -6.02 -8.18
C ILE A 61 3.33 -5.62 -9.30
N LYS A 62 3.03 -4.50 -9.95
CA LYS A 62 3.85 -4.01 -11.05
C LYS A 62 4.72 -2.84 -10.61
N VAL A 63 6.02 -2.97 -10.82
CA VAL A 63 6.97 -1.92 -10.45
C VAL A 63 7.94 -1.62 -11.58
N GLY A 64 8.06 -0.34 -11.92
CA GLY A 64 8.96 0.07 -12.99
C GLY A 64 8.60 -0.58 -14.31
N GLN A 65 9.59 -1.22 -14.94
CA GLN A 65 9.37 -1.87 -16.22
C GLN A 65 7.97 -2.49 -16.30
N GLU A 66 7.63 -3.28 -15.29
CA GLU A 66 6.31 -3.92 -15.24
C GLU A 66 5.23 -2.99 -15.77
N CYS A 67 5.21 -1.76 -15.25
CA CYS A 67 4.21 -0.78 -15.68
C CYS A 67 3.89 -0.93 -17.16
N GLN A 68 2.62 -1.10 -17.47
CA GLN A 68 2.18 -1.26 -18.85
C GLN A 68 1.17 -0.18 -19.23
N ASP A 69 0.22 0.08 -18.33
CA ASP A 69 -0.80 1.08 -18.57
C ASP A 69 -0.82 2.12 -17.46
N VAL A 70 0.38 2.53 -17.02
CA VAL A 70 0.50 3.52 -15.95
C VAL A 70 1.49 4.62 -16.34
N GLN A 71 1.03 5.86 -16.25
CA GLN A 71 1.88 7.01 -16.60
C GLN A 71 2.22 7.83 -15.35
N PRO A 72 3.51 8.14 -15.18
CA PRO A 72 3.98 8.92 -14.04
C PRO A 72 3.54 10.37 -14.11
N PRO A 73 3.24 10.96 -12.93
CA PRO A 73 2.80 12.35 -12.84
C PRO A 73 3.92 13.34 -13.14
N GLU A 74 3.71 14.60 -12.79
CA GLU A 74 4.71 15.64 -13.03
C GLU A 74 5.92 15.45 -12.12
N GLY A 75 7.10 15.43 -12.73
CA GLY A 75 8.33 15.25 -11.98
C GLY A 75 8.71 13.79 -11.83
N ARG A 76 7.82 13.01 -11.22
CA ARG A 76 8.07 11.59 -11.01
C ARG A 76 8.61 10.94 -12.28
N SER A 77 9.01 9.68 -12.17
CA SER A 77 9.55 8.94 -13.31
C SER A 77 8.89 7.56 -13.43
N ARG A 78 9.02 6.96 -14.60
CA ARG A 78 8.43 5.65 -14.84
C ARG A 78 9.11 4.58 -13.98
N ASP A 79 10.14 4.98 -13.25
CA ASP A 79 10.88 4.06 -12.39
C ASP A 79 10.28 4.04 -10.99
N GLY A 80 9.54 5.09 -10.65
CA GLY A 80 8.91 5.16 -9.34
C GLY A 80 7.45 4.77 -9.36
N LEU A 81 7.08 3.97 -10.36
CA LEU A 81 5.69 3.53 -10.50
C LEU A 81 5.47 2.19 -9.78
N LEU A 82 4.58 2.19 -8.81
CA LEU A 82 4.27 0.99 -8.05
C LEU A 82 2.77 0.74 -8.00
N THR A 83 2.32 -0.31 -8.68
CA THR A 83 0.91 -0.66 -8.71
C THR A 83 0.66 -2.03 -8.09
N VAL A 84 -0.36 -2.13 -7.25
CA VAL A 84 -0.70 -3.38 -6.60
C VAL A 84 -2.11 -3.83 -6.98
N ASN A 85 -2.24 -5.11 -7.34
CA ASN A 85 -3.52 -5.68 -7.72
C ASN A 85 -4.17 -6.39 -6.56
N LEU A 86 -5.48 -6.21 -6.40
CA LEU A 86 -6.22 -6.84 -5.32
C LEU A 86 -7.17 -7.90 -5.87
N ARG A 87 -7.31 -9.00 -5.11
CA ARG A 87 -8.20 -10.08 -5.53
C ARG A 87 -9.66 -9.70 -5.34
N GLU A 88 -9.96 -9.04 -4.22
CA GLU A 88 -11.33 -8.62 -3.93
C GLU A 88 -12.01 -8.08 -5.18
N GLY A 89 -11.27 -7.28 -5.95
CA GLY A 89 -11.83 -6.71 -7.17
C GLY A 89 -11.47 -5.24 -7.33
N SER A 90 -10.18 -4.94 -7.21
CA SER A 90 -9.71 -3.57 -7.35
C SER A 90 -8.18 -3.52 -7.41
N ARG A 91 -7.64 -2.34 -7.71
CA ARG A 91 -6.20 -2.17 -7.80
C ARG A 91 -5.75 -0.95 -6.98
N LEU A 92 -4.45 -0.80 -6.84
CA LEU A 92 -3.89 0.32 -6.08
C LEU A 92 -2.77 1.01 -6.86
N HIS A 93 -3.08 2.17 -7.41
CA HIS A 93 -2.11 2.94 -8.19
C HIS A 93 -1.27 3.84 -7.28
N LEU A 94 0.04 3.59 -7.26
CA LEU A 94 0.95 4.38 -6.43
C LEU A 94 2.21 4.74 -7.20
N CYS A 95 2.91 5.76 -6.73
CA CYS A 95 4.14 6.21 -7.37
C CYS A 95 5.12 6.77 -6.36
N ALA A 96 6.25 6.08 -6.18
CA ALA A 96 7.27 6.51 -5.24
C ALA A 96 8.19 7.56 -5.85
N GLU A 97 9.15 8.03 -5.06
CA GLU A 97 10.10 9.03 -5.54
C GLU A 97 11.18 8.40 -6.40
N THR A 98 11.67 7.24 -5.97
CA THR A 98 12.71 6.53 -6.71
C THR A 98 12.38 5.04 -6.82
N ARG A 99 13.07 4.35 -7.72
CA ARG A 99 12.85 2.93 -7.94
C ARG A 99 13.09 2.15 -6.65
N ASP A 100 14.18 2.48 -5.96
CA ASP A 100 14.51 1.81 -4.70
C ASP A 100 13.30 1.74 -3.78
N ASP A 101 12.80 2.90 -3.37
CA ASP A 101 11.64 2.96 -2.48
C ASP A 101 10.50 2.09 -3.01
N ALA A 102 10.24 2.20 -4.31
CA ALA A 102 9.18 1.42 -4.94
C ALA A 102 9.37 -0.07 -4.69
N ILE A 103 10.56 -0.57 -5.01
CA ILE A 103 10.87 -1.99 -4.82
C ILE A 103 10.63 -2.41 -3.37
N ALA A 104 11.06 -1.57 -2.44
CA ALA A 104 10.88 -1.86 -1.02
C ALA A 104 9.45 -2.24 -0.71
N TRP A 105 8.51 -1.40 -1.14
CA TRP A 105 7.10 -1.66 -0.90
C TRP A 105 6.69 -3.03 -1.42
N LYS A 106 7.12 -3.35 -2.63
CA LYS A 106 6.81 -4.64 -3.24
C LYS A 106 7.15 -5.79 -2.30
N THR A 107 8.28 -5.67 -1.61
CA THR A 107 8.72 -6.69 -0.67
C THR A 107 7.83 -6.72 0.56
N ALA A 108 7.61 -5.55 1.16
CA ALA A 108 6.78 -5.45 2.35
C ALA A 108 5.34 -5.87 2.05
N LEU A 109 4.92 -5.67 0.81
CA LEU A 109 3.57 -6.04 0.40
C LEU A 109 3.48 -7.53 0.07
N MET A 110 4.37 -7.99 -0.79
CA MET A 110 4.39 -9.39 -1.20
C MET A 110 4.51 -10.30 0.03
N GLU A 111 5.38 -9.94 0.96
CA GLU A 111 5.59 -10.72 2.17
C GLU A 111 4.33 -10.73 3.02
N ALA A 112 3.92 -9.55 3.48
CA ALA A 112 2.72 -9.43 4.31
C ALA A 112 1.55 -10.19 3.70
N ASN A 113 1.52 -10.25 2.37
CA ASN A 113 0.45 -10.95 1.67
C ASN A 113 0.52 -12.45 1.93
N SER A 114 1.74 -12.98 2.01
CA SER A 114 1.94 -14.40 2.24
C SER A 114 2.88 -14.62 3.43
N THR A 115 2.46 -14.17 4.60
CA THR A 115 3.26 -14.31 5.81
C THR A 115 2.42 -14.10 7.06
N PRO A 116 2.09 -15.21 7.75
CA PRO A 116 1.29 -15.17 8.98
C PRO A 116 2.04 -14.54 10.14
N ALA A 117 1.42 -14.56 11.32
CA ALA A 117 2.03 -14.00 12.51
C ALA A 117 2.53 -15.09 13.45
N PRO A 118 3.73 -14.88 14.02
CA PRO A 118 4.35 -15.84 14.94
C PRO A 118 3.62 -15.91 16.28
N ALA A 119 2.59 -15.09 16.43
CA ALA A 119 1.81 -15.06 17.66
C ALA A 119 1.52 -16.47 18.16
N GLY A 120 2.00 -16.77 19.36
CA GLY A 120 1.78 -18.09 19.93
C GLY A 120 1.15 -18.03 21.31
N ALA A 121 -0.19 -18.03 21.34
CA ALA A 121 -0.91 -17.98 22.61
C ALA A 121 -2.36 -18.39 22.42
N THR A 122 -2.96 -18.93 23.48
CA THR A 122 -4.35 -19.37 23.43
C THR A 122 -5.24 -18.31 22.77
N VAL A 123 -5.63 -18.57 21.52
CA VAL A 123 -6.47 -17.64 20.79
C VAL A 123 -7.91 -18.14 20.73
N PRO A 124 -8.86 -17.21 20.96
CA PRO A 124 -10.29 -17.53 20.94
C PRO A 124 -10.80 -17.86 19.54
N SER A 125 -9.89 -17.83 18.57
CA SER A 125 -10.25 -18.11 17.17
C SER A 125 -11.50 -17.33 16.77
N GLY A 126 -11.61 -16.10 17.24
CA GLY A 126 -12.75 -15.27 16.91
C GLY A 126 -12.72 -13.93 17.63
N PRO A 127 -13.23 -12.88 16.96
CA PRO A 127 -13.27 -11.53 17.51
C PRO A 127 -14.27 -11.40 18.65
N SER A 128 -13.75 -11.13 19.85
CA SER A 128 -14.60 -10.99 21.03
C SER A 128 -15.81 -10.10 20.73
N SER A 129 -16.89 -10.32 21.46
CA SER A 129 -18.12 -9.55 21.26
C SER A 129 -18.10 -8.30 22.13
N GLY A 130 -17.82 -7.15 21.50
CA GLY A 130 -17.78 -5.90 22.24
C GLY A 130 -18.42 -4.76 21.45
N GLY A 1 15.56 10.81 15.88
CA GLY A 1 14.16 10.71 15.52
C GLY A 1 13.84 9.43 14.77
N SER A 2 14.04 8.31 15.44
CA SER A 2 13.77 7.00 14.84
C SER A 2 12.29 6.84 14.51
N SER A 3 12.00 6.16 13.41
CA SER A 3 10.62 5.95 12.98
C SER A 3 10.32 4.46 12.86
N GLY A 4 9.08 4.09 13.17
CA GLY A 4 8.69 2.69 13.10
C GLY A 4 8.37 2.10 14.45
N SER A 5 7.11 1.72 14.65
CA SER A 5 6.68 1.14 15.92
C SER A 5 5.80 -0.09 15.69
N SER A 6 5.46 -0.78 16.76
CA SER A 6 4.62 -1.97 16.68
C SER A 6 3.29 -1.64 16.02
N GLY A 7 2.66 -2.65 15.43
CA GLY A 7 1.38 -2.45 14.77
C GLY A 7 1.53 -1.94 13.36
N LEU A 8 2.37 -0.92 13.18
CA LEU A 8 2.60 -0.33 11.87
C LEU A 8 3.88 -0.86 11.26
N VAL A 9 3.81 -1.25 9.98
CA VAL A 9 4.97 -1.77 9.28
C VAL A 9 5.84 -0.64 8.72
N ARG A 10 5.27 0.13 7.82
CA ARG A 10 5.99 1.25 7.20
C ARG A 10 5.03 2.39 6.87
N GLY A 11 5.59 3.58 6.67
CA GLY A 11 4.77 4.74 6.34
C GLY A 11 5.45 5.66 5.34
N GLY A 12 4.77 6.74 4.99
CA GLY A 12 5.32 7.68 4.03
C GLY A 12 4.25 8.30 3.15
N TRP A 13 4.67 8.88 2.03
CA TRP A 13 3.75 9.52 1.09
C TRP A 13 3.87 8.91 -0.30
N LEU A 14 2.74 8.58 -0.90
CA LEU A 14 2.73 7.99 -2.24
C LEU A 14 1.70 8.68 -3.13
N TRP A 15 2.07 8.90 -4.38
CA TRP A 15 1.17 9.55 -5.34
C TRP A 15 0.17 8.56 -5.91
N ARG A 16 -1.11 8.83 -5.69
CA ARG A 16 -2.17 7.95 -6.19
C ARG A 16 -2.94 8.63 -7.32
N GLN A 17 -3.09 7.91 -8.44
CA GLN A 17 -3.81 8.44 -9.58
C GLN A 17 -5.32 8.27 -9.41
N SER A 18 -6.06 9.34 -9.65
CA SER A 18 -7.51 9.32 -9.52
C SER A 18 -8.13 8.38 -10.56
N SER A 19 -9.44 8.19 -10.45
CA SER A 19 -10.16 7.31 -11.37
C SER A 19 -10.88 8.13 -12.44
N ILE A 20 -11.38 9.30 -12.06
CA ILE A 20 -12.08 10.17 -12.99
C ILE A 20 -11.33 11.46 -13.22
N LEU A 21 -10.70 11.96 -12.15
CA LEU A 21 -9.92 13.21 -12.24
C LEU A 21 -8.60 12.98 -12.96
N ARG A 22 -8.24 11.71 -13.13
CA ARG A 22 -6.99 11.35 -13.80
C ARG A 22 -5.86 12.27 -13.37
N ARG A 23 -5.64 12.35 -12.06
CA ARG A 23 -4.59 13.19 -11.51
C ARG A 23 -3.94 12.54 -10.29
N TRP A 24 -2.64 12.68 -10.17
CA TRP A 24 -1.90 12.10 -9.04
C TRP A 24 -2.04 12.98 -7.81
N LYS A 25 -2.41 12.37 -6.69
CA LYS A 25 -2.57 13.09 -5.44
C LYS A 25 -1.80 12.41 -4.31
N ARG A 26 -1.30 13.21 -3.37
CA ARG A 26 -0.53 12.69 -2.24
C ARG A 26 -1.44 11.89 -1.30
N ASN A 27 -0.93 10.77 -0.81
CA ASN A 27 -1.69 9.91 0.09
C ASN A 27 -0.76 9.17 1.05
N TRP A 28 -1.04 9.26 2.34
CA TRP A 28 -0.23 8.60 3.35
C TRP A 28 -0.70 7.17 3.57
N PHE A 29 0.01 6.22 2.95
CA PHE A 29 -0.34 4.80 3.07
C PHE A 29 0.40 4.17 4.24
N ALA A 30 -0.29 3.28 4.95
CA ALA A 30 0.30 2.60 6.10
C ALA A 30 -0.20 1.16 6.20
N LEU A 31 0.73 0.24 6.42
CA LEU A 31 0.38 -1.18 6.53
C LEU A 31 0.32 -1.61 7.98
N TRP A 32 -0.70 -2.40 8.32
CA TRP A 32 -0.87 -2.88 9.69
C TRP A 32 -0.50 -4.35 9.79
N LEU A 33 -0.04 -4.76 10.97
CA LEU A 33 0.34 -6.15 11.20
C LEU A 33 -0.84 -7.09 11.00
N ASP A 34 -2.04 -6.53 11.07
CA ASP A 34 -3.26 -7.32 10.90
C ASP A 34 -3.40 -7.77 9.44
N GLY A 35 -2.59 -7.20 8.56
CA GLY A 35 -2.64 -7.56 7.16
C GLY A 35 -3.62 -6.69 6.39
N THR A 36 -3.61 -5.39 6.66
CA THR A 36 -4.50 -4.46 5.98
C THR A 36 -3.74 -3.23 5.50
N LEU A 37 -4.24 -2.61 4.44
CA LEU A 37 -3.60 -1.42 3.88
C LEU A 37 -4.59 -0.25 3.83
N GLY A 38 -4.40 0.72 4.71
CA GLY A 38 -5.28 1.88 4.75
C GLY A 38 -4.52 3.18 4.61
N TYR A 39 -5.06 4.08 3.79
CA TYR A 39 -4.44 5.38 3.56
C TYR A 39 -5.33 6.51 4.04
N TYR A 40 -4.76 7.44 4.80
CA TYR A 40 -5.52 8.57 5.31
C TYR A 40 -5.02 9.88 4.70
N HIS A 41 -5.72 10.97 5.00
CA HIS A 41 -5.35 12.28 4.49
C HIS A 41 -3.95 12.67 4.95
N ASP A 42 -3.70 12.57 6.24
CA ASP A 42 -2.41 12.92 6.81
C ASP A 42 -2.10 12.05 8.03
N GLU A 43 -0.95 12.30 8.65
CA GLU A 43 -0.54 11.54 9.83
C GLU A 43 -1.75 11.21 10.71
N THR A 44 -2.65 12.17 10.84
CA THR A 44 -3.85 11.97 11.65
C THR A 44 -4.83 11.04 10.98
N ALA A 45 -4.97 9.83 11.51
CA ALA A 45 -5.88 8.83 10.95
C ALA A 45 -7.28 9.03 11.50
N GLN A 46 -7.80 10.24 11.41
CA GLN A 46 -9.14 10.55 11.91
C GLN A 46 -10.14 10.62 10.76
N ASP A 47 -9.63 10.52 9.53
CA ASP A 47 -10.49 10.57 8.35
C ASP A 47 -10.18 9.40 7.41
N GLU A 48 -10.52 8.19 7.85
CA GLU A 48 -10.28 7.00 7.06
C GLU A 48 -10.87 7.15 5.66
N GLU A 49 -10.00 7.16 4.65
CA GLU A 49 -10.44 7.30 3.28
C GLU A 49 -10.88 5.96 2.69
N ASP A 50 -10.09 4.92 2.97
CA ASP A 50 -10.40 3.58 2.48
C ASP A 50 -9.50 2.54 3.15
N ARG A 51 -9.78 1.26 2.88
CA ARG A 51 -8.99 0.18 3.45
C ARG A 51 -9.08 -1.07 2.58
N VAL A 52 -7.92 -1.61 2.22
CA VAL A 52 -7.86 -2.81 1.39
C VAL A 52 -7.07 -3.92 2.07
N VAL A 53 -7.59 -5.14 2.00
CA VAL A 53 -6.94 -6.28 2.62
C VAL A 53 -5.60 -6.58 1.95
N ILE A 54 -4.63 -7.02 2.75
CA ILE A 54 -3.30 -7.34 2.24
C ILE A 54 -3.01 -8.82 2.35
N HIS A 55 -3.45 -9.42 3.46
CA HIS A 55 -3.24 -10.85 3.69
C HIS A 55 -3.88 -11.68 2.59
N PHE A 56 -3.07 -12.46 1.89
CA PHE A 56 -3.55 -13.30 0.81
C PHE A 56 -4.58 -12.57 -0.04
N ASN A 57 -4.32 -11.28 -0.29
CA ASN A 57 -5.21 -10.46 -1.09
C ASN A 57 -4.48 -9.85 -2.28
N VAL A 58 -3.17 -9.70 -2.14
CA VAL A 58 -2.35 -9.13 -3.21
C VAL A 58 -2.09 -10.17 -4.31
N ARG A 59 -2.82 -10.05 -5.41
CA ARG A 59 -2.66 -10.98 -6.53
C ARG A 59 -1.30 -10.81 -7.18
N ASP A 60 -0.94 -9.57 -7.48
CA ASP A 60 0.34 -9.28 -8.11
C ASP A 60 0.75 -7.83 -7.86
N ILE A 61 2.00 -7.51 -8.17
CA ILE A 61 2.51 -6.16 -7.98
C ILE A 61 3.48 -5.77 -9.11
N LYS A 62 3.17 -4.66 -9.78
CA LYS A 62 4.01 -4.18 -10.87
C LYS A 62 4.76 -2.93 -10.47
N VAL A 63 5.96 -2.75 -11.01
CA VAL A 63 6.79 -1.59 -10.71
C VAL A 63 7.55 -1.11 -11.94
N GLY A 64 7.70 0.20 -12.07
CA GLY A 64 8.40 0.75 -13.21
C GLY A 64 7.79 0.35 -14.53
N GLN A 65 8.63 -0.09 -15.46
CA GLN A 65 8.15 -0.50 -16.78
C GLN A 65 6.87 -1.33 -16.66
N GLU A 66 6.92 -2.37 -15.84
CA GLU A 66 5.75 -3.23 -15.64
C GLU A 66 4.46 -2.43 -15.71
N CYS A 67 4.50 -1.21 -15.18
CA CYS A 67 3.33 -0.35 -15.18
C CYS A 67 2.49 -0.55 -16.44
N GLN A 68 1.18 -0.37 -16.31
CA GLN A 68 0.27 -0.54 -17.44
C GLN A 68 0.33 0.67 -18.37
N ASP A 69 1.52 0.99 -18.84
CA ASP A 69 1.71 2.11 -19.74
C ASP A 69 0.98 3.35 -19.23
N VAL A 70 1.02 3.55 -17.91
CA VAL A 70 0.37 4.69 -17.29
C VAL A 70 1.17 5.97 -17.53
N GLN A 71 0.65 7.08 -16.99
CA GLN A 71 1.31 8.37 -17.14
C GLN A 71 1.89 8.84 -15.82
N PRO A 72 3.23 8.87 -15.71
CA PRO A 72 3.93 9.30 -14.51
C PRO A 72 3.78 10.80 -14.25
N PRO A 73 3.67 11.17 -12.97
CA PRO A 73 3.53 12.58 -12.57
C PRO A 73 4.81 13.37 -12.80
N GLU A 74 4.68 14.70 -12.79
CA GLU A 74 5.82 15.58 -13.01
C GLU A 74 6.84 15.43 -11.88
N GLY A 75 8.12 15.49 -12.23
CA GLY A 75 9.16 15.36 -11.23
C GLY A 75 9.61 13.92 -11.04
N ARG A 76 8.68 13.07 -10.63
CA ARG A 76 8.98 11.65 -10.41
C ARG A 76 9.42 10.98 -11.71
N SER A 77 9.79 9.71 -11.62
CA SER A 77 10.23 8.95 -12.78
C SER A 77 9.31 7.76 -13.04
N ARG A 78 9.54 7.08 -14.16
CA ARG A 78 8.73 5.93 -14.53
C ARG A 78 8.99 4.76 -13.59
N ASP A 79 10.26 4.54 -13.25
CA ASP A 79 10.65 3.46 -12.36
C ASP A 79 9.95 3.60 -11.01
N GLY A 80 9.34 4.76 -10.77
CA GLY A 80 8.65 5.00 -9.52
C GLY A 80 7.27 4.41 -9.50
N LEU A 81 6.65 4.29 -10.68
CA LEU A 81 5.31 3.74 -10.79
C LEU A 81 5.21 2.39 -10.09
N LEU A 82 4.12 2.18 -9.37
CA LEU A 82 3.90 0.94 -8.64
C LEU A 82 2.41 0.61 -8.56
N THR A 83 2.01 -0.45 -9.26
CA THR A 83 0.61 -0.87 -9.26
C THR A 83 0.42 -2.16 -8.48
N VAL A 84 -0.53 -2.15 -7.55
CA VAL A 84 -0.81 -3.33 -6.73
C VAL A 84 -2.16 -3.95 -7.10
N ASN A 85 -2.18 -5.27 -7.24
CA ASN A 85 -3.41 -5.98 -7.57
C ASN A 85 -4.02 -6.63 -6.33
N LEU A 86 -5.34 -6.50 -6.21
CA LEU A 86 -6.05 -7.08 -5.07
C LEU A 86 -6.98 -8.20 -5.52
N ARG A 87 -7.26 -9.13 -4.62
CA ARG A 87 -8.13 -10.26 -4.93
C ARG A 87 -9.58 -9.80 -5.09
N GLU A 88 -10.00 -8.86 -4.24
CA GLU A 88 -11.36 -8.34 -4.31
C GLU A 88 -11.70 -7.88 -5.71
N GLY A 89 -10.67 -7.58 -6.50
CA GLY A 89 -10.89 -7.13 -7.86
C GLY A 89 -10.77 -5.62 -8.00
N SER A 90 -9.58 -5.09 -7.72
CA SER A 90 -9.33 -3.66 -7.81
C SER A 90 -7.84 -3.35 -7.69
N ARG A 91 -7.29 -2.74 -8.73
CA ARG A 91 -5.88 -2.39 -8.74
C ARG A 91 -5.63 -1.08 -8.01
N LEU A 92 -4.40 -0.88 -7.53
CA LEU A 92 -4.05 0.34 -6.82
C LEU A 92 -2.97 1.10 -7.56
N HIS A 93 -3.32 2.26 -8.10
CA HIS A 93 -2.37 3.09 -8.84
C HIS A 93 -1.58 3.98 -7.89
N LEU A 94 -0.29 3.71 -7.77
CA LEU A 94 0.60 4.48 -6.89
C LEU A 94 1.91 4.81 -7.59
N CYS A 95 2.72 5.64 -6.94
CA CYS A 95 4.01 6.03 -7.50
C CYS A 95 4.97 6.46 -6.40
N ALA A 96 6.17 5.88 -6.39
CA ALA A 96 7.17 6.19 -5.39
C ALA A 96 8.11 7.30 -5.89
N GLU A 97 8.83 7.91 -4.97
CA GLU A 97 9.77 8.97 -5.31
C GLU A 97 10.97 8.43 -6.08
N THR A 98 11.40 7.23 -5.70
CA THR A 98 12.54 6.59 -6.35
C THR A 98 12.32 5.09 -6.50
N ARG A 99 12.97 4.49 -7.49
CA ARG A 99 12.85 3.06 -7.74
C ARG A 99 13.05 2.27 -6.45
N ASP A 100 13.79 2.85 -5.51
CA ASP A 100 14.05 2.20 -4.23
C ASP A 100 12.77 2.02 -3.43
N ASP A 101 12.15 3.14 -3.07
CA ASP A 101 10.92 3.12 -2.30
C ASP A 101 9.91 2.16 -2.91
N ALA A 102 9.87 2.14 -4.25
CA ALA A 102 8.94 1.26 -4.96
C ALA A 102 9.15 -0.20 -4.56
N ILE A 103 10.37 -0.69 -4.75
CA ILE A 103 10.71 -2.07 -4.41
C ILE A 103 10.37 -2.37 -2.95
N ALA A 104 10.63 -1.41 -2.07
CA ALA A 104 10.36 -1.57 -0.65
C ALA A 104 8.91 -2.02 -0.42
N TRP A 105 7.97 -1.29 -1.00
CA TRP A 105 6.55 -1.63 -0.85
C TRP A 105 6.25 -2.98 -1.48
N LYS A 106 6.87 -3.25 -2.63
CA LYS A 106 6.67 -4.52 -3.33
C LYS A 106 7.02 -5.70 -2.43
N THR A 107 8.15 -5.57 -1.72
CA THR A 107 8.60 -6.64 -0.83
C THR A 107 7.76 -6.68 0.45
N ALA A 108 7.49 -5.51 1.01
CA ALA A 108 6.70 -5.41 2.23
C ALA A 108 5.27 -5.90 2.00
N LEU A 109 4.79 -5.76 0.78
CA LEU A 109 3.44 -6.18 0.42
C LEU A 109 3.43 -7.65 0.02
N MET A 110 4.34 -8.03 -0.87
CA MET A 110 4.44 -9.41 -1.33
C MET A 110 4.58 -10.37 -0.16
N GLU A 111 5.23 -9.91 0.91
CA GLU A 111 5.45 -10.73 2.09
C GLU A 111 4.16 -10.83 2.91
N ALA A 112 3.69 -9.69 3.41
CA ALA A 112 2.47 -9.65 4.21
C ALA A 112 1.35 -10.44 3.53
N ASN A 113 1.31 -10.38 2.22
CA ASN A 113 0.29 -11.08 1.45
C ASN A 113 0.42 -12.59 1.61
N SER A 114 1.67 -13.07 1.65
CA SER A 114 1.94 -14.48 1.81
C SER A 114 2.68 -14.77 3.11
N THR A 115 2.26 -14.09 4.18
CA THR A 115 2.88 -14.26 5.48
C THR A 115 1.94 -13.82 6.60
N PRO A 116 1.36 -14.81 7.31
CA PRO A 116 0.44 -14.55 8.41
C PRO A 116 1.13 -13.95 9.63
N ALA A 117 0.37 -13.72 10.69
CA ALA A 117 0.91 -13.16 11.91
C ALA A 117 0.38 -13.88 13.15
N PRO A 118 1.20 -13.95 14.20
CA PRO A 118 0.82 -14.62 15.46
C PRO A 118 -0.25 -13.86 16.21
N ALA A 119 -0.04 -12.56 16.41
CA ALA A 119 -1.00 -11.73 17.11
C ALA A 119 -2.38 -11.79 16.45
N GLY A 120 -3.36 -11.12 17.07
CA GLY A 120 -4.70 -11.12 16.53
C GLY A 120 -4.72 -10.78 15.05
N ALA A 121 -5.69 -11.35 14.33
CA ALA A 121 -5.83 -11.10 12.90
C ALA A 121 -7.13 -11.68 12.36
N THR A 122 -7.76 -10.96 11.45
CA THR A 122 -9.01 -11.39 10.85
C THR A 122 -8.81 -11.87 9.41
N VAL A 123 -8.99 -13.17 9.19
CA VAL A 123 -8.84 -13.75 7.86
C VAL A 123 -10.16 -13.76 7.11
N PRO A 124 -10.09 -13.53 5.79
CA PRO A 124 -11.27 -13.51 4.92
C PRO A 124 -11.88 -14.90 4.75
N SER A 125 -13.13 -14.94 4.30
CA SER A 125 -13.83 -16.19 4.09
C SER A 125 -13.67 -16.68 2.65
N GLY A 126 -13.94 -15.79 1.70
CA GLY A 126 -13.82 -16.15 0.29
C GLY A 126 -14.99 -15.64 -0.53
N PRO A 127 -14.95 -14.36 -0.89
CA PRO A 127 -16.01 -13.73 -1.70
C PRO A 127 -16.02 -14.23 -3.13
N SER A 128 -14.83 -14.40 -3.71
CA SER A 128 -14.70 -14.87 -5.08
C SER A 128 -13.78 -16.08 -5.16
N SER A 129 -14.37 -17.26 -5.31
CA SER A 129 -13.61 -18.49 -5.40
C SER A 129 -12.64 -18.46 -6.58
N GLY A 130 -11.34 -18.34 -6.26
CA GLY A 130 -10.34 -18.29 -7.31
C GLY A 130 -9.04 -18.96 -6.89
N GLY A 1 14.70 -3.82 5.66
CA GLY A 1 14.95 -4.42 6.96
C GLY A 1 14.31 -3.63 8.09
N SER A 2 13.17 -4.11 8.57
CA SER A 2 12.45 -3.45 9.65
C SER A 2 12.54 -4.26 10.93
N SER A 3 13.57 -3.99 11.73
CA SER A 3 13.77 -4.70 12.99
C SER A 3 13.53 -3.78 14.18
N GLY A 4 12.32 -3.81 14.72
CA GLY A 4 11.99 -2.96 15.85
C GLY A 4 10.74 -2.14 15.62
N SER A 5 9.67 -2.81 15.22
CA SER A 5 8.40 -2.13 14.96
C SER A 5 7.23 -2.93 15.55
N SER A 6 6.09 -2.26 15.70
CA SER A 6 4.91 -2.90 16.25
C SER A 6 3.64 -2.25 15.71
N GLY A 7 2.69 -3.10 15.28
CA GLY A 7 1.45 -2.59 14.74
C GLY A 7 1.60 -2.09 13.31
N LEU A 8 2.35 -1.02 13.13
CA LEU A 8 2.57 -0.45 11.81
C LEU A 8 3.83 -1.01 11.17
N VAL A 9 3.74 -1.38 9.90
CA VAL A 9 4.87 -1.94 9.18
C VAL A 9 5.60 -0.85 8.39
N ARG A 10 4.91 -0.24 7.45
CA ARG A 10 5.49 0.82 6.64
C ARG A 10 4.68 2.11 6.74
N GLY A 11 5.34 3.24 6.53
CA GLY A 11 4.66 4.52 6.60
C GLY A 11 5.35 5.59 5.77
N GLY A 12 4.76 5.92 4.63
CA GLY A 12 5.34 6.93 3.76
C GLY A 12 4.35 7.46 2.74
N TRP A 13 4.60 8.67 2.24
CA TRP A 13 3.72 9.29 1.27
C TRP A 13 3.98 8.74 -0.13
N LEU A 14 2.90 8.41 -0.84
CA LEU A 14 3.02 7.87 -2.19
C LEU A 14 2.00 8.50 -3.12
N TRP A 15 2.40 8.74 -4.37
CA TRP A 15 1.52 9.35 -5.35
C TRP A 15 0.49 8.34 -5.85
N ARG A 16 -0.79 8.65 -5.65
CA ARG A 16 -1.87 7.78 -6.07
C ARG A 16 -2.61 8.38 -7.26
N GLN A 17 -3.00 7.53 -8.20
CA GLN A 17 -3.73 7.98 -9.40
C GLN A 17 -5.20 7.61 -9.30
N SER A 18 -6.05 8.44 -9.89
CA SER A 18 -7.49 8.20 -9.87
C SER A 18 -7.91 7.28 -11.01
N SER A 19 -9.14 6.78 -10.95
CA SER A 19 -9.66 5.88 -11.97
C SER A 19 -10.16 6.67 -13.18
N ILE A 20 -10.81 7.79 -12.91
CA ILE A 20 -11.35 8.63 -13.98
C ILE A 20 -10.48 9.87 -14.19
N LEU A 21 -10.13 10.52 -13.10
CA LEU A 21 -9.29 11.73 -13.16
C LEU A 21 -7.85 11.37 -13.49
N ARG A 22 -7.51 10.09 -13.33
CA ARG A 22 -6.16 9.63 -13.63
C ARG A 22 -5.12 10.70 -13.28
N ARG A 23 -5.32 11.35 -12.14
CA ARG A 23 -4.40 12.40 -11.70
C ARG A 23 -3.65 11.97 -10.44
N TRP A 24 -2.36 12.26 -10.40
CA TRP A 24 -1.53 11.89 -9.25
C TRP A 24 -1.78 12.84 -8.08
N LYS A 25 -1.99 12.27 -6.90
CA LYS A 25 -2.24 13.06 -5.70
C LYS A 25 -1.51 12.48 -4.50
N ARG A 26 -0.97 13.35 -3.66
CA ARG A 26 -0.25 12.93 -2.47
C ARG A 26 -1.18 12.23 -1.48
N ASN A 27 -0.74 11.07 -0.99
CA ASN A 27 -1.54 10.30 -0.04
C ASN A 27 -0.64 9.64 1.00
N TRP A 28 -1.21 9.34 2.16
CA TRP A 28 -0.47 8.71 3.24
C TRP A 28 -0.89 7.25 3.41
N PHE A 29 -0.04 6.34 2.94
CA PHE A 29 -0.32 4.91 3.03
C PHE A 29 0.43 4.28 4.20
N ALA A 30 -0.24 3.37 4.91
CA ALA A 30 0.37 2.70 6.05
C ALA A 30 -0.16 1.27 6.19
N LEU A 31 0.75 0.32 6.34
CA LEU A 31 0.37 -1.08 6.48
C LEU A 31 0.30 -1.48 7.96
N TRP A 32 -0.66 -2.32 8.29
CA TRP A 32 -0.84 -2.79 9.66
C TRP A 32 -0.55 -4.28 9.78
N LEU A 33 -0.09 -4.69 10.96
CA LEU A 33 0.24 -6.09 11.20
C LEU A 33 -0.98 -6.98 10.95
N ASP A 34 -2.16 -6.46 11.27
CA ASP A 34 -3.39 -7.20 11.08
C ASP A 34 -3.49 -7.75 9.65
N GLY A 35 -2.76 -7.12 8.73
CA GLY A 35 -2.78 -7.56 7.35
C GLY A 35 -3.70 -6.72 6.49
N THR A 36 -3.77 -5.43 6.78
CA THR A 36 -4.62 -4.52 6.03
C THR A 36 -3.84 -3.29 5.57
N LEU A 37 -4.34 -2.64 4.52
CA LEU A 37 -3.68 -1.45 3.98
C LEU A 37 -4.65 -0.26 3.95
N GLY A 38 -4.32 0.77 4.71
CA GLY A 38 -5.16 1.95 4.75
C GLY A 38 -4.44 3.21 4.30
N TYR A 39 -5.12 4.04 3.52
CA TYR A 39 -4.54 5.27 3.02
C TYR A 39 -5.38 6.48 3.42
N TYR A 40 -4.76 7.41 4.13
CA TYR A 40 -5.45 8.61 4.58
C TYR A 40 -5.02 9.83 3.77
N HIS A 41 -5.68 10.96 4.00
CA HIS A 41 -5.36 12.19 3.29
C HIS A 41 -4.15 12.88 3.91
N ASP A 42 -4.13 12.93 5.24
CA ASP A 42 -3.03 13.57 5.95
C ASP A 42 -2.29 12.56 6.82
N GLU A 43 -1.26 13.02 7.53
CA GLU A 43 -0.47 12.15 8.39
C GLU A 43 -1.29 11.70 9.59
N THR A 44 -2.06 12.62 10.18
CA THR A 44 -2.89 12.32 11.33
C THR A 44 -3.45 10.90 11.25
N ALA A 45 -3.88 10.51 10.05
CA ALA A 45 -4.43 9.18 9.84
C ALA A 45 -5.74 9.00 10.62
N GLN A 46 -6.55 10.05 10.65
CA GLN A 46 -7.82 10.01 11.36
C GLN A 46 -8.99 10.05 10.38
N ASP A 47 -8.68 10.29 9.11
CA ASP A 47 -9.70 10.36 8.07
C ASP A 47 -9.61 9.16 7.14
N GLU A 48 -9.45 7.97 7.73
CA GLU A 48 -9.35 6.74 6.96
C GLU A 48 -10.28 6.78 5.74
N GLU A 49 -9.69 6.89 4.56
CA GLU A 49 -10.46 6.95 3.32
C GLU A 49 -11.00 5.57 2.96
N ASP A 50 -10.15 4.55 3.09
CA ASP A 50 -10.54 3.19 2.78
C ASP A 50 -9.54 2.19 3.35
N ARG A 51 -9.86 0.91 3.25
CA ARG A 51 -9.01 -0.15 3.77
C ARG A 51 -9.04 -1.37 2.87
N VAL A 52 -7.88 -1.77 2.36
CA VAL A 52 -7.79 -2.94 1.49
C VAL A 52 -6.94 -4.04 2.13
N VAL A 53 -7.49 -5.25 2.17
CA VAL A 53 -6.80 -6.39 2.76
C VAL A 53 -5.48 -6.65 2.04
N ILE A 54 -4.47 -7.06 2.81
CA ILE A 54 -3.16 -7.35 2.24
C ILE A 54 -2.83 -8.84 2.34
N HIS A 55 -3.20 -9.45 3.46
CA HIS A 55 -2.95 -10.87 3.68
C HIS A 55 -3.58 -11.71 2.57
N PHE A 56 -2.75 -12.49 1.88
CA PHE A 56 -3.22 -13.32 0.79
C PHE A 56 -4.34 -12.64 0.01
N ASN A 57 -4.21 -11.34 -0.17
CA ASN A 57 -5.22 -10.56 -0.89
C ASN A 57 -4.62 -9.93 -2.14
N VAL A 58 -3.31 -9.67 -2.11
CA VAL A 58 -2.63 -9.07 -3.24
C VAL A 58 -2.36 -10.11 -4.33
N ARG A 59 -2.99 -9.92 -5.48
CA ARG A 59 -2.83 -10.84 -6.61
C ARG A 59 -1.46 -10.64 -7.26
N ASP A 60 -1.13 -9.40 -7.58
CA ASP A 60 0.14 -9.07 -8.22
C ASP A 60 0.56 -7.64 -7.88
N ILE A 61 1.76 -7.27 -8.31
CA ILE A 61 2.29 -5.93 -8.05
C ILE A 61 3.28 -5.51 -9.13
N LYS A 62 2.94 -4.47 -9.88
CA LYS A 62 3.79 -3.97 -10.95
C LYS A 62 4.54 -2.72 -10.49
N VAL A 63 5.87 -2.75 -10.63
CA VAL A 63 6.70 -1.63 -10.24
C VAL A 63 7.63 -1.21 -11.37
N GLY A 64 7.65 0.10 -11.66
CA GLY A 64 8.50 0.60 -12.72
C GLY A 64 8.23 -0.07 -14.05
N GLN A 65 9.29 -0.53 -14.71
CA GLN A 65 9.16 -1.19 -16.01
C GLN A 65 7.87 -2.01 -16.07
N GLU A 66 7.66 -2.84 -15.06
CA GLU A 66 6.46 -3.68 -14.99
C GLU A 66 5.23 -2.90 -15.44
N CYS A 67 5.06 -1.70 -14.90
CA CYS A 67 3.92 -0.86 -15.25
C CYS A 67 4.26 0.06 -16.41
N GLN A 68 3.70 -0.26 -17.58
CA GLN A 68 3.94 0.54 -18.78
C GLN A 68 2.65 1.19 -19.28
N ASP A 69 1.53 0.73 -18.73
CA ASP A 69 0.22 1.28 -19.12
C ASP A 69 -0.19 2.41 -18.18
N VAL A 70 0.80 3.06 -17.57
CA VAL A 70 0.53 4.17 -16.66
C VAL A 70 1.50 5.32 -16.91
N GLN A 71 0.95 6.54 -16.93
CA GLN A 71 1.76 7.73 -17.16
C GLN A 71 2.15 8.38 -15.84
N PRO A 72 3.47 8.53 -15.61
CA PRO A 72 4.00 9.13 -14.39
C PRO A 72 3.73 10.64 -14.32
N PRO A 73 3.69 11.18 -13.09
CA PRO A 73 3.45 12.60 -12.87
C PRO A 73 4.61 13.48 -13.33
N GLU A 74 4.29 14.64 -13.88
CA GLU A 74 5.30 15.57 -14.37
C GLU A 74 6.31 15.89 -13.26
N GLY A 75 7.52 15.38 -13.41
CA GLY A 75 8.55 15.63 -12.42
C GLY A 75 9.26 14.35 -11.98
N ARG A 76 8.49 13.38 -11.51
CA ARG A 76 9.04 12.11 -11.05
C ARG A 76 9.45 11.24 -12.24
N SER A 77 10.07 10.10 -11.94
CA SER A 77 10.50 9.18 -12.99
C SER A 77 9.54 8.00 -13.12
N ARG A 78 9.82 7.12 -14.07
CA ARG A 78 8.98 5.95 -14.30
C ARG A 78 9.34 4.82 -13.33
N ASP A 79 10.41 5.02 -12.58
CA ASP A 79 10.86 4.02 -11.61
C ASP A 79 10.01 4.07 -10.35
N GLY A 80 9.13 5.05 -10.27
CA GLY A 80 8.27 5.19 -9.11
C GLY A 80 6.96 4.46 -9.26
N LEU A 81 6.52 4.28 -10.51
CA LEU A 81 5.28 3.59 -10.78
C LEU A 81 5.12 2.35 -9.91
N LEU A 82 3.96 2.22 -9.27
CA LEU A 82 3.70 1.09 -8.40
C LEU A 82 2.20 0.78 -8.36
N THR A 83 1.81 -0.35 -8.95
CA THR A 83 0.41 -0.76 -8.98
C THR A 83 0.21 -2.06 -8.22
N VAL A 84 -0.75 -2.06 -7.30
CA VAL A 84 -1.06 -3.24 -6.50
C VAL A 84 -2.41 -3.84 -6.89
N ASN A 85 -2.42 -5.15 -7.13
CA ASN A 85 -3.65 -5.84 -7.50
C ASN A 85 -4.28 -6.53 -6.30
N LEU A 86 -5.61 -6.56 -6.26
CA LEU A 86 -6.33 -7.19 -5.17
C LEU A 86 -7.11 -8.41 -5.66
N ARG A 87 -7.31 -9.36 -4.75
CA ARG A 87 -8.04 -10.59 -5.09
C ARG A 87 -9.54 -10.32 -5.18
N GLU A 88 -9.98 -9.24 -4.55
CA GLU A 88 -11.39 -8.88 -4.56
C GLU A 88 -11.83 -8.41 -5.93
N GLY A 89 -11.02 -7.57 -6.56
CA GLY A 89 -11.34 -7.06 -7.87
C GLY A 89 -11.16 -5.56 -7.98
N SER A 90 -9.94 -5.09 -7.69
CA SER A 90 -9.65 -3.66 -7.75
C SER A 90 -8.14 -3.43 -7.72
N ARG A 91 -7.67 -2.57 -8.63
CA ARG A 91 -6.25 -2.26 -8.71
C ARG A 91 -5.95 -0.91 -8.06
N LEU A 92 -4.78 -0.80 -7.45
CA LEU A 92 -4.37 0.43 -6.78
C LEU A 92 -3.22 1.09 -7.51
N HIS A 93 -3.51 2.17 -8.25
CA HIS A 93 -2.49 2.89 -9.00
C HIS A 93 -1.73 3.86 -8.10
N LEU A 94 -0.45 3.59 -7.89
CA LEU A 94 0.39 4.43 -7.05
C LEU A 94 1.70 4.76 -7.75
N CYS A 95 2.52 5.60 -7.09
CA CYS A 95 3.80 6.00 -7.66
C CYS A 95 4.71 6.56 -6.57
N ALA A 96 5.99 6.21 -6.64
CA ALA A 96 6.96 6.68 -5.67
C ALA A 96 7.91 7.71 -6.28
N GLU A 97 8.83 8.21 -5.47
CA GLU A 97 9.79 9.21 -5.94
C GLU A 97 11.03 8.54 -6.54
N THR A 98 11.52 7.52 -5.86
CA THR A 98 12.71 6.78 -6.31
C THR A 98 12.39 5.31 -6.53
N ARG A 99 13.36 4.58 -7.06
CA ARG A 99 13.19 3.15 -7.32
C ARG A 99 13.21 2.36 -6.02
N ASP A 100 14.14 2.71 -5.13
CA ASP A 100 14.26 2.04 -3.84
C ASP A 100 12.93 2.02 -3.10
N ASP A 101 12.37 3.20 -2.87
CA ASP A 101 11.10 3.32 -2.17
C ASP A 101 10.04 2.41 -2.80
N ALA A 102 9.92 2.48 -4.12
CA ALA A 102 8.95 1.65 -4.84
C ALA A 102 9.16 0.17 -4.54
N ILE A 103 10.41 -0.27 -4.66
CA ILE A 103 10.75 -1.67 -4.40
C ILE A 103 10.43 -2.06 -2.96
N ALA A 104 10.81 -1.19 -2.02
CA ALA A 104 10.56 -1.45 -0.61
C ALA A 104 9.10 -1.84 -0.37
N TRP A 105 8.18 -1.03 -0.89
CA TRP A 105 6.75 -1.29 -0.73
C TRP A 105 6.38 -2.65 -1.33
N LYS A 106 6.90 -2.92 -2.52
CA LYS A 106 6.62 -4.19 -3.19
C LYS A 106 7.02 -5.38 -2.32
N THR A 107 8.16 -5.24 -1.64
CA THR A 107 8.66 -6.31 -0.77
C THR A 107 7.83 -6.40 0.51
N ALA A 108 7.48 -5.25 1.07
CA ALA A 108 6.68 -5.20 2.30
C ALA A 108 5.28 -5.72 2.05
N LEU A 109 4.81 -5.62 0.80
CA LEU A 109 3.48 -6.08 0.44
C LEU A 109 3.49 -7.55 0.09
N MET A 110 4.35 -7.93 -0.86
CA MET A 110 4.47 -9.32 -1.28
C MET A 110 4.64 -10.25 -0.09
N GLU A 111 5.45 -9.80 0.88
CA GLU A 111 5.70 -10.60 2.08
C GLU A 111 4.41 -10.85 2.84
N ALA A 112 3.85 -9.80 3.42
CA ALA A 112 2.61 -9.91 4.18
C ALA A 112 1.55 -10.67 3.39
N ASN A 113 1.42 -10.34 2.10
CA ASN A 113 0.44 -10.99 1.24
C ASN A 113 0.69 -12.49 1.18
N SER A 114 1.96 -12.88 1.23
CA SER A 114 2.33 -14.30 1.18
C SER A 114 3.10 -14.70 2.43
N THR A 115 2.56 -14.33 3.59
CA THR A 115 3.20 -14.65 4.86
C THR A 115 2.21 -14.56 6.01
N PRO A 116 1.81 -15.72 6.55
CA PRO A 116 0.86 -15.79 7.66
C PRO A 116 1.46 -15.27 8.97
N ALA A 117 0.72 -15.44 10.06
CA ALA A 117 1.18 -14.98 11.37
C ALA A 117 1.29 -13.47 11.43
N PRO A 118 0.18 -12.79 11.09
CA PRO A 118 0.12 -11.32 11.10
C PRO A 118 0.17 -10.74 12.50
N ALA A 119 0.08 -11.62 13.51
CA ALA A 119 0.11 -11.19 14.90
C ALA A 119 1.37 -10.38 15.19
N GLY A 120 1.38 -9.72 16.35
CA GLY A 120 2.53 -8.92 16.73
C GLY A 120 2.23 -7.98 17.88
N ALA A 121 2.32 -8.51 19.10
CA ALA A 121 2.06 -7.71 20.30
C ALA A 121 0.57 -7.41 20.44
N THR A 122 -0.25 -8.39 20.06
CA THR A 122 -1.71 -8.22 20.15
C THR A 122 -2.39 -9.54 20.50
N VAL A 123 -3.65 -9.47 20.91
CA VAL A 123 -4.41 -10.65 21.27
C VAL A 123 -4.61 -11.57 20.06
N PRO A 124 -4.53 -12.89 20.30
CA PRO A 124 -4.70 -13.89 19.24
C PRO A 124 -6.15 -13.97 18.76
N SER A 125 -6.37 -13.58 17.50
CA SER A 125 -7.71 -13.60 16.93
C SER A 125 -7.67 -13.23 15.45
N GLY A 126 -8.72 -13.58 14.73
CA GLY A 126 -8.78 -13.28 13.30
C GLY A 126 -10.20 -12.99 12.84
N PRO A 127 -10.38 -12.83 11.51
CA PRO A 127 -11.68 -12.54 10.92
C PRO A 127 -12.63 -13.74 11.00
N SER A 128 -13.89 -13.50 10.67
CA SER A 128 -14.90 -14.56 10.71
C SER A 128 -14.88 -15.38 9.41
N SER A 129 -15.04 -14.68 8.28
CA SER A 129 -15.04 -15.34 6.99
C SER A 129 -14.12 -14.62 6.00
N GLY A 130 -12.87 -15.09 5.93
CA GLY A 130 -11.91 -14.47 5.03
C GLY A 130 -10.48 -14.71 5.47
N GLY A 1 14.13 -11.19 15.85
CA GLY A 1 12.77 -11.07 16.35
C GLY A 1 12.39 -9.63 16.66
N SER A 2 11.38 -9.46 17.50
CA SER A 2 10.91 -8.12 17.88
C SER A 2 10.42 -8.10 19.32
N SER A 3 10.01 -6.92 19.79
CA SER A 3 9.52 -6.77 21.15
C SER A 3 8.22 -5.98 21.17
N GLY A 4 7.13 -6.64 21.56
CA GLY A 4 5.84 -5.98 21.61
C GLY A 4 5.31 -5.62 20.24
N SER A 5 4.12 -6.11 19.92
CA SER A 5 3.51 -5.85 18.62
C SER A 5 3.23 -4.36 18.45
N SER A 6 4.02 -3.71 17.60
CA SER A 6 3.87 -2.28 17.35
C SER A 6 2.52 -1.99 16.68
N GLY A 7 2.22 -2.72 15.62
CA GLY A 7 0.97 -2.53 14.92
C GLY A 7 1.17 -2.05 13.50
N LEU A 8 2.07 -1.09 13.33
CA LEU A 8 2.35 -0.54 12.01
C LEU A 8 3.64 -1.13 11.44
N VAL A 9 3.62 -1.42 10.14
CA VAL A 9 4.78 -1.99 9.46
C VAL A 9 5.73 -0.90 8.98
N ARG A 10 5.23 -0.05 8.10
CA ARG A 10 6.03 1.05 7.56
C ARG A 10 5.14 2.11 6.92
N GLY A 11 5.71 3.28 6.67
CA GLY A 11 4.95 4.36 6.06
C GLY A 11 5.62 4.89 4.80
N GLY A 12 5.25 6.11 4.41
CA GLY A 12 5.82 6.71 3.22
C GLY A 12 4.76 7.21 2.26
N TRP A 13 4.83 8.50 1.92
CA TRP A 13 3.87 9.10 1.00
C TRP A 13 4.00 8.50 -0.40
N LEU A 14 2.88 8.42 -1.10
CA LEU A 14 2.87 7.85 -2.45
C LEU A 14 1.81 8.53 -3.31
N TRP A 15 2.18 8.84 -4.55
CA TRP A 15 1.26 9.50 -5.47
C TRP A 15 0.26 8.49 -6.06
N ARG A 16 -1.02 8.73 -5.82
CA ARG A 16 -2.07 7.85 -6.32
C ARG A 16 -2.84 8.51 -7.46
N GLN A 17 -3.13 7.74 -8.51
CA GLN A 17 -3.85 8.25 -9.66
C GLN A 17 -5.32 7.80 -9.61
N SER A 18 -6.22 8.77 -9.67
CA SER A 18 -7.65 8.47 -9.64
C SER A 18 -8.17 8.11 -11.02
N SER A 19 -9.39 7.60 -11.07
CA SER A 19 -10.00 7.22 -12.35
C SER A 19 -10.86 8.35 -12.91
N ILE A 20 -11.59 9.01 -12.02
CA ILE A 20 -12.45 10.12 -12.43
C ILE A 20 -11.65 11.42 -12.55
N LEU A 21 -10.86 11.73 -11.52
CA LEU A 21 -10.05 12.93 -11.53
C LEU A 21 -8.77 12.73 -12.34
N ARG A 22 -8.48 11.48 -12.67
CA ARG A 22 -7.29 11.16 -13.44
C ARG A 22 -6.13 12.08 -13.08
N ARG A 23 -5.91 12.25 -11.78
CA ARG A 23 -4.83 13.11 -11.30
C ARG A 23 -4.09 12.46 -10.14
N TRP A 24 -2.82 12.79 -9.99
CA TRP A 24 -2.00 12.23 -8.92
C TRP A 24 -2.20 13.01 -7.62
N LYS A 25 -2.40 12.28 -6.53
CA LYS A 25 -2.61 12.90 -5.23
C LYS A 25 -1.72 12.25 -4.17
N ARG A 26 -1.23 13.07 -3.24
CA ARG A 26 -0.37 12.57 -2.17
C ARG A 26 -1.19 11.90 -1.08
N ASN A 27 -0.75 10.72 -0.65
CA ASN A 27 -1.44 9.97 0.39
C ASN A 27 -0.46 9.16 1.22
N TRP A 28 -0.71 9.06 2.52
CA TRP A 28 0.14 8.31 3.43
C TRP A 28 -0.39 6.89 3.63
N PHE A 29 0.18 5.94 2.90
CA PHE A 29 -0.25 4.55 3.01
C PHE A 29 0.45 3.86 4.17
N ALA A 30 -0.32 3.45 5.16
CA ALA A 30 0.22 2.77 6.33
C ALA A 30 -0.27 1.33 6.41
N LEU A 31 0.66 0.40 6.53
CA LEU A 31 0.32 -1.02 6.62
C LEU A 31 0.22 -1.47 8.07
N TRP A 32 -0.82 -2.25 8.37
CA TRP A 32 -1.03 -2.74 9.72
C TRP A 32 -0.72 -4.22 9.81
N LEU A 33 -0.20 -4.65 10.96
CA LEU A 33 0.14 -6.05 11.18
C LEU A 33 -1.07 -6.94 10.97
N ASP A 34 -2.26 -6.40 11.20
CA ASP A 34 -3.50 -7.14 11.04
C ASP A 34 -3.64 -7.66 9.62
N GLY A 35 -2.85 -7.09 8.71
CA GLY A 35 -2.91 -7.50 7.31
C GLY A 35 -3.86 -6.65 6.50
N THR A 36 -3.82 -5.33 6.73
CA THR A 36 -4.68 -4.41 6.01
C THR A 36 -3.90 -3.18 5.55
N LEU A 37 -4.46 -2.47 4.56
CA LEU A 37 -3.81 -1.27 4.03
C LEU A 37 -4.77 -0.08 4.05
N GLY A 38 -4.50 0.89 4.91
CA GLY A 38 -5.35 2.07 4.99
C GLY A 38 -4.57 3.36 4.82
N TYR A 39 -5.08 4.23 3.96
CA TYR A 39 -4.43 5.52 3.71
C TYR A 39 -5.28 6.67 4.21
N TYR A 40 -4.67 7.53 5.02
CA TYR A 40 -5.37 8.68 5.58
C TYR A 40 -4.75 9.99 5.09
N HIS A 41 -5.40 11.10 5.40
CA HIS A 41 -4.93 12.41 4.98
C HIS A 41 -3.47 12.62 5.41
N ASP A 42 -3.24 12.61 6.72
CA ASP A 42 -1.89 12.78 7.25
C ASP A 42 -1.52 11.63 8.18
N GLU A 43 -0.32 11.70 8.74
CA GLU A 43 0.16 10.66 9.65
C GLU A 43 -0.92 10.28 10.66
N THR A 44 -1.60 11.29 11.20
CA THR A 44 -2.66 11.07 12.17
C THR A 44 -3.91 10.53 11.52
N ALA A 45 -4.18 9.24 11.72
CA ALA A 45 -5.36 8.61 11.14
C ALA A 45 -6.64 9.20 11.72
N GLN A 46 -7.17 10.23 11.06
CA GLN A 46 -8.39 10.88 11.50
C GLN A 46 -9.52 10.65 10.51
N ASP A 47 -9.24 10.88 9.23
CA ASP A 47 -10.24 10.69 8.18
C ASP A 47 -9.95 9.43 7.38
N GLU A 48 -10.57 8.32 7.77
CA GLU A 48 -10.37 7.06 7.07
C GLU A 48 -10.93 7.12 5.65
N GLU A 49 -10.04 7.30 4.68
CA GLU A 49 -10.45 7.38 3.28
C GLU A 49 -10.91 6.02 2.77
N ASP A 50 -10.14 4.98 3.07
CA ASP A 50 -10.47 3.63 2.65
C ASP A 50 -9.52 2.61 3.28
N ARG A 51 -9.82 1.33 3.09
CA ARG A 51 -9.00 0.26 3.64
C ARG A 51 -9.11 -1.00 2.80
N VAL A 52 -7.96 -1.47 2.29
CA VAL A 52 -7.93 -2.67 1.48
C VAL A 52 -7.18 -3.79 2.17
N VAL A 53 -7.70 -5.02 2.05
CA VAL A 53 -7.07 -6.18 2.67
C VAL A 53 -5.75 -6.52 1.99
N ILE A 54 -4.73 -6.81 2.80
CA ILE A 54 -3.41 -7.15 2.27
C ILE A 54 -3.14 -8.65 2.41
N HIS A 55 -3.50 -9.20 3.56
CA HIS A 55 -3.29 -10.62 3.81
C HIS A 55 -3.84 -11.46 2.67
N PHE A 56 -2.98 -12.27 2.06
CA PHE A 56 -3.38 -13.12 0.95
C PHE A 56 -4.42 -12.43 0.08
N ASN A 57 -4.17 -11.16 -0.24
CA ASN A 57 -5.08 -10.39 -1.07
C ASN A 57 -4.37 -9.84 -2.31
N VAL A 58 -3.06 -9.70 -2.21
CA VAL A 58 -2.25 -9.19 -3.31
C VAL A 58 -1.99 -10.29 -4.34
N ARG A 59 -2.70 -10.23 -5.47
CA ARG A 59 -2.54 -11.21 -6.53
C ARG A 59 -1.22 -11.00 -7.27
N ASP A 60 -0.85 -9.75 -7.47
CA ASP A 60 0.39 -9.42 -8.16
C ASP A 60 0.78 -7.96 -7.91
N ILE A 61 2.04 -7.63 -8.18
CA ILE A 61 2.54 -6.28 -7.99
C ILE A 61 3.61 -5.93 -9.01
N LYS A 62 3.38 -4.86 -9.77
CA LYS A 62 4.32 -4.41 -10.78
C LYS A 62 4.97 -3.09 -10.38
N VAL A 63 6.20 -2.88 -10.84
CA VAL A 63 6.93 -1.67 -10.53
C VAL A 63 7.74 -1.19 -11.73
N GLY A 64 7.65 0.12 -12.02
CA GLY A 64 8.38 0.68 -13.15
C GLY A 64 7.84 0.20 -14.48
N GLN A 65 8.74 -0.07 -15.43
CA GLN A 65 8.34 -0.53 -16.75
C GLN A 65 7.23 -1.56 -16.66
N GLU A 66 7.29 -2.40 -15.62
CA GLU A 66 6.29 -3.44 -15.42
C GLU A 66 4.88 -2.85 -15.45
N CYS A 67 4.72 -1.71 -14.78
CA CYS A 67 3.42 -1.04 -14.72
C CYS A 67 2.92 -0.69 -16.13
N GLN A 68 1.63 -0.39 -16.23
CA GLN A 68 1.03 -0.05 -17.52
C GLN A 68 1.73 1.16 -18.13
N ASP A 69 1.21 1.63 -19.26
CA ASP A 69 1.78 2.78 -19.96
C ASP A 69 1.29 4.08 -19.33
N VAL A 70 1.21 4.10 -18.00
CA VAL A 70 0.77 5.29 -17.28
C VAL A 70 1.81 6.39 -17.35
N GLN A 71 1.35 7.64 -17.25
CA GLN A 71 2.24 8.80 -17.31
C GLN A 71 2.55 9.31 -15.91
N PRO A 72 3.84 9.28 -15.55
CA PRO A 72 4.30 9.75 -14.23
C PRO A 72 4.18 11.26 -14.07
N PRO A 73 3.91 11.71 -12.84
CA PRO A 73 3.76 13.13 -12.53
C PRO A 73 5.08 13.89 -12.62
N GLU A 74 5.01 15.18 -12.94
CA GLU A 74 6.20 16.01 -13.06
C GLU A 74 7.23 15.66 -11.99
N GLY A 75 8.50 15.75 -12.35
CA GLY A 75 9.57 15.42 -11.41
C GLY A 75 9.78 13.94 -11.27
N ARG A 76 8.73 13.22 -10.91
CA ARG A 76 8.81 11.77 -10.73
C ARG A 76 9.25 11.10 -12.03
N SER A 77 9.60 9.81 -11.93
CA SER A 77 10.04 9.06 -13.11
C SER A 77 9.21 7.79 -13.27
N ARG A 78 9.35 7.14 -14.41
CA ARG A 78 8.62 5.92 -14.70
C ARG A 78 8.99 4.80 -13.72
N ASP A 79 10.26 4.79 -13.33
CA ASP A 79 10.75 3.78 -12.40
C ASP A 79 10.06 3.90 -11.05
N GLY A 80 9.30 4.98 -10.88
CA GLY A 80 8.59 5.20 -9.63
C GLY A 80 7.22 4.56 -9.62
N LEU A 81 6.65 4.39 -10.81
CA LEU A 81 5.32 3.79 -10.93
C LEU A 81 5.24 2.48 -10.13
N LEU A 82 4.08 2.25 -9.52
CA LEU A 82 3.88 1.04 -8.72
C LEU A 82 2.40 0.65 -8.71
N THR A 83 2.08 -0.47 -9.36
CA THR A 83 0.71 -0.95 -9.43
C THR A 83 0.55 -2.24 -8.64
N VAL A 84 -0.51 -2.31 -7.83
CA VAL A 84 -0.78 -3.50 -7.02
C VAL A 84 -2.13 -4.11 -7.38
N ASN A 85 -2.16 -5.44 -7.42
CA ASN A 85 -3.39 -6.16 -7.75
C ASN A 85 -4.04 -6.73 -6.50
N LEU A 86 -5.35 -6.53 -6.37
CA LEU A 86 -6.09 -7.04 -5.22
C LEU A 86 -7.03 -8.16 -5.63
N ARG A 87 -7.16 -9.16 -4.77
CA ARG A 87 -8.03 -10.30 -5.04
C ARG A 87 -9.43 -9.84 -5.42
N GLU A 88 -9.89 -8.76 -4.79
CA GLU A 88 -11.21 -8.22 -5.06
C GLU A 88 -11.39 -7.95 -6.56
N GLY A 89 -10.28 -7.64 -7.23
CA GLY A 89 -10.34 -7.38 -8.67
C GLY A 89 -9.69 -6.06 -9.03
N SER A 90 -10.00 -5.01 -8.28
CA SER A 90 -9.44 -3.69 -8.54
C SER A 90 -7.95 -3.66 -8.20
N ARG A 91 -7.22 -2.75 -8.85
CA ARG A 91 -5.79 -2.62 -8.63
C ARG A 91 -5.45 -1.24 -8.08
N LEU A 92 -4.48 -1.19 -7.18
CA LEU A 92 -4.06 0.07 -6.58
C LEU A 92 -3.00 0.76 -7.43
N HIS A 93 -3.32 1.96 -7.92
CA HIS A 93 -2.39 2.72 -8.75
C HIS A 93 -1.68 3.79 -7.93
N LEU A 94 -0.38 3.59 -7.71
CA LEU A 94 0.42 4.53 -6.94
C LEU A 94 1.72 4.85 -7.66
N CYS A 95 2.48 5.79 -7.10
CA CYS A 95 3.75 6.20 -7.69
C CYS A 95 4.69 6.77 -6.63
N ALA A 96 5.89 6.21 -6.54
CA ALA A 96 6.88 6.67 -5.58
C ALA A 96 7.75 7.77 -6.16
N GLU A 97 8.61 8.34 -5.32
CA GLU A 97 9.49 9.42 -5.75
C GLU A 97 10.72 8.86 -6.47
N THR A 98 11.17 7.68 -6.04
CA THR A 98 12.33 7.03 -6.64
C THR A 98 12.03 5.57 -6.96
N ARG A 99 13.05 4.86 -7.44
CA ARG A 99 12.90 3.45 -7.78
C ARG A 99 13.19 2.55 -6.58
N ASP A 100 13.80 3.14 -5.55
CA ASP A 100 14.13 2.40 -4.35
C ASP A 100 12.91 2.26 -3.44
N ASP A 101 12.22 3.38 -3.21
CA ASP A 101 11.04 3.39 -2.36
C ASP A 101 9.97 2.44 -2.91
N ALA A 102 9.84 2.41 -4.23
CA ALA A 102 8.86 1.55 -4.88
C ALA A 102 9.08 0.08 -4.52
N ILE A 103 10.30 -0.39 -4.78
CA ILE A 103 10.65 -1.78 -4.49
C ILE A 103 10.34 -2.13 -3.04
N ALA A 104 10.73 -1.24 -2.12
CA ALA A 104 10.50 -1.45 -0.69
C ALA A 104 9.05 -1.83 -0.43
N TRP A 105 8.12 -1.05 -0.97
CA TRP A 105 6.70 -1.30 -0.78
C TRP A 105 6.31 -2.65 -1.37
N LYS A 106 6.85 -2.96 -2.54
CA LYS A 106 6.57 -4.23 -3.21
C LYS A 106 6.91 -5.41 -2.30
N THR A 107 8.05 -5.33 -1.62
CA THR A 107 8.48 -6.39 -0.72
C THR A 107 7.62 -6.42 0.54
N ALA A 108 7.34 -5.24 1.09
CA ALA A 108 6.52 -5.15 2.29
C ALA A 108 5.11 -5.67 2.04
N LEU A 109 4.64 -5.55 0.81
CA LEU A 109 3.31 -6.00 0.44
C LEU A 109 3.32 -7.49 0.09
N MET A 110 4.21 -7.86 -0.83
CA MET A 110 4.33 -9.25 -1.25
C MET A 110 4.43 -10.18 -0.05
N GLU A 111 5.24 -9.80 0.94
CA GLU A 111 5.41 -10.60 2.14
C GLU A 111 4.10 -10.71 2.91
N ALA A 112 3.60 -9.58 3.38
CA ALA A 112 2.35 -9.56 4.14
C ALA A 112 1.27 -10.37 3.44
N ASN A 113 1.24 -10.29 2.12
CA ASN A 113 0.25 -11.02 1.32
C ASN A 113 0.40 -12.53 1.51
N SER A 114 1.65 -12.99 1.54
CA SER A 114 1.94 -14.40 1.71
C SER A 114 2.70 -14.65 3.00
N THR A 115 2.28 -13.97 4.06
CA THR A 115 2.93 -14.12 5.37
C THR A 115 1.99 -13.70 6.49
N PRO A 116 1.46 -14.70 7.21
CA PRO A 116 0.54 -14.47 8.33
C PRO A 116 1.23 -13.85 9.53
N ALA A 117 0.48 -13.66 10.61
CA ALA A 117 1.03 -13.08 11.83
C ALA A 117 0.49 -13.79 13.07
N PRO A 118 1.30 -13.79 14.15
CA PRO A 118 0.93 -14.43 15.40
C PRO A 118 -0.20 -13.69 16.13
N ALA A 119 -0.49 -12.48 15.66
CA ALA A 119 -1.55 -11.67 16.26
C ALA A 119 -2.91 -12.05 15.71
N GLY A 120 -3.97 -11.59 16.36
CA GLY A 120 -5.32 -11.89 15.92
C GLY A 120 -6.05 -10.66 15.42
N ALA A 121 -7.34 -10.81 15.15
CA ALA A 121 -8.16 -9.71 14.66
C ALA A 121 -8.88 -9.00 15.81
N THR A 122 -8.18 -8.05 16.43
CA THR A 122 -8.76 -7.31 17.54
C THR A 122 -8.77 -5.81 17.26
N VAL A 123 -9.80 -5.12 17.73
CA VAL A 123 -9.93 -3.69 17.53
C VAL A 123 -9.23 -2.91 18.64
N PRO A 124 -8.13 -2.22 18.27
CA PRO A 124 -7.34 -1.42 19.22
C PRO A 124 -8.09 -0.18 19.69
N SER A 125 -8.70 -0.26 20.86
CA SER A 125 -9.46 0.86 21.42
C SER A 125 -8.58 2.10 21.51
N GLY A 126 -9.22 3.26 21.56
CA GLY A 126 -8.49 4.51 21.66
C GLY A 126 -9.23 5.67 21.01
N PRO A 127 -8.67 6.18 19.90
CA PRO A 127 -9.25 7.30 19.16
C PRO A 127 -10.55 6.90 18.44
N SER A 128 -11.39 7.89 18.17
CA SER A 128 -12.66 7.64 17.50
C SER A 128 -13.13 8.90 16.76
N SER A 129 -13.96 8.69 15.74
CA SER A 129 -14.48 9.80 14.95
C SER A 129 -15.27 10.77 15.82
N GLY A 130 -15.70 11.88 15.22
CA GLY A 130 -16.47 12.86 15.96
C GLY A 130 -16.15 14.29 15.54
#